data_6MPO
#
_entry.id   6MPO
#
_entity_poly.entity_id   1
_entity_poly.type   'polypeptide(L)'
_entity_poly.pdbx_seq_one_letter_code
;GAFGGTLTVKTQPTVTYNAVKDSYQFTVTLTGATASVTGFLKAGDQVKFTNTYWLQQQTKQALYNGATPISFTATVTADA
NSDSGGDVTVTLSGVPIYDTTNPQYNSVSRQVEAGDAVSVVGTALEHHHHHH
;
_entity_poly.pdbx_strand_id   A
#
# COMPACT_ATOMS: atom_id res chain seq x y z
N GLY A 1 -8.39 -18.02 9.59
CA GLY A 1 -6.98 -18.31 9.91
C GLY A 1 -6.05 -17.20 9.45
N ALA A 2 -4.82 -17.21 9.93
CA ALA A 2 -3.86 -16.18 9.61
C ALA A 2 -2.68 -16.75 8.84
N PHE A 3 -2.22 -16.00 7.85
CA PHE A 3 -1.10 -16.38 7.01
C PHE A 3 0.21 -16.10 7.73
N GLY A 4 0.16 -15.19 8.69
CA GLY A 4 1.34 -14.79 9.40
C GLY A 4 1.88 -13.47 8.89
N GLY A 5 1.06 -12.79 8.09
CA GLY A 5 1.46 -11.52 7.51
C GLY A 5 0.67 -10.36 8.08
N THR A 6 1.35 -9.47 8.75
CA THR A 6 0.74 -8.28 9.34
C THR A 6 1.78 -7.19 9.43
N LEU A 7 1.76 -6.29 8.47
CA LEU A 7 2.80 -5.29 8.34
C LEU A 7 2.23 -3.89 8.53
N THR A 8 3.08 -2.89 8.37
CA THR A 8 2.69 -1.51 8.59
C THR A 8 3.19 -0.62 7.45
N VAL A 9 2.51 0.50 7.23
CA VAL A 9 2.88 1.43 6.17
C VAL A 9 3.80 2.51 6.73
N LYS A 10 5.08 2.45 6.37
CA LYS A 10 6.08 3.33 6.98
C LYS A 10 6.23 4.62 6.17
N THR A 11 6.03 4.52 4.87
CA THR A 11 6.17 5.65 3.98
C THR A 11 4.92 5.80 3.11
N GLN A 12 5.00 6.64 2.10
CA GLN A 12 3.83 7.00 1.32
C GLN A 12 3.89 6.36 -0.06
N PRO A 13 2.87 5.55 -0.39
CA PRO A 13 2.83 4.81 -1.65
C PRO A 13 2.46 5.68 -2.86
N THR A 14 3.44 5.96 -3.70
CA THR A 14 3.18 6.71 -4.93
C THR A 14 4.23 6.43 -6.01
N VAL A 15 3.75 6.07 -7.19
CA VAL A 15 4.58 5.91 -8.37
C VAL A 15 3.73 6.11 -9.64
N THR A 16 4.38 6.11 -10.81
CA THR A 16 3.78 6.33 -12.12
C THR A 16 2.27 6.07 -12.16
N TYR A 17 1.52 7.15 -12.35
CA TYR A 17 0.08 7.05 -12.52
C TYR A 17 -0.28 7.53 -13.92
N ASN A 18 -0.52 6.57 -14.80
CA ASN A 18 -0.88 6.87 -16.16
C ASN A 18 -2.03 5.97 -16.57
N ALA A 19 -3.05 6.56 -17.15
CA ALA A 19 -4.31 5.86 -17.41
C ALA A 19 -4.40 5.38 -18.84
N VAL A 20 -4.09 6.26 -19.78
CA VAL A 20 -4.14 5.92 -21.20
C VAL A 20 -3.12 4.84 -21.53
N LYS A 21 -2.09 4.77 -20.69
CA LYS A 21 -1.03 3.79 -20.87
C LYS A 21 -1.24 2.62 -19.92
N ASP A 22 -2.33 2.73 -19.15
CA ASP A 22 -2.71 1.71 -18.17
C ASP A 22 -1.56 1.37 -17.24
N SER A 23 -0.95 2.40 -16.68
CA SER A 23 0.23 2.23 -15.86
C SER A 23 0.01 2.80 -14.46
N TYR A 24 -0.27 1.93 -13.51
CA TYR A 24 -0.51 2.34 -12.14
C TYR A 24 0.37 1.54 -11.20
N GLN A 25 1.32 2.19 -10.56
CA GLN A 25 2.16 1.52 -9.56
C GLN A 25 2.37 2.45 -8.37
N PHE A 26 2.83 1.89 -7.27
CA PHE A 26 3.24 2.70 -6.14
C PHE A 26 4.40 2.07 -5.37
N THR A 27 5.40 2.86 -5.03
CA THR A 27 6.56 2.35 -4.32
C THR A 27 6.43 2.70 -2.85
N VAL A 28 6.77 1.75 -1.98
CA VAL A 28 6.66 2.03 -0.55
C VAL A 28 7.76 1.35 0.26
N THR A 29 8.21 2.04 1.29
CA THR A 29 8.94 1.42 2.37
C THR A 29 7.92 1.01 3.43
N LEU A 30 7.76 -0.28 3.62
CA LEU A 30 6.79 -0.79 4.56
C LEU A 30 7.52 -1.19 5.82
N THR A 31 6.80 -1.45 6.89
CA THR A 31 7.41 -1.88 8.11
C THR A 31 6.89 -3.26 8.50
N GLY A 32 7.78 -4.11 9.02
CA GLY A 32 7.43 -5.46 9.34
C GLY A 32 8.08 -5.94 10.62
N ALA A 33 8.48 -7.21 10.64
CA ALA A 33 9.02 -7.79 11.86
C ALA A 33 10.49 -8.12 11.73
N THR A 34 11.03 -8.77 12.75
CA THR A 34 12.46 -9.02 12.89
C THR A 34 12.98 -10.01 11.83
N ALA A 35 14.30 -10.19 11.80
CA ALA A 35 14.98 -11.08 10.87
C ALA A 35 14.55 -12.53 11.02
N SER A 36 15.19 -13.42 10.26
CA SER A 36 14.87 -14.85 10.19
C SER A 36 13.68 -15.09 9.25
N VAL A 37 13.24 -14.03 8.58
CA VAL A 37 12.26 -14.14 7.52
C VAL A 37 12.83 -13.54 6.24
N THR A 38 13.49 -14.39 5.46
CA THR A 38 14.12 -13.96 4.23
C THR A 38 13.08 -13.74 3.15
N GLY A 39 12.63 -12.51 3.03
CA GLY A 39 11.61 -12.18 2.06
C GLY A 39 10.24 -12.64 2.51
N PHE A 40 9.46 -11.73 3.09
CA PHE A 40 8.07 -12.01 3.42
C PHE A 40 7.37 -12.65 2.22
N LEU A 41 7.41 -11.93 1.11
CA LEU A 41 6.85 -12.38 -0.15
C LEU A 41 7.61 -11.70 -1.29
N LYS A 42 7.37 -12.12 -2.52
CA LYS A 42 8.13 -11.61 -3.66
C LYS A 42 7.23 -11.29 -4.85
N ALA A 43 7.84 -11.08 -6.01
CA ALA A 43 7.13 -10.74 -7.22
C ALA A 43 6.02 -11.74 -7.53
N GLY A 44 4.81 -11.24 -7.56
CA GLY A 44 3.67 -12.06 -7.90
C GLY A 44 2.82 -12.39 -6.69
N ASP A 45 3.35 -12.11 -5.51
CA ASP A 45 2.62 -12.33 -4.29
C ASP A 45 1.71 -11.15 -3.99
N GLN A 46 0.47 -11.42 -3.65
CA GLN A 46 -0.49 -10.36 -3.43
C GLN A 46 -0.57 -10.01 -1.95
N VAL A 47 -0.83 -8.75 -1.68
CA VAL A 47 -1.04 -8.30 -0.32
C VAL A 47 -2.41 -7.69 -0.18
N LYS A 48 -2.68 -7.27 1.02
CA LYS A 48 -3.89 -6.56 1.34
C LYS A 48 -3.50 -5.37 2.21
N PHE A 49 -3.47 -4.18 1.63
CA PHE A 49 -3.00 -3.03 2.37
C PHE A 49 -4.16 -2.08 2.59
N THR A 50 -4.16 -1.44 3.73
CA THR A 50 -5.20 -0.49 4.02
C THR A 50 -4.60 0.83 4.46
N ASN A 51 -4.36 1.68 3.46
CA ASN A 51 -3.78 2.99 3.66
C ASN A 51 -4.90 4.03 3.55
N THR A 52 -5.45 4.41 4.71
CA THR A 52 -6.63 5.25 4.75
C THR A 52 -6.27 6.72 4.74
N TYR A 53 -6.60 7.40 3.66
CA TYR A 53 -6.29 8.81 3.50
C TYR A 53 -7.37 9.68 4.14
N TRP A 54 -6.99 10.43 5.17
CA TRP A 54 -7.91 11.34 5.83
C TRP A 54 -7.64 12.76 5.36
N LEU A 55 -6.88 12.87 4.29
CA LEU A 55 -6.53 14.15 3.70
C LEU A 55 -7.67 14.63 2.81
N GLN A 56 -8.88 14.57 3.34
CA GLN A 56 -10.08 14.91 2.59
C GLN A 56 -10.58 16.30 2.97
N GLN A 57 -10.65 16.54 4.27
CA GLN A 57 -11.23 17.77 4.80
C GLN A 57 -10.50 19.00 4.29
N GLN A 58 -9.18 18.96 4.36
CA GLN A 58 -8.35 20.10 3.98
C GLN A 58 -8.30 20.29 2.47
N THR A 59 -8.34 19.21 1.72
CA THR A 59 -8.21 19.29 0.27
C THR A 59 -9.51 19.74 -0.37
N LYS A 60 -10.64 19.33 0.21
CA LYS A 60 -11.93 19.73 -0.30
C LYS A 60 -12.35 21.07 0.28
N GLN A 61 -11.59 21.54 1.28
CA GLN A 61 -11.83 22.80 1.98
C GLN A 61 -13.18 22.77 2.70
N ALA A 62 -13.73 21.57 2.77
CA ALA A 62 -15.02 21.32 3.40
C ALA A 62 -15.29 19.83 3.32
N LEU A 63 -16.49 19.41 3.69
CA LEU A 63 -16.87 18.00 3.63
C LEU A 63 -15.97 17.20 4.56
N TYR A 64 -16.19 17.37 5.85
CA TYR A 64 -15.42 16.69 6.88
C TYR A 64 -15.40 15.19 6.63
N ASN A 65 -16.53 14.67 6.16
CA ASN A 65 -16.68 13.25 5.82
C ASN A 65 -16.57 12.35 7.05
N GLY A 66 -16.95 11.10 6.88
CA GLY A 66 -16.85 10.13 7.94
C GLY A 66 -16.47 8.77 7.43
N ALA A 67 -15.97 8.74 6.20
CA ALA A 67 -15.56 7.50 5.56
C ALA A 67 -14.24 7.67 4.85
N THR A 68 -13.25 6.90 5.28
CA THR A 68 -11.94 6.94 4.65
C THR A 68 -11.90 5.90 3.52
N PRO A 69 -11.10 6.16 2.47
CA PRO A 69 -10.95 5.29 1.30
C PRO A 69 -11.02 3.78 1.63
N ILE A 70 -10.11 3.33 2.49
CA ILE A 70 -10.00 1.91 2.84
C ILE A 70 -9.59 1.08 1.62
N SER A 71 -8.30 0.84 1.49
CA SER A 71 -7.76 0.09 0.37
C SER A 71 -7.78 -1.41 0.65
N PHE A 72 -7.36 -2.20 -0.33
CA PHE A 72 -7.54 -3.64 -0.30
C PHE A 72 -6.33 -4.37 -0.91
N THR A 73 -6.59 -5.38 -1.73
CA THR A 73 -5.55 -6.25 -2.25
C THR A 73 -4.65 -5.53 -3.25
N ALA A 74 -3.34 -5.65 -3.06
CA ALA A 74 -2.35 -5.11 -4.00
C ALA A 74 -1.34 -6.21 -4.32
N THR A 75 -0.24 -5.88 -4.99
CA THR A 75 0.72 -6.90 -5.36
C THR A 75 2.16 -6.44 -5.19
N VAL A 76 2.94 -7.32 -4.55
CA VAL A 76 4.36 -7.10 -4.33
C VAL A 76 5.13 -7.50 -5.58
N THR A 77 6.15 -6.73 -5.93
CA THR A 77 6.78 -6.90 -7.23
C THR A 77 8.25 -7.31 -7.11
N ALA A 78 8.70 -7.64 -5.90
CA ALA A 78 10.09 -8.06 -5.69
C ALA A 78 10.29 -8.58 -4.28
N ASP A 79 11.56 -8.84 -3.95
CA ASP A 79 11.93 -9.34 -2.63
C ASP A 79 11.56 -8.33 -1.56
N ALA A 80 10.77 -8.78 -0.61
CA ALA A 80 10.33 -7.93 0.48
C ALA A 80 10.95 -8.37 1.80
N ASN A 81 11.86 -7.55 2.31
CA ASN A 81 12.76 -7.92 3.40
C ASN A 81 12.10 -7.85 4.79
N SER A 82 12.26 -8.89 5.60
CA SER A 82 11.99 -8.79 7.03
C SER A 82 13.30 -8.77 7.79
N ASP A 83 13.81 -7.59 8.12
CA ASP A 83 15.11 -7.46 8.76
C ASP A 83 14.98 -7.23 10.27
N SER A 84 16.10 -7.08 10.95
CA SER A 84 16.10 -6.91 12.39
C SER A 84 15.33 -5.65 12.80
N GLY A 85 15.41 -4.62 11.98
CA GLY A 85 14.75 -3.36 12.29
C GLY A 85 13.30 -3.39 11.93
N GLY A 86 12.87 -4.50 11.34
CA GLY A 86 11.50 -4.62 10.91
C GLY A 86 11.14 -3.65 9.81
N ASP A 87 12.03 -3.46 8.85
CA ASP A 87 11.74 -2.61 7.71
C ASP A 87 11.65 -3.46 6.44
N VAL A 88 10.54 -3.32 5.74
CA VAL A 88 10.25 -4.11 4.56
C VAL A 88 9.88 -3.22 3.37
N THR A 89 10.88 -2.89 2.56
CA THR A 89 10.66 -1.97 1.44
C THR A 89 10.48 -2.74 0.12
N VAL A 90 9.39 -2.44 -0.58
CA VAL A 90 9.15 -3.02 -1.91
C VAL A 90 8.10 -2.19 -2.65
N THR A 91 8.19 -2.19 -3.97
CA THR A 91 7.27 -1.43 -4.78
C THR A 91 6.10 -2.31 -5.22
N LEU A 92 4.92 -1.69 -5.32
CA LEU A 92 3.72 -2.41 -5.63
C LEU A 92 3.11 -1.96 -6.94
N SER A 93 2.41 -2.86 -7.60
CA SER A 93 1.67 -2.54 -8.80
C SER A 93 0.20 -2.36 -8.46
N GLY A 94 -0.41 -1.32 -8.99
CA GLY A 94 -1.77 -0.99 -8.67
C GLY A 94 -1.87 0.36 -7.98
N VAL A 95 -3.06 0.69 -7.48
CA VAL A 95 -3.31 1.95 -6.80
C VAL A 95 -4.53 1.82 -5.88
N PRO A 96 -4.79 2.82 -5.02
CA PRO A 96 -6.04 2.90 -4.27
C PRO A 96 -7.23 3.07 -5.21
N ILE A 97 -7.81 1.95 -5.59
CA ILE A 97 -8.82 1.92 -6.63
C ILE A 97 -10.17 2.32 -6.06
N TYR A 98 -10.97 2.99 -6.91
CA TYR A 98 -12.29 3.53 -6.55
C TYR A 98 -12.15 4.85 -5.79
N ASP A 99 -10.95 5.15 -5.33
CA ASP A 99 -10.71 6.39 -4.61
C ASP A 99 -9.83 7.35 -5.39
N THR A 100 -8.60 6.93 -5.68
CA THR A 100 -7.69 7.77 -6.43
C THR A 100 -7.86 7.53 -7.93
N THR A 101 -9.09 7.64 -8.38
CA THR A 101 -9.42 7.44 -9.79
C THR A 101 -9.64 8.79 -10.47
N ASN A 102 -9.37 9.85 -9.73
CA ASN A 102 -9.63 11.20 -10.19
C ASN A 102 -8.33 11.98 -10.38
N PRO A 103 -7.69 11.93 -11.57
CA PRO A 103 -6.52 12.76 -11.85
C PRO A 103 -6.87 14.24 -11.77
N GLN A 104 -8.01 14.59 -12.38
CA GLN A 104 -8.61 15.92 -12.28
C GLN A 104 -7.84 16.98 -13.08
N TYR A 105 -6.51 16.93 -13.02
CA TYR A 105 -5.63 17.76 -13.84
C TYR A 105 -5.55 19.21 -13.35
N ASN A 106 -6.63 19.72 -12.77
CA ASN A 106 -6.65 21.07 -12.24
C ASN A 106 -6.74 20.96 -10.75
N SER A 107 -7.68 20.14 -10.30
CA SER A 107 -7.80 19.83 -8.90
C SER A 107 -6.68 18.87 -8.53
N VAL A 108 -5.67 19.41 -7.88
CA VAL A 108 -4.55 18.61 -7.39
C VAL A 108 -5.07 17.40 -6.61
N SER A 109 -4.69 16.22 -7.04
CA SER A 109 -5.14 14.98 -6.43
C SER A 109 -4.71 14.93 -4.96
N ARG A 110 -5.49 14.24 -4.14
CA ARG A 110 -5.19 14.11 -2.72
C ARG A 110 -3.84 13.40 -2.54
N GLN A 111 -3.06 13.84 -1.57
CA GLN A 111 -1.72 13.30 -1.38
C GLN A 111 -1.75 12.08 -0.47
N VAL A 112 -0.82 11.17 -0.71
CA VAL A 112 -0.73 9.95 0.07
C VAL A 112 -0.09 10.22 1.43
N GLU A 113 -0.48 9.43 2.42
CA GLU A 113 0.00 9.60 3.78
C GLU A 113 0.33 8.24 4.39
N ALA A 114 1.32 8.21 5.28
CA ALA A 114 1.76 6.96 5.90
C ALA A 114 1.13 6.79 7.28
N GLY A 115 1.33 5.62 7.88
CA GLY A 115 0.83 5.39 9.23
C GLY A 115 -0.27 4.34 9.30
N ASP A 116 -0.47 3.62 8.21
CA ASP A 116 -1.56 2.63 8.12
C ASP A 116 -1.04 1.21 8.25
N ALA A 117 -1.94 0.25 8.01
CA ALA A 117 -1.63 -1.16 8.23
C ALA A 117 -1.58 -1.95 6.93
N VAL A 118 -0.87 -3.07 6.98
CA VAL A 118 -0.67 -3.93 5.80
C VAL A 118 -0.89 -5.40 6.18
N SER A 119 -1.42 -6.18 5.24
CA SER A 119 -1.61 -7.60 5.44
C SER A 119 -1.33 -8.35 4.14
N VAL A 120 -1.39 -9.67 4.18
CA VAL A 120 -1.06 -10.51 3.03
C VAL A 120 -2.26 -11.35 2.59
N VAL A 121 -2.62 -11.26 1.32
CA VAL A 121 -3.72 -12.08 0.79
C VAL A 121 -3.19 -13.13 -0.21
N GLY A 122 -1.87 -13.19 -0.34
CA GLY A 122 -1.26 -14.13 -1.25
C GLY A 122 -1.15 -15.52 -0.65
N THR A 123 -0.81 -16.49 -1.48
CA THR A 123 -0.72 -17.86 -1.03
C THR A 123 0.67 -18.43 -1.24
N ALA A 124 0.95 -18.85 -2.46
CA ALA A 124 2.24 -19.42 -2.82
C ALA A 124 2.47 -19.26 -4.32
N GLY A 1 -4.73 -16.42 0.12
CA GLY A 1 -5.54 -16.21 1.34
C GLY A 1 -4.74 -15.54 2.44
N ALA A 2 -5.35 -15.35 3.60
CA ALA A 2 -4.71 -14.69 4.72
C ALA A 2 -3.45 -15.44 5.17
N PHE A 3 -2.33 -14.73 5.13
CA PHE A 3 -1.03 -15.31 5.46
C PHE A 3 -0.83 -15.31 6.97
N GLY A 4 -1.45 -14.36 7.65
CA GLY A 4 -1.27 -14.21 9.08
C GLY A 4 -0.23 -13.17 9.42
N GLY A 5 0.37 -12.60 8.37
CA GLY A 5 1.41 -11.61 8.56
C GLY A 5 0.86 -10.21 8.64
N THR A 6 1.47 -9.38 9.44
CA THR A 6 1.06 -8.01 9.62
C THR A 6 2.21 -7.06 9.33
N LEU A 7 1.93 -6.05 8.53
CA LEU A 7 2.94 -5.12 8.09
C LEU A 7 2.46 -3.70 8.29
N THR A 8 3.32 -2.74 8.06
CA THR A 8 3.02 -1.34 8.32
C THR A 8 3.63 -0.46 7.23
N VAL A 9 3.08 0.73 7.02
CA VAL A 9 3.58 1.64 5.99
C VAL A 9 4.10 2.93 6.62
N LYS A 10 5.33 3.31 6.28
CA LYS A 10 5.96 4.50 6.86
C LYS A 10 6.15 5.61 5.83
N THR A 11 6.03 5.28 4.56
CA THR A 11 6.15 6.28 3.50
C THR A 11 4.87 6.34 2.68
N GLN A 12 4.89 7.12 1.62
CA GLN A 12 3.66 7.41 0.88
C GLN A 12 3.67 6.66 -0.43
N PRO A 13 2.86 5.61 -0.53
CA PRO A 13 2.86 4.72 -1.70
C PRO A 13 2.29 5.37 -2.96
N THR A 14 3.17 5.76 -3.88
CA THR A 14 2.75 6.19 -5.20
C THR A 14 3.89 6.05 -6.21
N VAL A 15 3.62 5.40 -7.35
CA VAL A 15 4.56 5.34 -8.48
C VAL A 15 3.82 5.08 -9.79
N THR A 16 3.86 6.05 -10.67
CA THR A 16 3.27 5.94 -12.00
C THR A 16 1.74 5.80 -11.92
N TYR A 17 1.05 6.92 -12.02
CA TYR A 17 -0.40 6.93 -12.06
C TYR A 17 -0.86 7.32 -13.46
N ASN A 18 -0.91 6.34 -14.35
CA ASN A 18 -1.22 6.59 -15.75
C ASN A 18 -2.29 5.61 -16.23
N ALA A 19 -3.32 6.14 -16.84
CA ALA A 19 -4.48 5.34 -17.23
C ALA A 19 -4.53 5.12 -18.74
N VAL A 20 -4.09 6.10 -19.50
CA VAL A 20 -4.02 5.96 -20.96
C VAL A 20 -3.04 4.85 -21.32
N LYS A 21 -2.05 4.67 -20.46
CA LYS A 21 -1.05 3.63 -20.65
C LYS A 21 -1.39 2.39 -19.85
N ASP A 22 -2.36 2.57 -18.97
CA ASP A 22 -2.83 1.52 -18.06
C ASP A 22 -1.70 1.05 -17.16
N SER A 23 -1.16 1.97 -16.39
CA SER A 23 -0.03 1.67 -15.52
C SER A 23 -0.16 2.46 -14.23
N TYR A 24 -0.51 1.77 -13.15
CA TYR A 24 -0.61 2.37 -11.84
C TYR A 24 0.18 1.52 -10.85
N GLN A 25 1.20 2.11 -10.25
CA GLN A 25 2.03 1.39 -9.29
C GLN A 25 2.17 2.24 -8.03
N PHE A 26 2.91 1.73 -7.05
CA PHE A 26 3.35 2.59 -5.97
C PHE A 26 4.54 2.00 -5.22
N THR A 27 5.52 2.84 -4.90
CA THR A 27 6.70 2.39 -4.18
C THR A 27 6.60 2.80 -2.72
N VAL A 28 6.98 1.92 -1.82
CA VAL A 28 6.87 2.23 -0.41
C VAL A 28 8.01 1.64 0.41
N THR A 29 8.35 2.31 1.51
CA THR A 29 9.22 1.77 2.52
C THR A 29 8.36 1.33 3.70
N LEU A 30 8.17 0.04 3.85
CA LEU A 30 7.20 -0.48 4.79
C LEU A 30 7.91 -0.99 6.04
N THR A 31 7.15 -1.25 7.07
CA THR A 31 7.66 -1.87 8.26
C THR A 31 7.02 -3.25 8.44
N GLY A 32 7.73 -4.16 9.07
CA GLY A 32 7.29 -5.53 9.17
C GLY A 32 7.79 -6.19 10.42
N ALA A 33 8.15 -7.47 10.31
CA ALA A 33 8.56 -8.24 11.47
C ALA A 33 10.05 -8.52 11.46
N THR A 34 10.47 -9.30 12.45
CA THR A 34 11.88 -9.55 12.72
C THR A 34 12.55 -10.40 11.61
N ALA A 35 13.83 -10.70 11.83
CA ALA A 35 14.62 -11.48 10.91
C ALA A 35 14.10 -12.92 10.79
N SER A 36 14.84 -13.74 10.02
CA SER A 36 14.50 -15.15 9.79
C SER A 36 13.41 -15.29 8.72
N VAL A 37 13.10 -14.19 8.06
CA VAL A 37 12.21 -14.24 6.90
C VAL A 37 12.89 -13.55 5.73
N THR A 38 13.64 -14.34 4.96
CA THR A 38 14.32 -13.84 3.77
C THR A 38 13.30 -13.53 2.69
N GLY A 39 12.87 -12.27 2.64
CA GLY A 39 11.83 -11.86 1.73
C GLY A 39 10.47 -12.35 2.16
N PHE A 40 9.70 -11.48 2.82
CA PHE A 40 8.30 -11.76 3.13
C PHE A 40 7.61 -12.33 1.90
N LEU A 41 7.64 -11.54 0.84
CA LEU A 41 6.99 -11.87 -0.41
C LEU A 41 7.88 -11.44 -1.57
N LYS A 42 7.55 -11.86 -2.77
CA LYS A 42 8.30 -11.49 -3.96
C LYS A 42 7.35 -11.04 -5.06
N ALA A 43 7.89 -10.91 -6.27
CA ALA A 43 7.10 -10.48 -7.42
C ALA A 43 5.94 -11.42 -7.68
N GLY A 44 4.74 -10.91 -7.54
CA GLY A 44 3.56 -11.67 -7.86
C GLY A 44 2.73 -12.01 -6.64
N ASP A 45 3.33 -11.85 -5.48
CA ASP A 45 2.65 -12.15 -4.22
C ASP A 45 1.74 -11.01 -3.82
N GLN A 46 0.48 -11.33 -3.54
CA GLN A 46 -0.52 -10.31 -3.28
C GLN A 46 -0.58 -9.94 -1.80
N VAL A 47 -0.96 -8.71 -1.54
CA VAL A 47 -1.16 -8.21 -0.19
C VAL A 47 -2.50 -7.50 -0.11
N LYS A 48 -2.91 -7.13 1.09
CA LYS A 48 -4.06 -6.25 1.25
C LYS A 48 -3.79 -5.33 2.43
N PHE A 49 -3.97 -4.04 2.24
CA PHE A 49 -3.62 -3.10 3.28
C PHE A 49 -4.75 -2.12 3.54
N THR A 50 -4.72 -1.54 4.72
CA THR A 50 -5.79 -0.69 5.17
C THR A 50 -5.32 0.76 5.19
N ASN A 51 -5.46 1.44 4.06
CA ASN A 51 -5.06 2.84 3.94
C ASN A 51 -6.28 3.70 3.65
N THR A 52 -6.91 4.16 4.72
CA THR A 52 -8.10 4.99 4.57
C THR A 52 -7.72 6.41 4.15
N TYR A 53 -7.58 6.61 2.86
CA TYR A 53 -7.18 7.91 2.33
C TYR A 53 -8.39 8.82 2.12
N TRP A 54 -8.15 10.12 2.10
CA TRP A 54 -9.19 11.11 1.88
C TRP A 54 -8.58 12.41 1.37
N LEU A 55 -8.29 12.47 0.08
CA LEU A 55 -7.67 13.66 -0.49
C LEU A 55 -8.66 14.46 -1.33
N GLN A 56 -8.98 13.98 -2.53
CA GLN A 56 -9.82 14.73 -3.44
C GLN A 56 -11.23 14.16 -3.54
N GLN A 57 -11.35 12.88 -3.88
CA GLN A 57 -12.66 12.26 -3.99
C GLN A 57 -13.24 11.99 -2.63
N GLN A 58 -12.50 11.20 -1.87
CA GLN A 58 -12.99 10.67 -0.59
C GLN A 58 -13.09 11.74 0.50
N THR A 59 -12.93 13.01 0.14
CA THR A 59 -13.19 14.09 1.07
C THR A 59 -14.63 14.58 0.93
N LYS A 60 -15.07 14.76 -0.30
CA LYS A 60 -16.44 15.19 -0.57
C LYS A 60 -17.35 13.98 -0.76
N GLN A 61 -16.79 12.95 -1.42
CA GLN A 61 -17.47 11.68 -1.63
C GLN A 61 -18.73 11.85 -2.45
N ALA A 62 -18.79 12.98 -3.15
CA ALA A 62 -19.90 13.34 -4.04
C ALA A 62 -21.20 13.61 -3.26
N LEU A 63 -21.63 12.63 -2.48
CA LEU A 63 -22.88 12.74 -1.74
C LEU A 63 -22.60 12.96 -0.26
N TYR A 64 -21.32 12.91 0.10
CA TYR A 64 -20.89 12.92 1.50
C TYR A 64 -21.47 11.72 2.24
N ASN A 65 -20.70 10.65 2.28
CA ASN A 65 -21.17 9.41 2.89
C ASN A 65 -20.65 9.30 4.31
N GLY A 66 -19.40 9.68 4.50
CA GLY A 66 -18.80 9.62 5.82
C GLY A 66 -17.87 8.44 5.98
N ALA A 67 -17.35 7.94 4.87
CA ALA A 67 -16.51 6.76 4.90
C ALA A 67 -15.49 6.81 3.77
N THR A 68 -14.79 5.71 3.58
CA THR A 68 -13.78 5.60 2.56
C THR A 68 -13.32 4.13 2.52
N PRO A 69 -12.73 3.64 1.39
CA PRO A 69 -12.21 2.28 1.29
C PRO A 69 -11.31 1.91 2.48
N ILE A 70 -11.73 0.91 3.23
CA ILE A 70 -11.02 0.48 4.41
C ILE A 70 -9.76 -0.30 4.02
N SER A 71 -9.96 -1.41 3.32
CA SER A 71 -8.85 -2.26 2.93
C SER A 71 -8.95 -2.62 1.45
N PHE A 72 -7.82 -2.70 0.77
CA PHE A 72 -7.79 -3.08 -0.63
C PHE A 72 -6.53 -3.89 -0.94
N THR A 73 -6.63 -4.72 -1.97
CA THR A 73 -5.59 -5.68 -2.28
C THR A 73 -4.54 -5.10 -3.23
N ALA A 74 -3.26 -5.33 -2.92
CA ALA A 74 -2.16 -4.88 -3.76
C ALA A 74 -1.23 -6.05 -4.05
N THR A 75 -0.10 -5.80 -4.71
CA THR A 75 0.82 -6.88 -5.03
C THR A 75 2.28 -6.45 -4.91
N VAL A 76 3.06 -7.33 -4.28
CA VAL A 76 4.49 -7.13 -4.09
C VAL A 76 5.24 -7.44 -5.37
N THR A 77 6.25 -6.64 -5.70
CA THR A 77 6.90 -6.74 -7.00
C THR A 77 8.37 -7.17 -6.88
N ALA A 78 8.85 -7.41 -5.67
CA ALA A 78 10.24 -7.81 -5.48
C ALA A 78 10.45 -8.45 -4.13
N ASP A 79 11.67 -8.89 -3.89
CA ASP A 79 12.06 -9.50 -2.62
C ASP A 79 11.88 -8.50 -1.49
N ALA A 80 10.82 -8.71 -0.71
CA ALA A 80 10.46 -7.77 0.35
C ALA A 80 11.09 -8.18 1.69
N ASN A 81 12.15 -7.47 2.06
CA ASN A 81 12.98 -7.83 3.22
C ASN A 81 12.22 -7.84 4.54
N SER A 82 12.43 -8.87 5.35
CA SER A 82 12.07 -8.82 6.76
C SER A 82 13.35 -8.89 7.61
N ASP A 83 13.86 -7.75 8.05
CA ASP A 83 15.10 -7.73 8.81
C ASP A 83 14.82 -7.68 10.30
N SER A 84 15.87 -7.77 11.12
CA SER A 84 15.70 -7.81 12.56
C SER A 84 14.95 -6.60 13.10
N GLY A 85 15.15 -5.45 12.45
CA GLY A 85 14.54 -4.23 12.92
C GLY A 85 13.08 -4.14 12.55
N GLY A 86 12.59 -5.12 11.81
CA GLY A 86 11.21 -5.11 11.38
C GLY A 86 10.94 -4.09 10.28
N ASP A 87 11.85 -3.97 9.32
CA ASP A 87 11.61 -3.10 8.17
C ASP A 87 11.47 -3.92 6.90
N VAL A 88 10.63 -3.43 6.01
CA VAL A 88 10.38 -4.11 4.74
C VAL A 88 10.12 -3.11 3.60
N THR A 89 11.11 -2.88 2.77
CA THR A 89 10.94 -1.93 1.67
C THR A 89 10.71 -2.66 0.36
N VAL A 90 9.61 -2.35 -0.31
CA VAL A 90 9.32 -2.92 -1.62
C VAL A 90 8.30 -2.06 -2.36
N THR A 91 8.33 -2.13 -3.68
CA THR A 91 7.40 -1.41 -4.51
C THR A 91 6.25 -2.34 -4.92
N LEU A 92 5.09 -1.76 -5.17
CA LEU A 92 3.92 -2.52 -5.53
C LEU A 92 3.41 -2.10 -6.91
N SER A 93 3.07 -3.09 -7.73
CA SER A 93 2.66 -2.82 -9.10
C SER A 93 1.26 -3.37 -9.39
N GLY A 94 0.57 -2.72 -10.32
CA GLY A 94 -0.74 -3.18 -10.73
C GLY A 94 -1.82 -2.81 -9.74
N VAL A 95 -1.84 -1.54 -9.38
CA VAL A 95 -2.74 -1.05 -8.35
C VAL A 95 -3.35 0.30 -8.73
N PRO A 96 -4.46 0.28 -9.49
CA PRO A 96 -5.13 1.50 -9.95
C PRO A 96 -5.96 2.14 -8.84
N ILE A 97 -5.28 2.86 -7.95
CA ILE A 97 -5.95 3.58 -6.90
C ILE A 97 -6.43 4.94 -7.40
N TYR A 98 -7.70 5.22 -7.18
CA TYR A 98 -8.32 6.44 -7.68
C TYR A 98 -8.76 7.36 -6.56
N ASP A 99 -8.45 8.64 -6.72
CA ASP A 99 -8.89 9.70 -5.82
C ASP A 99 -8.50 11.05 -6.40
N THR A 100 -7.32 11.10 -6.99
CA THR A 100 -6.84 12.31 -7.65
C THR A 100 -7.39 12.43 -9.07
N THR A 101 -8.67 12.77 -9.17
CA THR A 101 -9.34 12.91 -10.46
C THR A 101 -9.00 14.27 -11.07
N ASN A 102 -8.64 15.20 -10.21
CA ASN A 102 -8.27 16.54 -10.63
C ASN A 102 -6.98 16.48 -11.45
N PRO A 103 -6.88 17.21 -12.58
CA PRO A 103 -5.70 17.10 -13.48
C PRO A 103 -4.44 17.77 -12.93
N GLN A 104 -4.41 18.00 -11.61
CA GLN A 104 -3.23 18.50 -10.90
C GLN A 104 -2.97 19.99 -11.14
N TYR A 105 -2.96 20.40 -12.41
CA TYR A 105 -2.61 21.77 -12.80
C TYR A 105 -1.15 22.06 -12.44
N ASN A 106 -0.39 20.98 -12.32
CA ASN A 106 0.98 21.03 -11.84
C ASN A 106 1.56 19.62 -11.92
N SER A 107 2.86 19.50 -11.93
CA SER A 107 3.50 18.19 -11.98
C SER A 107 3.42 17.51 -10.62
N VAL A 108 2.33 16.75 -10.42
CA VAL A 108 2.06 16.05 -9.16
C VAL A 108 1.82 17.05 -8.03
N SER A 109 0.56 17.21 -7.68
CA SER A 109 0.16 18.17 -6.67
C SER A 109 -0.04 17.50 -5.31
N ARG A 110 -1.09 16.69 -5.21
CA ARG A 110 -1.40 15.99 -3.98
C ARG A 110 -0.97 14.53 -4.07
N GLN A 111 -0.69 13.94 -2.91
CA GLN A 111 -0.27 12.55 -2.85
C GLN A 111 -1.03 11.81 -1.76
N VAL A 112 -0.68 10.55 -1.57
CA VAL A 112 -1.28 9.73 -0.52
C VAL A 112 -0.47 9.89 0.77
N GLU A 113 -1.01 9.46 1.89
CA GLU A 113 -0.36 9.65 3.18
C GLU A 113 -0.07 8.31 3.84
N ALA A 114 1.01 8.28 4.59
CA ALA A 114 1.49 7.07 5.25
C ALA A 114 0.79 6.87 6.60
N GLY A 115 1.05 5.72 7.22
CA GLY A 115 0.56 5.49 8.57
C GLY A 115 -0.51 4.42 8.65
N ASP A 116 -0.68 3.67 7.57
CA ASP A 116 -1.70 2.63 7.53
C ASP A 116 -1.15 1.28 7.97
N ALA A 117 -2.01 0.28 7.96
CA ALA A 117 -1.65 -1.07 8.39
C ALA A 117 -1.80 -2.06 7.23
N VAL A 118 -0.83 -2.94 7.09
CA VAL A 118 -0.75 -3.84 5.95
C VAL A 118 -0.90 -5.31 6.36
N SER A 119 -1.43 -6.13 5.47
CA SER A 119 -1.48 -7.57 5.68
C SER A 119 -1.33 -8.30 4.33
N VAL A 120 -1.22 -9.62 4.37
CA VAL A 120 -0.89 -10.41 3.18
C VAL A 120 -2.01 -11.38 2.80
N VAL A 121 -2.38 -11.41 1.51
CA VAL A 121 -3.35 -12.39 1.02
C VAL A 121 -2.73 -13.33 -0.01
N GLY A 122 -1.42 -13.26 -0.14
CA GLY A 122 -0.73 -14.05 -1.12
C GLY A 122 -0.15 -15.33 -0.54
N THR A 123 -0.88 -16.42 -0.68
CA THR A 123 -0.40 -17.72 -0.27
C THR A 123 -0.53 -18.70 -1.41
N ALA A 124 -1.76 -18.99 -1.77
CA ALA A 124 -2.07 -19.86 -2.88
C ALA A 124 -3.46 -19.57 -3.42
N GLY A 1 3.94 -19.44 6.42
CA GLY A 1 2.84 -19.34 7.40
C GLY A 1 1.94 -18.16 7.12
N ALA A 2 0.77 -18.42 6.56
CA ALA A 2 -0.18 -17.36 6.24
C ALA A 2 -1.09 -17.09 7.44
N PHE A 3 -0.47 -16.86 8.58
CA PHE A 3 -1.17 -16.63 9.83
C PHE A 3 -1.64 -15.18 9.96
N GLY A 4 -2.24 -14.66 8.90
CA GLY A 4 -2.71 -13.28 8.93
C GLY A 4 -1.58 -12.29 9.03
N GLY A 5 -0.47 -12.60 8.34
CA GLY A 5 0.73 -11.78 8.38
C GLY A 5 0.43 -10.29 8.32
N THR A 6 0.77 -9.60 9.39
CA THR A 6 0.46 -8.19 9.53
C THR A 6 1.73 -7.35 9.39
N LEU A 7 1.60 -6.20 8.76
CA LEU A 7 2.70 -5.31 8.52
C LEU A 7 2.22 -3.86 8.65
N THR A 8 3.12 -2.91 8.56
CA THR A 8 2.79 -1.51 8.74
C THR A 8 3.36 -0.66 7.60
N VAL A 9 2.73 0.46 7.31
CA VAL A 9 3.22 1.38 6.28
C VAL A 9 3.96 2.54 6.94
N LYS A 10 5.18 2.80 6.48
CA LYS A 10 6.01 3.83 7.08
C LYS A 10 6.20 5.01 6.14
N THR A 11 6.16 4.75 4.84
CA THR A 11 6.33 5.82 3.85
C THR A 11 5.10 5.94 2.96
N GLN A 12 5.22 6.71 1.89
CA GLN A 12 4.08 7.04 1.05
C GLN A 12 4.24 6.38 -0.33
N PRO A 13 3.26 5.59 -0.79
CA PRO A 13 3.40 4.73 -1.97
C PRO A 13 2.96 5.35 -3.31
N THR A 14 3.92 5.71 -4.15
CA THR A 14 3.66 6.03 -5.55
C THR A 14 4.95 5.85 -6.37
N VAL A 15 4.87 5.18 -7.53
CA VAL A 15 6.03 5.04 -8.41
C VAL A 15 5.66 4.72 -9.88
N THR A 16 6.36 5.34 -10.79
CA THR A 16 6.29 5.02 -12.22
C THR A 16 4.96 5.42 -12.85
N TYR A 17 5.00 6.46 -13.67
CA TYR A 17 3.83 6.89 -14.39
C TYR A 17 4.04 6.73 -15.89
N ASN A 18 3.50 5.66 -16.44
CA ASN A 18 3.57 5.41 -17.86
C ASN A 18 2.16 5.51 -18.40
N ALA A 19 1.77 6.71 -18.78
CA ALA A 19 0.37 7.06 -18.99
C ALA A 19 -0.10 6.66 -20.38
N VAL A 20 0.72 6.94 -21.38
CA VAL A 20 0.39 6.57 -22.75
C VAL A 20 0.41 5.06 -22.87
N LYS A 21 1.13 4.42 -21.95
CA LYS A 21 1.28 2.98 -21.94
C LYS A 21 0.35 2.35 -20.92
N ASP A 22 -0.35 3.22 -20.21
CA ASP A 22 -1.34 2.82 -19.19
C ASP A 22 -0.72 1.94 -18.12
N SER A 23 0.15 2.51 -17.31
CA SER A 23 0.78 1.79 -16.21
C SER A 23 1.17 2.77 -15.09
N TYR A 24 0.61 2.55 -13.92
CA TYR A 24 0.93 3.35 -12.73
C TYR A 24 1.26 2.41 -11.59
N GLN A 25 2.40 2.62 -10.93
CA GLN A 25 2.83 1.71 -9.88
C GLN A 25 3.01 2.48 -8.56
N PHE A 26 3.49 1.83 -7.51
CA PHE A 26 3.80 2.55 -6.29
C PHE A 26 4.84 1.84 -5.42
N THR A 27 5.91 2.55 -5.06
CA THR A 27 6.95 1.98 -4.21
C THR A 27 6.69 2.36 -2.77
N VAL A 28 6.94 1.44 -1.85
CA VAL A 28 6.67 1.73 -0.46
C VAL A 28 7.72 1.11 0.48
N THR A 29 8.14 1.86 1.48
CA THR A 29 8.93 1.33 2.56
C THR A 29 8.01 1.05 3.74
N LEU A 30 7.85 -0.21 4.07
CA LEU A 30 6.92 -0.58 5.11
C LEU A 30 7.70 -1.01 6.34
N THR A 31 7.00 -1.15 7.42
CA THR A 31 7.55 -1.69 8.63
C THR A 31 7.01 -3.11 8.83
N GLY A 32 7.87 -4.03 9.26
CA GLY A 32 7.46 -5.40 9.40
C GLY A 32 8.04 -6.08 10.60
N ALA A 33 8.25 -7.38 10.49
CA ALA A 33 8.75 -8.17 11.61
C ALA A 33 10.26 -8.37 11.57
N THR A 34 10.74 -9.18 12.50
CA THR A 34 12.16 -9.33 12.75
C THR A 34 12.85 -10.22 11.69
N ALA A 35 14.17 -10.33 11.81
CA ALA A 35 14.99 -11.12 10.89
C ALA A 35 14.67 -12.62 10.98
N SER A 36 15.43 -13.42 10.22
CA SER A 36 15.23 -14.87 10.10
C SER A 36 14.10 -15.18 9.11
N VAL A 37 13.61 -14.13 8.44
CA VAL A 37 12.67 -14.31 7.35
C VAL A 37 13.25 -13.64 6.10
N THR A 38 13.99 -14.43 5.32
CA THR A 38 14.65 -13.92 4.14
C THR A 38 13.65 -13.66 3.02
N GLY A 39 13.15 -12.45 2.97
CA GLY A 39 12.19 -12.08 1.97
C GLY A 39 10.79 -12.50 2.32
N PHE A 40 10.03 -11.60 2.93
CA PHE A 40 8.59 -11.80 3.13
C PHE A 40 7.91 -12.36 1.87
N LEU A 41 8.08 -11.67 0.75
CA LEU A 41 7.39 -12.02 -0.49
C LEU A 41 8.01 -11.30 -1.69
N LYS A 42 7.54 -11.63 -2.89
CA LYS A 42 8.09 -11.05 -4.11
C LYS A 42 7.01 -10.81 -5.15
N ALA A 43 7.45 -10.54 -6.38
CA ALA A 43 6.55 -10.31 -7.50
C ALA A 43 5.57 -11.45 -7.64
N GLY A 44 4.30 -11.10 -7.60
CA GLY A 44 3.25 -12.08 -7.76
C GLY A 44 2.50 -12.32 -6.46
N ASP A 45 3.10 -11.89 -5.36
CA ASP A 45 2.48 -12.01 -4.06
C ASP A 45 1.54 -10.85 -3.82
N GLN A 46 0.38 -11.13 -3.24
CA GLN A 46 -0.60 -10.09 -2.99
C GLN A 46 -0.67 -9.77 -1.51
N VAL A 47 -1.04 -8.53 -1.21
CA VAL A 47 -1.15 -8.07 0.15
C VAL A 47 -2.47 -7.34 0.35
N LYS A 48 -2.71 -6.94 1.57
CA LYS A 48 -3.84 -6.08 1.90
C LYS A 48 -3.34 -4.82 2.59
N PHE A 49 -3.97 -3.69 2.32
CA PHE A 49 -3.65 -2.48 3.04
C PHE A 49 -4.93 -1.75 3.39
N THR A 50 -4.95 -1.16 4.58
CA THR A 50 -6.15 -0.51 5.12
C THR A 50 -5.74 0.65 6.04
N ASN A 51 -5.99 1.87 5.59
CA ASN A 51 -5.58 3.05 6.33
C ASN A 51 -6.77 3.78 6.94
N THR A 52 -6.53 4.38 8.09
CA THR A 52 -7.47 5.30 8.69
C THR A 52 -6.77 6.64 8.87
N TYR A 53 -6.71 7.42 7.81
CA TYR A 53 -5.94 8.64 7.82
C TYR A 53 -6.60 9.68 6.94
N TRP A 54 -6.58 10.92 7.39
CA TRP A 54 -7.18 12.02 6.66
C TRP A 54 -6.19 12.59 5.65
N LEU A 55 -6.58 12.57 4.38
CA LEU A 55 -5.75 13.13 3.34
C LEU A 55 -5.90 14.65 3.33
N GLN A 56 -4.91 15.36 3.89
CA GLN A 56 -4.99 16.80 4.10
C GLN A 56 -5.28 17.56 2.81
N GLN A 57 -4.84 17.03 1.69
CA GLN A 57 -5.05 17.69 0.40
C GLN A 57 -6.52 17.60 0.00
N GLN A 58 -7.09 16.42 0.16
CA GLN A 58 -8.49 16.20 -0.18
C GLN A 58 -9.43 16.88 0.82
N THR A 59 -9.05 16.87 2.10
CA THR A 59 -9.90 17.45 3.14
C THR A 59 -9.97 18.97 3.02
N LYS A 60 -9.10 19.54 2.19
CA LYS A 60 -9.19 20.96 1.86
C LYS A 60 -10.50 21.22 1.12
N GLN A 61 -10.80 20.33 0.18
CA GLN A 61 -12.01 20.43 -0.62
C GLN A 61 -13.17 19.81 0.13
N ALA A 62 -13.02 18.54 0.45
CA ALA A 62 -14.04 17.75 1.15
C ALA A 62 -15.42 17.91 0.51
N LEU A 63 -15.55 17.43 -0.71
CA LEU A 63 -16.82 17.43 -1.41
C LEU A 63 -17.40 16.03 -1.51
N TYR A 64 -16.54 15.06 -1.79
CA TYR A 64 -16.97 13.69 -2.02
C TYR A 64 -16.08 12.68 -1.31
N ASN A 65 -15.40 13.13 -0.28
CA ASN A 65 -14.51 12.25 0.48
C ASN A 65 -15.24 11.63 1.67
N GLY A 66 -15.81 12.49 2.50
CA GLY A 66 -16.52 12.01 3.68
C GLY A 66 -15.60 11.81 4.86
N ALA A 67 -14.67 10.87 4.73
CA ALA A 67 -13.71 10.55 5.77
C ALA A 67 -12.56 9.77 5.15
N THR A 68 -11.92 8.93 5.93
CA THR A 68 -10.86 8.09 5.42
C THR A 68 -11.42 6.93 4.62
N PRO A 69 -10.99 6.77 3.37
CA PRO A 69 -11.42 5.67 2.51
C PRO A 69 -10.75 4.35 2.90
N ILE A 70 -11.51 3.26 2.85
CA ILE A 70 -10.97 1.95 3.19
C ILE A 70 -10.35 1.28 1.97
N SER A 71 -9.15 0.77 2.15
CA SER A 71 -8.43 0.12 1.06
C SER A 71 -8.62 -1.41 1.11
N PHE A 72 -7.80 -2.14 0.37
CA PHE A 72 -8.03 -3.56 0.13
C PHE A 72 -6.75 -4.25 -0.34
N THR A 73 -6.88 -5.22 -1.24
CA THR A 73 -5.75 -6.01 -1.70
C THR A 73 -4.85 -5.24 -2.66
N ALA A 74 -3.54 -5.37 -2.48
CA ALA A 74 -2.57 -4.82 -3.41
C ALA A 74 -1.64 -5.91 -3.88
N THR A 75 -0.78 -5.62 -4.86
CA THR A 75 0.10 -6.65 -5.40
C THR A 75 1.53 -6.17 -5.55
N VAL A 76 2.45 -6.98 -5.02
CA VAL A 76 3.86 -6.67 -5.02
C VAL A 76 4.55 -7.21 -6.27
N THR A 77 5.47 -6.42 -6.81
CA THR A 77 6.19 -6.80 -8.01
C THR A 77 7.70 -6.77 -7.79
N ALA A 78 8.13 -6.90 -6.53
CA ALA A 78 9.56 -6.83 -6.23
C ALA A 78 9.90 -7.55 -4.92
N ASP A 79 11.17 -7.47 -4.57
CA ASP A 79 11.71 -8.17 -3.42
C ASP A 79 11.33 -7.48 -2.14
N ALA A 80 11.51 -8.18 -1.04
CA ALA A 80 11.10 -7.71 0.27
C ALA A 80 12.04 -8.22 1.35
N ASN A 81 12.12 -7.50 2.46
CA ASN A 81 13.05 -7.84 3.53
C ASN A 81 12.34 -7.91 4.88
N SER A 82 12.59 -8.96 5.66
CA SER A 82 12.23 -8.94 7.06
C SER A 82 13.50 -8.91 7.90
N ASP A 83 13.94 -7.73 8.30
CA ASP A 83 15.17 -7.61 9.08
C ASP A 83 14.85 -7.33 10.54
N SER A 84 15.85 -7.41 11.41
CA SER A 84 15.63 -7.26 12.84
C SER A 84 15.00 -5.91 13.18
N GLY A 85 15.29 -4.90 12.37
CA GLY A 85 14.77 -3.58 12.62
C GLY A 85 13.31 -3.44 12.22
N GLY A 86 12.69 -4.57 11.85
CA GLY A 86 11.29 -4.54 11.48
C GLY A 86 11.00 -3.64 10.29
N ASP A 87 11.86 -3.67 9.28
CA ASP A 87 11.68 -2.82 8.11
C ASP A 87 11.58 -3.65 6.83
N VAL A 88 10.43 -3.55 6.16
CA VAL A 88 10.17 -4.31 4.93
C VAL A 88 9.77 -3.36 3.79
N THR A 89 10.46 -3.43 2.67
CA THR A 89 10.17 -2.52 1.56
C THR A 89 9.78 -3.30 0.30
N VAL A 90 8.73 -2.83 -0.40
CA VAL A 90 8.33 -3.43 -1.67
C VAL A 90 7.75 -2.38 -2.60
N THR A 91 7.64 -2.72 -3.86
CA THR A 91 6.98 -1.86 -4.81
C THR A 91 5.82 -2.61 -5.46
N LEU A 92 4.71 -1.92 -5.58
CA LEU A 92 3.48 -2.50 -6.04
C LEU A 92 3.10 -1.93 -7.41
N SER A 93 2.27 -2.64 -8.15
CA SER A 93 1.91 -2.21 -9.49
C SER A 93 0.41 -2.30 -9.72
N GLY A 94 -0.13 -1.30 -10.41
CA GLY A 94 -1.51 -1.38 -10.85
C GLY A 94 -2.47 -0.58 -9.99
N VAL A 95 -2.50 0.72 -10.19
CA VAL A 95 -3.47 1.59 -9.53
C VAL A 95 -3.89 2.74 -10.43
N PRO A 96 -5.19 2.96 -10.60
CA PRO A 96 -5.71 4.09 -11.37
C PRO A 96 -5.73 5.38 -10.55
N ILE A 97 -4.62 5.65 -9.88
CA ILE A 97 -4.54 6.78 -8.99
C ILE A 97 -4.22 8.05 -9.77
N TYR A 98 -4.96 9.12 -9.47
CA TYR A 98 -4.74 10.43 -10.07
C TYR A 98 -5.19 10.47 -11.53
N ASP A 99 -6.27 9.77 -11.80
CA ASP A 99 -6.88 9.82 -13.13
C ASP A 99 -7.66 11.12 -13.28
N THR A 100 -8.60 11.32 -12.38
CA THR A 100 -9.41 12.52 -12.33
C THR A 100 -9.81 12.76 -10.88
N THR A 101 -10.91 13.46 -10.65
CA THR A 101 -11.37 13.64 -9.28
C THR A 101 -12.50 12.66 -9.00
N ASN A 102 -13.35 12.47 -10.00
CA ASN A 102 -14.59 11.75 -9.82
C ASN A 102 -14.86 10.80 -10.99
N PRO A 103 -14.06 9.73 -11.16
CA PRO A 103 -14.29 8.74 -12.23
C PRO A 103 -15.66 8.08 -12.11
N GLN A 104 -15.85 7.29 -11.06
CA GLN A 104 -17.16 6.72 -10.78
C GLN A 104 -17.75 7.41 -9.57
N TYR A 105 -18.05 8.68 -9.78
CA TYR A 105 -18.57 9.59 -8.74
C TYR A 105 -17.47 9.98 -7.75
N ASN A 106 -16.63 9.02 -7.39
CA ASN A 106 -15.42 9.25 -6.61
C ASN A 106 -14.63 7.95 -6.58
N SER A 107 -13.44 7.93 -7.18
CA SER A 107 -12.70 6.70 -7.31
C SER A 107 -11.20 6.94 -7.18
N VAL A 108 -10.64 6.45 -6.07
CA VAL A 108 -9.19 6.44 -5.85
C VAL A 108 -8.62 7.85 -5.91
N SER A 109 -9.33 8.77 -5.29
CA SER A 109 -8.84 10.13 -5.13
C SER A 109 -7.86 10.17 -3.96
N ARG A 110 -6.82 9.35 -4.06
CA ARG A 110 -5.87 9.15 -2.99
C ARG A 110 -4.69 10.10 -3.10
N GLN A 111 -4.19 10.54 -1.96
CA GLN A 111 -2.92 11.25 -1.88
C GLN A 111 -2.04 10.46 -0.94
N VAL A 112 -0.88 10.06 -1.44
CA VAL A 112 -0.03 9.08 -0.76
C VAL A 112 0.12 9.37 0.73
N GLU A 113 -0.53 8.53 1.52
CA GLU A 113 -0.54 8.65 2.97
C GLU A 113 0.28 7.53 3.62
N ALA A 114 0.92 7.87 4.74
CA ALA A 114 1.64 6.88 5.53
C ALA A 114 0.79 6.46 6.74
N GLY A 115 1.07 5.26 7.28
CA GLY A 115 0.40 4.83 8.49
C GLY A 115 -0.65 3.75 8.26
N ASP A 116 -0.69 3.23 7.04
CA ASP A 116 -1.63 2.16 6.69
C ASP A 116 -1.31 0.87 7.45
N ALA A 117 -2.33 0.06 7.71
CA ALA A 117 -2.17 -1.23 8.36
C ALA A 117 -2.16 -2.33 7.31
N VAL A 118 -1.01 -2.97 7.14
CA VAL A 118 -0.79 -3.89 6.05
C VAL A 118 -1.02 -5.35 6.48
N SER A 119 -1.48 -6.16 5.54
CA SER A 119 -1.62 -7.59 5.75
C SER A 119 -1.28 -8.33 4.46
N VAL A 120 -1.20 -9.64 4.54
CA VAL A 120 -0.87 -10.47 3.39
C VAL A 120 -2.01 -11.42 3.09
N VAL A 121 -2.29 -11.65 1.80
CA VAL A 121 -3.40 -12.53 1.40
C VAL A 121 -3.03 -13.99 1.65
N GLY A 122 -1.74 -14.29 1.59
CA GLY A 122 -1.27 -15.63 1.79
C GLY A 122 0.10 -15.81 1.18
N THR A 123 0.61 -17.02 1.19
CA THR A 123 1.92 -17.30 0.62
C THR A 123 1.79 -17.96 -0.74
N ALA A 124 1.44 -19.23 -0.73
CA ALA A 124 1.23 -19.97 -1.94
C ALA A 124 0.17 -21.04 -1.70
N GLY A 1 3.31 -20.00 4.08
CA GLY A 1 2.39 -19.53 5.15
C GLY A 1 1.08 -19.02 4.58
N ALA A 2 0.08 -18.88 5.45
CA ALA A 2 -1.21 -18.35 5.03
C ALA A 2 -1.52 -17.05 5.75
N PHE A 3 -1.95 -17.14 7.01
CA PHE A 3 -2.26 -15.96 7.79
C PHE A 3 -1.10 -15.63 8.72
N GLY A 4 -1.23 -14.55 9.47
CA GLY A 4 -0.18 -14.13 10.37
C GLY A 4 0.47 -12.84 9.90
N GLY A 5 -0.05 -12.29 8.82
CA GLY A 5 0.48 -11.06 8.29
C GLY A 5 -0.01 -9.84 9.04
N THR A 6 0.92 -9.07 9.58
CA THR A 6 0.60 -7.83 10.25
C THR A 6 1.78 -6.89 10.14
N LEU A 7 1.75 -6.02 9.15
CA LEU A 7 2.83 -5.09 8.93
C LEU A 7 2.32 -3.66 8.97
N THR A 8 3.22 -2.73 8.76
CA THR A 8 2.92 -1.32 8.86
C THR A 8 3.50 -0.58 7.66
N VAL A 9 3.03 0.63 7.41
CA VAL A 9 3.56 1.45 6.33
C VAL A 9 4.37 2.59 6.91
N LYS A 10 5.57 2.80 6.39
CA LYS A 10 6.50 3.76 6.96
C LYS A 10 6.66 4.97 6.05
N THR A 11 6.23 4.84 4.81
CA THR A 11 6.44 5.88 3.81
C THR A 11 5.19 6.06 2.98
N GLN A 12 5.31 6.82 1.90
CA GLN A 12 4.16 7.20 1.12
C GLN A 12 4.11 6.39 -0.18
N PRO A 13 3.05 5.60 -0.36
CA PRO A 13 2.89 4.76 -1.55
C PRO A 13 2.65 5.58 -2.81
N THR A 14 3.67 5.67 -3.65
CA THR A 14 3.55 6.46 -4.87
C THR A 14 4.50 5.98 -5.97
N VAL A 15 3.93 5.66 -7.13
CA VAL A 15 4.70 5.35 -8.33
C VAL A 15 3.88 5.65 -9.58
N THR A 16 4.53 5.64 -10.74
CA THR A 16 3.95 5.92 -12.05
C THR A 16 2.42 5.90 -12.09
N TYR A 17 1.84 7.08 -12.31
CA TYR A 17 0.41 7.18 -12.53
C TYR A 17 0.17 7.45 -14.01
N ASN A 18 0.05 6.38 -14.77
CA ASN A 18 -0.10 6.51 -16.21
C ASN A 18 -1.34 5.77 -16.68
N ALA A 19 -2.05 6.37 -17.61
CA ALA A 19 -3.34 5.86 -18.06
C ALA A 19 -3.24 5.25 -19.45
N VAL A 20 -2.54 5.93 -20.35
CA VAL A 20 -2.35 5.43 -21.71
C VAL A 20 -1.60 4.10 -21.67
N LYS A 21 -0.66 3.99 -20.74
CA LYS A 21 0.12 2.78 -20.58
C LYS A 21 -0.59 1.82 -19.63
N ASP A 22 -1.70 2.31 -19.07
CA ASP A 22 -2.46 1.60 -18.06
C ASP A 22 -1.55 1.13 -16.94
N SER A 23 -1.01 2.08 -16.20
CA SER A 23 -0.04 1.76 -15.17
C SER A 23 -0.21 2.69 -13.97
N TYR A 24 -0.85 2.19 -12.94
CA TYR A 24 -1.00 2.95 -11.71
C TYR A 24 -0.38 2.12 -10.59
N GLN A 25 0.84 2.47 -10.18
CA GLN A 25 1.57 1.63 -9.25
C GLN A 25 2.07 2.45 -8.05
N PHE A 26 2.73 1.81 -7.09
CA PHE A 26 3.24 2.54 -5.93
C PHE A 26 4.42 1.83 -5.26
N THR A 27 5.54 2.54 -5.08
CA THR A 27 6.68 2.00 -4.36
C THR A 27 6.60 2.47 -2.93
N VAL A 28 6.82 1.58 -1.98
CA VAL A 28 6.73 1.96 -0.58
C VAL A 28 7.79 1.28 0.26
N THR A 29 8.26 1.99 1.27
CA THR A 29 9.02 1.38 2.34
C THR A 29 8.07 1.08 3.50
N LEU A 30 7.86 -0.19 3.76
CA LEU A 30 6.92 -0.61 4.78
C LEU A 30 7.70 -1.02 6.02
N THR A 31 7.01 -1.22 7.13
CA THR A 31 7.66 -1.55 8.36
C THR A 31 7.06 -2.82 9.00
N GLY A 32 7.81 -3.93 8.97
CA GLY A 32 7.36 -5.15 9.59
C GLY A 32 8.52 -5.95 10.14
N ALA A 33 8.37 -6.48 11.35
CA ALA A 33 9.49 -7.11 12.03
C ALA A 33 9.35 -8.63 12.10
N THR A 34 9.94 -9.32 11.14
CA THR A 34 10.05 -10.76 11.21
C THR A 34 11.51 -11.19 11.05
N ALA A 35 12.05 -11.86 12.07
CA ALA A 35 13.46 -12.24 12.08
C ALA A 35 13.75 -13.39 11.12
N SER A 36 14.85 -13.26 10.39
CA SER A 36 15.35 -14.32 9.50
C SER A 36 14.35 -14.68 8.42
N VAL A 37 13.92 -13.69 7.66
CA VAL A 37 13.05 -13.92 6.52
C VAL A 37 13.58 -13.18 5.30
N THR A 38 14.32 -13.91 4.49
CA THR A 38 14.89 -13.34 3.27
C THR A 38 13.80 -13.19 2.22
N GLY A 39 13.27 -11.97 2.11
CA GLY A 39 12.18 -11.72 1.19
C GLY A 39 10.87 -12.35 1.64
N PHE A 40 10.00 -11.54 2.25
CA PHE A 40 8.63 -11.97 2.54
C PHE A 40 8.00 -12.62 1.30
N LEU A 41 7.93 -11.84 0.24
CA LEU A 41 7.25 -12.23 -0.99
C LEU A 41 8.01 -11.70 -2.19
N LYS A 42 7.58 -12.08 -3.39
CA LYS A 42 8.24 -11.63 -4.61
C LYS A 42 7.23 -11.10 -5.63
N ALA A 43 7.68 -10.86 -6.85
CA ALA A 43 6.84 -10.36 -7.92
C ALA A 43 5.66 -11.28 -8.18
N GLY A 44 4.46 -10.77 -7.90
CA GLY A 44 3.27 -11.51 -8.23
C GLY A 44 2.53 -12.00 -6.99
N ASP A 45 3.09 -11.73 -5.82
CA ASP A 45 2.45 -12.12 -4.56
C ASP A 45 1.49 -11.03 -4.10
N GLN A 46 0.39 -11.45 -3.47
CA GLN A 46 -0.62 -10.50 -3.04
C GLN A 46 -0.53 -10.24 -1.54
N VAL A 47 -0.89 -9.04 -1.16
CA VAL A 47 -0.90 -8.63 0.23
C VAL A 47 -2.22 -7.95 0.56
N LYS A 48 -2.41 -7.63 1.81
CA LYS A 48 -3.54 -6.84 2.27
C LYS A 48 -3.01 -5.47 2.71
N PHE A 49 -3.67 -4.39 2.33
CA PHE A 49 -3.22 -3.07 2.76
C PHE A 49 -4.40 -2.16 3.06
N THR A 50 -4.64 -1.92 4.33
CA THR A 50 -5.79 -1.15 4.75
C THR A 50 -5.43 0.32 4.61
N ASN A 51 -5.64 0.84 3.41
CA ASN A 51 -5.16 2.17 3.04
C ASN A 51 -6.33 3.13 2.91
N THR A 52 -6.73 3.73 4.04
CA THR A 52 -7.92 4.55 4.06
C THR A 52 -7.60 6.03 4.34
N TYR A 53 -7.54 6.81 3.28
CA TYR A 53 -7.37 8.26 3.37
C TYR A 53 -7.70 8.91 2.03
N TRP A 54 -7.70 10.22 2.00
CA TRP A 54 -7.95 10.96 0.77
C TRP A 54 -7.09 12.22 0.73
N LEU A 55 -6.77 12.66 -0.47
CA LEU A 55 -5.93 13.84 -0.63
C LEU A 55 -6.76 15.00 -1.16
N GLN A 56 -6.49 16.21 -0.65
CA GLN A 56 -7.25 17.40 -1.03
C GLN A 56 -6.87 17.84 -2.44
N GLN A 57 -5.82 17.22 -2.97
CA GLN A 57 -5.33 17.55 -4.30
C GLN A 57 -6.07 16.74 -5.35
N GLN A 58 -6.10 15.42 -5.16
CA GLN A 58 -6.68 14.52 -6.14
C GLN A 58 -8.19 14.72 -6.28
N THR A 59 -8.83 15.20 -5.23
CA THR A 59 -10.26 15.44 -5.25
C THR A 59 -10.65 16.43 -6.34
N LYS A 60 -9.77 17.40 -6.57
CA LYS A 60 -10.03 18.40 -7.59
C LYS A 60 -9.66 17.87 -8.96
N GLN A 61 -8.64 17.02 -9.00
CA GLN A 61 -8.13 16.46 -10.24
C GLN A 61 -9.17 15.53 -10.87
N ALA A 62 -9.87 14.81 -10.02
CA ALA A 62 -10.86 13.85 -10.49
C ALA A 62 -12.27 14.41 -10.43
N LEU A 63 -12.35 15.73 -10.55
CA LEU A 63 -13.62 16.45 -10.70
C LEU A 63 -14.51 16.32 -9.46
N TYR A 64 -14.02 16.87 -8.35
CA TYR A 64 -14.80 16.98 -7.10
C TYR A 64 -15.01 15.60 -6.49
N ASN A 65 -14.09 14.74 -6.82
CA ASN A 65 -14.05 13.37 -6.36
C ASN A 65 -12.59 12.97 -6.17
N GLY A 66 -12.29 12.27 -5.09
CA GLY A 66 -10.92 11.92 -4.82
C GLY A 66 -10.61 10.48 -5.12
N ALA A 67 -10.04 9.79 -4.15
CA ALA A 67 -9.60 8.42 -4.33
C ALA A 67 -9.27 7.81 -2.98
N THR A 68 -9.90 6.68 -2.69
CA THR A 68 -9.64 5.98 -1.45
C THR A 68 -9.81 4.48 -1.66
N PRO A 69 -8.73 3.71 -1.50
CA PRO A 69 -8.81 2.24 -1.56
C PRO A 69 -9.93 1.71 -0.67
N ILE A 70 -10.79 0.89 -1.26
CA ILE A 70 -12.00 0.42 -0.59
C ILE A 70 -11.67 -0.41 0.65
N SER A 71 -10.60 -1.19 0.57
CA SER A 71 -10.11 -1.95 1.71
C SER A 71 -8.67 -2.40 1.47
N PHE A 72 -8.31 -3.57 2.00
CA PHE A 72 -6.92 -3.97 2.09
C PHE A 72 -6.55 -5.11 1.14
N THR A 73 -6.16 -4.78 -0.09
CA THR A 73 -5.69 -5.81 -1.03
C THR A 73 -4.69 -5.21 -2.03
N ALA A 74 -3.43 -5.63 -1.93
CA ALA A 74 -2.39 -5.09 -2.80
C ALA A 74 -1.56 -6.22 -3.42
N THR A 75 -0.54 -5.85 -4.19
CA THR A 75 0.32 -6.85 -4.80
C THR A 75 1.79 -6.42 -4.86
N VAL A 76 2.62 -7.36 -4.41
CA VAL A 76 4.06 -7.20 -4.33
C VAL A 76 4.72 -7.31 -5.70
N THR A 77 5.74 -6.49 -5.95
CA THR A 77 6.39 -6.45 -7.25
C THR A 77 7.80 -7.03 -7.21
N ALA A 78 8.35 -7.20 -6.01
CA ALA A 78 9.72 -7.69 -5.88
C ALA A 78 9.98 -8.21 -4.48
N ASP A 79 11.22 -8.60 -4.22
CA ASP A 79 11.62 -9.14 -2.93
C ASP A 79 11.37 -8.13 -1.82
N ALA A 80 10.46 -8.48 -0.95
CA ALA A 80 10.10 -7.61 0.18
C ALA A 80 10.89 -7.99 1.42
N ASN A 81 11.94 -7.22 1.70
CA ASN A 81 12.88 -7.51 2.78
C ASN A 81 12.20 -7.60 4.15
N SER A 82 12.41 -8.69 4.88
CA SER A 82 11.95 -8.80 6.25
C SER A 82 13.12 -8.90 7.22
N ASP A 83 13.29 -7.87 8.05
CA ASP A 83 14.23 -7.94 9.15
C ASP A 83 13.51 -7.57 10.44
N SER A 84 13.99 -8.09 11.56
CA SER A 84 13.30 -7.94 12.83
C SER A 84 13.46 -6.53 13.39
N GLY A 85 14.25 -5.71 12.71
CA GLY A 85 14.33 -4.31 13.08
C GLY A 85 13.03 -3.62 12.76
N GLY A 86 12.18 -4.32 12.03
CA GLY A 86 10.86 -3.82 11.73
C GLY A 86 10.80 -3.06 10.42
N ASP A 87 11.53 -3.51 9.43
CA ASP A 87 11.51 -2.86 8.12
C ASP A 87 11.19 -3.85 7.01
N VAL A 88 10.40 -3.40 6.03
CA VAL A 88 10.09 -4.18 4.83
C VAL A 88 9.80 -3.28 3.64
N THR A 89 10.76 -3.10 2.76
CA THR A 89 10.55 -2.27 1.58
C THR A 89 10.09 -3.11 0.40
N VAL A 90 9.01 -2.69 -0.25
CA VAL A 90 8.48 -3.39 -1.43
C VAL A 90 7.64 -2.45 -2.28
N THR A 91 7.73 -2.59 -3.58
CA THR A 91 6.91 -1.82 -4.50
C THR A 91 5.67 -2.62 -4.89
N LEU A 92 4.58 -1.91 -5.12
CA LEU A 92 3.29 -2.52 -5.37
C LEU A 92 2.64 -1.91 -6.61
N SER A 93 1.55 -2.51 -7.06
CA SER A 93 0.81 -1.98 -8.19
C SER A 93 -0.69 -1.94 -7.89
N GLY A 94 -1.41 -1.08 -8.60
CA GLY A 94 -2.86 -1.07 -8.54
C GLY A 94 -3.44 -0.09 -7.53
N VAL A 95 -3.37 1.19 -7.84
CA VAL A 95 -3.94 2.23 -6.96
C VAL A 95 -4.45 3.42 -7.77
N PRO A 96 -5.35 4.20 -7.19
CA PRO A 96 -5.73 5.50 -7.72
C PRO A 96 -4.96 6.62 -7.02
N ILE A 97 -3.65 6.43 -6.89
CA ILE A 97 -2.79 7.35 -6.18
C ILE A 97 -1.74 7.92 -7.13
N TYR A 98 -1.71 9.25 -7.24
CA TYR A 98 -0.80 9.93 -8.16
C TYR A 98 0.66 9.74 -7.76
N ASP A 99 1.54 9.82 -8.74
CA ASP A 99 2.96 9.54 -8.54
C ASP A 99 3.72 10.77 -8.06
N THR A 100 3.02 11.64 -7.34
CA THR A 100 3.61 12.81 -6.68
C THR A 100 4.56 13.62 -7.58
N THR A 101 4.18 13.79 -8.84
CA THR A 101 4.93 14.60 -9.76
C THR A 101 4.08 15.77 -10.21
N ASN A 102 4.32 16.91 -9.61
CA ASN A 102 3.43 18.06 -9.80
C ASN A 102 4.20 19.37 -9.68
N PRO A 103 3.66 20.49 -10.22
CA PRO A 103 4.30 21.79 -10.16
C PRO A 103 4.09 22.46 -8.81
N GLN A 104 5.13 22.39 -8.02
CA GLN A 104 5.16 22.98 -6.68
C GLN A 104 4.86 24.47 -6.72
N TYR A 105 5.80 25.24 -7.30
CA TYR A 105 5.68 26.70 -7.46
C TYR A 105 5.76 27.44 -6.12
N ASN A 106 5.04 26.97 -5.12
CA ASN A 106 4.95 27.66 -3.84
C ASN A 106 5.89 27.03 -2.84
N SER A 107 5.50 25.88 -2.30
CA SER A 107 6.34 25.17 -1.36
C SER A 107 5.90 23.72 -1.20
N VAL A 108 4.75 23.52 -0.57
CA VAL A 108 4.26 22.19 -0.28
C VAL A 108 3.85 21.49 -1.57
N SER A 109 4.39 20.30 -1.77
CA SER A 109 4.09 19.50 -2.94
C SER A 109 2.84 18.66 -2.68
N ARG A 110 2.20 18.19 -3.74
CA ARG A 110 1.07 17.29 -3.59
C ARG A 110 1.60 15.93 -3.15
N GLN A 111 1.31 15.53 -1.92
CA GLN A 111 1.93 14.36 -1.32
C GLN A 111 0.89 13.35 -0.86
N VAL A 112 1.29 12.08 -0.84
CA VAL A 112 0.44 11.00 -0.37
C VAL A 112 0.60 10.85 1.15
N GLU A 113 -0.26 10.07 1.78
CA GLU A 113 -0.26 9.97 3.23
C GLU A 113 0.12 8.55 3.69
N ALA A 114 1.00 8.47 4.68
CA ALA A 114 1.42 7.19 5.24
C ALA A 114 0.64 6.87 6.51
N GLY A 115 0.82 5.67 7.05
CA GLY A 115 0.27 5.36 8.37
C GLY A 115 -0.75 4.25 8.35
N ASP A 116 -1.01 3.67 7.19
CA ASP A 116 -1.98 2.59 7.06
C ASP A 116 -1.41 1.25 7.52
N ALA A 117 -2.27 0.24 7.58
CA ALA A 117 -1.89 -1.07 8.14
C ALA A 117 -1.83 -2.12 7.06
N VAL A 118 -0.95 -3.10 7.24
CA VAL A 118 -0.62 -4.04 6.18
C VAL A 118 -0.77 -5.50 6.66
N SER A 119 -1.10 -6.38 5.72
CA SER A 119 -1.18 -7.81 5.99
C SER A 119 -0.88 -8.59 4.72
N VAL A 120 -0.88 -9.92 4.80
CA VAL A 120 -0.53 -10.77 3.66
C VAL A 120 -1.69 -11.68 3.27
N VAL A 121 -1.86 -11.91 1.97
CA VAL A 121 -2.86 -12.87 1.49
C VAL A 121 -2.43 -14.29 1.83
N GLY A 122 -1.17 -14.60 1.53
CA GLY A 122 -0.64 -15.90 1.84
C GLY A 122 -0.03 -16.56 0.62
N THR A 123 0.58 -17.72 0.84
CA THR A 123 1.17 -18.48 -0.25
C THR A 123 0.76 -19.94 -0.14
N ALA A 124 1.36 -20.63 0.81
CA ALA A 124 1.05 -22.03 1.06
C ALA A 124 1.13 -22.30 2.56
N GLY A 1 2.07 -21.72 10.89
CA GLY A 1 2.34 -20.28 11.08
C GLY A 1 1.65 -19.43 10.06
N ALA A 2 2.15 -18.21 9.85
CA ALA A 2 1.61 -17.27 8.86
C ALA A 2 0.17 -16.86 9.20
N PHE A 3 -0.22 -17.07 10.45
CA PHE A 3 -1.56 -16.76 10.88
C PHE A 3 -1.59 -15.36 11.49
N GLY A 4 -2.42 -14.49 10.93
CA GLY A 4 -2.59 -13.17 11.49
C GLY A 4 -1.54 -12.23 10.96
N GLY A 5 -1.10 -12.54 9.74
CA GLY A 5 -0.09 -11.74 9.08
C GLY A 5 -0.39 -10.26 9.11
N THR A 6 0.44 -9.51 9.80
CA THR A 6 0.23 -8.08 9.97
C THR A 6 1.54 -7.31 9.79
N LEU A 7 1.46 -6.20 9.06
CA LEU A 7 2.63 -5.38 8.78
C LEU A 7 2.24 -3.91 8.87
N THR A 8 3.21 -3.03 8.73
CA THR A 8 3.00 -1.60 8.89
C THR A 8 3.59 -0.84 7.70
N VAL A 9 3.15 0.39 7.48
CA VAL A 9 3.73 1.26 6.46
C VAL A 9 4.33 2.52 7.09
N LYS A 10 5.42 3.04 6.51
CA LYS A 10 6.05 4.25 7.03
C LYS A 10 6.02 5.41 6.02
N THR A 11 5.82 5.11 4.75
CA THR A 11 5.72 6.15 3.74
C THR A 11 4.41 6.01 2.97
N GLN A 12 4.29 6.72 1.86
CA GLN A 12 3.03 6.77 1.14
C GLN A 12 3.16 6.07 -0.20
N PRO A 13 2.22 5.17 -0.52
CA PRO A 13 2.22 4.48 -1.82
C PRO A 13 1.96 5.43 -2.97
N THR A 14 3.01 5.77 -3.69
CA THR A 14 2.88 6.71 -4.78
C THR A 14 3.98 6.51 -5.84
N VAL A 15 3.54 6.15 -7.03
CA VAL A 15 4.36 6.14 -8.24
C VAL A 15 3.43 6.25 -9.44
N THR A 16 3.97 6.37 -10.65
CA THR A 16 3.21 6.60 -11.87
C THR A 16 1.87 5.84 -11.91
N TYR A 17 0.79 6.59 -11.81
CA TYR A 17 -0.55 6.05 -12.04
C TYR A 17 -1.13 6.67 -13.32
N ASN A 18 -0.79 6.11 -14.46
CA ASN A 18 -1.24 6.66 -15.72
C ASN A 18 -2.25 5.70 -16.36
N ALA A 19 -3.36 6.25 -16.82
CA ALA A 19 -4.48 5.43 -17.27
C ALA A 19 -4.60 5.44 -18.79
N VAL A 20 -4.38 6.60 -19.39
CA VAL A 20 -4.41 6.71 -20.85
C VAL A 20 -3.27 5.89 -21.45
N LYS A 21 -2.21 5.72 -20.68
CA LYS A 21 -1.06 4.95 -21.10
C LYS A 21 -1.14 3.52 -20.57
N ASP A 22 -2.05 3.33 -19.62
CA ASP A 22 -2.24 2.04 -18.95
C ASP A 22 -0.97 1.63 -18.22
N SER A 23 -0.63 2.36 -17.18
CA SER A 23 0.57 2.11 -16.41
C SER A 23 0.37 2.52 -14.96
N TYR A 24 0.12 1.53 -14.12
CA TYR A 24 -0.10 1.76 -12.70
C TYR A 24 0.98 1.09 -11.87
N GLN A 25 1.82 1.91 -11.27
CA GLN A 25 2.80 1.42 -10.31
C GLN A 25 2.75 2.28 -9.06
N PHE A 26 3.27 1.79 -7.95
CA PHE A 26 3.29 2.56 -6.71
C PHE A 26 4.35 2.01 -5.74
N THR A 27 5.14 2.90 -5.15
CA THR A 27 6.24 2.49 -4.29
C THR A 27 5.92 2.80 -2.83
N VAL A 28 6.33 1.92 -1.92
CA VAL A 28 6.09 2.17 -0.51
C VAL A 28 7.21 1.64 0.38
N THR A 29 7.45 2.32 1.49
CA THR A 29 8.33 1.83 2.54
C THR A 29 7.48 1.18 3.63
N LEU A 30 7.62 -0.12 3.80
CA LEU A 30 6.80 -0.83 4.76
C LEU A 30 7.65 -1.26 5.95
N THR A 31 6.99 -1.64 7.02
CA THR A 31 7.66 -2.12 8.19
C THR A 31 7.10 -3.50 8.54
N GLY A 32 7.97 -4.40 8.97
CA GLY A 32 7.56 -5.75 9.27
C GLY A 32 8.16 -6.23 10.56
N ALA A 33 8.52 -7.50 10.60
CA ALA A 33 9.06 -8.07 11.82
C ALA A 33 10.55 -8.37 11.70
N THR A 34 11.08 -8.96 12.76
CA THR A 34 12.52 -9.16 12.91
C THR A 34 13.06 -10.18 11.91
N ALA A 35 14.37 -10.44 11.99
CA ALA A 35 15.06 -11.37 11.11
C ALA A 35 14.51 -12.80 11.24
N SER A 36 15.14 -13.73 10.51
CA SER A 36 14.73 -15.13 10.47
C SER A 36 13.53 -15.32 9.53
N VAL A 37 13.15 -14.25 8.85
CA VAL A 37 12.14 -14.32 7.80
C VAL A 37 12.72 -13.77 6.51
N THR A 38 13.33 -14.65 5.73
CA THR A 38 13.99 -14.26 4.50
C THR A 38 12.98 -13.93 3.42
N GLY A 39 12.73 -12.63 3.25
CA GLY A 39 11.76 -12.18 2.28
C GLY A 39 10.36 -12.67 2.56
N PHE A 40 9.54 -11.83 3.19
CA PHE A 40 8.13 -12.15 3.40
C PHE A 40 7.51 -12.76 2.13
N LEU A 41 7.60 -12.04 1.02
CA LEU A 41 7.03 -12.47 -0.24
C LEU A 41 7.64 -11.69 -1.39
N LYS A 42 7.42 -12.15 -2.61
CA LYS A 42 8.02 -11.52 -3.79
C LYS A 42 7.03 -11.39 -4.93
N ALA A 43 7.55 -11.09 -6.12
CA ALA A 43 6.76 -10.91 -7.33
C ALA A 43 5.73 -12.01 -7.50
N GLY A 44 4.48 -11.63 -7.45
CA GLY A 44 3.40 -12.57 -7.64
C GLY A 44 2.53 -12.68 -6.40
N ASP A 45 2.98 -12.09 -5.31
CA ASP A 45 2.24 -12.12 -4.06
C ASP A 45 1.50 -10.81 -3.82
N GLN A 46 0.27 -10.91 -3.36
CA GLN A 46 -0.55 -9.72 -3.15
C GLN A 46 -0.69 -9.43 -1.67
N VAL A 47 -0.92 -8.18 -1.35
CA VAL A 47 -1.14 -7.73 0.01
C VAL A 47 -2.33 -6.80 0.03
N LYS A 48 -2.85 -6.48 1.20
CA LYS A 48 -3.87 -5.43 1.28
C LYS A 48 -3.63 -4.58 2.52
N PHE A 49 -3.72 -3.26 2.36
CA PHE A 49 -3.46 -2.35 3.46
C PHE A 49 -4.33 -1.10 3.36
N THR A 50 -4.37 -0.32 4.43
CA THR A 50 -5.17 0.90 4.44
C THR A 50 -4.69 1.90 5.50
N ASN A 51 -4.29 3.08 5.04
CA ASN A 51 -4.21 4.25 5.91
C ASN A 51 -5.06 5.34 5.31
N THR A 52 -6.35 5.24 5.50
CA THR A 52 -7.28 6.14 4.85
C THR A 52 -7.87 7.14 5.83
N TYR A 53 -7.19 8.25 6.03
CA TYR A 53 -7.72 9.31 6.88
C TYR A 53 -8.62 10.20 6.07
N TRP A 54 -9.91 10.19 6.42
CA TRP A 54 -10.96 10.98 5.73
C TRP A 54 -10.75 11.08 4.22
N LEU A 55 -10.61 9.92 3.59
CA LEU A 55 -10.52 9.85 2.13
C LEU A 55 -11.92 9.97 1.53
N GLN A 56 -11.99 10.46 0.30
CA GLN A 56 -13.27 10.70 -0.36
C GLN A 56 -13.91 9.40 -0.80
N GLN A 57 -13.14 8.33 -0.73
CA GLN A 57 -13.55 7.03 -1.25
C GLN A 57 -14.33 6.24 -0.22
N GLN A 58 -14.44 6.83 0.97
CA GLN A 58 -15.23 6.24 2.06
C GLN A 58 -16.60 5.79 1.55
N THR A 59 -17.45 6.74 1.19
CA THR A 59 -18.73 6.40 0.60
C THR A 59 -18.85 6.97 -0.81
N LYS A 60 -19.21 8.25 -0.91
CA LYS A 60 -19.24 8.94 -2.18
C LYS A 60 -18.17 10.03 -2.24
N GLN A 61 -18.39 11.08 -1.47
CA GLN A 61 -17.43 12.18 -1.36
C GLN A 61 -16.93 12.29 0.07
N ALA A 62 -17.75 11.81 1.00
CA ALA A 62 -17.41 11.77 2.42
C ALA A 62 -16.98 13.12 2.96
N LEU A 63 -17.97 13.93 3.29
CA LEU A 63 -17.71 15.24 3.87
C LEU A 63 -17.51 15.11 5.36
N TYR A 64 -18.31 14.26 5.97
CA TYR A 64 -18.26 14.02 7.39
C TYR A 64 -17.71 12.65 7.67
N ASN A 65 -16.46 12.61 8.04
CA ASN A 65 -15.79 11.35 8.36
C ASN A 65 -16.09 10.94 9.78
N GLY A 66 -16.15 9.64 10.01
CA GLY A 66 -16.37 9.11 11.34
C GLY A 66 -15.79 7.73 11.46
N ALA A 67 -16.07 6.91 10.46
CA ALA A 67 -15.48 5.58 10.35
C ALA A 67 -15.05 5.35 8.92
N THR A 68 -13.76 5.17 8.70
CA THR A 68 -13.21 5.06 7.36
C THR A 68 -12.46 3.75 7.17
N PRO A 69 -13.19 2.69 6.76
CA PRO A 69 -12.62 1.37 6.54
C PRO A 69 -12.25 1.13 5.07
N ILE A 70 -12.17 -0.14 4.69
CA ILE A 70 -11.89 -0.56 3.32
C ILE A 70 -10.41 -0.39 2.97
N SER A 71 -9.79 -1.50 2.62
CA SER A 71 -8.39 -1.50 2.24
C SER A 71 -8.25 -1.67 0.74
N PHE A 72 -7.04 -1.52 0.24
CA PHE A 72 -6.77 -1.75 -1.17
C PHE A 72 -5.61 -2.73 -1.33
N THR A 73 -5.77 -3.67 -2.25
CA THR A 73 -4.82 -4.74 -2.45
C THR A 73 -3.66 -4.28 -3.32
N ALA A 74 -2.45 -4.65 -2.93
CA ALA A 74 -1.27 -4.34 -3.72
C ALA A 74 -0.62 -5.60 -4.24
N THR A 75 0.43 -5.44 -5.03
CA THR A 75 1.16 -6.57 -5.54
C THR A 75 2.66 -6.30 -5.56
N VAL A 76 3.36 -7.07 -4.73
CA VAL A 76 4.80 -6.93 -4.58
C VAL A 76 5.49 -7.54 -5.79
N THR A 77 6.44 -6.81 -6.36
CA THR A 77 7.13 -7.27 -7.55
C THR A 77 8.65 -7.31 -7.34
N ALA A 78 9.09 -7.43 -6.09
CA ALA A 78 10.51 -7.40 -5.80
C ALA A 78 10.84 -8.18 -4.54
N ASP A 79 12.14 -8.48 -4.38
CA ASP A 79 12.65 -9.16 -3.21
C ASP A 79 12.37 -8.34 -1.96
N ALA A 80 11.51 -8.86 -1.11
CA ALA A 80 11.14 -8.16 0.12
C ALA A 80 12.04 -8.60 1.26
N ASN A 81 11.89 -7.99 2.42
CA ASN A 81 12.85 -8.17 3.50
C ASN A 81 12.20 -8.05 4.87
N SER A 82 12.32 -9.07 5.71
CA SER A 82 12.04 -8.89 7.12
C SER A 82 13.37 -8.93 7.88
N ASP A 83 13.96 -7.77 8.14
CA ASP A 83 15.27 -7.72 8.75
C ASP A 83 15.16 -7.52 10.26
N SER A 84 16.29 -7.42 10.93
CA SER A 84 16.31 -7.28 12.39
C SER A 84 15.55 -6.04 12.84
N GLY A 85 15.58 -4.99 12.03
CA GLY A 85 14.90 -3.78 12.37
C GLY A 85 13.42 -3.83 12.03
N GLY A 86 13.01 -4.91 11.37
CA GLY A 86 11.64 -5.03 10.95
C GLY A 86 11.26 -4.03 9.86
N ASP A 87 12.13 -3.83 8.88
CA ASP A 87 11.83 -2.90 7.80
C ASP A 87 11.76 -3.63 6.45
N VAL A 88 10.71 -3.34 5.69
CA VAL A 88 10.48 -3.94 4.38
C VAL A 88 10.06 -2.88 3.36
N THR A 89 10.97 -2.45 2.51
CA THR A 89 10.66 -1.44 1.53
C THR A 89 10.58 -2.05 0.13
N VAL A 90 9.39 -2.05 -0.45
CA VAL A 90 9.20 -2.63 -1.79
C VAL A 90 8.21 -1.82 -2.59
N THR A 91 8.31 -1.95 -3.89
CA THR A 91 7.43 -1.26 -4.78
C THR A 91 6.45 -2.23 -5.43
N LEU A 92 5.28 -1.72 -5.71
CA LEU A 92 4.20 -2.49 -6.25
C LEU A 92 3.93 -2.03 -7.67
N SER A 93 3.76 -2.95 -8.58
CA SER A 93 3.69 -2.56 -9.98
C SER A 93 2.76 -3.45 -10.80
N GLY A 94 2.09 -2.85 -11.77
CA GLY A 94 1.35 -3.61 -12.74
C GLY A 94 -0.06 -3.11 -12.98
N VAL A 95 -0.56 -3.37 -14.18
CA VAL A 95 -1.96 -3.09 -14.52
C VAL A 95 -2.86 -4.06 -13.74
N PRO A 96 -4.23 -4.03 -13.88
CA PRO A 96 -5.15 -4.77 -12.99
C PRO A 96 -4.56 -6.07 -12.45
N ILE A 97 -4.22 -6.04 -11.17
CA ILE A 97 -3.36 -7.04 -10.56
C ILE A 97 -4.11 -8.31 -10.15
N TYR A 98 -3.96 -9.36 -10.96
CA TYR A 98 -4.48 -10.69 -10.67
C TYR A 98 -5.99 -10.66 -10.46
N ASP A 99 -6.63 -9.66 -11.04
CA ASP A 99 -8.08 -9.45 -10.91
C ASP A 99 -8.51 -9.43 -9.46
N THR A 100 -7.64 -8.94 -8.59
CA THR A 100 -7.99 -8.77 -7.18
C THR A 100 -8.72 -7.45 -6.99
N THR A 101 -8.80 -6.70 -8.07
CA THR A 101 -9.51 -5.45 -8.09
C THR A 101 -10.34 -5.34 -9.34
N ASN A 102 -11.58 -5.04 -9.12
CA ASN A 102 -12.56 -4.91 -10.18
C ASN A 102 -13.83 -4.25 -9.65
N PRO A 103 -14.35 -4.69 -8.47
CA PRO A 103 -15.48 -4.03 -7.82
C PRO A 103 -15.00 -2.86 -6.97
N GLN A 104 -13.70 -2.62 -7.03
CA GLN A 104 -13.06 -1.55 -6.28
C GLN A 104 -13.57 -0.19 -6.74
N TYR A 105 -13.44 0.06 -8.03
CA TYR A 105 -13.75 1.37 -8.60
C TYR A 105 -12.97 2.44 -7.85
N ASN A 106 -11.67 2.22 -7.79
CA ASN A 106 -10.78 3.04 -6.99
C ASN A 106 -9.75 3.72 -7.90
N SER A 107 -10.11 3.90 -9.15
CA SER A 107 -9.24 4.54 -10.13
C SER A 107 -9.35 6.05 -10.03
N VAL A 108 -9.18 6.55 -8.81
CA VAL A 108 -9.34 7.96 -8.51
C VAL A 108 -8.03 8.53 -7.99
N SER A 109 -7.84 9.83 -8.15
CA SER A 109 -6.67 10.51 -7.59
C SER A 109 -6.80 10.56 -6.07
N ARG A 110 -6.53 9.44 -5.44
CA ARG A 110 -6.67 9.30 -4.01
C ARG A 110 -5.48 9.89 -3.28
N GLN A 111 -5.71 10.48 -2.13
CA GLN A 111 -4.62 11.03 -1.33
C GLN A 111 -4.12 9.93 -0.40
N VAL A 112 -2.94 9.40 -0.70
CA VAL A 112 -2.41 8.29 0.06
C VAL A 112 -1.69 8.77 1.32
N GLU A 113 -1.92 8.08 2.42
CA GLU A 113 -1.33 8.48 3.69
C GLU A 113 -0.36 7.41 4.19
N ALA A 114 0.64 7.83 4.96
CA ALA A 114 1.69 6.94 5.43
C ALA A 114 1.32 6.31 6.78
N GLY A 115 1.36 4.98 6.87
CA GLY A 115 1.04 4.31 8.13
C GLY A 115 0.01 3.21 7.99
N ASP A 116 -0.25 2.82 6.74
CA ASP A 116 -1.24 1.78 6.42
C ASP A 116 -1.09 0.52 7.26
N ALA A 117 -2.22 0.04 7.77
CA ALA A 117 -2.31 -1.26 8.38
C ALA A 117 -2.17 -2.34 7.31
N VAL A 118 -1.02 -2.99 7.27
CA VAL A 118 -0.73 -3.94 6.21
C VAL A 118 -1.07 -5.37 6.61
N SER A 119 -1.64 -6.10 5.68
CA SER A 119 -1.88 -7.52 5.85
C SER A 119 -1.78 -8.20 4.49
N VAL A 120 -1.53 -9.49 4.50
CA VAL A 120 -1.41 -10.24 3.26
C VAL A 120 -2.78 -10.75 2.84
N VAL A 121 -2.98 -10.92 1.54
CA VAL A 121 -4.28 -11.31 1.00
C VAL A 121 -4.60 -12.76 1.40
N GLY A 122 -3.56 -13.53 1.65
CA GLY A 122 -3.74 -14.89 2.14
C GLY A 122 -2.72 -15.25 3.19
N THR A 123 -2.29 -16.50 3.18
CA THR A 123 -1.28 -16.95 4.13
C THR A 123 0.02 -17.28 3.42
N ALA A 124 -0.09 -18.11 2.41
CA ALA A 124 1.04 -18.45 1.57
C ALA A 124 0.69 -18.21 0.11
N GLY A 1 5.93 -15.74 2.45
CA GLY A 1 5.01 -14.95 3.30
C GLY A 1 3.58 -15.42 3.17
N ALA A 2 3.22 -16.46 3.93
CA ALA A 2 1.87 -17.02 3.87
C ALA A 2 1.25 -17.14 5.25
N PHE A 3 1.82 -16.44 6.21
CA PHE A 3 1.31 -16.47 7.58
C PHE A 3 0.11 -15.54 7.74
N GLY A 4 0.11 -14.47 6.95
CA GLY A 4 -0.96 -13.50 7.01
C GLY A 4 -0.79 -12.52 8.16
N GLY A 5 0.45 -12.32 8.57
CA GLY A 5 0.73 -11.46 9.70
C GLY A 5 0.56 -10.00 9.37
N THR A 6 0.38 -9.19 10.41
CA THR A 6 0.20 -7.76 10.27
C THR A 6 1.54 -7.08 10.04
N LEU A 7 1.56 -6.10 9.16
CA LEU A 7 2.76 -5.32 8.89
C LEU A 7 2.39 -3.83 8.89
N THR A 8 3.38 -2.97 8.72
CA THR A 8 3.16 -1.54 8.81
C THR A 8 3.73 -0.82 7.58
N VAL A 9 3.26 0.39 7.33
CA VAL A 9 3.70 1.21 6.20
C VAL A 9 4.51 2.38 6.73
N LYS A 10 5.61 2.72 6.07
CA LYS A 10 6.45 3.81 6.53
C LYS A 10 6.40 4.99 5.57
N THR A 11 6.28 4.72 4.28
CA THR A 11 6.23 5.79 3.29
C THR A 11 4.92 5.74 2.51
N GLN A 12 4.83 6.51 1.44
CA GLN A 12 3.56 6.74 0.77
C GLN A 12 3.52 6.10 -0.60
N PRO A 13 2.56 5.19 -0.82
CA PRO A 13 2.35 4.56 -2.13
C PRO A 13 2.21 5.57 -3.27
N THR A 14 3.27 5.72 -4.06
CA THR A 14 3.21 6.58 -5.24
C THR A 14 4.28 6.23 -6.28
N VAL A 15 3.87 5.74 -7.45
CA VAL A 15 4.76 5.57 -8.60
C VAL A 15 3.97 5.63 -9.92
N THR A 16 4.38 6.52 -10.80
CA THR A 16 3.80 6.68 -12.12
C THR A 16 2.27 6.75 -12.07
N TYR A 17 1.76 7.95 -11.92
CA TYR A 17 0.32 8.15 -11.88
C TYR A 17 -0.18 8.62 -13.24
N ASN A 18 -0.52 7.67 -14.10
CA ASN A 18 -1.08 8.01 -15.39
C ASN A 18 -2.54 7.57 -15.40
N ALA A 19 -3.43 8.52 -15.49
CA ALA A 19 -4.84 8.26 -15.26
C ALA A 19 -5.60 7.99 -16.54
N VAL A 20 -5.43 8.85 -17.53
CA VAL A 20 -6.11 8.71 -18.81
C VAL A 20 -5.63 7.44 -19.53
N LYS A 21 -4.42 7.02 -19.17
CA LYS A 21 -3.83 5.81 -19.74
C LYS A 21 -4.08 4.62 -18.84
N ASP A 22 -4.61 4.93 -17.66
CA ASP A 22 -4.89 3.94 -16.61
C ASP A 22 -3.65 3.14 -16.26
N SER A 23 -2.70 3.80 -15.63
CA SER A 23 -1.46 3.18 -15.22
C SER A 23 -0.98 3.77 -13.90
N TYR A 24 -1.14 3.00 -12.84
CA TYR A 24 -0.79 3.48 -11.50
C TYR A 24 0.09 2.44 -10.80
N GLN A 25 1.28 2.83 -10.37
CA GLN A 25 2.11 1.95 -9.56
C GLN A 25 2.39 2.64 -8.24
N PHE A 26 3.18 2.03 -7.36
CA PHE A 26 3.56 2.71 -6.14
C PHE A 26 4.72 2.01 -5.42
N THR A 27 5.78 2.77 -5.11
CA THR A 27 6.93 2.22 -4.40
C THR A 27 6.82 2.58 -2.94
N VAL A 28 6.98 1.62 -2.05
CA VAL A 28 6.79 1.89 -0.63
C VAL A 28 7.85 1.22 0.24
N THR A 29 8.28 1.93 1.27
CA THR A 29 9.06 1.34 2.33
C THR A 29 8.10 0.92 3.44
N LEU A 30 8.02 -0.37 3.70
CA LEU A 30 7.11 -0.88 4.69
C LEU A 30 7.92 -1.25 5.93
N THR A 31 7.25 -1.46 7.03
CA THR A 31 7.92 -1.74 8.28
C THR A 31 7.27 -2.92 9.03
N GLY A 32 7.87 -4.10 8.91
CA GLY A 32 7.32 -5.27 9.57
C GLY A 32 8.43 -6.10 10.20
N ALA A 33 8.18 -6.63 11.39
CA ALA A 33 9.22 -7.29 12.15
C ALA A 33 8.99 -8.79 12.25
N THR A 34 9.58 -9.52 11.31
CA THR A 34 9.62 -10.96 11.38
C THR A 34 11.07 -11.44 11.27
N ALA A 35 11.62 -11.89 12.39
CA ALA A 35 13.02 -12.28 12.47
C ALA A 35 13.36 -13.46 11.56
N SER A 36 14.54 -13.39 10.95
CA SER A 36 15.11 -14.50 10.21
C SER A 36 14.25 -14.90 9.01
N VAL A 37 13.91 -13.93 8.17
CA VAL A 37 13.18 -14.19 6.93
C VAL A 37 13.78 -13.38 5.79
N THR A 38 14.55 -14.06 4.94
CA THR A 38 15.15 -13.41 3.79
C THR A 38 14.13 -13.25 2.67
N GLY A 39 13.41 -12.13 2.72
CA GLY A 39 12.40 -11.85 1.74
C GLY A 39 11.02 -12.29 2.18
N PHE A 40 10.28 -11.37 2.80
CA PHE A 40 8.87 -11.62 3.15
C PHE A 40 8.12 -12.26 1.99
N LEU A 41 8.10 -11.55 0.87
CA LEU A 41 7.20 -11.86 -0.22
C LEU A 41 7.65 -11.08 -1.46
N LYS A 42 7.58 -11.71 -2.64
CA LYS A 42 8.02 -11.05 -3.87
C LYS A 42 6.94 -11.06 -4.95
N ALA A 43 7.34 -10.64 -6.16
CA ALA A 43 6.45 -10.55 -7.30
C ALA A 43 5.70 -11.84 -7.54
N GLY A 44 4.41 -11.69 -7.72
CA GLY A 44 3.55 -12.83 -7.99
C GLY A 44 2.45 -12.95 -6.97
N ASP A 45 2.77 -12.55 -5.75
CA ASP A 45 1.82 -12.67 -4.64
C ASP A 45 1.29 -11.30 -4.25
N GLN A 46 0.10 -11.28 -3.67
CA GLN A 46 -0.57 -10.03 -3.38
C GLN A 46 -0.73 -9.83 -1.86
N VAL A 47 -0.98 -8.60 -1.49
CA VAL A 47 -1.20 -8.23 -0.10
C VAL A 47 -2.51 -7.50 0.06
N LYS A 48 -2.77 -7.04 1.25
CA LYS A 48 -3.99 -6.30 1.56
C LYS A 48 -3.67 -5.30 2.67
N PHE A 49 -4.10 -4.05 2.55
CA PHE A 49 -3.86 -3.12 3.64
C PHE A 49 -4.98 -2.11 3.80
N THR A 50 -5.20 -1.70 5.04
CA THR A 50 -6.22 -0.74 5.39
C THR A 50 -5.62 0.65 5.47
N ASN A 51 -6.00 1.50 4.52
CA ASN A 51 -5.43 2.85 4.45
C ASN A 51 -6.42 3.88 4.97
N THR A 52 -5.89 4.99 5.45
CA THR A 52 -6.72 6.06 5.96
C THR A 52 -6.42 7.36 5.23
N TYR A 53 -7.36 8.29 5.29
CA TYR A 53 -7.12 9.62 4.76
C TYR A 53 -7.42 10.65 5.83
N TRP A 54 -6.40 11.35 6.28
CA TRP A 54 -6.57 12.45 7.21
C TRP A 54 -5.37 13.38 7.18
N LEU A 55 -4.80 13.55 5.99
CA LEU A 55 -3.72 14.49 5.77
C LEU A 55 -4.18 15.93 5.96
N GLN A 56 -3.25 16.87 5.90
CA GLN A 56 -3.58 18.29 6.10
C GLN A 56 -4.65 18.75 5.11
N GLN A 57 -4.44 18.46 3.83
CA GLN A 57 -5.40 18.83 2.81
C GLN A 57 -6.68 18.02 2.96
N GLN A 58 -6.49 16.73 3.15
CA GLN A 58 -7.61 15.79 3.25
C GLN A 58 -8.57 16.16 4.38
N THR A 59 -8.05 16.59 5.52
CA THR A 59 -8.89 16.94 6.65
C THR A 59 -9.72 18.19 6.36
N LYS A 60 -9.23 19.04 5.48
CA LYS A 60 -9.93 20.28 5.13
C LYS A 60 -11.00 20.02 4.08
N GLN A 61 -10.74 19.03 3.23
CA GLN A 61 -11.67 18.68 2.16
C GLN A 61 -12.70 17.68 2.67
N ALA A 62 -12.43 17.10 3.83
CA ALA A 62 -13.31 16.10 4.41
C ALA A 62 -14.43 16.76 5.21
N LEU A 63 -15.58 16.11 5.22
CA LEU A 63 -16.72 16.58 5.99
C LEU A 63 -16.81 15.79 7.30
N TYR A 64 -15.87 14.86 7.45
CA TYR A 64 -15.76 14.01 8.64
C TYR A 64 -16.94 13.05 8.75
N ASN A 65 -16.67 11.79 8.42
CA ASN A 65 -17.67 10.75 8.50
C ASN A 65 -17.57 10.06 9.85
N GLY A 66 -16.37 10.09 10.40
CA GLY A 66 -16.11 9.45 11.67
C GLY A 66 -14.86 8.60 11.62
N ALA A 67 -14.72 7.88 10.51
CA ALA A 67 -13.58 7.01 10.30
C ALA A 67 -13.42 6.76 8.82
N THR A 68 -12.19 6.45 8.41
CA THR A 68 -11.92 6.10 7.03
C THR A 68 -11.52 4.62 6.95
N PRO A 69 -12.52 3.72 6.86
CA PRO A 69 -12.29 2.28 6.83
C PRO A 69 -12.16 1.75 5.39
N ILE A 70 -11.18 2.25 4.66
CA ILE A 70 -10.95 1.81 3.29
C ILE A 70 -9.95 0.67 3.27
N SER A 71 -10.25 -0.37 2.51
CA SER A 71 -9.41 -1.55 2.46
C SER A 71 -9.32 -2.05 1.02
N PHE A 72 -8.15 -2.54 0.62
CA PHE A 72 -7.99 -3.09 -0.72
C PHE A 72 -6.77 -3.98 -0.80
N THR A 73 -6.75 -4.79 -1.85
CA THR A 73 -5.66 -5.72 -2.09
C THR A 73 -4.56 -5.06 -2.92
N ALA A 74 -3.33 -5.11 -2.43
CA ALA A 74 -2.19 -4.56 -3.15
C ALA A 74 -1.33 -5.69 -3.68
N THR A 75 -0.29 -5.38 -4.43
CA THR A 75 0.55 -6.43 -4.99
C THR A 75 2.04 -6.15 -4.85
N VAL A 76 2.73 -7.08 -4.21
CA VAL A 76 4.17 -7.04 -4.06
C VAL A 76 4.82 -7.47 -5.37
N THR A 77 5.69 -6.65 -5.92
CA THR A 77 6.18 -6.92 -7.26
C THR A 77 7.70 -6.80 -7.37
N ALA A 78 8.37 -6.84 -6.23
CA ALA A 78 9.83 -6.70 -6.22
C ALA A 78 10.44 -7.41 -5.03
N ASP A 79 11.74 -7.24 -4.85
CA ASP A 79 12.44 -7.84 -3.74
C ASP A 79 12.04 -7.15 -2.46
N ALA A 80 11.87 -7.94 -1.43
CA ALA A 80 11.46 -7.44 -0.12
C ALA A 80 12.29 -8.10 0.97
N ASN A 81 12.21 -7.58 2.19
CA ASN A 81 13.02 -8.11 3.28
C ASN A 81 12.23 -8.15 4.57
N SER A 82 12.66 -9.00 5.50
CA SER A 82 12.08 -9.06 6.82
C SER A 82 13.16 -9.24 7.87
N ASP A 83 13.60 -8.14 8.45
CA ASP A 83 14.49 -8.21 9.59
C ASP A 83 13.72 -7.81 10.84
N SER A 84 14.16 -8.30 11.98
CA SER A 84 13.42 -8.15 13.22
C SER A 84 13.39 -6.71 13.71
N GLY A 85 14.14 -5.84 13.05
CA GLY A 85 14.10 -4.43 13.37
C GLY A 85 12.85 -3.78 12.84
N GLY A 86 12.07 -4.56 12.11
CA GLY A 86 10.80 -4.08 11.61
C GLY A 86 10.88 -3.33 10.30
N ASP A 87 11.67 -3.84 9.35
CA ASP A 87 11.80 -3.19 8.05
C ASP A 87 11.48 -4.14 6.90
N VAL A 88 10.74 -3.63 5.92
CA VAL A 88 10.43 -4.36 4.67
C VAL A 88 10.11 -3.39 3.52
N THR A 89 11.03 -3.25 2.58
CA THR A 89 10.80 -2.33 1.47
C THR A 89 10.49 -3.08 0.17
N VAL A 90 9.42 -2.68 -0.51
CA VAL A 90 9.09 -3.24 -1.83
C VAL A 90 8.15 -2.31 -2.60
N THR A 91 8.29 -2.29 -3.90
CA THR A 91 7.40 -1.55 -4.76
C THR A 91 6.17 -2.38 -5.10
N LEU A 92 5.06 -1.71 -5.31
CA LEU A 92 3.80 -2.37 -5.60
C LEU A 92 3.20 -1.82 -6.89
N SER A 93 2.22 -2.53 -7.44
CA SER A 93 1.58 -2.10 -8.66
C SER A 93 0.06 -2.15 -8.51
N GLY A 94 -0.61 -1.09 -8.95
CA GLY A 94 -2.07 -1.09 -8.99
C GLY A 94 -2.73 -0.58 -7.72
N VAL A 95 -3.23 0.65 -7.78
CA VAL A 95 -3.93 1.26 -6.64
C VAL A 95 -5.30 1.78 -7.06
N PRO A 96 -6.32 1.66 -6.18
CA PRO A 96 -7.65 2.22 -6.42
C PRO A 96 -7.64 3.75 -6.34
N ILE A 97 -7.70 4.39 -7.49
CA ILE A 97 -7.65 5.83 -7.59
C ILE A 97 -9.07 6.40 -7.68
N TYR A 98 -9.17 7.73 -7.73
CA TYR A 98 -10.44 8.45 -7.86
C TYR A 98 -11.18 8.49 -6.53
N ASP A 99 -11.24 7.35 -5.85
CA ASP A 99 -11.90 7.25 -4.55
C ASP A 99 -13.33 7.75 -4.63
N THR A 100 -14.14 7.00 -5.39
CA THR A 100 -15.51 7.36 -5.61
C THR A 100 -16.46 6.58 -4.71
N THR A 101 -15.88 5.90 -3.72
CA THR A 101 -16.67 5.04 -2.86
C THR A 101 -16.96 5.72 -1.54
N ASN A 102 -15.92 6.27 -0.92
CA ASN A 102 -16.04 6.89 0.38
C ASN A 102 -16.75 8.26 0.30
N PRO A 103 -16.26 9.21 -0.53
CA PRO A 103 -16.84 10.55 -0.61
C PRO A 103 -18.03 10.60 -1.56
N GLN A 104 -18.25 9.50 -2.26
CA GLN A 104 -19.37 9.35 -3.22
C GLN A 104 -19.33 10.40 -4.33
N TYR A 105 -19.75 11.61 -4.01
CA TYR A 105 -19.91 12.67 -5.00
C TYR A 105 -18.80 13.70 -4.89
N ASN A 106 -18.11 13.71 -3.76
CA ASN A 106 -17.12 14.73 -3.47
C ASN A 106 -15.73 14.13 -3.50
N SER A 107 -15.42 13.45 -4.58
CA SER A 107 -14.15 12.77 -4.72
C SER A 107 -13.03 13.73 -5.12
N VAL A 108 -12.71 14.65 -4.21
CA VAL A 108 -11.60 15.57 -4.41
C VAL A 108 -10.30 14.77 -4.45
N SER A 109 -9.41 15.15 -5.37
CA SER A 109 -8.15 14.43 -5.55
C SER A 109 -7.34 14.41 -4.26
N ARG A 110 -7.31 13.24 -3.64
CA ARG A 110 -6.63 13.07 -2.36
C ARG A 110 -5.15 12.79 -2.56
N GLN A 111 -4.35 13.13 -1.56
CA GLN A 111 -2.93 12.78 -1.58
C GLN A 111 -2.75 11.47 -0.82
N VAL A 112 -1.70 10.75 -1.15
CA VAL A 112 -1.45 9.45 -0.54
C VAL A 112 -0.87 9.62 0.87
N GLU A 113 -1.26 8.72 1.77
CA GLU A 113 -0.89 8.83 3.17
C GLU A 113 -0.07 7.61 3.61
N ALA A 114 0.90 7.84 4.49
CA ALA A 114 1.75 6.76 5.02
C ALA A 114 1.28 6.35 6.42
N GLY A 115 1.53 5.09 6.79
CA GLY A 115 1.26 4.65 8.15
C GLY A 115 0.12 3.65 8.25
N ASP A 116 -0.30 3.13 7.11
CA ASP A 116 -1.44 2.21 7.06
C ASP A 116 -1.07 0.84 7.64
N ALA A 117 -2.09 0.01 7.86
CA ALA A 117 -1.88 -1.32 8.42
C ALA A 117 -1.86 -2.38 7.31
N VAL A 118 -0.76 -3.12 7.24
CA VAL A 118 -0.53 -4.06 6.15
C VAL A 118 -0.84 -5.50 6.55
N SER A 119 -1.36 -6.26 5.59
CA SER A 119 -1.65 -7.67 5.76
C SER A 119 -1.52 -8.39 4.41
N VAL A 120 -1.74 -9.69 4.40
CA VAL A 120 -1.57 -10.49 3.19
C VAL A 120 -2.92 -10.99 2.69
N VAL A 121 -3.09 -11.04 1.36
CA VAL A 121 -4.38 -11.41 0.76
C VAL A 121 -4.69 -12.89 1.01
N GLY A 122 -3.65 -13.68 1.22
CA GLY A 122 -3.82 -15.08 1.49
C GLY A 122 -4.01 -15.34 2.97
N THR A 123 -5.27 -15.26 3.41
CA THR A 123 -5.70 -15.46 4.79
C THR A 123 -5.07 -14.46 5.75
N ALA A 124 -5.95 -13.68 6.36
CA ALA A 124 -5.55 -12.67 7.32
C ALA A 124 -6.70 -12.38 8.27
N GLY A 1 -11.40 -17.13 4.12
CA GLY A 1 -10.42 -16.07 3.76
C GLY A 1 -9.00 -16.57 3.82
N ALA A 2 -8.09 -15.74 4.28
CA ALA A 2 -6.69 -16.13 4.41
C ALA A 2 -6.01 -15.31 5.50
N PHE A 3 -5.59 -14.09 5.16
CA PHE A 3 -4.90 -13.21 6.10
C PHE A 3 -3.68 -13.93 6.70
N GLY A 4 -3.22 -13.49 7.86
CA GLY A 4 -2.11 -14.14 8.52
C GLY A 4 -0.95 -13.20 8.76
N GLY A 5 -0.79 -12.23 7.89
CA GLY A 5 0.33 -11.31 8.00
C GLY A 5 -0.12 -9.87 8.21
N THR A 6 0.56 -9.19 9.11
CA THR A 6 0.29 -7.78 9.40
C THR A 6 1.59 -6.99 9.35
N LEU A 7 1.59 -5.88 8.63
CA LEU A 7 2.78 -5.05 8.51
C LEU A 7 2.40 -3.58 8.65
N THR A 8 3.39 -2.71 8.53
CA THR A 8 3.20 -1.29 8.81
C THR A 8 3.67 -0.41 7.65
N VAL A 9 3.10 0.78 7.53
CA VAL A 9 3.47 1.73 6.48
C VAL A 9 4.20 2.92 7.08
N LYS A 10 5.32 3.32 6.48
CA LYS A 10 6.05 4.48 6.93
C LYS A 10 6.28 5.49 5.81
N THR A 11 5.58 5.29 4.70
CA THR A 11 5.72 6.17 3.55
C THR A 11 4.39 6.33 2.84
N GLN A 12 4.41 6.98 1.68
CA GLN A 12 3.19 7.30 0.96
C GLN A 12 3.19 6.52 -0.34
N PRO A 13 2.07 5.89 -0.70
CA PRO A 13 1.92 5.23 -2.00
C PRO A 13 2.04 6.22 -3.14
N THR A 14 3.19 6.19 -3.84
CA THR A 14 3.41 7.13 -4.93
C THR A 14 4.45 6.61 -5.95
N VAL A 15 3.96 6.14 -7.10
CA VAL A 15 4.81 5.79 -8.25
C VAL A 15 3.99 5.85 -9.56
N THR A 16 4.67 5.69 -10.70
CA THR A 16 4.11 5.82 -12.05
C THR A 16 2.59 5.63 -12.14
N TYR A 17 1.90 6.70 -12.51
CA TYR A 17 0.46 6.66 -12.72
C TYR A 17 0.17 6.84 -14.20
N ASN A 18 0.25 5.74 -14.95
CA ASN A 18 0.10 5.78 -16.39
C ASN A 18 -1.28 5.28 -16.73
N ALA A 19 -2.19 6.20 -16.99
CA ALA A 19 -3.61 5.88 -16.97
C ALA A 19 -4.09 5.36 -18.32
N VAL A 20 -3.74 6.05 -19.39
CA VAL A 20 -4.13 5.64 -20.72
C VAL A 20 -3.44 4.32 -21.06
N LYS A 21 -2.33 4.07 -20.37
CA LYS A 21 -1.58 2.85 -20.56
C LYS A 21 -1.99 1.77 -19.56
N ASP A 22 -2.84 2.20 -18.63
CA ASP A 22 -3.35 1.35 -17.55
C ASP A 22 -2.22 0.71 -16.76
N SER A 23 -1.38 1.55 -16.20
CA SER A 23 -0.27 1.11 -15.39
C SER A 23 -0.17 1.98 -14.14
N TYR A 24 -0.62 1.44 -13.02
CA TYR A 24 -0.63 2.17 -11.77
C TYR A 24 0.20 1.42 -10.74
N GLN A 25 1.28 2.03 -10.27
CA GLN A 25 2.08 1.39 -9.24
C GLN A 25 2.39 2.40 -8.16
N PHE A 26 2.73 1.94 -6.97
CA PHE A 26 3.21 2.84 -5.94
C PHE A 26 4.35 2.21 -5.15
N THR A 27 5.37 3.00 -4.83
CA THR A 27 6.50 2.49 -4.07
C THR A 27 6.32 2.83 -2.62
N VAL A 28 6.58 1.89 -1.74
CA VAL A 28 6.40 2.14 -0.32
C VAL A 28 7.48 1.46 0.53
N THR A 29 7.94 2.16 1.56
CA THR A 29 8.77 1.58 2.59
C THR A 29 7.87 0.98 3.66
N LEU A 30 7.90 -0.33 3.80
CA LEU A 30 7.03 -1.00 4.74
C LEU A 30 7.83 -1.42 5.96
N THR A 31 7.14 -1.73 7.02
CA THR A 31 7.78 -2.24 8.21
C THR A 31 7.14 -3.58 8.59
N GLY A 32 7.95 -4.52 9.04
CA GLY A 32 7.46 -5.84 9.34
C GLY A 32 8.06 -6.41 10.60
N ALA A 33 8.32 -7.71 10.60
CA ALA A 33 8.80 -8.39 11.79
C ALA A 33 10.27 -8.73 11.70
N THR A 34 10.74 -9.45 12.70
CA THR A 34 12.15 -9.74 12.89
C THR A 34 12.67 -10.74 11.84
N ALA A 35 13.95 -11.10 11.95
CA ALA A 35 14.60 -12.02 11.03
C ALA A 35 13.97 -13.42 11.07
N SER A 36 14.56 -14.34 10.31
CA SER A 36 14.04 -15.71 10.13
C SER A 36 12.91 -15.72 9.09
N VAL A 37 12.68 -14.59 8.44
CA VAL A 37 11.79 -14.53 7.30
C VAL A 37 12.53 -13.91 6.11
N THR A 38 13.17 -14.77 5.33
CA THR A 38 13.95 -14.32 4.19
C THR A 38 13.02 -13.92 3.04
N GLY A 39 12.81 -12.61 2.91
CA GLY A 39 11.91 -12.10 1.92
C GLY A 39 10.46 -12.46 2.19
N PHE A 40 9.73 -11.57 2.87
CA PHE A 40 8.30 -11.75 3.09
C PHE A 40 7.61 -12.24 1.83
N LEU A 41 7.70 -11.45 0.76
CA LEU A 41 7.01 -11.72 -0.49
C LEU A 41 7.85 -11.19 -1.64
N LYS A 42 7.58 -11.65 -2.86
CA LYS A 42 8.34 -11.20 -4.02
C LYS A 42 7.43 -10.92 -5.21
N ALA A 43 8.04 -10.76 -6.37
CA ALA A 43 7.33 -10.39 -7.59
C ALA A 43 6.16 -11.33 -7.86
N GLY A 44 4.96 -10.78 -7.77
CA GLY A 44 3.77 -11.55 -8.08
C GLY A 44 2.94 -11.87 -6.86
N ASP A 45 3.56 -11.74 -5.69
CA ASP A 45 2.87 -12.01 -4.43
C ASP A 45 1.98 -10.83 -4.07
N GLN A 46 0.84 -11.10 -3.48
CA GLN A 46 -0.11 -10.06 -3.21
C GLN A 46 -0.25 -9.80 -1.71
N VAL A 47 -0.65 -8.59 -1.38
CA VAL A 47 -0.85 -8.21 0.00
C VAL A 47 -2.26 -7.74 0.23
N LYS A 48 -2.51 -7.31 1.44
CA LYS A 48 -3.78 -6.77 1.81
C LYS A 48 -3.57 -5.38 2.40
N PHE A 49 -3.59 -4.37 1.55
CA PHE A 49 -3.22 -3.02 1.95
C PHE A 49 -4.42 -2.34 2.62
N THR A 50 -4.20 -1.79 3.80
CA THR A 50 -5.25 -1.14 4.54
C THR A 50 -4.89 0.34 4.77
N ASN A 51 -5.24 1.17 3.81
CA ASN A 51 -4.86 2.59 3.85
C ASN A 51 -5.96 3.41 4.49
N THR A 52 -5.60 4.53 5.10
CA THR A 52 -6.55 5.39 5.77
C THR A 52 -7.21 6.35 4.78
N TYR A 53 -8.51 6.47 4.86
CA TYR A 53 -9.25 7.27 3.90
C TYR A 53 -9.22 8.75 4.27
N TRP A 54 -8.60 9.52 3.41
CA TRP A 54 -8.43 10.95 3.63
C TRP A 54 -8.45 11.70 2.30
N LEU A 55 -8.14 10.99 1.23
CA LEU A 55 -8.06 11.59 -0.09
C LEU A 55 -9.41 11.53 -0.81
N GLN A 56 -10.48 11.42 -0.04
CA GLN A 56 -11.82 11.34 -0.60
C GLN A 56 -12.36 12.73 -0.91
N GLN A 57 -12.66 13.48 0.14
CA GLN A 57 -13.28 14.79 0.03
C GLN A 57 -12.23 15.87 0.07
N GLN A 58 -11.13 15.56 0.73
CA GLN A 58 -10.09 16.54 0.98
C GLN A 58 -9.10 16.65 -0.18
N THR A 59 -9.45 16.08 -1.33
CA THR A 59 -8.58 16.16 -2.49
C THR A 59 -9.00 17.29 -3.43
N LYS A 60 -10.02 17.03 -4.25
CA LYS A 60 -10.49 18.03 -5.21
C LYS A 60 -11.88 18.53 -4.82
N GLN A 61 -12.88 17.73 -5.17
CA GLN A 61 -14.28 18.01 -4.88
C GLN A 61 -15.06 16.73 -5.03
N ALA A 62 -15.11 15.99 -3.95
CA ALA A 62 -15.71 14.67 -3.95
C ALA A 62 -17.20 14.73 -4.22
N LEU A 63 -17.98 15.09 -3.19
CA LEU A 63 -19.43 15.00 -3.25
C LEU A 63 -19.82 13.58 -3.65
N TYR A 64 -19.05 12.62 -3.13
CA TYR A 64 -19.22 11.20 -3.43
C TYR A 64 -18.97 10.93 -4.91
N ASN A 65 -17.73 10.58 -5.21
CA ASN A 65 -17.28 10.38 -6.58
C ASN A 65 -16.23 9.28 -6.66
N GLY A 66 -15.39 9.20 -5.64
CA GLY A 66 -14.38 8.17 -5.59
C GLY A 66 -14.25 7.60 -4.21
N ALA A 67 -13.02 7.53 -3.72
CA ALA A 67 -12.72 6.93 -2.44
C ALA A 67 -11.22 6.94 -2.20
N THR A 68 -10.83 6.33 -1.10
CA THR A 68 -9.43 6.10 -0.78
C THR A 68 -9.29 4.69 -0.23
N PRO A 69 -8.78 3.76 -1.06
CA PRO A 69 -8.74 2.32 -0.77
C PRO A 69 -8.36 1.99 0.68
N ILE A 70 -9.35 1.60 1.47
CA ILE A 70 -9.15 1.32 2.89
C ILE A 70 -8.74 -0.13 3.12
N SER A 71 -9.15 -1.01 2.21
CA SER A 71 -8.84 -2.43 2.34
C SER A 71 -8.90 -3.09 0.97
N PHE A 72 -7.75 -3.21 0.31
CA PHE A 72 -7.68 -3.81 -1.01
C PHE A 72 -6.43 -4.67 -1.12
N THR A 73 -6.43 -5.57 -2.08
CA THR A 73 -5.28 -6.41 -2.29
C THR A 73 -4.28 -5.75 -3.24
N ALA A 74 -3.13 -5.37 -2.70
CA ALA A 74 -2.07 -4.79 -3.49
C ALA A 74 -1.06 -5.87 -3.86
N THR A 75 0.01 -5.51 -4.56
CA THR A 75 0.94 -6.53 -5.03
C THR A 75 2.40 -6.13 -4.84
N VAL A 76 3.17 -7.06 -4.28
CA VAL A 76 4.60 -6.91 -4.13
C VAL A 76 5.27 -7.21 -5.47
N THR A 77 6.17 -6.35 -5.91
CA THR A 77 6.63 -6.43 -7.29
C THR A 77 8.09 -6.87 -7.39
N ALA A 78 8.73 -7.16 -6.27
CA ALA A 78 10.13 -7.56 -6.27
C ALA A 78 10.57 -8.06 -4.91
N ASP A 79 11.89 -8.18 -4.76
CA ASP A 79 12.50 -8.65 -3.54
C ASP A 79 12.07 -7.83 -2.35
N ALA A 80 11.94 -8.52 -1.23
CA ALA A 80 11.53 -7.90 0.01
C ALA A 80 12.38 -8.45 1.17
N ASN A 81 12.21 -7.89 2.34
CA ASN A 81 13.11 -8.18 3.45
C ASN A 81 12.39 -8.17 4.80
N SER A 82 12.53 -9.21 5.60
CA SER A 82 12.14 -9.14 7.00
C SER A 82 13.37 -9.35 7.88
N ASP A 83 13.99 -8.26 8.31
CA ASP A 83 15.19 -8.36 9.14
C ASP A 83 14.87 -8.06 10.60
N SER A 84 15.89 -8.06 11.45
CA SER A 84 15.68 -7.83 12.87
C SER A 84 15.08 -6.45 13.13
N GLY A 85 15.40 -5.50 12.27
CA GLY A 85 14.87 -4.16 12.41
C GLY A 85 13.44 -4.05 11.93
N GLY A 86 12.89 -5.18 11.48
CA GLY A 86 11.53 -5.22 11.00
C GLY A 86 11.26 -4.23 9.88
N ASP A 87 12.18 -4.10 8.94
CA ASP A 87 12.01 -3.15 7.85
C ASP A 87 11.92 -3.86 6.50
N VAL A 88 10.88 -3.57 5.74
CA VAL A 88 10.66 -4.18 4.44
C VAL A 88 10.26 -3.13 3.39
N THR A 89 11.18 -2.78 2.52
CA THR A 89 10.89 -1.79 1.49
C THR A 89 10.70 -2.46 0.13
N VAL A 90 9.53 -2.27 -0.48
CA VAL A 90 9.26 -2.80 -1.81
C VAL A 90 8.13 -2.02 -2.47
N THR A 91 8.17 -1.93 -3.78
CA THR A 91 7.16 -1.22 -4.54
C THR A 91 5.97 -2.12 -4.81
N LEU A 92 4.80 -1.53 -4.95
CA LEU A 92 3.58 -2.27 -5.18
C LEU A 92 3.01 -1.96 -6.56
N SER A 93 2.58 -3.01 -7.25
CA SER A 93 2.14 -2.86 -8.63
C SER A 93 0.64 -3.15 -8.79
N GLY A 94 0.06 -2.56 -9.83
CA GLY A 94 -1.35 -2.81 -10.15
C GLY A 94 -2.28 -2.14 -9.16
N VAL A 95 -1.93 -0.93 -8.76
CA VAL A 95 -2.60 -0.25 -7.67
C VAL A 95 -2.73 1.25 -7.94
N PRO A 96 -3.97 1.74 -8.13
CA PRO A 96 -4.24 3.13 -8.45
C PRO A 96 -4.45 4.02 -7.21
N ILE A 97 -3.38 4.54 -6.66
CA ILE A 97 -3.48 5.46 -5.54
C ILE A 97 -2.69 6.75 -5.81
N TYR A 98 -3.40 7.80 -6.18
CA TYR A 98 -2.82 9.12 -6.37
C TYR A 98 -3.83 10.22 -6.07
N ASP A 99 -3.38 11.24 -5.36
CA ASP A 99 -4.22 12.36 -5.00
C ASP A 99 -3.79 13.62 -5.77
N THR A 100 -2.49 13.91 -5.78
CA THR A 100 -1.96 15.13 -6.36
C THR A 100 -2.73 16.36 -5.88
N THR A 101 -2.80 16.53 -4.57
CA THR A 101 -3.53 17.64 -3.98
C THR A 101 -2.63 18.85 -3.81
N ASN A 102 -1.65 18.75 -2.89
CA ASN A 102 -0.71 19.81 -2.57
C ASN A 102 -1.27 21.22 -2.76
N PRO A 103 -2.09 21.74 -1.82
CA PRO A 103 -2.57 23.11 -1.88
C PRO A 103 -1.48 24.10 -1.52
N GLN A 104 -1.82 25.36 -1.53
CA GLN A 104 -0.83 26.44 -1.45
C GLN A 104 -0.75 27.03 -0.06
N TYR A 105 -1.10 26.23 0.92
CA TYR A 105 -1.03 26.66 2.32
C TYR A 105 0.41 26.94 2.71
N ASN A 106 1.27 25.96 2.53
CA ASN A 106 2.69 26.15 2.81
C ASN A 106 3.54 25.46 1.74
N SER A 107 2.84 24.76 0.83
CA SER A 107 3.48 24.01 -0.25
C SER A 107 4.39 22.94 0.33
N VAL A 108 3.84 22.13 1.23
CA VAL A 108 4.61 21.07 1.89
C VAL A 108 4.50 19.77 1.13
N SER A 109 4.08 19.88 -0.13
CA SER A 109 3.90 18.73 -1.01
C SER A 109 2.91 17.74 -0.39
N ARG A 110 1.70 18.22 -0.11
CA ARG A 110 0.67 17.37 0.48
C ARG A 110 0.22 16.30 -0.51
N GLN A 111 0.49 15.04 -0.18
CA GLN A 111 0.16 13.92 -1.05
C GLN A 111 -0.57 12.85 -0.26
N VAL A 112 -0.65 11.66 -0.82
CA VAL A 112 -1.24 10.49 -0.16
C VAL A 112 -0.75 10.38 1.29
N GLU A 113 -1.54 9.75 2.14
CA GLU A 113 -1.36 9.83 3.58
C GLU A 113 -0.59 8.62 4.11
N ALA A 114 0.24 8.87 5.13
CA ALA A 114 1.01 7.81 5.78
C ALA A 114 0.33 7.36 7.07
N GLY A 115 0.85 6.29 7.66
CA GLY A 115 0.40 5.90 8.99
C GLY A 115 -0.66 4.82 8.96
N ASP A 116 -0.88 4.25 7.79
CA ASP A 116 -1.84 3.19 7.61
C ASP A 116 -1.21 1.82 7.87
N ALA A 117 -1.98 0.76 7.66
CA ALA A 117 -1.56 -0.57 8.05
C ALA A 117 -1.49 -1.51 6.85
N VAL A 118 -0.53 -2.43 6.90
CA VAL A 118 -0.34 -3.39 5.83
C VAL A 118 -0.75 -4.78 6.30
N SER A 119 -1.20 -5.60 5.38
CA SER A 119 -1.54 -6.98 5.66
C SER A 119 -1.18 -7.83 4.45
N VAL A 120 -1.36 -9.15 4.57
CA VAL A 120 -1.00 -10.08 3.50
C VAL A 120 -2.24 -10.81 3.01
N VAL A 121 -2.34 -11.01 1.70
CA VAL A 121 -3.53 -11.60 1.11
C VAL A 121 -3.64 -13.07 1.49
N GLY A 122 -2.50 -13.69 1.74
CA GLY A 122 -2.46 -15.08 2.15
C GLY A 122 -1.03 -15.59 2.20
N THR A 123 -0.75 -16.64 1.45
CA THR A 123 0.59 -17.18 1.37
C THR A 123 0.90 -17.64 -0.06
N ALA A 124 0.01 -18.50 -0.55
CA ALA A 124 0.13 -19.07 -1.89
C ALA A 124 1.46 -19.80 -2.05
N GLY A 1 9.06 -15.62 13.97
CA GLY A 1 9.05 -14.87 12.69
C GLY A 1 7.72 -14.16 12.48
N ALA A 2 7.22 -14.22 11.25
CA ALA A 2 5.97 -13.58 10.90
C ALA A 2 5.26 -14.38 9.81
N PHE A 3 4.09 -14.90 10.13
CA PHE A 3 3.36 -15.78 9.24
C PHE A 3 2.44 -15.00 8.31
N GLY A 4 2.71 -13.73 8.13
CA GLY A 4 1.90 -12.91 7.24
C GLY A 4 0.79 -12.22 7.97
N GLY A 5 1.04 -11.87 9.23
CA GLY A 5 0.08 -11.14 10.02
C GLY A 5 0.00 -9.67 9.65
N THR A 6 -0.15 -8.82 10.64
CA THR A 6 -0.22 -7.38 10.42
C THR A 6 1.16 -6.81 10.12
N LEU A 7 1.19 -5.82 9.24
CA LEU A 7 2.39 -5.06 8.97
C LEU A 7 2.02 -3.58 8.92
N THR A 8 2.98 -2.72 8.67
CA THR A 8 2.76 -1.29 8.77
C THR A 8 3.23 -0.54 7.51
N VAL A 9 2.59 0.57 7.20
CA VAL A 9 3.00 1.44 6.11
C VAL A 9 3.81 2.60 6.66
N LYS A 10 5.13 2.58 6.46
CA LYS A 10 5.99 3.58 7.08
C LYS A 10 6.22 4.77 6.14
N THR A 11 5.92 4.57 4.87
CA THR A 11 6.11 5.63 3.89
C THR A 11 4.87 5.81 3.03
N GLN A 12 4.99 6.58 1.97
CA GLN A 12 3.85 7.00 1.19
C GLN A 12 3.80 6.23 -0.13
N PRO A 13 2.70 5.49 -0.37
CA PRO A 13 2.55 4.70 -1.60
C PRO A 13 2.43 5.60 -2.83
N THR A 14 3.48 5.67 -3.62
CA THR A 14 3.48 6.55 -4.77
C THR A 14 4.44 6.08 -5.88
N VAL A 15 3.87 5.86 -7.06
CA VAL A 15 4.60 5.69 -8.31
C VAL A 15 3.67 6.07 -9.46
N THR A 16 4.19 6.10 -10.68
CA THR A 16 3.47 6.51 -11.89
C THR A 16 1.94 6.36 -11.79
N TYR A 17 1.27 7.51 -11.74
CA TYR A 17 -0.19 7.57 -11.73
C TYR A 17 -0.68 7.99 -13.11
N ASN A 18 -1.28 7.05 -13.83
CA ASN A 18 -1.80 7.33 -15.15
C ASN A 18 -3.28 6.98 -15.16
N ALA A 19 -4.10 7.99 -14.93
CA ALA A 19 -5.49 7.77 -14.54
C ALA A 19 -6.38 7.52 -15.73
N VAL A 20 -6.29 8.38 -16.72
CA VAL A 20 -7.09 8.23 -17.94
C VAL A 20 -6.71 6.93 -18.65
N LYS A 21 -5.51 6.46 -18.35
CA LYS A 21 -4.98 5.27 -18.96
C LYS A 21 -5.20 4.04 -18.07
N ASP A 22 -5.68 4.33 -16.86
CA ASP A 22 -5.98 3.32 -15.85
C ASP A 22 -4.74 2.51 -15.47
N SER A 23 -3.72 3.22 -15.01
CA SER A 23 -2.49 2.56 -14.58
C SER A 23 -1.96 3.24 -13.32
N TYR A 24 -1.98 2.53 -12.21
CA TYR A 24 -1.53 3.06 -10.95
C TYR A 24 -0.54 2.11 -10.28
N GLN A 25 0.73 2.49 -10.22
CA GLN A 25 1.71 1.70 -9.49
C GLN A 25 2.20 2.52 -8.30
N PHE A 26 2.86 1.90 -7.34
CA PHE A 26 3.29 2.61 -6.15
C PHE A 26 4.47 1.95 -5.44
N THR A 27 5.54 2.69 -5.20
CA THR A 27 6.68 2.18 -4.46
C THR A 27 6.53 2.54 -3.01
N VAL A 28 6.74 1.58 -2.12
CA VAL A 28 6.58 1.88 -0.70
C VAL A 28 7.64 1.19 0.16
N THR A 29 8.07 1.89 1.19
CA THR A 29 8.82 1.29 2.27
C THR A 29 7.85 0.91 3.39
N LEU A 30 7.69 -0.38 3.60
CA LEU A 30 6.73 -0.86 4.57
C LEU A 30 7.48 -1.28 5.82
N THR A 31 6.77 -1.52 6.89
CA THR A 31 7.38 -1.96 8.13
C THR A 31 6.80 -3.31 8.53
N GLY A 32 7.65 -4.20 9.05
CA GLY A 32 7.21 -5.54 9.35
C GLY A 32 7.84 -6.06 10.63
N ALA A 33 8.16 -7.35 10.64
CA ALA A 33 8.64 -8.00 11.84
C ALA A 33 10.13 -8.35 11.73
N THR A 34 10.61 -9.06 12.74
CA THR A 34 12.03 -9.36 12.89
C THR A 34 12.56 -10.29 11.78
N ALA A 35 13.87 -10.51 11.81
CA ALA A 35 14.57 -11.35 10.84
C ALA A 35 14.07 -12.80 10.82
N SER A 36 14.74 -13.64 10.03
CA SER A 36 14.39 -15.05 9.84
C SER A 36 13.26 -15.22 8.83
N VAL A 37 12.93 -14.14 8.14
CA VAL A 37 12.07 -14.21 6.98
C VAL A 37 12.76 -13.49 5.82
N THR A 38 13.55 -14.24 5.06
CA THR A 38 14.30 -13.67 3.96
C THR A 38 13.38 -13.31 2.80
N GLY A 39 13.01 -12.04 2.74
CA GLY A 39 12.01 -11.58 1.81
C GLY A 39 10.63 -12.11 2.16
N PHE A 40 9.82 -11.28 2.82
CA PHE A 40 8.41 -11.62 3.05
C PHE A 40 7.77 -12.20 1.79
N LEU A 41 7.77 -11.40 0.73
CA LEU A 41 7.09 -11.74 -0.51
C LEU A 41 7.84 -11.13 -1.68
N LYS A 42 7.55 -11.57 -2.90
CA LYS A 42 8.20 -11.06 -4.10
C LYS A 42 7.22 -10.92 -5.26
N ALA A 43 7.76 -10.71 -6.46
CA ALA A 43 6.97 -10.50 -7.66
C ALA A 43 5.91 -11.57 -7.85
N GLY A 44 4.66 -11.18 -7.74
CA GLY A 44 3.56 -12.08 -7.94
C GLY A 44 2.82 -12.38 -6.67
N ASP A 45 3.45 -12.09 -5.54
CA ASP A 45 2.84 -12.31 -4.24
C ASP A 45 1.94 -11.14 -3.89
N GLN A 46 0.85 -11.41 -3.20
CA GLN A 46 -0.14 -10.39 -2.93
C GLN A 46 -0.29 -10.13 -1.44
N VAL A 47 -0.56 -8.88 -1.11
CA VAL A 47 -0.72 -8.46 0.27
C VAL A 47 -2.09 -7.82 0.44
N LYS A 48 -2.35 -7.39 1.65
CA LYS A 48 -3.56 -6.66 1.98
C LYS A 48 -3.16 -5.35 2.64
N PHE A 49 -3.82 -4.26 2.32
CA PHE A 49 -3.48 -2.99 2.96
C PHE A 49 -4.72 -2.13 3.13
N THR A 50 -4.65 -1.23 4.07
CA THR A 50 -5.72 -0.28 4.29
C THR A 50 -5.15 1.11 4.53
N ASN A 51 -5.11 1.89 3.45
CA ASN A 51 -4.64 3.26 3.53
C ASN A 51 -5.83 4.20 3.67
N THR A 52 -5.92 4.85 4.82
CA THR A 52 -7.01 5.75 5.08
C THR A 52 -6.64 7.17 4.66
N TYR A 53 -6.74 7.44 3.37
CA TYR A 53 -6.45 8.75 2.83
C TYR A 53 -7.72 9.56 2.71
N TRP A 54 -7.73 10.74 3.33
CA TRP A 54 -8.90 11.61 3.31
C TRP A 54 -8.92 12.43 2.03
N LEU A 55 -8.16 11.98 1.04
CA LEU A 55 -8.05 12.68 -0.23
C LEU A 55 -9.27 12.40 -1.10
N GLN A 56 -10.30 11.81 -0.49
CA GLN A 56 -11.58 11.61 -1.16
C GLN A 56 -12.65 12.55 -0.59
N GLN A 57 -12.31 13.25 0.49
CA GLN A 57 -13.29 14.05 1.23
C GLN A 57 -13.75 15.27 0.43
N GLN A 58 -12.94 16.32 0.47
CA GLN A 58 -13.31 17.59 -0.13
C GLN A 58 -13.10 17.57 -1.64
N THR A 59 -12.25 16.66 -2.08
CA THR A 59 -11.92 16.52 -3.49
C THR A 59 -13.13 16.05 -4.29
N LYS A 60 -13.82 15.04 -3.77
CA LYS A 60 -14.95 14.46 -4.47
C LYS A 60 -16.26 15.09 -4.02
N GLN A 61 -16.72 14.74 -2.83
CA GLN A 61 -18.00 15.21 -2.34
C GLN A 61 -17.93 15.60 -0.87
N ALA A 62 -18.43 14.73 0.01
CA ALA A 62 -18.42 14.98 1.44
C ALA A 62 -18.84 13.73 2.19
N LEU A 63 -17.93 13.18 3.00
CA LEU A 63 -18.22 11.99 3.76
C LEU A 63 -18.53 12.34 5.21
N TYR A 64 -17.88 13.39 5.70
CA TYR A 64 -18.02 13.87 7.08
C TYR A 64 -17.43 12.89 8.09
N ASN A 65 -17.93 11.67 8.09
CA ASN A 65 -17.43 10.64 8.99
C ASN A 65 -16.61 9.62 8.20
N GLY A 66 -15.36 9.44 8.61
CA GLY A 66 -14.51 8.49 7.94
C GLY A 66 -13.68 9.13 6.84
N ALA A 67 -12.37 8.99 6.94
CA ALA A 67 -11.46 9.52 5.94
C ALA A 67 -11.66 8.76 4.64
N THR A 68 -11.79 7.45 4.82
CA THR A 68 -12.13 6.54 3.75
C THR A 68 -11.96 5.09 4.23
N PRO A 69 -12.99 4.25 4.03
CA PRO A 69 -12.95 2.84 4.43
C PRO A 69 -12.26 1.96 3.38
N ILE A 70 -11.10 2.42 2.90
CA ILE A 70 -10.38 1.72 1.85
C ILE A 70 -9.46 0.65 2.44
N SER A 71 -9.75 -0.61 2.11
CA SER A 71 -8.94 -1.73 2.53
C SER A 71 -9.08 -2.86 1.51
N PHE A 72 -7.96 -3.31 0.93
CA PHE A 72 -8.03 -4.38 -0.07
C PHE A 72 -6.66 -4.98 -0.35
N THR A 73 -6.60 -5.82 -1.38
CA THR A 73 -5.41 -6.58 -1.70
C THR A 73 -4.47 -5.81 -2.64
N ALA A 74 -3.18 -5.83 -2.31
CA ALA A 74 -2.17 -5.22 -3.16
C ALA A 74 -1.20 -6.27 -3.65
N THR A 75 -0.26 -5.90 -4.50
CA THR A 75 0.65 -6.87 -5.08
C THR A 75 2.11 -6.46 -4.97
N VAL A 76 2.90 -7.36 -4.39
CA VAL A 76 4.33 -7.20 -4.26
C VAL A 76 4.97 -7.47 -5.62
N THR A 77 5.85 -6.57 -6.06
CA THR A 77 6.32 -6.63 -7.45
C THR A 77 7.82 -6.92 -7.53
N ALA A 78 8.48 -7.03 -6.39
CA ALA A 78 9.92 -7.27 -6.38
C ALA A 78 10.37 -7.83 -5.04
N ASP A 79 11.68 -7.83 -4.81
CA ASP A 79 12.24 -8.35 -3.59
C ASP A 79 11.81 -7.52 -2.40
N ALA A 80 11.87 -8.12 -1.26
CA ALA A 80 11.46 -7.48 -0.02
C ALA A 80 12.28 -8.03 1.14
N ASN A 81 12.07 -7.50 2.34
CA ASN A 81 12.93 -7.84 3.47
C ASN A 81 12.13 -7.90 4.78
N SER A 82 12.40 -8.91 5.61
CA SER A 82 11.98 -8.87 7.00
C SER A 82 13.21 -8.94 7.89
N ASP A 83 13.70 -7.78 8.31
CA ASP A 83 14.95 -7.73 9.07
C ASP A 83 14.68 -7.46 10.53
N SER A 84 15.72 -7.44 11.35
CA SER A 84 15.58 -7.22 12.78
C SER A 84 14.91 -5.88 13.06
N GLY A 85 15.19 -4.90 12.20
CA GLY A 85 14.61 -3.58 12.38
C GLY A 85 13.18 -3.51 11.92
N GLY A 86 12.62 -4.65 11.52
CA GLY A 86 11.23 -4.72 11.12
C GLY A 86 10.90 -3.82 9.94
N ASP A 87 11.76 -3.78 8.94
CA ASP A 87 11.51 -2.97 7.75
C ASP A 87 11.32 -3.85 6.52
N VAL A 88 10.26 -3.60 5.77
CA VAL A 88 9.97 -4.38 4.56
C VAL A 88 9.65 -3.47 3.38
N THR A 89 10.64 -3.17 2.57
CA THR A 89 10.46 -2.24 1.47
C THR A 89 10.30 -2.98 0.13
N VAL A 90 9.25 -2.65 -0.60
CA VAL A 90 9.04 -3.19 -1.96
C VAL A 90 8.03 -2.32 -2.71
N THR A 91 8.17 -2.28 -4.02
CA THR A 91 7.25 -1.55 -4.86
C THR A 91 6.05 -2.42 -5.23
N LEU A 92 4.89 -1.79 -5.36
CA LEU A 92 3.66 -2.47 -5.66
C LEU A 92 3.05 -1.95 -6.94
N SER A 93 2.19 -2.74 -7.55
CA SER A 93 1.56 -2.36 -8.81
C SER A 93 0.08 -2.72 -8.83
N GLY A 94 -0.77 -1.75 -9.15
CA GLY A 94 -2.18 -2.04 -9.34
C GLY A 94 -3.05 -1.68 -8.15
N VAL A 95 -3.62 -0.48 -8.18
CA VAL A 95 -4.60 -0.05 -7.18
C VAL A 95 -5.73 0.71 -7.85
N PRO A 96 -6.93 0.11 -7.89
CA PRO A 96 -8.12 0.74 -8.50
C PRO A 96 -8.67 1.89 -7.64
N ILE A 97 -7.86 2.91 -7.45
CA ILE A 97 -8.22 4.06 -6.65
C ILE A 97 -8.14 5.34 -7.48
N TYR A 98 -9.00 6.30 -7.19
CA TYR A 98 -9.05 7.54 -7.95
C TYR A 98 -8.70 8.74 -7.08
N ASP A 99 -7.64 9.43 -7.44
CA ASP A 99 -7.24 10.65 -6.74
C ASP A 99 -7.84 11.86 -7.45
N THR A 100 -8.90 11.60 -8.22
CA THR A 100 -9.56 12.60 -9.06
C THR A 100 -8.55 13.35 -9.94
N THR A 101 -8.27 14.60 -9.62
CA THR A 101 -7.28 15.38 -10.35
C THR A 101 -6.79 16.56 -9.52
N ASN A 102 -7.72 17.47 -9.21
CA ASN A 102 -7.40 18.66 -8.43
C ASN A 102 -6.27 19.46 -9.08
N PRO A 103 -6.49 19.99 -10.30
CA PRO A 103 -5.47 20.71 -11.03
C PRO A 103 -5.50 22.19 -10.72
N GLN A 104 -4.81 22.97 -11.55
CA GLN A 104 -4.73 24.43 -11.41
C GLN A 104 -3.97 24.83 -10.15
N TYR A 105 -4.59 24.59 -9.00
CA TYR A 105 -4.08 25.02 -7.70
C TYR A 105 -2.68 24.46 -7.46
N ASN A 106 -2.51 23.17 -7.68
CA ASN A 106 -1.22 22.52 -7.44
C ASN A 106 -0.88 21.58 -8.59
N SER A 107 -1.49 21.83 -9.76
CA SER A 107 -1.32 20.99 -10.95
C SER A 107 -1.95 19.61 -10.74
N VAL A 108 -1.39 18.82 -9.83
CA VAL A 108 -1.99 17.55 -9.43
C VAL A 108 -1.90 17.44 -7.92
N SER A 109 -3.01 17.63 -7.25
CA SER A 109 -3.03 17.69 -5.80
C SER A 109 -3.25 16.30 -5.20
N ARG A 110 -2.37 15.38 -5.54
CA ARG A 110 -2.42 14.03 -5.02
C ARG A 110 -1.49 13.90 -3.82
N GLN A 111 -2.05 13.69 -2.64
CA GLN A 111 -1.24 13.57 -1.43
C GLN A 111 -1.52 12.25 -0.73
N VAL A 112 -0.55 11.34 -0.77
CA VAL A 112 -0.67 10.07 -0.09
C VAL A 112 0.17 10.10 1.18
N GLU A 113 -0.42 9.66 2.29
CA GLU A 113 0.25 9.72 3.58
C GLU A 113 0.65 8.34 4.07
N ALA A 114 1.56 8.32 5.04
CA ALA A 114 2.02 7.10 5.66
C ALA A 114 1.31 6.86 7.00
N GLY A 115 1.49 5.67 7.55
CA GLY A 115 1.00 5.40 8.89
C GLY A 115 -0.16 4.41 8.92
N ASP A 116 -0.42 3.78 7.79
CA ASP A 116 -1.56 2.87 7.67
C ASP A 116 -1.15 1.42 7.89
N ALA A 117 -2.11 0.49 7.75
CA ALA A 117 -1.91 -0.90 8.14
C ALA A 117 -1.80 -1.84 6.94
N VAL A 118 -1.09 -2.94 7.15
CA VAL A 118 -0.79 -3.92 6.09
C VAL A 118 -1.00 -5.35 6.60
N SER A 119 -1.23 -6.28 5.68
CA SER A 119 -1.29 -7.71 5.99
C SER A 119 -0.99 -8.50 4.72
N VAL A 120 -0.98 -9.83 4.82
CA VAL A 120 -0.61 -10.68 3.68
C VAL A 120 -1.77 -11.54 3.19
N VAL A 121 -1.97 -11.56 1.88
CA VAL A 121 -2.99 -12.40 1.26
C VAL A 121 -2.39 -13.71 0.75
N GLY A 122 -1.23 -13.60 0.09
CA GLY A 122 -0.58 -14.78 -0.44
C GLY A 122 -0.56 -14.77 -1.94
N THR A 123 -1.04 -15.84 -2.54
CA THR A 123 -1.17 -15.93 -3.99
C THR A 123 -2.53 -16.49 -4.36
N ALA A 124 -2.69 -17.77 -4.12
CA ALA A 124 -3.94 -18.47 -4.35
C ALA A 124 -3.95 -19.77 -3.57
N GLY A 1 -0.81 -10.69 13.41
CA GLY A 1 -1.34 -12.05 13.20
C GLY A 1 -2.69 -12.03 12.55
N ALA A 2 -3.70 -12.52 13.27
CA ALA A 2 -5.09 -12.53 12.81
C ALA A 2 -5.28 -13.39 11.56
N PHE A 3 -4.97 -12.83 10.41
CA PHE A 3 -5.13 -13.52 9.15
C PHE A 3 -3.89 -14.35 8.82
N GLY A 4 -2.77 -13.95 9.38
CA GLY A 4 -1.53 -14.66 9.12
C GLY A 4 -0.41 -13.74 8.71
N GLY A 5 -0.75 -12.73 7.92
CA GLY A 5 0.24 -11.76 7.49
C GLY A 5 -0.09 -10.36 7.97
N THR A 6 0.82 -9.76 8.72
CA THR A 6 0.60 -8.43 9.26
C THR A 6 1.85 -7.57 9.08
N LEU A 7 1.64 -6.34 8.65
CA LEU A 7 2.74 -5.42 8.39
C LEU A 7 2.32 -3.99 8.69
N THR A 8 3.26 -3.07 8.60
CA THR A 8 3.02 -1.67 8.91
C THR A 8 3.63 -0.78 7.82
N VAL A 9 3.22 0.48 7.75
CA VAL A 9 3.73 1.40 6.75
C VAL A 9 4.47 2.56 7.43
N LYS A 10 5.60 2.96 6.84
CA LYS A 10 6.39 4.03 7.43
C LYS A 10 6.53 5.21 6.47
N THR A 11 5.95 5.06 5.28
CA THR A 11 5.98 6.11 4.26
C THR A 11 4.62 6.21 3.57
N GLN A 12 4.56 6.94 2.47
CA GLN A 12 3.29 7.20 1.81
C GLN A 12 3.26 6.52 0.44
N PRO A 13 2.56 5.37 0.33
CA PRO A 13 2.46 4.64 -0.93
C PRO A 13 1.66 5.42 -1.97
N THR A 14 2.36 5.97 -2.94
CA THR A 14 1.75 6.78 -3.96
C THR A 14 1.83 6.08 -5.32
N VAL A 15 0.80 6.25 -6.13
CA VAL A 15 0.67 5.51 -7.37
C VAL A 15 1.51 6.12 -8.49
N THR A 16 2.38 5.31 -9.04
CA THR A 16 3.23 5.69 -10.15
C THR A 16 2.63 5.20 -11.47
N TYR A 17 2.42 6.12 -12.39
CA TYR A 17 1.82 5.78 -13.68
C TYR A 17 2.89 5.49 -14.71
N ASN A 18 2.82 4.31 -15.30
CA ASN A 18 3.72 3.91 -16.35
C ASN A 18 2.87 3.45 -17.53
N ALA A 19 2.23 4.42 -18.16
CA ALA A 19 1.08 4.16 -19.03
C ALA A 19 1.51 3.85 -20.44
N VAL A 20 2.65 4.36 -20.85
CA VAL A 20 3.25 3.99 -22.12
C VAL A 20 3.65 2.52 -22.05
N LYS A 21 3.84 2.06 -20.82
CA LYS A 21 4.22 0.68 -20.56
C LYS A 21 3.01 -0.13 -20.12
N ASP A 22 1.89 0.59 -20.05
CA ASP A 22 0.61 0.05 -19.60
C ASP A 22 0.75 -0.66 -18.24
N SER A 23 1.34 0.03 -17.29
CA SER A 23 1.48 -0.50 -15.95
C SER A 23 1.23 0.58 -14.92
N TYR A 24 0.36 0.29 -13.95
CA TYR A 24 0.13 1.19 -12.85
C TYR A 24 0.72 0.59 -11.58
N GLN A 25 1.78 1.19 -11.10
CA GLN A 25 2.53 0.66 -9.98
C GLN A 25 2.48 1.65 -8.84
N PHE A 26 3.05 1.30 -7.69
CA PHE A 26 3.20 2.26 -6.61
C PHE A 26 4.27 1.83 -5.63
N THR A 27 4.95 2.80 -5.03
CA THR A 27 6.14 2.53 -4.25
C THR A 27 5.90 2.79 -2.78
N VAL A 28 6.52 1.99 -1.92
CA VAL A 28 6.32 2.16 -0.49
C VAL A 28 7.51 1.66 0.36
N THR A 29 7.79 2.37 1.44
CA THR A 29 8.68 1.90 2.48
C THR A 29 7.83 1.47 3.67
N LEU A 30 7.79 0.17 3.92
CA LEU A 30 6.95 -0.38 4.97
C LEU A 30 7.81 -0.81 6.13
N THR A 31 7.16 -1.16 7.22
CA THR A 31 7.84 -1.70 8.36
C THR A 31 7.21 -3.05 8.75
N GLY A 32 8.05 -4.01 9.12
CA GLY A 32 7.57 -5.33 9.44
C GLY A 32 8.21 -5.88 10.68
N ALA A 33 8.47 -7.17 10.69
CA ALA A 33 9.04 -7.83 11.85
C ALA A 33 10.53 -8.10 11.68
N THR A 34 11.09 -8.78 12.66
CA THR A 34 12.52 -9.02 12.74
C THR A 34 12.98 -10.05 11.70
N ALA A 35 14.28 -10.35 11.73
CA ALA A 35 14.91 -11.29 10.79
C ALA A 35 14.30 -12.69 10.86
N SER A 36 14.87 -13.61 10.06
CA SER A 36 14.41 -14.99 9.93
C SER A 36 13.22 -15.08 8.96
N VAL A 37 12.92 -13.97 8.29
CA VAL A 37 11.93 -14.00 7.23
C VAL A 37 12.53 -13.36 5.97
N THR A 38 13.16 -14.19 5.16
CA THR A 38 13.79 -13.75 3.94
C THR A 38 12.75 -13.49 2.86
N GLY A 39 12.39 -12.24 2.69
CA GLY A 39 11.39 -11.88 1.72
C GLY A 39 10.01 -12.37 2.10
N PHE A 40 9.28 -11.55 2.86
CA PHE A 40 7.86 -11.81 3.12
C PHE A 40 7.15 -12.20 1.82
N LEU A 41 7.19 -11.28 0.86
CA LEU A 41 6.56 -11.46 -0.43
C LEU A 41 7.60 -11.31 -1.52
N LYS A 42 7.33 -11.89 -2.68
CA LYS A 42 8.14 -11.67 -3.87
C LYS A 42 7.25 -11.39 -5.06
N ALA A 43 7.82 -11.41 -6.26
CA ALA A 43 7.09 -11.13 -7.48
C ALA A 43 5.86 -12.02 -7.60
N GLY A 44 4.70 -11.40 -7.53
CA GLY A 44 3.45 -12.13 -7.73
C GLY A 44 2.70 -12.33 -6.44
N ASP A 45 3.35 -12.09 -5.33
CA ASP A 45 2.71 -12.22 -4.02
C ASP A 45 1.83 -11.02 -3.74
N GLN A 46 0.65 -11.27 -3.22
CA GLN A 46 -0.34 -10.23 -3.07
C GLN A 46 -0.59 -9.87 -1.61
N VAL A 47 -0.77 -8.59 -1.38
CA VAL A 47 -1.08 -8.07 -0.06
C VAL A 47 -2.43 -7.38 -0.10
N LYS A 48 -2.95 -7.03 1.06
CA LYS A 48 -4.14 -6.21 1.13
C LYS A 48 -4.05 -5.36 2.39
N PHE A 49 -4.35 -4.08 2.30
CA PHE A 49 -4.14 -3.23 3.46
C PHE A 49 -5.16 -2.12 3.56
N THR A 50 -5.27 -1.59 4.77
CA THR A 50 -6.17 -0.49 5.07
C THR A 50 -5.39 0.81 5.08
N ASN A 51 -5.39 1.51 3.96
CA ASN A 51 -4.61 2.74 3.82
C ASN A 51 -5.30 3.91 4.52
N THR A 52 -4.51 4.93 4.81
CA THR A 52 -4.96 6.06 5.60
C THR A 52 -5.98 6.94 4.87
N TYR A 53 -7.13 7.10 5.50
CA TYR A 53 -8.12 8.06 5.05
C TYR A 53 -8.64 8.83 6.24
N TRP A 54 -9.27 9.97 5.98
CA TRP A 54 -9.81 10.83 7.03
C TRP A 54 -8.68 11.22 7.98
N LEU A 55 -7.81 12.11 7.52
CA LEU A 55 -6.62 12.52 8.27
C LEU A 55 -6.97 13.36 9.49
N GLN A 56 -8.24 13.35 9.88
CA GLN A 56 -8.67 14.05 11.06
C GLN A 56 -8.67 13.10 12.26
N GLN A 57 -8.56 11.80 12.00
CA GLN A 57 -8.51 10.80 13.07
C GLN A 57 -7.28 11.01 13.92
N GLN A 58 -6.14 11.09 13.25
CA GLN A 58 -4.85 11.19 13.91
C GLN A 58 -4.69 12.53 14.64
N THR A 59 -5.41 13.54 14.16
CA THR A 59 -5.28 14.88 14.72
C THR A 59 -6.29 15.13 15.84
N LYS A 60 -7.55 14.80 15.59
CA LYS A 60 -8.62 15.05 16.55
C LYS A 60 -8.60 14.02 17.67
N GLN A 61 -8.19 12.80 17.31
CA GLN A 61 -8.07 11.67 18.23
C GLN A 61 -9.38 11.35 18.92
N ALA A 62 -10.46 11.83 18.34
CA ALA A 62 -11.81 11.61 18.86
C ALA A 62 -12.81 11.48 17.72
N LEU A 63 -14.09 11.59 18.05
CA LEU A 63 -15.17 11.54 17.07
C LEU A 63 -15.29 10.15 16.45
N TYR A 64 -14.88 9.14 17.22
CA TYR A 64 -14.89 7.74 16.79
C TYR A 64 -13.97 7.49 15.61
N ASN A 65 -12.81 6.93 15.90
CA ASN A 65 -11.81 6.63 14.89
C ASN A 65 -10.88 5.55 15.40
N GLY A 66 -10.23 4.85 14.48
CA GLY A 66 -9.26 3.84 14.88
C GLY A 66 -9.04 2.79 13.81
N ALA A 67 -10.07 2.50 13.05
CA ALA A 67 -9.98 1.50 11.99
C ALA A 67 -10.70 1.97 10.74
N THR A 68 -9.93 2.40 9.74
CA THR A 68 -10.49 2.84 8.47
C THR A 68 -11.17 1.66 7.77
N PRO A 69 -12.38 1.88 7.24
CA PRO A 69 -13.17 0.83 6.60
C PRO A 69 -12.56 0.38 5.27
N ILE A 70 -12.93 -0.85 4.87
CA ILE A 70 -12.53 -1.48 3.59
C ILE A 70 -11.02 -1.62 3.44
N SER A 71 -10.62 -2.35 2.41
CA SER A 71 -9.22 -2.57 2.09
C SER A 71 -9.10 -2.86 0.60
N PHE A 72 -7.90 -2.77 0.05
CA PHE A 72 -7.68 -3.17 -1.32
C PHE A 72 -6.42 -4.02 -1.44
N THR A 73 -6.46 -4.98 -2.35
CA THR A 73 -5.38 -5.93 -2.52
C THR A 73 -4.36 -5.42 -3.53
N ALA A 74 -3.09 -5.47 -3.17
CA ALA A 74 -2.02 -5.02 -4.05
C ALA A 74 -1.01 -6.15 -4.29
N THR A 75 -0.05 -5.92 -5.18
CA THR A 75 0.90 -6.98 -5.51
C THR A 75 2.33 -6.49 -5.54
N VAL A 76 3.19 -7.21 -4.82
CA VAL A 76 4.60 -6.89 -4.74
C VAL A 76 5.35 -7.54 -5.89
N THR A 77 6.29 -6.82 -6.48
CA THR A 77 7.01 -7.33 -7.64
C THR A 77 8.47 -7.64 -7.33
N ALA A 78 8.82 -7.66 -6.05
CA ALA A 78 10.21 -7.88 -5.65
C ALA A 78 10.29 -8.49 -4.26
N ASP A 79 11.51 -8.78 -3.84
CA ASP A 79 11.78 -9.37 -2.53
C ASP A 79 11.45 -8.38 -1.43
N ALA A 80 10.45 -8.72 -0.64
CA ALA A 80 10.03 -7.83 0.45
C ALA A 80 10.72 -8.21 1.76
N ASN A 81 11.76 -7.46 2.09
CA ASN A 81 12.65 -7.80 3.20
C ASN A 81 11.98 -7.68 4.57
N SER A 82 12.06 -8.73 5.38
CA SER A 82 11.83 -8.59 6.80
C SER A 82 13.17 -8.66 7.52
N ASP A 83 13.78 -7.51 7.79
CA ASP A 83 15.11 -7.48 8.39
C ASP A 83 15.01 -7.36 9.91
N SER A 84 16.15 -7.35 10.59
CA SER A 84 16.16 -7.30 12.04
C SER A 84 15.50 -6.04 12.56
N GLY A 85 15.65 -4.95 11.82
CA GLY A 85 15.09 -3.69 12.23
C GLY A 85 13.63 -3.56 11.87
N GLY A 86 13.05 -4.66 11.38
CA GLY A 86 11.66 -4.65 11.01
C GLY A 86 11.33 -3.66 9.91
N ASP A 87 12.18 -3.58 8.90
CA ASP A 87 11.94 -2.66 7.79
C ASP A 87 11.77 -3.42 6.47
N VAL A 88 10.76 -3.03 5.71
CA VAL A 88 10.44 -3.68 4.44
C VAL A 88 10.00 -2.64 3.39
N THR A 89 10.87 -2.37 2.43
CA THR A 89 10.54 -1.39 1.40
C THR A 89 10.40 -2.05 0.04
N VAL A 90 9.24 -1.89 -0.61
CA VAL A 90 9.01 -2.51 -1.91
C VAL A 90 8.10 -1.64 -2.77
N THR A 91 8.12 -1.89 -4.05
CA THR A 91 7.21 -1.24 -4.96
C THR A 91 6.26 -2.28 -5.55
N LEU A 92 5.00 -1.91 -5.64
CA LEU A 92 3.96 -2.79 -6.08
C LEU A 92 3.59 -2.46 -7.51
N SER A 93 3.16 -3.44 -8.27
CA SER A 93 2.91 -3.23 -9.69
C SER A 93 1.65 -3.92 -10.14
N GLY A 94 0.89 -3.23 -10.99
CA GLY A 94 -0.28 -3.82 -11.60
C GLY A 94 -1.54 -3.55 -10.81
N VAL A 95 -1.68 -2.33 -10.32
CA VAL A 95 -2.86 -1.94 -9.56
C VAL A 95 -3.48 -0.68 -10.13
N PRO A 96 -4.54 -0.84 -10.94
CA PRO A 96 -5.28 0.30 -11.51
C PRO A 96 -6.19 0.96 -10.47
N ILE A 97 -5.63 1.25 -9.31
CA ILE A 97 -6.39 1.82 -8.21
C ILE A 97 -6.49 3.35 -8.39
N TYR A 98 -7.71 3.85 -8.44
CA TYR A 98 -7.94 5.25 -8.70
C TYR A 98 -8.28 6.00 -7.42
N ASP A 99 -7.26 6.21 -6.60
CA ASP A 99 -7.42 6.84 -5.30
C ASP A 99 -7.97 8.27 -5.43
N THR A 100 -7.35 9.06 -6.29
CA THR A 100 -7.76 10.44 -6.47
C THR A 100 -8.59 10.63 -7.74
N THR A 101 -8.71 9.58 -8.55
CA THR A 101 -9.38 9.70 -9.84
C THR A 101 -10.80 9.14 -9.76
N ASN A 102 -11.17 8.65 -8.59
CA ASN A 102 -12.52 8.14 -8.35
C ASN A 102 -13.15 8.85 -7.14
N PRO A 103 -13.55 10.13 -7.28
CA PRO A 103 -14.20 10.86 -6.18
C PRO A 103 -15.46 10.16 -5.69
N GLN A 104 -16.41 9.96 -6.62
CA GLN A 104 -17.63 9.21 -6.37
C GLN A 104 -18.51 9.90 -5.33
N TYR A 105 -18.15 9.70 -4.07
CA TYR A 105 -18.92 10.22 -2.95
C TYR A 105 -18.62 11.70 -2.73
N ASN A 106 -17.35 12.06 -2.94
CA ASN A 106 -16.90 13.41 -2.68
C ASN A 106 -15.54 13.62 -3.33
N SER A 107 -15.26 14.83 -3.77
CA SER A 107 -13.96 15.14 -4.34
C SER A 107 -12.93 15.31 -3.23
N VAL A 108 -12.50 14.18 -2.68
CA VAL A 108 -11.57 14.17 -1.57
C VAL A 108 -10.18 14.58 -2.04
N SER A 109 -9.73 13.96 -3.13
CA SER A 109 -8.42 14.22 -3.71
C SER A 109 -7.34 14.30 -2.64
N ARG A 110 -7.24 13.25 -1.84
CA ARG A 110 -6.28 13.20 -0.74
C ARG A 110 -5.10 12.32 -1.13
N GLN A 111 -3.95 12.56 -0.53
CA GLN A 111 -2.82 11.66 -0.69
C GLN A 111 -2.59 10.89 0.59
N VAL A 112 -2.23 9.63 0.45
CA VAL A 112 -2.07 8.72 1.57
C VAL A 112 -1.05 9.22 2.58
N GLU A 113 -1.20 8.79 3.82
CA GLU A 113 -0.31 9.19 4.89
C GLU A 113 0.30 7.96 5.55
N ALA A 114 1.54 8.07 6.02
CA ALA A 114 2.24 6.95 6.62
C ALA A 114 1.60 6.58 7.97
N GLY A 115 1.47 5.27 8.24
CA GLY A 115 0.96 4.84 9.53
C GLY A 115 -0.18 3.85 9.40
N ASP A 116 -0.57 3.56 8.17
CA ASP A 116 -1.66 2.62 7.93
C ASP A 116 -1.22 1.17 8.15
N ALA A 117 -2.20 0.27 8.18
CA ALA A 117 -1.95 -1.11 8.55
C ALA A 117 -1.95 -2.03 7.34
N VAL A 118 -0.91 -2.86 7.24
CA VAL A 118 -0.74 -3.75 6.11
C VAL A 118 -1.01 -5.20 6.48
N SER A 119 -1.55 -5.95 5.53
CA SER A 119 -1.73 -7.38 5.70
C SER A 119 -1.49 -8.11 4.39
N VAL A 120 -1.33 -9.42 4.47
CA VAL A 120 -1.02 -10.23 3.30
C VAL A 120 -2.21 -11.09 2.92
N VAL A 121 -2.43 -11.25 1.62
CA VAL A 121 -3.48 -12.13 1.13
C VAL A 121 -3.07 -13.58 1.34
N GLY A 122 -1.83 -13.88 0.96
CA GLY A 122 -1.27 -15.21 1.18
C GLY A 122 -2.19 -16.32 0.71
N THR A 123 -2.51 -17.22 1.64
CA THR A 123 -3.36 -18.41 1.42
C THR A 123 -2.81 -19.33 0.33
N ALA A 124 -2.81 -18.84 -0.89
CA ALA A 124 -2.37 -19.60 -2.07
C ALA A 124 -3.26 -20.82 -2.30
N GLY A 1 -8.02 -13.62 9.78
CA GLY A 1 -7.28 -13.24 8.57
C GLY A 1 -6.44 -14.38 8.02
N ALA A 2 -5.89 -14.20 6.84
CA ALA A 2 -5.09 -15.23 6.21
C ALA A 2 -3.61 -15.06 6.55
N PHE A 3 -2.97 -16.16 6.92
CA PHE A 3 -1.56 -16.19 7.29
C PHE A 3 -1.28 -15.49 8.62
N GLY A 4 -1.89 -14.32 8.82
CA GLY A 4 -1.65 -13.55 10.02
C GLY A 4 -0.67 -12.43 9.76
N GLY A 5 -0.31 -12.28 8.49
CA GLY A 5 0.63 -11.25 8.09
C GLY A 5 0.20 -9.87 8.52
N THR A 6 1.07 -9.18 9.22
CA THR A 6 0.76 -7.86 9.74
C THR A 6 1.95 -6.94 9.51
N LEU A 7 1.86 -6.10 8.50
CA LEU A 7 2.93 -5.18 8.18
C LEU A 7 2.42 -3.75 8.28
N THR A 8 3.30 -2.79 8.09
CA THR A 8 2.96 -1.40 8.28
C THR A 8 3.58 -0.55 7.17
N VAL A 9 3.02 0.62 6.94
CA VAL A 9 3.54 1.54 5.94
C VAL A 9 4.18 2.74 6.61
N LYS A 10 5.50 2.81 6.61
CA LYS A 10 6.22 3.85 7.34
C LYS A 10 6.51 5.05 6.45
N THR A 11 6.32 4.86 5.15
CA THR A 11 6.57 5.92 4.18
C THR A 11 5.32 6.18 3.34
N GLN A 12 5.47 6.91 2.26
CA GLN A 12 4.35 7.35 1.46
C GLN A 12 4.37 6.67 0.10
N PRO A 13 3.30 5.93 -0.23
CA PRO A 13 3.19 5.20 -1.51
C PRO A 13 3.00 6.15 -2.68
N THR A 14 4.00 6.21 -3.56
CA THR A 14 3.91 7.09 -4.70
C THR A 14 4.63 6.53 -5.94
N VAL A 15 3.81 6.14 -6.91
CA VAL A 15 4.24 5.88 -8.28
C VAL A 15 3.01 6.04 -9.19
N THR A 16 3.19 5.96 -10.50
CA THR A 16 2.15 6.23 -11.47
C THR A 16 0.78 5.66 -11.07
N TYR A 17 -0.20 6.55 -10.93
CA TYR A 17 -1.59 6.16 -10.73
C TYR A 17 -2.40 6.57 -11.96
N ASN A 18 -2.36 5.76 -12.99
CA ASN A 18 -2.99 6.10 -14.25
C ASN A 18 -4.13 5.13 -14.53
N ALA A 19 -5.25 5.67 -14.99
CA ALA A 19 -6.46 4.87 -15.12
C ALA A 19 -6.76 4.57 -16.57
N VAL A 20 -6.66 5.58 -17.43
CA VAL A 20 -6.88 5.39 -18.87
C VAL A 20 -5.83 4.44 -19.43
N LYS A 21 -4.67 4.43 -18.81
CA LYS A 21 -3.57 3.57 -19.23
C LYS A 21 -3.57 2.26 -18.44
N ASP A 22 -4.46 2.24 -17.44
CA ASP A 22 -4.62 1.10 -16.53
C ASP A 22 -3.32 0.75 -15.86
N SER A 23 -2.79 1.68 -15.09
CA SER A 23 -1.53 1.45 -14.40
C SER A 23 -1.55 2.13 -13.05
N TYR A 24 -1.89 1.36 -12.05
CA TYR A 24 -1.88 1.83 -10.68
C TYR A 24 -0.73 1.17 -9.95
N GLN A 25 0.34 1.90 -9.78
CA GLN A 25 1.51 1.37 -9.13
C GLN A 25 1.96 2.32 -8.04
N PHE A 26 2.69 1.82 -7.06
CA PHE A 26 3.23 2.65 -6.01
C PHE A 26 4.43 2.01 -5.33
N THR A 27 5.47 2.80 -5.07
CA THR A 27 6.65 2.30 -4.40
C THR A 27 6.60 2.73 -2.94
N VAL A 28 6.87 1.81 -2.03
CA VAL A 28 6.78 2.15 -0.61
C VAL A 28 7.88 1.48 0.22
N THR A 29 8.30 2.16 1.26
CA THR A 29 9.14 1.57 2.28
C THR A 29 8.24 1.18 3.46
N LEU A 30 8.09 -0.11 3.68
CA LEU A 30 7.14 -0.59 4.66
C LEU A 30 7.88 -1.08 5.89
N THR A 31 7.14 -1.31 6.95
CA THR A 31 7.68 -1.89 8.14
C THR A 31 7.08 -3.27 8.37
N GLY A 32 7.84 -4.16 8.98
CA GLY A 32 7.41 -5.52 9.16
C GLY A 32 7.90 -6.10 10.47
N ALA A 33 8.27 -7.38 10.45
CA ALA A 33 8.70 -8.05 11.65
C ALA A 33 10.19 -8.37 11.64
N THR A 34 10.63 -9.10 12.65
CA THR A 34 12.05 -9.33 12.91
C THR A 34 12.70 -10.22 11.85
N ALA A 35 13.99 -10.50 12.05
CA ALA A 35 14.79 -11.29 11.12
C ALA A 35 14.33 -12.75 11.07
N SER A 36 15.06 -13.56 10.30
CA SER A 36 14.77 -14.99 10.13
C SER A 36 13.66 -15.20 9.10
N VAL A 37 13.27 -14.12 8.42
CA VAL A 37 12.33 -14.22 7.32
C VAL A 37 12.94 -13.59 6.06
N THR A 38 13.62 -14.43 5.29
CA THR A 38 14.29 -13.98 4.08
C THR A 38 13.28 -13.59 3.01
N GLY A 39 13.01 -12.29 2.91
CA GLY A 39 12.03 -11.79 1.96
C GLY A 39 10.62 -12.22 2.29
N PHE A 40 9.89 -11.36 2.99
CA PHE A 40 8.46 -11.58 3.24
C PHE A 40 7.74 -12.11 2.00
N LEU A 41 7.83 -11.37 0.89
CA LEU A 41 7.12 -11.75 -0.33
C LEU A 41 7.66 -10.97 -1.53
N LYS A 42 7.39 -11.47 -2.74
CA LYS A 42 7.93 -10.88 -3.96
C LYS A 42 6.92 -10.89 -5.09
N ALA A 43 7.40 -10.64 -6.30
CA ALA A 43 6.56 -10.61 -7.49
C ALA A 43 5.67 -11.84 -7.58
N GLY A 44 4.38 -11.58 -7.55
CA GLY A 44 3.40 -12.65 -7.64
C GLY A 44 2.62 -12.79 -6.35
N ASP A 45 3.17 -12.26 -5.28
CA ASP A 45 2.52 -12.33 -3.98
C ASP A 45 1.61 -11.12 -3.78
N GLN A 46 0.48 -11.34 -3.16
CA GLN A 46 -0.48 -10.28 -2.96
C GLN A 46 -0.60 -9.92 -1.49
N VAL A 47 -0.98 -8.68 -1.23
CA VAL A 47 -1.11 -8.17 0.12
C VAL A 47 -2.44 -7.46 0.28
N LYS A 48 -2.81 -7.21 1.52
CA LYS A 48 -3.95 -6.35 1.80
C LYS A 48 -3.46 -5.17 2.61
N PHE A 49 -4.10 -4.03 2.47
CA PHE A 49 -3.84 -2.94 3.38
C PHE A 49 -5.07 -2.10 3.60
N THR A 50 -5.22 -1.62 4.81
CA THR A 50 -6.32 -0.75 5.15
C THR A 50 -5.85 0.70 5.03
N ASN A 51 -6.30 1.33 3.96
CA ASN A 51 -5.87 2.66 3.59
C ASN A 51 -6.81 3.70 4.20
N THR A 52 -6.22 4.67 4.85
CA THR A 52 -6.95 5.79 5.37
C THR A 52 -6.58 7.05 4.61
N TYR A 53 -7.51 7.58 3.84
CA TYR A 53 -7.27 8.82 3.13
C TYR A 53 -7.64 10.00 4.01
N TRP A 54 -6.64 10.79 4.40
CA TRP A 54 -6.88 11.97 5.22
C TRP A 54 -5.74 12.98 5.09
N LEU A 55 -4.49 12.51 5.16
CA LEU A 55 -3.31 13.37 5.10
C LEU A 55 -3.32 14.41 6.23
N GLN A 56 -2.26 15.17 6.34
CA GLN A 56 -2.12 16.15 7.41
C GLN A 56 -2.77 17.48 7.02
N GLN A 57 -3.12 17.59 5.75
CA GLN A 57 -3.65 18.84 5.21
C GLN A 57 -5.17 18.86 5.26
N GLN A 58 -5.78 17.77 4.81
CA GLN A 58 -7.24 17.67 4.78
C GLN A 58 -7.83 17.64 6.19
N THR A 59 -7.06 17.11 7.14
CA THR A 59 -7.53 16.94 8.50
C THR A 59 -7.62 18.27 9.25
N LYS A 60 -7.27 19.35 8.59
CA LYS A 60 -7.45 20.68 9.17
C LYS A 60 -8.92 21.06 9.12
N GLN A 61 -9.59 20.65 8.04
CA GLN A 61 -11.00 20.91 7.86
C GLN A 61 -11.82 19.69 8.27
N ALA A 62 -11.36 18.53 7.84
CA ALA A 62 -12.03 17.28 8.11
C ALA A 62 -11.29 16.52 9.21
N LEU A 63 -11.89 16.47 10.39
CA LEU A 63 -11.20 15.97 11.58
C LEU A 63 -11.34 14.46 11.74
N TYR A 64 -11.89 13.78 10.73
CA TYR A 64 -12.09 12.34 10.84
C TYR A 64 -11.70 11.62 9.55
N ASN A 65 -12.50 11.82 8.51
CA ASN A 65 -12.32 11.14 7.23
C ASN A 65 -12.49 9.63 7.40
N GLY A 66 -13.70 9.22 7.71
CA GLY A 66 -13.99 7.82 7.92
C GLY A 66 -14.66 7.18 6.72
N ALA A 67 -14.71 7.91 5.62
CA ALA A 67 -15.32 7.40 4.39
C ALA A 67 -14.27 6.73 3.51
N THR A 68 -13.09 6.56 4.08
CA THR A 68 -11.96 5.97 3.38
C THR A 68 -12.22 4.49 3.08
N PRO A 69 -11.72 3.99 1.93
CA PRO A 69 -11.87 2.58 1.53
C PRO A 69 -11.27 1.63 2.55
N ILE A 70 -12.13 0.88 3.24
CA ILE A 70 -11.73 0.08 4.40
C ILE A 70 -10.44 -0.72 4.17
N SER A 71 -10.47 -1.72 3.29
CA SER A 71 -9.28 -2.52 3.02
C SER A 71 -9.37 -3.15 1.63
N PHE A 72 -8.23 -3.27 0.96
CA PHE A 72 -8.18 -3.85 -0.37
C PHE A 72 -6.85 -4.54 -0.61
N THR A 73 -6.81 -5.34 -1.67
CA THR A 73 -5.65 -6.17 -1.96
C THR A 73 -4.76 -5.54 -3.03
N ALA A 74 -3.45 -5.58 -2.80
CA ALA A 74 -2.48 -5.09 -3.78
C ALA A 74 -1.45 -6.16 -4.07
N THR A 75 -0.53 -5.88 -4.99
CA THR A 75 0.45 -6.87 -5.38
C THR A 75 1.86 -6.30 -5.44
N VAL A 76 2.80 -7.05 -4.87
CA VAL A 76 4.21 -6.67 -4.85
C VAL A 76 4.93 -7.30 -6.04
N THR A 77 5.90 -6.58 -6.59
CA THR A 77 6.62 -7.04 -7.77
C THR A 77 8.14 -6.93 -7.60
N ALA A 78 8.61 -6.93 -6.36
CA ALA A 78 10.05 -6.80 -6.12
C ALA A 78 10.49 -7.56 -4.89
N ASP A 79 11.80 -7.65 -4.71
CA ASP A 79 12.39 -8.32 -3.57
C ASP A 79 11.99 -7.60 -2.30
N ALA A 80 12.05 -8.32 -1.22
CA ALA A 80 11.61 -7.79 0.07
C ALA A 80 12.52 -8.26 1.18
N ASN A 81 12.36 -7.67 2.36
CA ASN A 81 13.24 -7.94 3.49
C ASN A 81 12.47 -7.92 4.80
N SER A 82 12.67 -8.93 5.64
CA SER A 82 12.25 -8.82 7.02
C SER A 82 13.49 -8.87 7.92
N ASP A 83 14.01 -7.71 8.29
CA ASP A 83 15.22 -7.67 9.08
C ASP A 83 14.89 -7.55 10.56
N SER A 84 15.90 -7.57 11.40
CA SER A 84 15.70 -7.51 12.85
C SER A 84 14.95 -6.25 13.25
N GLY A 85 15.17 -5.17 12.52
CA GLY A 85 14.54 -3.92 12.84
C GLY A 85 13.10 -3.87 12.41
N GLY A 86 12.67 -4.89 11.68
CA GLY A 86 11.32 -4.94 11.20
C GLY A 86 11.05 -3.97 10.07
N ASP A 87 11.95 -3.87 9.09
CA ASP A 87 11.72 -3.01 7.94
C ASP A 87 11.63 -3.82 6.64
N VAL A 88 10.68 -3.46 5.78
CA VAL A 88 10.47 -4.13 4.50
C VAL A 88 10.12 -3.13 3.39
N THR A 89 11.02 -2.94 2.44
CA THR A 89 10.74 -2.02 1.33
C THR A 89 10.33 -2.79 0.07
N VAL A 90 9.14 -2.49 -0.45
CA VAL A 90 8.66 -3.12 -1.69
C VAL A 90 7.84 -2.15 -2.52
N THR A 91 7.80 -2.41 -3.82
CA THR A 91 7.02 -1.61 -4.73
C THR A 91 5.85 -2.43 -5.26
N LEU A 92 4.71 -1.79 -5.39
CA LEU A 92 3.49 -2.46 -5.78
C LEU A 92 3.02 -1.99 -7.14
N SER A 93 2.57 -2.93 -7.96
CA SER A 93 2.09 -2.59 -9.29
C SER A 93 0.85 -3.39 -9.63
N GLY A 94 -0.27 -2.69 -9.83
CA GLY A 94 -1.52 -3.35 -10.11
C GLY A 94 -2.40 -3.39 -8.88
N VAL A 95 -3.68 -3.09 -9.06
CA VAL A 95 -4.60 -3.02 -7.93
C VAL A 95 -5.74 -4.04 -8.07
N PRO A 96 -5.53 -5.25 -7.54
CA PRO A 96 -6.57 -6.29 -7.47
C PRO A 96 -7.56 -6.00 -6.34
N ILE A 97 -8.13 -4.79 -6.38
CA ILE A 97 -8.98 -4.29 -5.33
C ILE A 97 -10.44 -4.60 -5.64
N TYR A 98 -11.28 -4.66 -4.62
CA TYR A 98 -12.69 -4.90 -4.82
C TYR A 98 -13.47 -3.61 -4.66
N ASP A 99 -13.03 -2.58 -5.39
CA ASP A 99 -13.63 -1.26 -5.31
C ASP A 99 -13.99 -0.78 -6.70
N THR A 100 -14.88 -1.54 -7.33
CA THR A 100 -15.44 -1.27 -8.66
C THR A 100 -14.37 -1.30 -9.76
N THR A 101 -14.45 -2.32 -10.60
CA THR A 101 -13.59 -2.42 -11.77
C THR A 101 -14.20 -1.60 -12.89
N ASN A 102 -15.52 -1.46 -12.83
CA ASN A 102 -16.26 -0.61 -13.73
C ASN A 102 -16.34 0.79 -13.10
N PRO A 103 -16.37 1.88 -13.90
CA PRO A 103 -16.43 3.24 -13.35
C PRO A 103 -17.79 3.58 -12.75
N GLN A 104 -18.17 2.82 -11.74
CA GLN A 104 -19.43 3.00 -11.05
C GLN A 104 -19.27 3.96 -9.88
N TYR A 105 -18.37 4.91 -10.07
CA TYR A 105 -18.09 5.97 -9.09
C TYR A 105 -17.49 5.43 -7.80
N ASN A 106 -16.18 5.50 -7.72
CA ASN A 106 -15.46 5.12 -6.51
C ASN A 106 -14.13 5.85 -6.46
N SER A 107 -13.28 5.56 -7.43
CA SER A 107 -11.98 6.24 -7.58
C SER A 107 -11.13 6.18 -6.32
N VAL A 108 -10.38 5.11 -6.17
CA VAL A 108 -9.44 4.99 -5.06
C VAL A 108 -8.16 5.77 -5.38
N SER A 109 -7.72 6.59 -4.45
CA SER A 109 -6.55 7.43 -4.68
C SER A 109 -5.70 7.56 -3.43
N ARG A 110 -4.60 6.82 -3.40
CA ARG A 110 -3.64 6.96 -2.31
C ARG A 110 -2.65 8.07 -2.64
N GLN A 111 -2.70 9.15 -1.88
CA GLN A 111 -1.72 10.23 -2.04
C GLN A 111 -0.57 9.97 -1.08
N VAL A 112 0.41 10.87 -1.04
CA VAL A 112 1.55 10.70 -0.17
C VAL A 112 1.15 10.81 1.31
N GLU A 113 1.12 9.66 1.98
CA GLU A 113 0.69 9.60 3.37
C GLU A 113 1.13 8.26 3.97
N ALA A 114 1.72 8.31 5.15
CA ALA A 114 2.12 7.09 5.85
C ALA A 114 1.10 6.73 6.92
N GLY A 115 1.07 5.46 7.32
CA GLY A 115 0.21 5.05 8.41
C GLY A 115 -0.67 3.86 8.08
N ASP A 116 -0.91 3.61 6.80
CA ASP A 116 -1.73 2.49 6.37
C ASP A 116 -1.19 1.15 6.91
N ALA A 117 -2.11 0.27 7.32
CA ALA A 117 -1.73 -1.01 7.89
C ALA A 117 -1.82 -2.11 6.84
N VAL A 118 -0.86 -3.03 6.85
CA VAL A 118 -0.69 -4.00 5.78
C VAL A 118 -0.87 -5.45 6.28
N SER A 119 -1.39 -6.30 5.41
CA SER A 119 -1.50 -7.72 5.68
C SER A 119 -1.21 -8.51 4.39
N VAL A 120 -1.18 -9.84 4.48
CA VAL A 120 -0.78 -10.68 3.34
C VAL A 120 -1.94 -11.60 2.94
N VAL A 121 -2.05 -11.88 1.64
CA VAL A 121 -3.12 -12.73 1.12
C VAL A 121 -2.85 -14.21 1.40
N GLY A 122 -1.60 -14.62 1.26
CA GLY A 122 -1.27 -16.03 1.43
C GLY A 122 -0.13 -16.26 2.40
N THR A 123 0.38 -17.48 2.41
CA THR A 123 1.47 -17.86 3.29
C THR A 123 2.80 -17.28 2.82
N ALA A 124 3.03 -17.39 1.52
CA ALA A 124 4.24 -16.89 0.88
C ALA A 124 5.47 -17.61 1.40
N GLY A 1 5.03 -20.50 9.00
CA GLY A 1 4.55 -19.56 7.97
C GLY A 1 3.06 -19.65 7.77
N ALA A 2 2.30 -18.96 8.61
CA ALA A 2 0.85 -18.95 8.51
C ALA A 2 0.38 -17.61 7.97
N PHE A 3 -0.51 -17.65 6.98
CA PHE A 3 -1.01 -16.44 6.36
C PHE A 3 -1.78 -15.58 7.36
N GLY A 4 -1.86 -14.30 7.06
CA GLY A 4 -2.41 -13.35 8.02
C GLY A 4 -1.34 -12.50 8.64
N GLY A 5 -0.17 -12.48 8.00
CA GLY A 5 0.94 -11.69 8.49
C GLY A 5 0.59 -10.22 8.55
N THR A 6 0.69 -9.65 9.74
CA THR A 6 0.38 -8.24 9.94
C THR A 6 1.65 -7.42 9.85
N LEU A 7 1.57 -6.32 9.12
CA LEU A 7 2.71 -5.46 8.91
C LEU A 7 2.30 -4.00 9.12
N THR A 8 3.26 -3.10 9.04
CA THR A 8 3.01 -1.71 9.33
C THR A 8 3.37 -0.83 8.12
N VAL A 9 2.74 0.34 8.03
CA VAL A 9 2.94 1.24 6.91
C VAL A 9 3.95 2.33 7.25
N LYS A 10 4.89 2.56 6.34
CA LYS A 10 5.79 3.70 6.47
C LYS A 10 5.45 4.73 5.40
N THR A 11 5.09 4.25 4.21
CA THR A 11 4.59 5.11 3.14
C THR A 11 3.46 4.38 2.40
N GLN A 12 2.65 5.15 1.69
CA GLN A 12 1.48 4.66 0.99
C GLN A 12 1.65 4.85 -0.51
N PRO A 13 0.83 4.15 -1.33
CA PRO A 13 0.90 4.14 -2.79
C PRO A 13 1.23 5.49 -3.42
N THR A 14 2.44 5.61 -3.97
CA THR A 14 2.82 6.79 -4.73
C THR A 14 3.93 6.49 -5.74
N VAL A 15 3.54 6.15 -6.96
CA VAL A 15 4.47 6.00 -8.10
C VAL A 15 3.70 6.16 -9.43
N THR A 16 4.42 6.14 -10.55
CA THR A 16 3.90 6.45 -11.89
C THR A 16 2.47 5.94 -12.14
N TYR A 17 1.58 6.88 -12.41
CA TYR A 17 0.21 6.56 -12.77
C TYR A 17 0.03 6.86 -14.26
N ASN A 18 0.41 5.91 -15.11
CA ASN A 18 0.37 6.11 -16.55
C ASN A 18 -0.92 5.53 -17.08
N ALA A 19 -1.78 6.36 -17.62
CA ALA A 19 -3.15 5.95 -17.89
C ALA A 19 -3.38 5.61 -19.36
N VAL A 20 -2.83 6.44 -20.25
CA VAL A 20 -2.95 6.19 -21.67
C VAL A 20 -2.19 4.91 -22.03
N LYS A 21 -1.22 4.59 -21.19
CA LYS A 21 -0.39 3.40 -21.38
C LYS A 21 -0.89 2.25 -20.52
N ASP A 22 -1.83 2.57 -19.64
CA ASP A 22 -2.37 1.64 -18.65
C ASP A 22 -1.24 1.00 -17.85
N SER A 23 -0.46 1.85 -17.21
CA SER A 23 0.66 1.41 -16.42
C SER A 23 0.60 2.07 -15.06
N TYR A 24 0.04 1.35 -14.09
CA TYR A 24 -0.21 1.92 -12.79
C TYR A 24 0.63 1.21 -11.74
N GLN A 25 1.62 1.91 -11.22
CA GLN A 25 2.47 1.34 -10.21
C GLN A 25 2.51 2.27 -9.02
N PHE A 26 2.76 1.74 -7.85
CA PHE A 26 2.92 2.58 -6.67
C PHE A 26 3.90 1.97 -5.69
N THR A 27 4.74 2.78 -5.07
CA THR A 27 5.72 2.26 -4.13
C THR A 27 5.22 2.41 -2.70
N VAL A 28 5.54 1.44 -1.87
CA VAL A 28 5.14 1.50 -0.47
C VAL A 28 6.26 0.98 0.44
N THR A 29 6.66 1.79 1.40
CA THR A 29 7.62 1.35 2.40
C THR A 29 6.86 0.79 3.59
N LEU A 30 7.23 -0.40 4.02
CA LEU A 30 6.53 -1.08 5.10
C LEU A 30 7.47 -1.34 6.26
N THR A 31 6.88 -1.66 7.39
CA THR A 31 7.62 -2.17 8.52
C THR A 31 7.09 -3.55 8.89
N GLY A 32 8.00 -4.47 9.18
CA GLY A 32 7.60 -5.84 9.46
C GLY A 32 8.17 -6.33 10.76
N ALA A 33 8.53 -7.60 10.81
CA ALA A 33 9.03 -8.20 12.02
C ALA A 33 10.50 -8.60 11.92
N THR A 34 10.97 -9.28 12.95
CA THR A 34 12.38 -9.60 13.16
C THR A 34 13.01 -10.37 11.98
N ALA A 35 14.34 -10.47 12.02
CA ALA A 35 15.12 -11.15 10.99
C ALA A 35 14.86 -12.65 10.96
N SER A 36 15.60 -13.35 10.08
CA SER A 36 15.48 -14.79 9.87
C SER A 36 14.28 -15.11 8.97
N VAL A 37 13.78 -14.10 8.27
CA VAL A 37 12.75 -14.29 7.26
C VAL A 37 13.19 -13.62 5.96
N THR A 38 13.89 -14.39 5.13
CA THR A 38 14.48 -13.87 3.91
C THR A 38 13.42 -13.59 2.85
N GLY A 39 12.98 -12.34 2.79
CA GLY A 39 11.98 -11.94 1.85
C GLY A 39 10.58 -12.40 2.22
N PHE A 40 9.84 -11.53 2.91
CA PHE A 40 8.42 -11.77 3.19
C PHE A 40 7.68 -12.33 1.96
N LEU A 41 7.76 -11.59 0.85
CA LEU A 41 7.04 -11.96 -0.36
C LEU A 41 7.64 -11.24 -1.56
N LYS A 42 7.30 -11.70 -2.76
CA LYS A 42 7.85 -11.13 -3.98
C LYS A 42 6.81 -11.02 -5.07
N ALA A 43 7.27 -10.76 -6.30
CA ALA A 43 6.40 -10.61 -7.45
C ALA A 43 5.41 -11.74 -7.58
N GLY A 44 4.16 -11.38 -7.61
CA GLY A 44 3.09 -12.35 -7.73
C GLY A 44 2.30 -12.48 -6.45
N ASP A 45 2.93 -12.09 -5.34
CA ASP A 45 2.27 -12.19 -4.04
C ASP A 45 1.48 -10.93 -3.76
N GLN A 46 0.30 -11.11 -3.19
CA GLN A 46 -0.60 -9.99 -2.95
C GLN A 46 -0.74 -9.69 -1.46
N VAL A 47 -0.83 -8.42 -1.14
CA VAL A 47 -1.09 -7.98 0.22
C VAL A 47 -2.42 -7.28 0.31
N LYS A 48 -2.73 -6.86 1.51
CA LYS A 48 -3.95 -6.13 1.77
C LYS A 48 -3.60 -5.00 2.75
N PHE A 49 -3.96 -3.77 2.45
CA PHE A 49 -3.63 -2.67 3.34
C PHE A 49 -4.89 -2.03 3.91
N THR A 50 -4.73 -1.37 5.04
CA THR A 50 -5.83 -0.66 5.68
C THR A 50 -5.35 0.69 6.17
N ASN A 51 -5.63 1.71 5.37
CA ASN A 51 -5.11 3.05 5.61
C ASN A 51 -6.08 3.88 6.45
N THR A 52 -5.55 4.95 7.02
CA THR A 52 -6.32 5.91 7.80
C THR A 52 -6.98 6.92 6.87
N TYR A 53 -7.86 7.76 7.43
CA TYR A 53 -8.55 8.75 6.61
C TYR A 53 -7.65 9.94 6.37
N TRP A 54 -7.28 10.12 5.11
CA TRP A 54 -6.37 11.16 4.70
C TRP A 54 -6.72 11.64 3.30
N LEU A 55 -7.75 11.05 2.72
CA LEU A 55 -8.15 11.35 1.36
C LEU A 55 -9.38 12.24 1.34
N GLN A 56 -10.06 12.31 0.20
CA GLN A 56 -11.23 13.16 0.04
C GLN A 56 -12.37 12.67 0.92
N GLN A 57 -12.98 11.56 0.54
CA GLN A 57 -14.05 10.98 1.33
C GLN A 57 -13.61 9.62 1.86
N GLN A 58 -13.71 8.60 1.03
CA GLN A 58 -13.23 7.28 1.40
C GLN A 58 -12.10 6.83 0.50
N THR A 59 -12.37 6.68 -0.79
CA THR A 59 -11.34 6.25 -1.72
C THR A 59 -10.97 7.39 -2.68
N LYS A 60 -11.80 7.62 -3.69
CA LYS A 60 -11.51 8.62 -4.69
C LYS A 60 -12.11 9.98 -4.33
N GLN A 61 -13.41 10.14 -4.55
CA GLN A 61 -14.07 11.41 -4.31
C GLN A 61 -15.43 11.25 -3.65
N ALA A 62 -15.91 10.02 -3.56
CA ALA A 62 -17.28 9.77 -3.13
C ALA A 62 -17.36 8.70 -2.06
N LEU A 63 -18.47 7.94 -2.09
CA LEU A 63 -18.77 6.86 -1.15
C LEU A 63 -19.43 7.39 0.14
N TYR A 64 -19.79 8.67 0.12
CA TYR A 64 -20.64 9.29 1.15
C TYR A 64 -19.94 9.47 2.50
N ASN A 65 -19.64 8.35 3.15
CA ASN A 65 -19.21 8.31 4.56
C ASN A 65 -18.18 9.39 4.91
N GLY A 66 -17.16 9.53 4.09
CA GLY A 66 -16.14 10.53 4.35
C GLY A 66 -15.15 10.09 5.40
N ALA A 67 -14.91 8.79 5.45
CA ALA A 67 -13.94 8.21 6.36
C ALA A 67 -13.34 6.97 5.73
N THR A 68 -12.04 6.82 5.86
CA THR A 68 -11.35 5.68 5.27
C THR A 68 -10.91 4.70 6.37
N PRO A 69 -11.81 3.76 6.75
CA PRO A 69 -11.52 2.76 7.76
C PRO A 69 -11.21 1.39 7.17
N ILE A 70 -11.00 1.33 5.87
CA ILE A 70 -10.79 0.07 5.18
C ILE A 70 -10.22 0.27 3.80
N SER A 71 -9.37 -0.65 3.37
CA SER A 71 -8.83 -0.67 2.02
C SER A 71 -8.72 -2.10 1.55
N PHE A 72 -7.94 -2.36 0.50
CA PHE A 72 -7.92 -3.68 -0.10
C PHE A 72 -6.53 -4.10 -0.56
N THR A 73 -6.48 -4.94 -1.60
CA THR A 73 -5.29 -5.63 -2.03
C THR A 73 -4.29 -4.73 -2.76
N ALA A 74 -3.00 -5.01 -2.54
CA ALA A 74 -1.94 -4.48 -3.37
C ALA A 74 -1.07 -5.64 -3.85
N THR A 75 -0.33 -5.46 -4.93
CA THR A 75 0.44 -6.57 -5.47
C THR A 75 1.93 -6.26 -5.55
N VAL A 76 2.70 -7.08 -4.83
CA VAL A 76 4.14 -6.91 -4.75
C VAL A 76 4.82 -7.44 -6.00
N THR A 77 5.75 -6.65 -6.53
CA THR A 77 6.47 -7.04 -7.73
C THR A 77 7.97 -6.89 -7.51
N ALA A 78 8.40 -6.97 -6.26
CA ALA A 78 9.81 -6.74 -5.92
C ALA A 78 10.22 -7.52 -4.68
N ASP A 79 11.52 -7.58 -4.48
CA ASP A 79 12.11 -8.28 -3.35
C ASP A 79 11.74 -7.59 -2.05
N ALA A 80 10.99 -8.29 -1.23
CA ALA A 80 10.67 -7.76 0.10
C ALA A 80 11.70 -8.25 1.11
N ASN A 81 11.66 -7.72 2.32
CA ASN A 81 12.71 -7.98 3.30
C ASN A 81 12.18 -7.95 4.73
N SER A 82 12.49 -8.95 5.53
CA SER A 82 12.22 -8.88 6.95
C SER A 82 13.54 -8.85 7.73
N ASP A 83 14.02 -7.67 8.07
CA ASP A 83 15.31 -7.56 8.74
C ASP A 83 15.13 -7.47 10.25
N SER A 84 16.23 -7.41 10.98
CA SER A 84 16.20 -7.37 12.44
C SER A 84 15.42 -6.16 12.95
N GLY A 85 15.52 -5.05 12.21
CA GLY A 85 14.84 -3.84 12.60
C GLY A 85 13.40 -3.83 12.13
N GLY A 86 12.97 -4.93 11.54
CA GLY A 86 11.60 -5.04 11.10
C GLY A 86 11.23 -4.06 10.01
N ASP A 87 12.09 -3.87 9.01
CA ASP A 87 11.77 -2.98 7.89
C ASP A 87 11.62 -3.76 6.59
N VAL A 88 10.56 -3.45 5.85
CA VAL A 88 10.28 -4.07 4.55
C VAL A 88 9.81 -3.04 3.53
N THR A 89 10.53 -2.86 2.42
CA THR A 89 10.13 -1.87 1.43
C THR A 89 9.88 -2.52 0.07
N VAL A 90 8.70 -2.28 -0.50
CA VAL A 90 8.36 -2.86 -1.80
C VAL A 90 7.66 -1.85 -2.69
N THR A 91 7.62 -2.14 -3.97
CA THR A 91 6.87 -1.35 -4.91
C THR A 91 5.88 -2.24 -5.63
N LEU A 92 4.68 -1.73 -5.80
CA LEU A 92 3.56 -2.51 -6.27
C LEU A 92 3.24 -2.15 -7.71
N SER A 93 3.23 -3.15 -8.58
CA SER A 93 3.12 -2.90 -10.01
C SER A 93 1.88 -3.57 -10.61
N GLY A 94 1.27 -2.89 -11.58
CA GLY A 94 0.14 -3.46 -12.28
C GLY A 94 -1.14 -3.35 -11.48
N VAL A 95 -1.28 -2.23 -10.79
CA VAL A 95 -2.38 -2.03 -9.86
C VAL A 95 -2.85 -0.58 -9.90
N PRO A 96 -4.07 -0.34 -10.39
CA PRO A 96 -4.61 1.02 -10.57
C PRO A 96 -5.10 1.66 -9.27
N ILE A 97 -4.15 2.04 -8.41
CA ILE A 97 -4.47 2.77 -7.21
C ILE A 97 -4.11 4.23 -7.39
N TYR A 98 -5.07 5.10 -7.09
CA TYR A 98 -4.93 6.52 -7.33
C TYR A 98 -3.94 7.17 -6.36
N ASP A 99 -2.83 7.63 -6.93
CA ASP A 99 -1.83 8.39 -6.19
C ASP A 99 -2.43 9.70 -5.70
N THR A 100 -2.84 10.56 -6.64
CA THR A 100 -3.45 11.87 -6.33
C THR A 100 -2.68 12.64 -5.25
N THR A 101 -1.38 12.38 -5.14
CA THR A 101 -0.54 13.06 -4.18
C THR A 101 0.59 13.83 -4.88
N ASN A 102 1.11 13.27 -5.99
CA ASN A 102 2.12 13.96 -6.78
C ASN A 102 1.62 15.31 -7.35
N PRO A 103 0.42 15.35 -7.96
CA PRO A 103 -0.10 16.58 -8.59
C PRO A 103 -0.48 17.66 -7.58
N GLN A 104 -0.26 17.38 -6.30
CA GLN A 104 -0.54 18.33 -5.25
C GLN A 104 0.63 19.28 -5.10
N TYR A 105 0.69 20.23 -6.01
CA TYR A 105 1.78 21.19 -6.07
C TYR A 105 1.35 22.53 -5.49
N ASN A 106 0.06 22.64 -5.21
CA ASN A 106 -0.50 23.86 -4.64
C ASN A 106 -1.88 23.58 -4.07
N SER A 107 -2.71 22.94 -4.88
CA SER A 107 -4.05 22.57 -4.47
C SER A 107 -4.02 21.23 -3.73
N VAL A 108 -3.42 21.24 -2.55
CA VAL A 108 -3.24 20.02 -1.78
C VAL A 108 -4.53 19.65 -1.06
N SER A 109 -5.11 18.55 -1.46
CA SER A 109 -6.36 18.08 -0.91
C SER A 109 -6.18 16.73 -0.21
N ARG A 110 -5.96 15.68 -1.01
CA ARG A 110 -5.74 14.35 -0.44
C ARG A 110 -4.27 13.98 -0.49
N GLN A 111 -3.81 13.24 0.51
CA GLN A 111 -2.42 12.81 0.58
C GLN A 111 -2.37 11.40 1.13
N VAL A 112 -1.59 10.53 0.48
CA VAL A 112 -1.38 9.18 0.98
C VAL A 112 -0.80 9.21 2.39
N GLU A 113 -1.18 8.25 3.22
CA GLU A 113 -1.00 8.35 4.66
C GLU A 113 0.10 7.41 5.19
N ALA A 114 1.01 7.96 5.99
CA ALA A 114 2.10 7.18 6.54
C ALA A 114 1.82 6.78 8.00
N GLY A 115 1.69 5.48 8.29
CA GLY A 115 1.65 5.05 9.68
C GLY A 115 0.48 4.14 10.04
N ASP A 116 -0.22 3.64 9.04
CA ASP A 116 -1.36 2.75 9.29
C ASP A 116 -0.92 1.27 9.26
N ALA A 117 -1.81 0.37 8.83
CA ALA A 117 -1.58 -1.06 9.02
C ALA A 117 -1.58 -1.83 7.69
N VAL A 118 -0.77 -2.88 7.64
CA VAL A 118 -0.64 -3.73 6.48
C VAL A 118 -0.98 -5.18 6.83
N SER A 119 -1.51 -5.92 5.88
CA SER A 119 -1.79 -7.33 6.04
C SER A 119 -1.61 -8.07 4.72
N VAL A 120 -1.81 -9.38 4.73
CA VAL A 120 -1.65 -10.21 3.54
C VAL A 120 -3.00 -10.74 3.09
N VAL A 121 -3.16 -11.04 1.80
CA VAL A 121 -4.43 -11.55 1.32
C VAL A 121 -4.69 -12.97 1.84
N GLY A 122 -3.83 -13.91 1.47
CA GLY A 122 -4.00 -15.27 1.92
C GLY A 122 -5.21 -15.93 1.28
N THR A 123 -5.14 -16.14 -0.01
CA THR A 123 -6.21 -16.82 -0.74
C THR A 123 -6.09 -18.32 -0.57
N ALA A 124 -4.88 -18.79 -0.72
CA ALA A 124 -4.58 -20.21 -0.57
C ALA A 124 -3.64 -20.44 0.60
N GLY A 1 1.03 -19.00 11.79
CA GLY A 1 -0.07 -19.96 12.00
C GLY A 1 -1.42 -19.36 11.69
N ALA A 2 -2.11 -19.94 10.71
CA ALA A 2 -3.38 -19.42 10.22
C ALA A 2 -3.24 -17.96 9.83
N PHE A 3 -2.50 -17.74 8.75
CA PHE A 3 -2.12 -16.41 8.30
C PHE A 3 -1.28 -15.72 9.38
N GLY A 4 -1.16 -14.41 9.34
CA GLY A 4 -0.36 -13.71 10.32
C GLY A 4 0.60 -12.72 9.69
N GLY A 5 0.72 -12.75 8.37
CA GLY A 5 1.57 -11.80 7.69
C GLY A 5 1.04 -10.39 7.84
N THR A 6 1.79 -9.56 8.55
CA THR A 6 1.35 -8.21 8.87
C THR A 6 2.54 -7.26 8.83
N LEU A 7 2.31 -6.07 8.29
CA LEU A 7 3.35 -5.06 8.16
C LEU A 7 2.74 -3.68 8.43
N THR A 8 3.56 -2.65 8.42
CA THR A 8 3.09 -1.31 8.69
C THR A 8 3.79 -0.30 7.77
N VAL A 9 3.27 0.91 7.71
CA VAL A 9 3.68 1.88 6.71
C VAL A 9 4.30 3.12 7.34
N LYS A 10 5.44 3.57 6.81
CA LYS A 10 6.07 4.80 7.30
C LYS A 10 6.39 5.76 6.15
N THR A 11 5.83 5.48 4.98
CA THR A 11 5.97 6.36 3.83
C THR A 11 4.67 6.43 3.05
N GLN A 12 4.68 7.11 1.91
CA GLN A 12 3.48 7.29 1.12
C GLN A 12 3.61 6.56 -0.21
N PRO A 13 2.77 5.56 -0.45
CA PRO A 13 2.84 4.75 -1.65
C PRO A 13 2.24 5.43 -2.88
N THR A 14 3.11 5.87 -3.79
CA THR A 14 2.67 6.43 -5.06
C THR A 14 3.77 6.30 -6.13
N VAL A 15 3.42 5.72 -7.29
CA VAL A 15 4.28 5.71 -8.48
C VAL A 15 3.41 5.58 -9.74
N THR A 16 2.88 6.69 -10.18
CA THR A 16 2.11 6.78 -11.42
C THR A 16 0.66 6.36 -11.19
N TYR A 17 -0.18 7.35 -10.95
CA TYR A 17 -1.61 7.11 -10.82
C TYR A 17 -2.34 7.73 -12.00
N ASN A 18 -2.51 6.95 -13.05
CA ASN A 18 -3.19 7.42 -14.24
C ASN A 18 -4.36 6.51 -14.53
N ALA A 19 -5.48 7.11 -14.86
CA ALA A 19 -6.73 6.39 -14.98
C ALA A 19 -7.11 6.16 -16.43
N VAL A 20 -7.08 7.21 -17.24
CA VAL A 20 -7.42 7.11 -18.66
C VAL A 20 -6.47 6.14 -19.35
N LYS A 21 -5.24 6.08 -18.85
CA LYS A 21 -4.22 5.21 -19.41
C LYS A 21 -4.24 3.86 -18.70
N ASP A 22 -5.05 3.79 -17.65
CA ASP A 22 -5.21 2.60 -16.82
C ASP A 22 -3.87 2.15 -16.29
N SER A 23 -3.26 3.00 -15.48
CA SER A 23 -1.93 2.73 -14.95
C SER A 23 -1.81 3.23 -13.51
N TYR A 24 -1.94 2.31 -12.58
CA TYR A 24 -1.84 2.64 -11.16
C TYR A 24 -0.70 1.86 -10.52
N GLN A 25 0.34 2.54 -10.08
CA GLN A 25 1.45 1.88 -9.39
C GLN A 25 1.85 2.68 -8.18
N PHE A 26 2.71 2.12 -7.33
CA PHE A 26 3.20 2.85 -6.18
C PHE A 26 4.40 2.19 -5.50
N THR A 27 5.35 3.00 -5.04
CA THR A 27 6.49 2.49 -4.29
C THR A 27 6.30 2.82 -2.81
N VAL A 28 6.71 1.92 -1.94
CA VAL A 28 6.49 2.14 -0.52
C VAL A 28 7.65 1.64 0.34
N THR A 29 7.98 2.42 1.37
CA THR A 29 8.92 1.99 2.40
C THR A 29 8.13 1.63 3.65
N LEU A 30 8.01 0.35 3.91
CA LEU A 30 7.19 -0.11 5.01
C LEU A 30 8.08 -0.58 6.15
N THR A 31 7.47 -0.86 7.27
CA THR A 31 8.13 -1.46 8.39
C THR A 31 7.43 -2.78 8.74
N GLY A 32 8.18 -3.77 9.16
CA GLY A 32 7.60 -5.08 9.35
C GLY A 32 8.19 -5.84 10.52
N ALA A 33 8.35 -7.14 10.35
CA ALA A 33 8.75 -8.00 11.46
C ALA A 33 10.26 -8.26 11.50
N THR A 34 10.66 -9.10 12.45
CA THR A 34 12.06 -9.32 12.77
C THR A 34 12.71 -10.32 11.82
N ALA A 35 13.98 -10.63 12.08
CA ALA A 35 14.77 -11.52 11.24
C ALA A 35 14.19 -12.94 11.18
N SER A 36 14.92 -13.81 10.46
CA SER A 36 14.53 -15.20 10.20
C SER A 36 13.29 -15.27 9.31
N VAL A 37 13.00 -14.16 8.64
CA VAL A 37 11.95 -14.13 7.64
C VAL A 37 12.50 -13.53 6.36
N THR A 38 13.04 -14.39 5.51
CA THR A 38 13.66 -13.97 4.27
C THR A 38 12.62 -13.89 3.16
N GLY A 39 12.06 -12.71 2.99
CA GLY A 39 11.07 -12.51 1.95
C GLY A 39 9.67 -12.85 2.40
N PHE A 40 9.00 -11.89 3.02
CA PHE A 40 7.58 -12.02 3.32
C PHE A 40 6.81 -12.49 2.08
N LEU A 41 7.13 -11.87 0.95
CA LEU A 41 6.52 -12.21 -0.34
C LEU A 41 7.40 -11.66 -1.46
N LYS A 42 7.12 -12.07 -2.69
CA LYS A 42 7.91 -11.63 -3.84
C LYS A 42 7.03 -11.29 -5.03
N ALA A 43 7.66 -11.13 -6.19
CA ALA A 43 6.95 -10.84 -7.43
C ALA A 43 5.90 -11.90 -7.72
N GLY A 44 4.66 -11.46 -7.78
CA GLY A 44 3.58 -12.37 -8.07
C GLY A 44 2.70 -12.57 -6.85
N ASP A 45 3.21 -12.21 -5.69
CA ASP A 45 2.47 -12.33 -4.45
C ASP A 45 1.72 -11.04 -4.17
N GLN A 46 0.50 -11.17 -3.67
CA GLN A 46 -0.33 -10.02 -3.39
C GLN A 46 -0.21 -9.62 -1.93
N VAL A 47 -0.74 -8.45 -1.61
CA VAL A 47 -0.84 -7.98 -0.24
C VAL A 47 -2.26 -7.59 0.09
N LYS A 48 -2.49 -7.32 1.36
CA LYS A 48 -3.80 -6.91 1.83
C LYS A 48 -3.64 -5.73 2.76
N PHE A 49 -3.67 -4.51 2.24
CA PHE A 49 -3.36 -3.37 3.08
C PHE A 49 -4.57 -2.48 3.24
N THR A 50 -4.55 -1.67 4.29
CA THR A 50 -5.66 -0.81 4.61
C THR A 50 -5.16 0.60 4.89
N ASN A 51 -5.29 1.46 3.89
CA ASN A 51 -4.90 2.85 3.99
C ASN A 51 -6.11 3.70 4.36
N THR A 52 -6.42 3.70 5.65
CA THR A 52 -7.56 4.42 6.16
C THR A 52 -7.34 5.94 6.03
N TYR A 53 -8.03 6.54 5.07
CA TYR A 53 -7.88 7.96 4.84
C TYR A 53 -8.73 8.74 5.82
N TRP A 54 -8.05 9.47 6.70
CA TRP A 54 -8.69 10.22 7.78
C TRP A 54 -7.60 10.79 8.66
N LEU A 55 -6.87 11.78 8.14
CA LEU A 55 -5.67 12.26 8.80
C LEU A 55 -5.98 13.28 9.89
N GLN A 56 -7.18 13.19 10.45
CA GLN A 56 -7.52 13.98 11.61
C GLN A 56 -7.00 13.30 12.88
N GLN A 57 -6.46 12.11 12.68
CA GLN A 57 -5.80 11.37 13.77
C GLN A 57 -4.68 12.21 14.35
N GLN A 58 -3.95 12.85 13.45
CA GLN A 58 -2.79 13.66 13.81
C GLN A 58 -3.20 14.87 14.66
N THR A 59 -4.39 15.37 14.43
CA THR A 59 -4.87 16.55 15.14
C THR A 59 -5.67 16.17 16.39
N LYS A 60 -6.21 14.97 16.42
CA LYS A 60 -6.97 14.50 17.57
C LYS A 60 -6.07 13.83 18.59
N GLN A 61 -5.14 13.01 18.10
CA GLN A 61 -4.12 12.32 18.89
C GLN A 61 -4.68 11.25 19.82
N ALA A 62 -5.84 11.50 20.41
CA ALA A 62 -6.46 10.56 21.33
C ALA A 62 -6.98 9.34 20.58
N LEU A 63 -7.15 9.51 19.27
CA LEU A 63 -7.48 8.41 18.36
C LEU A 63 -8.82 7.75 18.68
N TYR A 64 -9.74 8.50 19.27
CA TYR A 64 -11.07 7.99 19.53
C TYR A 64 -11.88 8.00 18.24
N ASN A 65 -11.37 8.73 17.25
CA ASN A 65 -11.96 8.77 15.92
C ASN A 65 -11.49 7.57 15.12
N GLY A 66 -12.29 7.16 14.15
CA GLY A 66 -11.91 6.06 13.31
C GLY A 66 -11.46 6.54 11.95
N ALA A 67 -12.05 5.96 10.91
CA ALA A 67 -11.66 6.24 9.54
C ALA A 67 -12.46 5.35 8.61
N THR A 68 -12.12 5.39 7.33
CA THR A 68 -12.73 4.52 6.35
C THR A 68 -11.99 3.16 6.33
N PRO A 69 -12.69 2.08 6.68
CA PRO A 69 -12.09 0.75 6.81
C PRO A 69 -11.87 0.05 5.47
N ILE A 70 -11.19 0.72 4.56
CA ILE A 70 -10.90 0.16 3.25
C ILE A 70 -9.62 -0.68 3.28
N SER A 71 -9.79 -1.98 3.05
CA SER A 71 -8.66 -2.90 3.01
C SER A 71 -8.71 -3.70 1.70
N PHE A 72 -7.71 -3.54 0.84
CA PHE A 72 -7.75 -4.19 -0.46
C PHE A 72 -6.43 -4.85 -0.81
N THR A 73 -6.46 -5.60 -1.90
CA THR A 73 -5.34 -6.44 -2.31
C THR A 73 -4.56 -5.80 -3.45
N ALA A 74 -3.25 -5.70 -3.28
CA ALA A 74 -2.36 -5.23 -4.33
C ALA A 74 -1.23 -6.24 -4.52
N THR A 75 -0.24 -5.91 -5.34
CA THR A 75 0.80 -6.89 -5.64
C THR A 75 2.20 -6.29 -5.56
N VAL A 76 3.10 -7.05 -4.93
CA VAL A 76 4.50 -6.68 -4.82
C VAL A 76 5.31 -7.36 -5.92
N THR A 77 6.30 -6.65 -6.45
CA THR A 77 7.06 -7.14 -7.57
C THR A 77 8.53 -7.40 -7.20
N ALA A 78 8.79 -7.62 -5.92
CA ALA A 78 10.16 -7.81 -5.46
C ALA A 78 10.21 -8.51 -4.11
N ASP A 79 11.43 -8.89 -3.73
CA ASP A 79 11.69 -9.53 -2.45
C ASP A 79 11.35 -8.59 -1.32
N ALA A 80 10.31 -8.93 -0.59
CA ALA A 80 9.87 -8.09 0.54
C ALA A 80 10.54 -8.56 1.82
N ASN A 81 11.39 -7.71 2.37
CA ASN A 81 12.25 -8.10 3.49
C ASN A 81 11.59 -7.89 4.84
N SER A 82 11.76 -8.83 5.74
CA SER A 82 11.60 -8.53 7.16
C SER A 82 12.86 -8.92 7.92
N ASP A 83 13.71 -7.93 8.19
CA ASP A 83 14.98 -8.17 8.87
C ASP A 83 14.85 -7.85 10.35
N SER A 84 15.97 -7.92 11.08
CA SER A 84 15.95 -7.68 12.52
C SER A 84 15.39 -6.29 12.85
N GLY A 85 15.62 -5.34 11.97
CA GLY A 85 15.19 -3.99 12.22
C GLY A 85 13.72 -3.77 11.93
N GLY A 86 13.02 -4.85 11.54
CA GLY A 86 11.62 -4.73 11.19
C GLY A 86 11.38 -3.74 10.06
N ASP A 87 12.21 -3.78 9.02
CA ASP A 87 12.02 -2.88 7.87
C ASP A 87 11.68 -3.66 6.61
N VAL A 88 10.78 -3.12 5.80
CA VAL A 88 10.35 -3.76 4.57
C VAL A 88 9.97 -2.73 3.49
N THR A 89 10.81 -2.53 2.50
CA THR A 89 10.54 -1.56 1.44
C THR A 89 10.32 -2.27 0.11
N VAL A 90 9.18 -2.02 -0.53
CA VAL A 90 8.86 -2.67 -1.81
C VAL A 90 8.03 -1.74 -2.69
N THR A 91 7.94 -2.06 -3.96
CA THR A 91 7.12 -1.30 -4.88
C THR A 91 6.00 -2.18 -5.43
N LEU A 92 4.85 -1.56 -5.66
CA LEU A 92 3.66 -2.27 -6.06
C LEU A 92 3.14 -1.76 -7.40
N SER A 93 2.46 -2.63 -8.14
CA SER A 93 1.92 -2.26 -9.43
C SER A 93 0.54 -2.87 -9.62
N GLY A 94 -0.46 -2.02 -9.80
CA GLY A 94 -1.81 -2.50 -10.02
C GLY A 94 -2.66 -2.48 -8.76
N VAL A 95 -3.87 -1.95 -8.88
CA VAL A 95 -4.82 -1.88 -7.76
C VAL A 95 -6.21 -2.28 -8.24
N PRO A 96 -7.07 -2.76 -7.32
CA PRO A 96 -8.44 -3.16 -7.66
C PRO A 96 -9.37 -1.96 -7.81
N ILE A 97 -8.91 -0.97 -8.55
CA ILE A 97 -9.67 0.22 -8.84
C ILE A 97 -9.92 0.31 -10.34
N TYR A 98 -11.19 0.38 -10.73
CA TYR A 98 -11.54 0.35 -12.13
C TYR A 98 -11.87 1.75 -12.62
N ASP A 99 -11.43 2.05 -13.84
CA ASP A 99 -11.65 3.37 -14.43
C ASP A 99 -12.99 3.41 -15.16
N THR A 100 -13.72 2.31 -15.07
CA THR A 100 -15.04 2.19 -15.68
C THR A 100 -15.96 3.31 -15.24
N THR A 101 -16.19 3.38 -13.95
CA THR A 101 -16.96 4.45 -13.36
C THR A 101 -16.02 5.45 -12.70
N ASN A 102 -15.04 4.92 -11.96
CA ASN A 102 -14.02 5.74 -11.28
C ASN A 102 -14.64 6.94 -10.56
N PRO A 103 -15.61 6.69 -9.65
CA PRO A 103 -16.36 7.75 -8.97
C PRO A 103 -15.81 8.04 -7.58
N GLN A 104 -14.54 7.78 -7.39
CA GLN A 104 -13.92 7.86 -6.08
C GLN A 104 -13.63 9.30 -5.68
N TYR A 105 -14.69 9.98 -5.26
CA TYR A 105 -14.66 11.38 -4.80
C TYR A 105 -14.29 12.36 -5.91
N ASN A 106 -13.11 12.18 -6.46
CA ASN A 106 -12.62 13.01 -7.56
C ASN A 106 -11.62 12.21 -8.38
N SER A 107 -10.96 11.27 -7.71
CA SER A 107 -10.02 10.34 -8.33
C SER A 107 -8.68 11.01 -8.61
N VAL A 108 -8.71 12.16 -9.26
CA VAL A 108 -7.49 12.89 -9.60
C VAL A 108 -6.92 13.60 -8.37
N SER A 109 -7.76 13.76 -7.36
CA SER A 109 -7.34 14.45 -6.14
C SER A 109 -7.25 13.47 -4.97
N ARG A 110 -6.83 12.24 -5.24
CA ARG A 110 -6.68 11.23 -4.20
C ARG A 110 -5.26 11.25 -3.65
N GLN A 111 -5.09 11.63 -2.39
CA GLN A 111 -3.77 11.63 -1.77
C GLN A 111 -3.70 10.56 -0.70
N VAL A 112 -2.50 10.06 -0.47
CA VAL A 112 -2.27 9.04 0.54
C VAL A 112 -1.34 9.57 1.62
N GLU A 113 -1.33 8.90 2.77
CA GLU A 113 -0.47 9.30 3.87
C GLU A 113 0.16 8.07 4.50
N ALA A 114 1.21 8.28 5.29
CA ALA A 114 1.90 7.20 5.96
C ALA A 114 1.23 6.88 7.30
N GLY A 115 1.47 5.68 7.82
CA GLY A 115 1.00 5.35 9.15
C GLY A 115 -0.12 4.33 9.17
N ASP A 116 -0.43 3.73 8.03
CA ASP A 116 -1.49 2.73 7.96
C ASP A 116 -0.94 1.32 8.11
N ALA A 117 -1.81 0.32 7.91
CA ALA A 117 -1.45 -1.07 8.18
C ALA A 117 -1.45 -1.91 6.92
N VAL A 118 -0.59 -2.92 6.89
CA VAL A 118 -0.43 -3.79 5.73
C VAL A 118 -0.53 -5.26 6.13
N SER A 119 -1.07 -6.08 5.24
CA SER A 119 -1.09 -7.52 5.42
C SER A 119 -0.74 -8.20 4.09
N VAL A 120 -0.68 -9.54 4.06
CA VAL A 120 -0.17 -10.26 2.90
C VAL A 120 -1.24 -11.15 2.27
N VAL A 121 -1.16 -11.32 0.95
CA VAL A 121 -2.01 -12.24 0.20
C VAL A 121 -1.12 -13.12 -0.67
N GLY A 122 -0.12 -13.70 -0.02
CA GLY A 122 0.86 -14.51 -0.69
C GLY A 122 0.24 -15.64 -1.50
N THR A 123 0.89 -16.00 -2.60
CA THR A 123 0.38 -17.01 -3.49
C THR A 123 1.15 -18.31 -3.33
N ALA A 124 2.45 -18.25 -3.60
CA ALA A 124 3.31 -19.41 -3.51
C ALA A 124 4.76 -18.98 -3.28
N GLY A 1 9.16 -18.44 9.02
CA GLY A 1 9.22 -18.07 7.59
C GLY A 1 8.21 -17.00 7.24
N ALA A 2 7.63 -17.09 6.05
CA ALA A 2 6.68 -16.11 5.57
C ALA A 2 5.31 -16.34 6.18
N PHE A 3 5.05 -15.68 7.30
CA PHE A 3 3.78 -15.81 8.00
C PHE A 3 2.64 -15.27 7.15
N GLY A 4 2.90 -14.12 6.51
CA GLY A 4 1.90 -13.49 5.69
C GLY A 4 0.87 -12.75 6.52
N GLY A 5 1.30 -12.27 7.68
CA GLY A 5 0.40 -11.62 8.60
C GLY A 5 0.32 -10.12 8.40
N THR A 6 0.19 -9.40 9.49
CA THR A 6 0.05 -7.95 9.47
C THR A 6 1.41 -7.28 9.34
N LEU A 7 1.42 -6.16 8.63
CA LEU A 7 2.60 -5.33 8.54
C LEU A 7 2.17 -3.86 8.68
N THR A 8 3.12 -2.95 8.56
CA THR A 8 2.84 -1.55 8.82
C THR A 8 3.40 -0.67 7.69
N VAL A 9 2.79 0.49 7.50
CA VAL A 9 3.23 1.44 6.48
C VAL A 9 4.05 2.54 7.13
N LYS A 10 5.23 2.84 6.57
CA LYS A 10 6.09 3.86 7.16
C LYS A 10 6.19 5.08 6.25
N THR A 11 6.05 4.86 4.95
CA THR A 11 6.08 5.94 3.97
C THR A 11 4.79 5.93 3.15
N GLN A 12 4.78 6.69 2.07
CA GLN A 12 3.57 6.83 1.26
C GLN A 12 3.75 6.11 -0.06
N PRO A 13 2.87 5.14 -0.37
CA PRO A 13 2.90 4.40 -1.63
C PRO A 13 2.56 5.28 -2.81
N THR A 14 3.55 5.67 -3.60
CA THR A 14 3.28 6.55 -4.72
C THR A 14 4.31 6.41 -5.84
N VAL A 15 3.78 6.11 -7.03
CA VAL A 15 4.52 6.10 -8.29
C VAL A 15 3.50 6.36 -9.40
N THR A 16 3.96 6.50 -10.63
CA THR A 16 3.13 6.83 -11.77
C THR A 16 1.76 6.12 -11.74
N TYR A 17 0.70 6.91 -11.65
CA TYR A 17 -0.65 6.40 -11.78
C TYR A 17 -1.23 6.88 -13.11
N ASN A 18 -0.94 6.16 -14.17
CA ASN A 18 -1.36 6.58 -15.50
C ASN A 18 -2.43 5.63 -16.01
N ALA A 19 -3.45 6.19 -16.64
CA ALA A 19 -4.61 5.43 -17.05
C ALA A 19 -4.65 5.22 -18.56
N VAL A 20 -4.31 6.26 -19.31
CA VAL A 20 -4.22 6.16 -20.77
C VAL A 20 -3.17 5.13 -21.16
N LYS A 21 -2.15 5.03 -20.32
CA LYS A 21 -1.06 4.07 -20.55
C LYS A 21 -1.32 2.78 -19.77
N ASP A 22 -2.38 2.84 -18.97
CA ASP A 22 -2.80 1.73 -18.10
C ASP A 22 -1.64 1.27 -17.23
N SER A 23 -1.02 2.23 -16.57
CA SER A 23 0.17 1.98 -15.79
C SER A 23 0.02 2.50 -14.37
N TYR A 24 -0.33 1.61 -13.46
CA TYR A 24 -0.55 1.98 -12.07
C TYR A 24 0.51 1.33 -11.20
N GLN A 25 1.46 2.13 -10.75
CA GLN A 25 2.55 1.63 -9.93
C GLN A 25 2.69 2.49 -8.68
N PHE A 26 3.20 1.91 -7.60
CA PHE A 26 3.47 2.67 -6.39
C PHE A 26 4.57 2.03 -5.54
N THR A 27 5.55 2.83 -5.14
CA THR A 27 6.68 2.34 -4.36
C THR A 27 6.51 2.73 -2.90
N VAL A 28 6.89 1.85 -2.00
CA VAL A 28 6.75 2.16 -0.58
C VAL A 28 7.93 1.61 0.25
N THR A 29 8.28 2.34 1.29
CA THR A 29 9.11 1.83 2.36
C THR A 29 8.20 1.49 3.54
N LEU A 30 8.05 0.21 3.84
CA LEU A 30 7.08 -0.21 4.83
C LEU A 30 7.81 -0.79 6.03
N THR A 31 7.09 -1.02 7.11
CA THR A 31 7.67 -1.58 8.30
C THR A 31 7.13 -3.00 8.53
N GLY A 32 8.01 -3.91 8.93
CA GLY A 32 7.64 -5.29 9.08
C GLY A 32 8.14 -5.85 10.38
N ALA A 33 8.56 -7.10 10.38
CA ALA A 33 9.05 -7.74 11.59
C ALA A 33 10.55 -7.88 11.59
N THR A 34 11.07 -8.49 12.64
CA THR A 34 12.50 -8.63 12.84
C THR A 34 13.11 -9.62 11.84
N ALA A 35 14.41 -9.86 11.97
CA ALA A 35 15.14 -10.78 11.11
C ALA A 35 14.63 -12.21 11.24
N SER A 36 15.29 -13.13 10.53
CA SER A 36 14.95 -14.56 10.54
C SER A 36 13.75 -14.84 9.63
N VAL A 37 13.39 -13.86 8.80
CA VAL A 37 12.40 -14.07 7.76
C VAL A 37 12.92 -13.50 6.44
N THR A 38 13.62 -14.34 5.68
CA THR A 38 14.20 -13.93 4.42
C THR A 38 13.13 -13.93 3.33
N GLY A 39 12.59 -12.76 3.05
CA GLY A 39 11.58 -12.63 2.03
C GLY A 39 10.21 -13.06 2.49
N PHE A 40 9.43 -12.10 2.98
CA PHE A 40 8.02 -12.33 3.25
C PHE A 40 7.32 -12.89 2.01
N LEU A 41 7.65 -12.32 0.86
CA LEU A 41 7.01 -12.70 -0.40
C LEU A 41 7.87 -12.24 -1.57
N LYS A 42 7.50 -12.64 -2.78
CA LYS A 42 8.25 -12.29 -3.97
C LYS A 42 7.35 -11.72 -5.06
N ALA A 43 7.88 -11.62 -6.27
CA ALA A 43 7.16 -11.08 -7.40
C ALA A 43 5.92 -11.91 -7.70
N GLY A 44 4.77 -11.27 -7.60
CA GLY A 44 3.52 -11.94 -7.93
C GLY A 44 2.68 -12.21 -6.71
N ASP A 45 3.29 -12.13 -5.54
CA ASP A 45 2.57 -12.34 -4.30
C ASP A 45 1.71 -11.12 -3.98
N GLN A 46 0.47 -11.37 -3.60
CA GLN A 46 -0.45 -10.28 -3.36
C GLN A 46 -0.54 -9.94 -1.88
N VAL A 47 -0.85 -8.68 -1.61
CA VAL A 47 -1.04 -8.17 -0.27
C VAL A 47 -2.40 -7.52 -0.18
N LYS A 48 -2.81 -7.14 1.00
CA LYS A 48 -3.99 -6.30 1.15
C LYS A 48 -3.78 -5.34 2.32
N PHE A 49 -4.06 -4.08 2.13
CA PHE A 49 -3.78 -3.09 3.15
C PHE A 49 -4.87 -2.03 3.18
N THR A 50 -4.87 -1.21 4.22
CA THR A 50 -5.92 -0.24 4.40
C THR A 50 -5.35 1.13 4.76
N ASN A 51 -5.71 2.12 3.95
CA ASN A 51 -5.38 3.52 4.20
C ASN A 51 -6.50 4.12 5.06
N THR A 52 -6.20 4.40 6.31
CA THR A 52 -7.20 4.85 7.26
C THR A 52 -6.89 6.24 7.78
N TYR A 53 -7.23 7.24 6.98
CA TYR A 53 -7.05 8.63 7.36
C TYR A 53 -8.22 9.45 6.86
N TRP A 54 -8.11 10.76 6.99
CA TRP A 54 -9.17 11.66 6.55
C TRP A 54 -8.58 12.78 5.70
N LEU A 55 -8.30 12.46 4.45
CA LEU A 55 -7.68 13.42 3.53
C LEU A 55 -8.74 14.23 2.81
N GLN A 56 -9.93 14.30 3.38
CA GLN A 56 -11.05 15.00 2.79
C GLN A 56 -10.75 16.49 2.59
N GLN A 57 -9.83 17.00 3.38
CA GLN A 57 -9.38 18.39 3.23
C GLN A 57 -8.70 18.57 1.88
N GLN A 58 -8.09 17.49 1.41
CA GLN A 58 -7.33 17.52 0.17
C GLN A 58 -8.05 16.80 -0.97
N THR A 59 -9.33 16.50 -0.79
CA THR A 59 -10.08 15.78 -1.81
C THR A 59 -10.56 16.73 -2.92
N LYS A 60 -10.02 17.94 -2.94
CA LYS A 60 -10.34 18.90 -3.98
C LYS A 60 -9.58 18.53 -5.26
N GLN A 61 -8.43 17.90 -5.07
CA GLN A 61 -7.65 17.38 -6.19
C GLN A 61 -8.25 16.06 -6.64
N ALA A 62 -8.90 15.40 -5.72
CA ALA A 62 -9.66 14.21 -6.00
C ALA A 62 -11.05 14.61 -6.45
N LEU A 63 -11.94 13.65 -6.65
CA LEU A 63 -13.28 13.96 -7.09
C LEU A 63 -14.24 13.99 -5.90
N TYR A 64 -13.71 14.45 -4.77
CA TYR A 64 -14.45 14.60 -3.52
C TYR A 64 -15.06 13.28 -3.06
N ASN A 65 -14.36 12.62 -2.16
CA ASN A 65 -14.80 11.34 -1.62
C ASN A 65 -14.77 11.38 -0.11
N GLY A 66 -15.52 10.50 0.53
CA GLY A 66 -15.53 10.43 1.97
C GLY A 66 -15.17 9.06 2.50
N ALA A 67 -14.94 8.13 1.59
CA ALA A 67 -14.62 6.75 1.96
C ALA A 67 -13.13 6.49 1.79
N THR A 68 -12.32 7.28 2.47
CA THR A 68 -10.87 7.11 2.44
C THR A 68 -10.42 5.83 3.16
N PRO A 69 -10.95 5.54 4.38
CA PRO A 69 -10.60 4.30 5.12
C PRO A 69 -11.12 3.05 4.40
N ILE A 70 -10.39 2.63 3.38
CA ILE A 70 -10.76 1.46 2.61
C ILE A 70 -9.61 0.45 2.59
N SER A 71 -9.94 -0.83 2.49
CA SER A 71 -8.94 -1.87 2.39
C SER A 71 -9.02 -2.53 1.01
N PHE A 72 -7.88 -2.83 0.40
CA PHE A 72 -7.86 -3.44 -0.92
C PHE A 72 -6.61 -4.27 -1.13
N THR A 73 -6.67 -5.18 -2.09
CA THR A 73 -5.59 -6.12 -2.35
C THR A 73 -4.62 -5.54 -3.39
N ALA A 74 -3.33 -5.57 -3.08
CA ALA A 74 -2.30 -5.04 -3.96
C ALA A 74 -1.32 -6.15 -4.34
N THR A 75 -0.30 -5.81 -5.13
CA THR A 75 0.65 -6.84 -5.55
C THR A 75 2.09 -6.30 -5.62
N VAL A 76 2.98 -7.03 -4.97
CA VAL A 76 4.39 -6.68 -4.92
C VAL A 76 5.15 -7.41 -6.02
N THR A 77 6.18 -6.78 -6.56
CA THR A 77 6.89 -7.31 -7.70
C THR A 77 8.31 -7.80 -7.34
N ALA A 78 8.57 -8.03 -6.05
CA ALA A 78 9.90 -8.46 -5.63
C ALA A 78 9.91 -8.97 -4.21
N ASP A 79 11.08 -9.44 -3.80
CA ASP A 79 11.31 -9.98 -2.47
C ASP A 79 11.03 -8.94 -1.41
N ALA A 80 10.09 -9.24 -0.55
CA ALA A 80 9.75 -8.33 0.54
C ALA A 80 10.53 -8.67 1.79
N ASN A 81 11.39 -7.76 2.21
CA ASN A 81 12.37 -8.02 3.26
C ASN A 81 11.78 -7.94 4.66
N SER A 82 12.02 -8.97 5.49
CA SER A 82 11.82 -8.82 6.92
C SER A 82 13.16 -8.91 7.64
N ASP A 83 13.79 -7.78 7.91
CA ASP A 83 15.09 -7.78 8.55
C ASP A 83 15.01 -7.26 9.99
N SER A 84 16.13 -7.26 10.69
CA SER A 84 16.15 -6.94 12.12
C SER A 84 15.51 -5.59 12.41
N GLY A 85 15.65 -4.65 11.48
CA GLY A 85 15.15 -3.30 11.71
C GLY A 85 13.66 -3.20 11.54
N GLY A 86 13.00 -4.35 11.35
CA GLY A 86 11.57 -4.35 11.12
C GLY A 86 11.18 -3.48 9.95
N ASP A 87 11.97 -3.54 8.88
CA ASP A 87 11.75 -2.69 7.72
C ASP A 87 11.52 -3.55 6.48
N VAL A 88 10.39 -3.33 5.83
CA VAL A 88 10.05 -4.05 4.62
C VAL A 88 9.75 -3.10 3.47
N THR A 89 10.76 -2.83 2.68
CA THR A 89 10.62 -1.87 1.60
C THR A 89 10.46 -2.57 0.25
N VAL A 90 9.31 -2.35 -0.38
CA VAL A 90 9.00 -2.97 -1.68
C VAL A 90 8.11 -2.05 -2.51
N THR A 91 8.11 -2.28 -3.81
CA THR A 91 7.29 -1.52 -4.71
C THR A 91 6.17 -2.38 -5.26
N LEU A 92 5.00 -1.79 -5.41
CA LEU A 92 3.84 -2.46 -5.92
C LEU A 92 3.51 -1.95 -7.31
N SER A 93 3.47 -2.83 -8.27
CA SER A 93 3.36 -2.41 -9.66
C SER A 93 2.51 -3.35 -10.49
N GLY A 94 1.89 -2.81 -11.52
CA GLY A 94 1.14 -3.62 -12.46
C GLY A 94 -0.26 -3.93 -11.97
N VAL A 95 -0.85 -3.00 -11.23
CA VAL A 95 -2.19 -3.19 -10.72
C VAL A 95 -3.11 -2.01 -11.08
N PRO A 96 -3.68 -2.05 -12.30
CA PRO A 96 -4.67 -1.06 -12.74
C PRO A 96 -6.04 -1.40 -12.17
N ILE A 97 -6.23 -1.07 -10.90
CA ILE A 97 -7.42 -1.46 -10.17
C ILE A 97 -8.58 -0.50 -10.45
N TYR A 98 -9.45 -0.92 -11.35
CA TYR A 98 -10.66 -0.17 -11.68
C TYR A 98 -11.88 -1.02 -11.45
N ASP A 99 -12.18 -1.29 -10.19
CA ASP A 99 -13.30 -2.14 -9.83
C ASP A 99 -14.61 -1.50 -10.23
N THR A 100 -14.90 -0.35 -9.65
CA THR A 100 -16.12 0.36 -9.95
C THR A 100 -15.86 1.86 -10.05
N THR A 101 -16.49 2.48 -11.04
CA THR A 101 -16.37 3.91 -11.25
C THR A 101 -17.32 4.65 -10.31
N ASN A 102 -18.28 3.90 -9.82
CA ASN A 102 -19.18 4.38 -8.80
C ASN A 102 -18.49 4.27 -7.44
N PRO A 103 -18.94 5.03 -6.42
CA PRO A 103 -18.26 5.08 -5.11
C PRO A 103 -18.46 3.82 -4.26
N GLN A 104 -18.55 2.68 -4.92
CA GLN A 104 -18.62 1.40 -4.22
C GLN A 104 -17.24 0.96 -3.80
N TYR A 105 -16.38 0.73 -4.78
CA TYR A 105 -15.00 0.34 -4.53
C TYR A 105 -14.08 1.08 -5.48
N ASN A 106 -13.91 2.36 -5.22
CA ASN A 106 -13.14 3.21 -6.11
C ASN A 106 -11.82 3.54 -5.45
N SER A 107 -10.96 2.54 -5.39
CA SER A 107 -9.66 2.68 -4.75
C SER A 107 -8.71 3.52 -5.59
N VAL A 108 -9.24 4.09 -6.68
CA VAL A 108 -8.49 4.99 -7.53
C VAL A 108 -8.38 6.35 -6.85
N SER A 109 -9.45 6.75 -6.19
CA SER A 109 -9.50 8.01 -5.47
C SER A 109 -8.80 7.89 -4.12
N ARG A 110 -7.57 7.41 -4.16
CA ARG A 110 -6.80 7.22 -2.95
C ARG A 110 -5.87 8.43 -2.75
N GLN A 111 -5.70 8.84 -1.50
CA GLN A 111 -4.69 9.83 -1.18
C GLN A 111 -3.79 9.26 -0.11
N VAL A 112 -2.57 8.95 -0.50
CA VAL A 112 -1.70 8.14 0.33
C VAL A 112 -1.15 8.92 1.52
N GLU A 113 -1.13 8.25 2.65
CA GLU A 113 -0.55 8.79 3.87
C GLU A 113 0.20 7.68 4.58
N ALA A 114 1.20 8.05 5.38
CA ALA A 114 2.03 7.06 6.04
C ALA A 114 1.50 6.73 7.43
N GLY A 115 1.58 5.45 7.82
CA GLY A 115 1.19 5.07 9.15
C GLY A 115 0.00 4.13 9.19
N ASP A 116 -0.41 3.63 8.04
CA ASP A 116 -1.53 2.69 7.99
C ASP A 116 -1.09 1.24 8.18
N ALA A 117 -2.00 0.32 7.92
CA ALA A 117 -1.75 -1.09 8.19
C ALA A 117 -1.64 -1.89 6.89
N VAL A 118 -0.81 -2.93 6.94
CA VAL A 118 -0.56 -3.78 5.79
C VAL A 118 -0.87 -5.24 6.16
N SER A 119 -1.25 -6.04 5.17
CA SER A 119 -1.48 -7.46 5.37
C SER A 119 -1.17 -8.22 4.08
N VAL A 120 -0.99 -9.53 4.17
CA VAL A 120 -0.63 -10.34 3.02
C VAL A 120 -1.72 -11.36 2.70
N VAL A 121 -2.01 -11.53 1.41
CA VAL A 121 -3.00 -12.52 0.98
C VAL A 121 -2.46 -13.93 1.19
N GLY A 122 -1.16 -14.09 0.98
CA GLY A 122 -0.51 -15.34 1.28
C GLY A 122 -0.50 -16.27 0.09
N THR A 123 -1.69 -16.63 -0.38
CA THR A 123 -1.85 -17.53 -1.50
C THR A 123 -3.19 -17.28 -2.15
N ALA A 124 -3.13 -17.00 -3.42
CA ALA A 124 -4.33 -16.73 -4.21
C ALA A 124 -4.70 -17.95 -5.03
N GLY A 1 -6.44 -19.29 0.82
CA GLY A 1 -5.37 -18.27 0.81
C GLY A 1 -5.47 -17.35 2.01
N ALA A 2 -4.97 -16.11 1.84
CA ALA A 2 -4.97 -15.10 2.89
C ALA A 2 -4.02 -15.49 4.02
N PHE A 3 -2.81 -14.94 3.97
CA PHE A 3 -1.80 -15.18 4.98
C PHE A 3 -2.22 -14.63 6.32
N GLY A 4 -2.67 -13.39 6.30
CA GLY A 4 -3.04 -12.72 7.51
C GLY A 4 -1.84 -12.05 8.18
N GLY A 5 -0.67 -12.24 7.58
CA GLY A 5 0.55 -11.62 8.11
C GLY A 5 0.41 -10.12 8.24
N THR A 6 0.67 -9.60 9.42
CA THR A 6 0.49 -8.18 9.71
C THR A 6 1.78 -7.39 9.48
N LEU A 7 1.66 -6.29 8.77
CA LEU A 7 2.77 -5.37 8.58
C LEU A 7 2.26 -3.93 8.70
N THR A 8 3.15 -2.98 8.49
CA THR A 8 2.81 -1.57 8.65
C THR A 8 3.45 -0.75 7.52
N VAL A 9 2.88 0.41 7.22
CA VAL A 9 3.42 1.33 6.24
C VAL A 9 4.12 2.48 6.96
N LYS A 10 5.37 2.71 6.61
CA LYS A 10 6.18 3.71 7.32
C LYS A 10 6.45 4.93 6.44
N THR A 11 6.14 4.80 5.16
CA THR A 11 6.37 5.87 4.21
C THR A 11 5.12 6.11 3.37
N GLN A 12 5.28 6.86 2.30
CA GLN A 12 4.14 7.27 1.49
C GLN A 12 4.20 6.59 0.12
N PRO A 13 3.22 5.72 -0.17
CA PRO A 13 3.16 5.04 -1.46
C PRO A 13 2.60 5.95 -2.56
N THR A 14 3.48 6.42 -3.41
CA THR A 14 3.09 7.32 -4.48
C THR A 14 3.13 6.59 -5.83
N VAL A 15 2.10 6.81 -6.63
CA VAL A 15 1.97 6.11 -7.90
C VAL A 15 2.80 6.76 -8.99
N THR A 16 3.70 5.98 -9.57
CA THR A 16 4.50 6.41 -10.70
C THR A 16 3.75 6.11 -11.99
N TYR A 17 3.22 7.15 -12.62
CA TYR A 17 2.45 6.98 -13.84
C TYR A 17 3.37 6.98 -15.05
N ASN A 18 3.26 5.93 -15.85
CA ASN A 18 4.01 5.80 -17.08
C ASN A 18 3.08 5.23 -18.13
N ALA A 19 2.23 6.10 -18.65
CA ALA A 19 1.05 5.69 -19.40
C ALA A 19 1.37 5.37 -20.85
N VAL A 20 2.28 6.12 -21.43
CA VAL A 20 2.75 5.85 -22.78
C VAL A 20 3.53 4.54 -22.77
N LYS A 21 4.04 4.21 -21.60
CA LYS A 21 4.80 2.98 -21.41
C LYS A 21 3.92 1.88 -20.84
N ASP A 22 2.66 2.27 -20.58
CA ASP A 22 1.62 1.38 -20.06
C ASP A 22 2.03 0.72 -18.76
N SER A 23 2.58 1.51 -17.85
CA SER A 23 2.99 1.00 -16.55
C SER A 23 2.49 1.92 -15.44
N TYR A 24 1.78 1.33 -14.49
CA TYR A 24 1.30 2.05 -13.33
C TYR A 24 1.70 1.31 -12.06
N GLN A 25 2.74 1.79 -11.40
CA GLN A 25 3.23 1.13 -10.19
C GLN A 25 3.41 2.17 -9.08
N PHE A 26 3.43 1.72 -7.84
CA PHE A 26 3.63 2.63 -6.72
C PHE A 26 4.59 2.04 -5.70
N THR A 27 5.49 2.86 -5.19
CA THR A 27 6.58 2.37 -4.36
C THR A 27 6.32 2.71 -2.90
N VAL A 28 6.70 1.80 -2.00
CA VAL A 28 6.48 2.06 -0.58
C VAL A 28 7.55 1.42 0.29
N THR A 29 7.92 2.12 1.35
CA THR A 29 8.71 1.54 2.42
C THR A 29 7.80 1.16 3.57
N LEU A 30 7.89 -0.08 3.99
CA LEU A 30 6.99 -0.65 4.97
C LEU A 30 7.74 -0.91 6.27
N THR A 31 7.00 -1.29 7.29
CA THR A 31 7.59 -1.78 8.51
C THR A 31 7.05 -3.20 8.77
N GLY A 32 7.89 -4.05 9.35
CA GLY A 32 7.54 -5.43 9.52
C GLY A 32 8.09 -6.01 10.80
N ALA A 33 8.52 -7.26 10.75
CA ALA A 33 9.04 -7.92 11.93
C ALA A 33 10.53 -8.22 11.79
N THR A 34 11.06 -8.93 12.78
CA THR A 34 12.49 -9.14 12.91
C THR A 34 13.05 -10.09 11.83
N ALA A 35 14.36 -10.34 11.89
CA ALA A 35 15.07 -11.18 10.94
C ALA A 35 14.60 -12.63 10.97
N SER A 36 15.28 -13.49 10.20
CA SER A 36 14.95 -14.91 10.07
C SER A 36 13.82 -15.11 9.04
N VAL A 37 13.44 -14.04 8.36
CA VAL A 37 12.54 -14.16 7.23
C VAL A 37 13.14 -13.44 6.03
N THR A 38 13.92 -14.19 5.26
CA THR A 38 14.57 -13.67 4.08
C THR A 38 13.60 -13.67 2.90
N GLY A 39 12.87 -12.58 2.78
CA GLY A 39 11.90 -12.47 1.71
C GLY A 39 10.51 -12.85 2.15
N PHE A 40 9.83 -11.91 2.80
CA PHE A 40 8.40 -12.03 3.06
C PHE A 40 7.67 -12.49 1.81
N LEU A 41 7.78 -11.68 0.76
CA LEU A 41 7.06 -11.90 -0.49
C LEU A 41 7.98 -11.64 -1.67
N LYS A 42 7.51 -12.01 -2.86
CA LYS A 42 8.24 -11.76 -4.09
C LYS A 42 7.30 -11.24 -5.17
N ALA A 43 7.79 -11.22 -6.40
CA ALA A 43 7.00 -10.75 -7.52
C ALA A 43 5.80 -11.66 -7.75
N GLY A 44 4.62 -11.11 -7.54
CA GLY A 44 3.41 -11.83 -7.83
C GLY A 44 2.57 -12.09 -6.58
N ASP A 45 3.09 -11.73 -5.42
CA ASP A 45 2.37 -11.93 -4.17
C ASP A 45 1.47 -10.74 -3.88
N GLN A 46 0.20 -11.02 -3.64
CA GLN A 46 -0.77 -9.96 -3.34
C GLN A 46 -0.77 -9.65 -1.84
N VAL A 47 -1.07 -8.41 -1.52
CA VAL A 47 -1.21 -7.99 -0.14
C VAL A 47 -2.59 -7.42 0.09
N LYS A 48 -2.88 -7.16 1.34
CA LYS A 48 -4.12 -6.55 1.73
C LYS A 48 -3.78 -5.41 2.68
N PHE A 49 -4.23 -4.19 2.41
CA PHE A 49 -3.98 -3.12 3.34
C PHE A 49 -5.11 -2.12 3.34
N THR A 50 -5.17 -1.35 4.41
CA THR A 50 -6.22 -0.38 4.58
C THR A 50 -5.61 1.00 4.76
N ASN A 51 -6.17 1.96 4.03
CA ASN A 51 -5.63 3.32 4.01
C ASN A 51 -5.99 4.07 5.27
N THR A 52 -5.21 3.87 6.32
CA THR A 52 -5.41 4.60 7.56
C THR A 52 -4.66 5.93 7.50
N TYR A 53 -5.25 6.87 6.78
CA TYR A 53 -4.72 8.21 6.64
C TYR A 53 -5.81 9.09 6.06
N TRP A 54 -6.00 10.26 6.64
CA TRP A 54 -7.01 11.18 6.16
C TRP A 54 -6.41 12.13 5.14
N LEU A 55 -6.44 11.73 3.87
CA LEU A 55 -5.86 12.54 2.80
C LEU A 55 -6.65 13.82 2.58
N GLN A 56 -6.06 14.72 1.80
CA GLN A 56 -6.65 16.03 1.51
C GLN A 56 -7.82 15.89 0.56
N GLN A 57 -8.05 14.67 0.10
CA GLN A 57 -9.16 14.37 -0.79
C GLN A 57 -10.48 14.61 -0.06
N GLN A 58 -10.56 14.09 1.17
CA GLN A 58 -11.77 14.18 1.97
C GLN A 58 -12.09 15.61 2.36
N THR A 59 -11.07 16.45 2.41
CA THR A 59 -11.22 17.81 2.90
C THR A 59 -11.30 18.82 1.77
N LYS A 60 -10.29 18.84 0.91
CA LYS A 60 -10.17 19.87 -0.12
C LYS A 60 -10.94 19.49 -1.38
N GLN A 61 -11.02 18.20 -1.66
CA GLN A 61 -11.62 17.75 -2.92
C GLN A 61 -13.04 17.26 -2.72
N ALA A 62 -13.46 17.14 -1.47
CA ALA A 62 -14.77 16.62 -1.16
C ALA A 62 -15.27 17.16 0.17
N LEU A 63 -16.53 16.87 0.46
CA LEU A 63 -17.13 17.21 1.74
C LEU A 63 -17.51 15.93 2.48
N TYR A 64 -16.72 14.90 2.26
CA TYR A 64 -16.97 13.60 2.88
C TYR A 64 -15.76 13.18 3.70
N ASN A 65 -15.85 13.41 4.99
CA ASN A 65 -14.75 13.15 5.90
C ASN A 65 -15.25 12.40 7.12
N GLY A 66 -14.32 11.96 7.97
CA GLY A 66 -14.68 11.22 9.16
C GLY A 66 -13.66 10.15 9.47
N ALA A 67 -13.76 9.04 8.77
CA ALA A 67 -12.83 7.94 8.93
C ALA A 67 -12.28 7.55 7.57
N THR A 68 -11.61 6.43 7.51
CA THR A 68 -11.03 5.96 6.26
C THR A 68 -10.74 4.45 6.32
N PRO A 69 -11.79 3.64 6.16
CA PRO A 69 -11.69 2.18 6.20
C PRO A 69 -11.51 1.59 4.81
N ILE A 70 -10.74 2.26 3.98
CA ILE A 70 -10.52 1.82 2.61
C ILE A 70 -9.52 0.65 2.59
N SER A 71 -10.04 -0.56 2.63
CA SER A 71 -9.21 -1.75 2.66
C SER A 71 -9.27 -2.48 1.31
N PHE A 72 -8.13 -2.77 0.71
CA PHE A 72 -8.10 -3.42 -0.59
C PHE A 72 -6.84 -4.25 -0.78
N THR A 73 -6.86 -5.08 -1.82
CA THR A 73 -5.78 -6.01 -2.11
C THR A 73 -4.85 -5.43 -3.18
N ALA A 74 -3.54 -5.44 -2.90
CA ALA A 74 -2.56 -4.93 -3.85
C ALA A 74 -1.56 -6.02 -4.20
N THR A 75 -0.49 -5.68 -4.92
CA THR A 75 0.47 -6.68 -5.36
C THR A 75 1.91 -6.21 -5.30
N VAL A 76 2.73 -7.04 -4.66
CA VAL A 76 4.16 -6.80 -4.55
C VAL A 76 4.88 -7.35 -5.78
N THR A 77 5.85 -6.61 -6.31
CA THR A 77 6.50 -7.00 -7.54
C THR A 77 7.97 -7.39 -7.32
N ALA A 78 8.35 -7.63 -6.07
CA ALA A 78 9.72 -8.01 -5.74
C ALA A 78 9.84 -8.55 -4.34
N ASP A 79 11.06 -8.89 -3.95
CA ASP A 79 11.34 -9.46 -2.66
C ASP A 79 11.12 -8.42 -1.56
N ALA A 80 10.66 -8.91 -0.44
CA ALA A 80 10.37 -8.03 0.70
C ALA A 80 11.19 -8.46 1.91
N ASN A 81 11.90 -7.51 2.50
CA ASN A 81 12.85 -7.81 3.57
C ASN A 81 12.22 -7.76 4.96
N SER A 82 12.31 -8.86 5.70
CA SER A 82 12.06 -8.80 7.13
C SER A 82 13.39 -8.75 7.85
N ASP A 83 13.87 -7.56 8.18
CA ASP A 83 15.19 -7.43 8.78
C ASP A 83 15.10 -7.34 10.30
N SER A 84 16.23 -7.32 10.98
CA SER A 84 16.26 -7.31 12.43
C SER A 84 15.53 -6.09 13.00
N GLY A 85 15.60 -4.97 12.29
CA GLY A 85 14.95 -3.76 12.76
C GLY A 85 13.48 -3.74 12.47
N GLY A 86 13.01 -4.76 11.77
CA GLY A 86 11.61 -4.83 11.41
C GLY A 86 11.22 -3.83 10.34
N ASP A 87 12.06 -3.66 9.32
CA ASP A 87 11.75 -2.75 8.23
C ASP A 87 11.76 -3.48 6.89
N VAL A 88 10.73 -3.22 6.09
CA VAL A 88 10.58 -3.82 4.76
C VAL A 88 10.33 -2.72 3.71
N THR A 89 10.65 -2.95 2.45
CA THR A 89 10.38 -1.96 1.40
C THR A 89 10.08 -2.64 0.06
N VAL A 90 8.94 -2.31 -0.57
CA VAL A 90 8.58 -2.91 -1.86
C VAL A 90 7.79 -1.94 -2.71
N THR A 91 7.80 -2.20 -4.00
CA THR A 91 7.00 -1.45 -4.93
C THR A 91 5.86 -2.31 -5.44
N LEU A 92 4.69 -1.70 -5.58
CA LEU A 92 3.49 -2.41 -5.95
C LEU A 92 3.12 -2.14 -7.39
N SER A 93 3.03 -3.20 -8.17
CA SER A 93 2.75 -3.09 -9.58
C SER A 93 1.28 -3.27 -9.87
N GLY A 94 0.68 -2.30 -10.55
CA GLY A 94 -0.72 -2.39 -10.87
C GLY A 94 -1.57 -1.65 -9.87
N VAL A 95 -2.24 -0.60 -10.32
CA VAL A 95 -3.09 0.18 -9.44
C VAL A 95 -4.37 -0.58 -9.11
N PRO A 96 -4.62 -0.85 -7.82
CA PRO A 96 -5.77 -1.63 -7.36
C PRO A 96 -7.06 -0.81 -7.37
N ILE A 97 -7.29 -0.11 -8.47
CA ILE A 97 -8.47 0.69 -8.65
C ILE A 97 -9.02 0.48 -10.06
N TYR A 98 -10.31 0.21 -10.16
CA TYR A 98 -10.90 -0.12 -11.45
C TYR A 98 -11.97 0.89 -11.84
N ASP A 99 -11.68 1.64 -12.89
CA ASP A 99 -12.59 2.69 -13.40
C ASP A 99 -13.90 2.07 -13.91
N THR A 100 -13.92 0.75 -14.01
CA THR A 100 -15.09 0.03 -14.45
C THR A 100 -16.24 0.15 -13.44
N THR A 101 -16.00 -0.32 -12.24
CA THR A 101 -17.03 -0.33 -11.20
C THR A 101 -16.90 0.92 -10.31
N ASN A 102 -15.70 1.47 -10.26
CA ASN A 102 -15.45 2.66 -9.46
C ASN A 102 -15.45 3.89 -10.37
N PRO A 103 -16.37 4.88 -10.17
CA PRO A 103 -16.40 6.06 -11.02
C PRO A 103 -15.27 7.03 -10.69
N GLN A 104 -14.62 6.78 -9.55
CA GLN A 104 -13.46 7.54 -9.08
C GLN A 104 -13.83 8.97 -8.68
N TYR A 105 -14.37 9.75 -9.62
CA TYR A 105 -14.63 11.17 -9.39
C TYR A 105 -13.33 11.86 -9.00
N ASN A 106 -12.25 11.38 -9.58
CA ASN A 106 -10.92 11.90 -9.30
C ASN A 106 -9.92 11.29 -10.27
N SER A 107 -9.25 12.13 -11.06
CA SER A 107 -8.20 11.68 -11.92
C SER A 107 -7.03 11.19 -11.08
N VAL A 108 -6.75 9.90 -11.18
CA VAL A 108 -5.71 9.25 -10.39
C VAL A 108 -4.41 10.05 -10.45
N SER A 109 -4.01 10.54 -9.29
CA SER A 109 -2.82 11.37 -9.17
C SER A 109 -1.92 10.82 -8.09
N ARG A 110 -0.63 11.16 -8.16
CA ARG A 110 0.33 10.65 -7.19
C ARG A 110 0.08 11.27 -5.81
N GLN A 111 -0.36 10.45 -4.86
CA GLN A 111 -0.65 10.92 -3.50
C GLN A 111 0.34 10.33 -2.52
N VAL A 112 0.56 11.04 -1.43
CA VAL A 112 1.43 10.55 -0.36
C VAL A 112 0.66 10.40 0.95
N GLU A 113 0.60 9.17 1.46
CA GLU A 113 -0.10 8.88 2.71
C GLU A 113 0.67 7.85 3.55
N ALA A 114 1.19 8.28 4.70
CA ALA A 114 1.92 7.38 5.58
C ALA A 114 1.05 6.91 6.76
N GLY A 115 1.14 5.63 7.12
CA GLY A 115 0.51 5.16 8.34
C GLY A 115 -0.38 3.94 8.13
N ASP A 116 -0.63 3.60 6.88
CA ASP A 116 -1.49 2.47 6.52
C ASP A 116 -1.07 1.16 7.18
N ALA A 117 -2.04 0.29 7.43
CA ALA A 117 -1.79 -1.00 8.03
C ALA A 117 -1.81 -2.10 6.96
N VAL A 118 -0.84 -2.99 7.01
CA VAL A 118 -0.62 -3.95 5.93
C VAL A 118 -0.87 -5.39 6.38
N SER A 119 -1.35 -6.19 5.44
CA SER A 119 -1.49 -7.62 5.62
C SER A 119 -1.20 -8.32 4.29
N VAL A 120 -1.13 -9.64 4.30
CA VAL A 120 -0.72 -10.40 3.12
C VAL A 120 -1.81 -11.36 2.66
N VAL A 121 -2.16 -11.27 1.39
CA VAL A 121 -3.11 -12.19 0.80
C VAL A 121 -2.40 -13.40 0.20
N GLY A 122 -1.32 -13.13 -0.52
CA GLY A 122 -0.57 -14.21 -1.14
C GLY A 122 -1.02 -14.44 -2.57
N THR A 123 -1.16 -15.71 -2.93
CA THR A 123 -1.63 -16.08 -4.25
C THR A 123 -2.84 -16.99 -4.17
N ALA A 124 -2.59 -18.22 -3.72
CA ALA A 124 -3.62 -19.24 -3.57
C ALA A 124 -4.25 -19.56 -4.93
N GLY A 1 0.30 -23.95 10.42
CA GLY A 1 0.26 -22.87 9.40
C GLY A 1 0.95 -21.61 9.89
N ALA A 2 1.55 -20.87 8.97
CA ALA A 2 2.28 -19.65 9.32
C ALA A 2 1.54 -18.41 8.84
N PHE A 3 0.24 -18.54 8.67
CA PHE A 3 -0.58 -17.44 8.22
C PHE A 3 -0.77 -16.41 9.33
N GLY A 4 -1.04 -15.17 8.95
CA GLY A 4 -1.21 -14.12 9.92
C GLY A 4 -0.18 -13.01 9.78
N GLY A 5 0.43 -12.92 8.59
CA GLY A 5 1.41 -11.89 8.34
C GLY A 5 0.83 -10.50 8.46
N THR A 6 1.31 -9.76 9.44
CA THR A 6 0.82 -8.41 9.69
C THR A 6 1.95 -7.42 9.54
N LEU A 7 1.66 -6.34 8.83
CA LEU A 7 2.66 -5.36 8.49
C LEU A 7 2.09 -3.95 8.61
N THR A 8 2.95 -2.97 8.50
CA THR A 8 2.59 -1.58 8.64
C THR A 8 3.29 -0.78 7.54
N VAL A 9 2.86 0.45 7.31
CA VAL A 9 3.49 1.31 6.33
C VAL A 9 4.10 2.53 7.01
N LYS A 10 5.34 2.84 6.67
CA LYS A 10 6.07 3.94 7.29
C LYS A 10 6.49 4.96 6.22
N THR A 11 5.95 4.81 5.02
CA THR A 11 6.24 5.72 3.92
C THR A 11 4.96 6.02 3.13
N GLN A 12 5.12 6.67 1.99
CA GLN A 12 3.97 7.06 1.17
C GLN A 12 4.00 6.33 -0.15
N PRO A 13 3.05 5.40 -0.37
CA PRO A 13 3.04 4.58 -1.58
C PRO A 13 2.63 5.35 -2.83
N THR A 14 3.61 5.64 -3.68
CA THR A 14 3.35 6.35 -4.93
C THR A 14 4.41 6.07 -5.99
N VAL A 15 3.95 5.74 -7.19
CA VAL A 15 4.81 5.60 -8.37
C VAL A 15 3.96 5.84 -9.63
N THR A 16 4.62 5.91 -10.79
CA THR A 16 4.02 6.15 -12.11
C THR A 16 2.49 6.02 -12.15
N TYR A 17 1.83 7.15 -12.40
CA TYR A 17 0.38 7.18 -12.60
C TYR A 17 0.08 7.62 -14.03
N ASN A 18 0.12 6.69 -14.96
CA ASN A 18 -0.14 6.99 -16.37
C ASN A 18 -1.28 6.11 -16.85
N ALA A 19 -2.24 6.71 -17.54
CA ALA A 19 -3.47 6.02 -17.87
C ALA A 19 -3.52 5.63 -19.35
N VAL A 20 -2.93 6.45 -20.20
CA VAL A 20 -2.83 6.13 -21.61
C VAL A 20 -1.97 4.89 -21.80
N LYS A 21 -1.05 4.70 -20.87
CA LYS A 21 -0.14 3.57 -20.91
C LYS A 21 -0.63 2.46 -20.00
N ASP A 22 -1.63 2.80 -19.22
CA ASP A 22 -2.22 1.90 -18.23
C ASP A 22 -1.19 1.52 -17.18
N SER A 23 -0.40 2.49 -16.79
CA SER A 23 0.69 2.27 -15.88
C SER A 23 0.42 2.97 -14.56
N TYR A 24 -0.11 2.23 -13.60
CA TYR A 24 -0.36 2.74 -12.27
C TYR A 24 0.28 1.81 -11.27
N GLN A 25 1.33 2.28 -10.64
CA GLN A 25 2.06 1.47 -9.67
C GLN A 25 2.40 2.32 -8.46
N PHE A 26 2.94 1.70 -7.42
CA PHE A 26 3.35 2.46 -6.25
C PHE A 26 4.47 1.77 -5.47
N THR A 27 5.49 2.52 -5.08
CA THR A 27 6.58 1.98 -4.31
C THR A 27 6.38 2.30 -2.84
N VAL A 28 6.67 1.35 -1.98
CA VAL A 28 6.43 1.57 -0.56
C VAL A 28 7.52 0.94 0.31
N THR A 29 7.88 1.63 1.39
CA THR A 29 8.66 1.03 2.45
C THR A 29 7.73 0.63 3.57
N LEU A 30 7.48 -0.66 3.68
CA LEU A 30 6.59 -1.18 4.69
C LEU A 30 7.40 -1.44 5.94
N THR A 31 6.72 -1.74 7.01
CA THR A 31 7.37 -2.09 8.24
C THR A 31 6.79 -3.40 8.77
N GLY A 32 7.64 -4.24 9.32
CA GLY A 32 7.22 -5.56 9.73
C GLY A 32 7.95 -6.03 10.96
N ALA A 33 8.26 -7.32 10.98
CA ALA A 33 8.89 -7.92 12.14
C ALA A 33 10.37 -8.23 11.89
N THR A 34 10.97 -8.90 12.87
CA THR A 34 12.41 -9.09 12.95
C THR A 34 12.98 -9.98 11.83
N ALA A 35 14.29 -10.18 11.88
CA ALA A 35 15.04 -10.97 10.91
C ALA A 35 14.65 -12.46 10.94
N SER A 36 15.37 -13.25 10.13
CA SER A 36 15.13 -14.69 10.00
C SER A 36 13.97 -14.98 9.06
N VAL A 37 13.59 -13.99 8.27
CA VAL A 37 12.63 -14.17 7.19
C VAL A 37 13.16 -13.51 5.92
N THR A 38 13.89 -14.28 5.14
CA THR A 38 14.49 -13.80 3.92
C THR A 38 13.41 -13.47 2.89
N GLY A 39 13.09 -12.20 2.77
CA GLY A 39 12.09 -11.76 1.83
C GLY A 39 10.68 -12.17 2.23
N PHE A 40 10.01 -11.27 2.94
CA PHE A 40 8.57 -11.42 3.20
C PHE A 40 7.81 -11.89 1.96
N LEU A 41 7.88 -11.11 0.89
CA LEU A 41 7.10 -11.39 -0.32
C LEU A 41 7.85 -10.96 -1.57
N LYS A 42 7.42 -11.47 -2.73
CA LYS A 42 8.00 -11.12 -4.00
C LYS A 42 6.93 -10.84 -5.05
N ALA A 43 7.35 -10.76 -6.31
CA ALA A 43 6.45 -10.47 -7.41
C ALA A 43 5.41 -11.56 -7.57
N GLY A 44 4.16 -11.17 -7.45
CA GLY A 44 3.06 -12.10 -7.64
C GLY A 44 2.39 -12.46 -6.34
N ASP A 45 2.94 -11.96 -5.23
CA ASP A 45 2.38 -12.21 -3.92
C ASP A 45 1.41 -11.11 -3.54
N GLN A 46 0.27 -11.49 -3.01
CA GLN A 46 -0.77 -10.52 -2.72
C GLN A 46 -0.85 -10.20 -1.23
N VAL A 47 -1.31 -8.99 -0.95
CA VAL A 47 -1.41 -8.51 0.42
C VAL A 47 -2.79 -7.92 0.67
N LYS A 48 -3.21 -7.93 1.92
CA LYS A 48 -4.35 -7.17 2.36
C LYS A 48 -3.86 -5.77 2.72
N PHE A 49 -3.96 -4.85 1.77
CA PHE A 49 -3.25 -3.58 1.85
C PHE A 49 -4.25 -2.43 1.96
N THR A 50 -4.34 -1.86 3.14
CA THR A 50 -5.28 -0.78 3.38
C THR A 50 -4.65 0.56 3.04
N ASN A 51 -4.89 1.04 1.83
CA ASN A 51 -4.36 2.33 1.39
C ASN A 51 -5.36 3.43 1.71
N THR A 52 -5.29 3.91 2.94
CA THR A 52 -6.19 4.94 3.42
C THR A 52 -5.40 6.14 3.92
N TYR A 53 -6.03 7.30 3.95
CA TYR A 53 -5.36 8.50 4.42
C TYR A 53 -5.43 8.53 5.94
N TRP A 54 -4.27 8.41 6.56
CA TRP A 54 -4.23 8.21 8.00
C TRP A 54 -3.33 9.25 8.65
N LEU A 55 -3.66 10.53 8.44
CA LEU A 55 -3.07 11.59 9.23
C LEU A 55 -3.44 11.34 10.69
N GLN A 56 -2.45 11.28 11.57
CA GLN A 56 -2.63 10.67 12.88
C GLN A 56 -3.69 11.36 13.74
N GLN A 57 -3.95 12.63 13.49
CA GLN A 57 -4.86 13.38 14.35
C GLN A 57 -6.11 13.82 13.61
N GLN A 58 -5.93 14.63 12.58
CA GLN A 58 -7.02 15.34 11.93
C GLN A 58 -8.08 14.46 11.27
N THR A 59 -7.78 13.19 11.03
CA THR A 59 -8.73 12.33 10.32
C THR A 59 -9.79 11.75 11.27
N LYS A 60 -9.40 10.73 12.02
CA LYS A 60 -10.31 10.05 12.95
C LYS A 60 -10.47 10.86 14.23
N GLN A 61 -9.38 11.53 14.58
CA GLN A 61 -9.32 12.42 15.73
C GLN A 61 -9.42 11.63 17.03
N ALA A 62 -9.21 10.33 16.93
CA ALA A 62 -9.20 9.44 18.07
C ALA A 62 -7.92 8.62 18.08
N LEU A 63 -7.03 8.94 19.00
CA LEU A 63 -5.71 8.33 19.04
C LEU A 63 -5.75 6.96 19.73
N TYR A 64 -6.92 6.36 19.76
CA TYR A 64 -7.12 5.08 20.42
C TYR A 64 -7.38 3.97 19.41
N ASN A 65 -7.56 4.35 18.15
CA ASN A 65 -7.91 3.39 17.11
C ASN A 65 -7.03 3.56 15.88
N GLY A 66 -5.81 3.06 15.95
CA GLY A 66 -4.90 3.14 14.82
C GLY A 66 -5.17 2.04 13.79
N ALA A 67 -6.41 1.97 13.34
CA ALA A 67 -6.81 0.96 12.38
C ALA A 67 -7.88 1.51 11.44
N THR A 68 -7.65 1.36 10.15
CA THR A 68 -8.59 1.84 9.14
C THR A 68 -9.22 0.66 8.39
N PRO A 69 -10.39 0.19 8.86
CA PRO A 69 -11.07 -0.96 8.26
C PRO A 69 -12.05 -0.55 7.15
N ILE A 70 -11.67 -0.82 5.91
CA ILE A 70 -12.55 -0.56 4.77
C ILE A 70 -12.03 -1.24 3.49
N SER A 71 -10.80 -0.91 3.10
CA SER A 71 -10.22 -1.48 1.90
C SER A 71 -8.84 -2.06 2.23
N PHE A 72 -8.51 -3.23 1.68
CA PHE A 72 -7.21 -3.83 1.93
C PHE A 72 -6.86 -4.92 0.92
N THR A 73 -6.29 -4.53 -0.21
CA THR A 73 -5.84 -5.49 -1.21
C THR A 73 -4.81 -4.86 -2.15
N ALA A 74 -3.64 -5.48 -2.25
CA ALA A 74 -2.64 -5.05 -3.22
C ALA A 74 -1.74 -6.22 -3.61
N THR A 75 -0.77 -5.98 -4.49
CA THR A 75 0.11 -7.06 -4.93
C THR A 75 1.56 -6.57 -5.06
N VAL A 76 2.45 -7.37 -4.50
CA VAL A 76 3.87 -7.09 -4.50
C VAL A 76 4.49 -7.48 -5.83
N THR A 77 5.35 -6.61 -6.36
CA THR A 77 5.96 -6.82 -7.65
C THR A 77 7.50 -6.79 -7.57
N ALA A 78 8.03 -7.09 -6.37
CA ALA A 78 9.47 -7.12 -6.18
C ALA A 78 9.85 -7.78 -4.87
N ASP A 79 11.16 -7.90 -4.65
CA ASP A 79 11.70 -8.51 -3.46
C ASP A 79 11.37 -7.69 -2.23
N ALA A 80 11.56 -8.31 -1.10
CA ALA A 80 11.23 -7.69 0.17
C ALA A 80 12.23 -8.13 1.22
N ASN A 81 12.18 -7.51 2.40
CA ASN A 81 13.18 -7.76 3.44
C ASN A 81 12.53 -7.77 4.81
N SER A 82 12.74 -8.82 5.59
CA SER A 82 12.37 -8.77 7.00
C SER A 82 13.64 -8.69 7.85
N ASP A 83 14.02 -7.50 8.26
CA ASP A 83 15.27 -7.32 9.00
C ASP A 83 15.00 -7.15 10.50
N SER A 84 16.05 -7.01 11.28
CA SER A 84 15.92 -6.88 12.72
C SER A 84 15.12 -5.63 13.09
N GLY A 85 15.26 -4.59 12.29
CA GLY A 85 14.57 -3.35 12.55
C GLY A 85 13.15 -3.38 12.05
N GLY A 86 12.76 -4.53 11.50
CA GLY A 86 11.42 -4.70 11.01
C GLY A 86 11.05 -3.75 9.89
N ASP A 87 11.95 -3.52 8.94
CA ASP A 87 11.62 -2.70 7.79
C ASP A 87 11.62 -3.54 6.51
N VAL A 88 10.57 -3.37 5.72
CA VAL A 88 10.39 -4.15 4.49
C VAL A 88 9.88 -3.28 3.34
N THR A 89 10.72 -3.02 2.36
CA THR A 89 10.33 -2.19 1.22
C THR A 89 9.99 -3.04 -0.02
N VAL A 90 8.88 -2.70 -0.69
CA VAL A 90 8.51 -3.33 -1.96
C VAL A 90 7.83 -2.30 -2.85
N THR A 91 7.70 -2.63 -4.12
CA THR A 91 6.92 -1.81 -5.02
C THR A 91 5.74 -2.64 -5.55
N LEU A 92 4.59 -2.01 -5.62
CA LEU A 92 3.36 -2.68 -5.97
C LEU A 92 2.87 -2.23 -7.34
N SER A 93 2.33 -3.16 -8.10
CA SER A 93 1.79 -2.84 -9.41
C SER A 93 0.28 -2.99 -9.39
N GLY A 94 -0.40 -1.97 -9.89
CA GLY A 94 -1.83 -1.93 -9.83
C GLY A 94 -2.30 -0.58 -9.35
N VAL A 95 -3.53 -0.21 -9.69
CA VAL A 95 -4.04 1.12 -9.39
C VAL A 95 -4.21 1.34 -7.89
N PRO A 96 -3.47 2.30 -7.32
CA PRO A 96 -3.67 2.73 -5.94
C PRO A 96 -5.09 3.21 -5.73
N ILE A 97 -5.67 2.85 -4.61
CA ILE A 97 -7.08 3.03 -4.39
C ILE A 97 -7.34 4.24 -3.51
N TYR A 98 -7.93 5.26 -4.12
CA TYR A 98 -8.15 6.52 -3.43
C TYR A 98 -9.34 6.42 -2.48
N ASP A 99 -9.06 6.54 -1.19
CA ASP A 99 -10.10 6.56 -0.18
C ASP A 99 -10.91 7.85 -0.27
N THR A 100 -10.37 8.82 -1.02
CA THR A 100 -11.03 10.09 -1.27
C THR A 100 -12.16 9.92 -2.29
N THR A 101 -13.04 8.98 -2.03
CA THR A 101 -14.16 8.73 -2.88
C THR A 101 -15.45 9.10 -2.18
N ASN A 102 -15.80 10.35 -2.35
CA ASN A 102 -16.93 10.98 -1.72
C ASN A 102 -16.81 12.50 -1.85
N PRO A 103 -15.68 13.10 -1.43
CA PRO A 103 -15.42 14.52 -1.58
C PRO A 103 -14.48 14.79 -2.75
N GLN A 104 -15.01 15.42 -3.77
CA GLN A 104 -14.25 15.69 -4.98
C GLN A 104 -13.21 16.78 -4.73
N TYR A 105 -13.55 17.71 -3.83
CA TYR A 105 -12.71 18.85 -3.49
C TYR A 105 -12.68 19.84 -4.65
N ASN A 106 -12.10 19.39 -5.76
CA ASN A 106 -11.95 20.17 -6.98
C ASN A 106 -11.19 19.33 -7.98
N SER A 107 -9.98 19.00 -7.60
CA SER A 107 -9.12 18.13 -8.37
C SER A 107 -8.29 17.30 -7.39
N VAL A 108 -6.98 17.25 -7.58
CA VAL A 108 -6.12 16.55 -6.65
C VAL A 108 -5.78 17.46 -5.48
N SER A 109 -6.15 17.02 -4.28
CA SER A 109 -5.90 17.80 -3.08
C SER A 109 -5.10 16.98 -2.07
N ARG A 110 -5.72 15.95 -1.52
CA ARG A 110 -5.06 15.13 -0.53
C ARG A 110 -4.36 13.94 -1.19
N GLN A 111 -3.15 13.65 -0.74
CA GLN A 111 -2.37 12.55 -1.28
C GLN A 111 -2.10 11.54 -0.18
N VAL A 112 -1.58 10.38 -0.55
CA VAL A 112 -1.36 9.29 0.39
C VAL A 112 -0.14 9.55 1.27
N GLU A 113 -0.32 9.38 2.57
CA GLU A 113 0.77 9.51 3.52
C GLU A 113 1.07 8.15 4.13
N ALA A 114 1.85 8.13 5.20
CA ALA A 114 2.13 6.90 5.89
C ALA A 114 0.98 6.53 6.82
N GLY A 115 0.82 5.25 7.12
CA GLY A 115 -0.23 4.84 8.05
C GLY A 115 -1.09 3.71 7.52
N ASP A 116 -0.91 3.36 6.24
CA ASP A 116 -1.60 2.21 5.66
C ASP A 116 -1.38 0.96 6.51
N ALA A 117 -2.41 0.16 6.65
CA ALA A 117 -2.32 -1.08 7.42
C ALA A 117 -2.17 -2.25 6.48
N VAL A 118 -1.21 -3.13 6.77
CA VAL A 118 -0.84 -4.18 5.84
C VAL A 118 -1.03 -5.57 6.43
N SER A 119 -1.52 -6.48 5.62
CA SER A 119 -1.58 -7.89 5.96
C SER A 119 -1.24 -8.70 4.71
N VAL A 120 -1.01 -10.00 4.87
CA VAL A 120 -0.58 -10.83 3.74
C VAL A 120 -1.61 -11.91 3.44
N VAL A 121 -1.82 -12.16 2.13
CA VAL A 121 -2.72 -13.21 1.69
C VAL A 121 -2.00 -14.57 1.74
N GLY A 122 -0.72 -14.55 1.40
CA GLY A 122 0.07 -15.77 1.38
C GLY A 122 0.16 -16.42 2.75
N THR A 123 -0.13 -17.71 2.80
CA THR A 123 -0.07 -18.47 4.03
C THR A 123 1.38 -18.83 4.37
N ALA A 124 1.99 -19.59 3.49
CA ALA A 124 3.38 -20.00 3.62
C ALA A 124 3.99 -20.25 2.26
N GLY A 1 -2.64 -16.97 5.02
CA GLY A 1 -2.88 -17.50 6.39
C GLY A 1 -1.60 -17.68 7.17
N ALA A 2 -1.61 -17.27 8.43
CA ALA A 2 -0.46 -17.38 9.33
C ALA A 2 0.69 -16.47 8.92
N PHE A 3 1.39 -16.84 7.87
CA PHE A 3 2.55 -16.07 7.41
C PHE A 3 2.09 -14.87 6.59
N GLY A 4 2.65 -13.71 6.89
CA GLY A 4 2.20 -12.50 6.26
C GLY A 4 1.25 -11.75 7.15
N GLY A 5 1.52 -11.81 8.45
CA GLY A 5 0.66 -11.18 9.44
C GLY A 5 0.67 -9.67 9.37
N THR A 6 -0.05 -9.05 10.29
CA THR A 6 -0.19 -7.59 10.33
C THR A 6 1.15 -6.92 10.62
N LEU A 7 1.48 -5.91 9.84
CA LEU A 7 2.75 -5.20 9.95
C LEU A 7 2.50 -3.69 9.83
N THR A 8 3.56 -2.90 9.82
CA THR A 8 3.45 -1.45 9.90
C THR A 8 3.70 -0.76 8.54
N VAL A 9 3.04 0.37 8.32
CA VAL A 9 3.23 1.18 7.12
C VAL A 9 4.17 2.35 7.41
N LYS A 10 5.15 2.59 6.54
CA LYS A 10 6.03 3.75 6.67
C LYS A 10 5.64 4.84 5.69
N THR A 11 5.33 4.45 4.46
CA THR A 11 4.90 5.41 3.44
C THR A 11 3.70 4.87 2.67
N GLN A 12 3.18 5.70 1.78
CA GLN A 12 1.93 5.43 1.11
C GLN A 12 2.17 5.26 -0.39
N PRO A 13 1.27 4.55 -1.08
CA PRO A 13 1.29 4.38 -2.53
C PRO A 13 1.56 5.67 -3.30
N THR A 14 2.76 5.81 -3.86
CA THR A 14 3.08 6.94 -4.71
C THR A 14 4.17 6.58 -5.74
N VAL A 15 3.72 6.20 -6.93
CA VAL A 15 4.58 6.04 -8.11
C VAL A 15 3.72 6.14 -9.37
N THR A 16 4.35 6.14 -10.55
CA THR A 16 3.71 6.38 -11.84
C THR A 16 2.23 5.95 -11.91
N TYR A 17 1.35 6.95 -11.95
CA TYR A 17 -0.06 6.73 -12.19
C TYR A 17 -0.43 7.32 -13.55
N ASN A 18 -0.28 6.54 -14.61
CA ASN A 18 -0.57 7.04 -15.94
C ASN A 18 -1.50 6.08 -16.66
N ALA A 19 -2.53 6.61 -17.29
CA ALA A 19 -3.60 5.80 -17.82
C ALA A 19 -3.52 5.66 -19.33
N VAL A 20 -3.23 6.76 -20.02
CA VAL A 20 -3.09 6.73 -21.48
C VAL A 20 -1.87 5.89 -21.86
N LYS A 21 -0.90 5.84 -20.96
CA LYS A 21 0.31 5.05 -21.16
C LYS A 21 0.13 3.64 -20.62
N ASP A 22 -0.93 3.49 -19.84
CA ASP A 22 -1.28 2.22 -19.18
C ASP A 22 -0.18 1.80 -18.22
N SER A 23 0.00 2.57 -17.16
CA SER A 23 1.01 2.28 -16.17
C SER A 23 0.59 2.79 -14.81
N TYR A 24 0.06 1.90 -13.98
CA TYR A 24 -0.33 2.24 -12.63
C TYR A 24 0.44 1.40 -11.63
N GLN A 25 1.44 2.02 -11.03
CA GLN A 25 2.29 1.35 -10.06
C GLN A 25 2.48 2.29 -8.89
N PHE A 26 2.86 1.76 -7.74
CA PHE A 26 3.19 2.62 -6.62
C PHE A 26 4.27 2.02 -5.73
N THR A 27 5.20 2.86 -5.26
CA THR A 27 6.28 2.40 -4.42
C THR A 27 5.96 2.69 -2.97
N VAL A 28 6.22 1.74 -2.09
CA VAL A 28 5.92 1.95 -0.68
C VAL A 28 7.04 1.41 0.23
N THR A 29 7.32 2.14 1.31
CA THR A 29 8.20 1.68 2.36
C THR A 29 7.36 1.06 3.47
N LEU A 30 7.57 -0.21 3.74
CA LEU A 30 6.78 -0.90 4.74
C LEU A 30 7.67 -1.31 5.89
N THR A 31 7.08 -1.64 7.02
CA THR A 31 7.82 -2.14 8.15
C THR A 31 7.25 -3.46 8.64
N GLY A 32 7.98 -4.54 8.45
CA GLY A 32 7.51 -5.83 8.89
C GLY A 32 8.04 -6.20 10.26
N ALA A 33 8.26 -7.48 10.48
CA ALA A 33 8.72 -7.95 11.78
C ALA A 33 10.16 -8.42 11.76
N THR A 34 10.59 -8.99 12.90
CA THR A 34 11.98 -9.29 13.18
C THR A 34 12.61 -10.26 12.16
N ALA A 35 13.94 -10.36 12.23
CA ALA A 35 14.76 -11.15 11.31
C ALA A 35 14.43 -12.65 11.38
N SER A 36 15.21 -13.42 10.61
CA SER A 36 15.02 -14.87 10.46
C SER A 36 13.89 -15.17 9.47
N VAL A 37 13.45 -14.14 8.75
CA VAL A 37 12.46 -14.30 7.70
C VAL A 37 13.01 -13.72 6.40
N THR A 38 13.59 -14.59 5.58
CA THR A 38 14.21 -14.19 4.34
C THR A 38 13.17 -13.92 3.27
N GLY A 39 12.77 -12.67 3.15
CA GLY A 39 11.81 -12.27 2.14
C GLY A 39 10.39 -12.70 2.47
N PHE A 40 9.65 -11.81 3.11
CA PHE A 40 8.21 -11.99 3.29
C PHE A 40 7.51 -12.47 2.01
N LEU A 41 7.90 -11.89 0.88
CA LEU A 41 7.23 -12.15 -0.39
C LEU A 41 8.04 -11.63 -1.56
N LYS A 42 7.58 -11.93 -2.78
CA LYS A 42 8.24 -11.49 -4.01
C LYS A 42 7.22 -11.13 -5.07
N ALA A 43 7.69 -10.99 -6.31
CA ALA A 43 6.85 -10.65 -7.45
C ALA A 43 5.71 -11.66 -7.62
N GLY A 44 4.51 -11.19 -7.43
CA GLY A 44 3.34 -12.03 -7.62
C GLY A 44 2.60 -12.28 -6.33
N ASP A 45 3.26 -12.00 -5.21
CA ASP A 45 2.65 -12.15 -3.91
C ASP A 45 1.74 -10.97 -3.61
N GLN A 46 0.49 -11.26 -3.28
CA GLN A 46 -0.49 -10.22 -3.05
C GLN A 46 -0.57 -9.82 -1.59
N VAL A 47 -0.92 -8.57 -1.38
CA VAL A 47 -1.08 -8.01 -0.04
C VAL A 47 -2.44 -7.35 0.07
N LYS A 48 -2.82 -6.97 1.27
CA LYS A 48 -3.97 -6.11 1.45
C LYS A 48 -3.62 -5.04 2.48
N PHE A 49 -4.14 -3.85 2.30
CA PHE A 49 -3.79 -2.75 3.17
C PHE A 49 -4.97 -2.34 4.03
N THR A 50 -4.74 -2.24 5.33
CA THR A 50 -5.69 -1.60 6.21
C THR A 50 -5.23 -0.15 6.39
N ASN A 51 -5.70 0.68 5.48
CA ASN A 51 -5.22 2.06 5.37
C ASN A 51 -6.37 3.03 5.51
N THR A 52 -6.06 4.28 5.74
CA THR A 52 -7.05 5.32 5.76
C THR A 52 -6.77 6.34 4.66
N TYR A 53 -7.46 6.22 3.54
CA TYR A 53 -7.24 7.13 2.43
C TYR A 53 -8.03 8.42 2.65
N TRP A 54 -7.31 9.51 2.83
CA TRP A 54 -7.92 10.81 3.04
C TRP A 54 -7.02 11.89 2.46
N LEU A 55 -6.91 11.89 1.14
CA LEU A 55 -6.08 12.86 0.44
C LEU A 55 -6.93 14.00 -0.09
N GLN A 56 -6.26 15.09 -0.49
CA GLN A 56 -6.93 16.31 -0.90
C GLN A 56 -7.78 16.14 -2.14
N GLN A 57 -7.56 15.04 -2.87
CA GLN A 57 -8.35 14.75 -4.07
C GLN A 57 -9.83 14.73 -3.72
N GLN A 58 -10.12 14.16 -2.55
CA GLN A 58 -11.48 14.05 -2.07
C GLN A 58 -12.01 15.41 -1.62
N THR A 59 -11.22 16.11 -0.82
CA THR A 59 -11.68 17.34 -0.18
C THR A 59 -11.83 18.50 -1.18
N LYS A 60 -11.09 18.44 -2.29
CA LYS A 60 -11.19 19.47 -3.32
C LYS A 60 -12.60 19.54 -3.89
N GLN A 61 -13.09 18.40 -4.37
CA GLN A 61 -14.41 18.35 -4.98
C GLN A 61 -15.50 18.20 -3.92
N ALA A 62 -15.11 17.62 -2.79
CA ALA A 62 -15.98 17.46 -1.63
C ALA A 62 -17.19 16.60 -1.94
N LEU A 63 -17.08 15.77 -2.97
CA LEU A 63 -18.19 14.93 -3.38
C LEU A 63 -18.17 13.60 -2.64
N TYR A 64 -16.98 13.11 -2.36
CA TYR A 64 -16.82 11.85 -1.65
C TYR A 64 -15.97 12.03 -0.40
N ASN A 65 -16.63 12.33 0.70
CA ASN A 65 -15.95 12.54 1.97
C ASN A 65 -16.59 11.71 3.07
N GLY A 66 -17.66 11.00 2.73
CA GLY A 66 -18.40 10.24 3.71
C GLY A 66 -17.81 8.86 3.93
N ALA A 67 -17.07 8.37 2.95
CA ALA A 67 -16.49 7.05 3.02
C ALA A 67 -15.00 7.11 2.73
N THR A 68 -14.22 6.67 3.69
CA THR A 68 -12.78 6.65 3.55
C THR A 68 -12.31 5.24 3.19
N PRO A 69 -11.70 5.08 2.01
CA PRO A 69 -11.14 3.79 1.57
C PRO A 69 -10.20 3.19 2.62
N ILE A 70 -10.58 2.05 3.17
CA ILE A 70 -9.85 1.46 4.29
C ILE A 70 -9.09 0.19 3.91
N SER A 71 -9.43 -0.43 2.79
CA SER A 71 -8.79 -1.69 2.44
C SER A 71 -8.77 -1.94 0.93
N PHE A 72 -7.64 -2.46 0.44
CA PHE A 72 -7.53 -2.88 -0.94
C PHE A 72 -6.43 -3.95 -1.05
N THR A 73 -6.63 -4.90 -1.95
CA THR A 73 -5.65 -5.94 -2.18
C THR A 73 -4.68 -5.53 -3.28
N ALA A 74 -3.38 -5.51 -2.98
CA ALA A 74 -2.39 -5.08 -3.94
C ALA A 74 -1.39 -6.20 -4.21
N THR A 75 -0.37 -5.92 -5.02
CA THR A 75 0.59 -6.95 -5.39
C THR A 75 2.01 -6.42 -5.45
N VAL A 76 2.90 -7.12 -4.77
CA VAL A 76 4.32 -6.79 -4.77
C VAL A 76 4.99 -7.38 -6.01
N THR A 77 5.98 -6.67 -6.53
CA THR A 77 6.58 -7.06 -7.79
C THR A 77 8.11 -7.27 -7.67
N ALA A 78 8.59 -7.56 -6.45
CA ALA A 78 10.01 -7.81 -6.24
C ALA A 78 10.29 -8.40 -4.88
N ASP A 79 11.57 -8.59 -4.59
CA ASP A 79 12.03 -9.19 -3.36
C ASP A 79 11.69 -8.29 -2.20
N ALA A 80 11.65 -8.87 -1.03
CA ALA A 80 11.31 -8.14 0.17
C ALA A 80 12.19 -8.59 1.33
N ASN A 81 12.17 -7.83 2.41
CA ASN A 81 13.07 -8.10 3.53
C ASN A 81 12.35 -7.98 4.88
N SER A 82 12.35 -9.04 5.67
CA SER A 82 11.98 -8.93 7.06
C SER A 82 13.23 -9.09 7.93
N ASP A 83 13.85 -7.98 8.29
CA ASP A 83 15.08 -8.00 9.07
C ASP A 83 14.80 -7.71 10.54
N SER A 84 15.85 -7.52 11.33
CA SER A 84 15.72 -7.32 12.76
C SER A 84 14.86 -6.10 13.09
N GLY A 85 14.96 -5.08 12.24
CA GLY A 85 14.17 -3.87 12.45
C GLY A 85 12.94 -3.89 11.58
N GLY A 86 12.79 -4.96 10.83
CA GLY A 86 11.65 -5.13 9.95
C GLY A 86 11.49 -4.05 8.88
N ASP A 87 12.56 -3.62 8.22
CA ASP A 87 12.39 -2.65 7.14
C ASP A 87 12.13 -3.38 5.82
N VAL A 88 10.90 -3.26 5.33
CA VAL A 88 10.53 -3.90 4.08
C VAL A 88 9.98 -2.89 3.07
N THR A 89 10.84 -2.39 2.20
CA THR A 89 10.42 -1.45 1.17
C THR A 89 10.26 -2.17 -0.16
N VAL A 90 9.04 -2.17 -0.69
CA VAL A 90 8.77 -2.78 -1.99
C VAL A 90 7.84 -1.92 -2.82
N THR A 91 7.89 -2.10 -4.12
CA THR A 91 7.06 -1.34 -5.03
C THR A 91 5.97 -2.24 -5.60
N LEU A 92 4.76 -1.73 -5.61
CA LEU A 92 3.60 -2.48 -6.01
C LEU A 92 3.18 -2.09 -7.42
N SER A 93 3.09 -3.06 -8.30
CA SER A 93 2.81 -2.79 -9.70
C SER A 93 1.60 -3.57 -10.20
N GLY A 94 0.85 -2.95 -11.09
CA GLY A 94 -0.28 -3.63 -11.71
C GLY A 94 -1.48 -3.70 -10.79
N VAL A 95 -1.98 -2.54 -10.39
CA VAL A 95 -3.13 -2.47 -9.50
C VAL A 95 -4.34 -1.87 -10.21
N PRO A 96 -5.53 -2.47 -10.02
CA PRO A 96 -6.77 -1.98 -10.62
C PRO A 96 -7.39 -0.85 -9.81
N ILE A 97 -6.57 0.11 -9.42
CA ILE A 97 -7.01 1.24 -8.65
C ILE A 97 -6.78 2.51 -9.46
N TYR A 98 -7.85 3.00 -10.08
CA TYR A 98 -7.76 4.18 -10.92
C TYR A 98 -8.43 5.35 -10.22
N ASP A 99 -7.89 5.70 -9.06
CA ASP A 99 -8.42 6.79 -8.27
C ASP A 99 -7.71 8.08 -8.63
N THR A 100 -6.38 8.04 -8.61
CA THR A 100 -5.56 9.19 -8.92
C THR A 100 -5.37 9.35 -10.43
N THR A 101 -6.47 9.30 -11.15
CA THR A 101 -6.46 9.43 -12.61
C THR A 101 -6.37 10.89 -13.00
N ASN A 102 -6.31 11.75 -11.99
CA ASN A 102 -6.21 13.18 -12.18
C ASN A 102 -4.76 13.64 -11.96
N PRO A 103 -3.93 13.76 -13.02
CA PRO A 103 -2.59 14.32 -12.89
C PRO A 103 -2.62 15.84 -12.88
N GLN A 104 -1.44 16.45 -13.00
CA GLN A 104 -1.26 17.90 -12.97
C GLN A 104 -1.52 18.48 -11.58
N TYR A 105 -2.65 18.11 -10.99
CA TYR A 105 -3.05 18.64 -9.69
C TYR A 105 -2.41 17.83 -8.55
N ASN A 106 -1.39 17.06 -8.90
CA ASN A 106 -0.66 16.26 -7.93
C ASN A 106 0.73 16.85 -7.73
N SER A 107 0.87 18.13 -8.02
CA SER A 107 2.17 18.80 -7.99
C SER A 107 2.58 19.14 -6.56
N VAL A 108 2.63 18.11 -5.72
CA VAL A 108 3.04 18.24 -4.31
C VAL A 108 2.04 19.07 -3.51
N SER A 109 1.47 18.45 -2.50
CA SER A 109 0.53 19.09 -1.60
C SER A 109 0.20 18.15 -0.45
N ARG A 110 -0.57 17.12 -0.76
CA ARG A 110 -0.82 16.06 0.20
C ARG A 110 0.04 14.86 -0.19
N GLN A 111 1.04 14.55 0.62
CA GLN A 111 1.96 13.47 0.29
C GLN A 111 1.58 12.20 1.04
N VAL A 112 2.46 11.21 1.01
CA VAL A 112 2.22 9.95 1.71
C VAL A 112 1.92 10.18 3.20
N GLU A 113 0.91 9.49 3.71
CA GLU A 113 0.55 9.61 5.12
C GLU A 113 0.76 8.28 5.84
N ALA A 114 1.74 8.24 6.74
CA ALA A 114 2.03 7.02 7.48
C ALA A 114 1.06 6.85 8.64
N GLY A 115 1.00 5.64 9.19
CA GLY A 115 0.17 5.38 10.34
C GLY A 115 -0.72 4.17 10.16
N ASP A 116 -0.89 3.74 8.92
CA ASP A 116 -1.72 2.59 8.60
C ASP A 116 -0.98 1.28 8.85
N ALA A 117 -1.64 0.16 8.55
CA ALA A 117 -1.07 -1.15 8.81
C ALA A 117 -0.99 -1.99 7.53
N VAL A 118 0.01 -2.85 7.50
CA VAL A 118 0.30 -3.71 6.36
C VAL A 118 -0.18 -5.14 6.63
N SER A 119 -0.62 -5.84 5.59
CA SER A 119 -0.97 -7.25 5.71
C SER A 119 -0.88 -7.96 4.37
N VAL A 120 -0.60 -9.26 4.42
CA VAL A 120 -0.41 -10.06 3.21
C VAL A 120 -1.61 -10.99 3.01
N VAL A 121 -1.94 -11.27 1.75
CA VAL A 121 -3.02 -12.19 1.42
C VAL A 121 -2.54 -13.63 1.58
N GLY A 122 -1.28 -13.85 1.27
CA GLY A 122 -0.68 -15.15 1.47
C GLY A 122 -0.30 -15.81 0.17
N THR A 123 -0.03 -17.10 0.23
CA THR A 123 0.32 -17.86 -0.95
C THR A 123 -0.92 -18.40 -1.64
N ALA A 124 -1.76 -19.06 -0.87
CA ALA A 124 -3.00 -19.61 -1.36
C ALA A 124 -4.04 -19.68 -0.24
N GLY A 1 -4.43 -7.29 17.47
CA GLY A 1 -3.22 -8.11 17.24
C GLY A 1 -2.85 -8.19 15.78
N ALA A 2 -2.22 -9.28 15.38
CA ALA A 2 -1.76 -9.44 14.01
C ALA A 2 -2.19 -10.78 13.44
N PHE A 3 -2.65 -10.77 12.19
CA PHE A 3 -3.05 -11.98 11.49
C PHE A 3 -1.85 -12.91 11.32
N GLY A 4 -0.69 -12.30 11.21
CA GLY A 4 0.53 -13.04 10.91
C GLY A 4 1.26 -12.39 9.77
N GLY A 5 0.52 -12.04 8.73
CA GLY A 5 1.07 -11.29 7.64
C GLY A 5 0.61 -9.85 7.69
N THR A 6 1.55 -8.95 7.90
CA THR A 6 1.24 -7.54 7.94
C THR A 6 2.45 -6.70 7.55
N LEU A 7 2.23 -5.69 6.71
CA LEU A 7 3.27 -4.75 6.40
C LEU A 7 2.75 -3.36 6.61
N THR A 8 2.88 -2.89 7.83
CA THR A 8 2.31 -1.62 8.20
C THR A 8 3.25 -0.49 7.82
N VAL A 9 2.69 0.53 7.21
CA VAL A 9 3.48 1.47 6.41
C VAL A 9 4.14 2.53 7.28
N LYS A 10 5.21 3.15 6.75
CA LYS A 10 5.86 4.26 7.43
C LYS A 10 6.09 5.44 6.47
N THR A 11 5.91 5.21 5.17
CA THR A 11 6.10 6.24 4.15
C THR A 11 4.89 6.33 3.22
N GLN A 12 5.03 7.02 2.10
CA GLN A 12 3.91 7.29 1.21
C GLN A 12 4.09 6.55 -0.11
N PRO A 13 3.18 5.64 -0.43
CA PRO A 13 3.25 4.85 -1.66
C PRO A 13 2.84 5.65 -2.89
N THR A 14 3.82 5.99 -3.72
CA THR A 14 3.56 6.70 -4.96
C THR A 14 4.67 6.45 -6.00
N VAL A 15 4.25 6.11 -7.22
CA VAL A 15 5.16 5.95 -8.36
C VAL A 15 4.35 6.19 -9.66
N THR A 16 5.04 6.17 -10.81
CA THR A 16 4.50 6.51 -12.12
C THR A 16 3.02 6.14 -12.31
N TYR A 17 2.23 7.14 -12.68
CA TYR A 17 0.84 6.96 -13.06
C TYR A 17 0.70 7.04 -14.57
N ASN A 18 0.45 5.90 -15.19
CA ASN A 18 0.26 5.86 -16.63
C ASN A 18 -1.18 5.45 -16.89
N ALA A 19 -2.04 6.45 -17.02
CA ALA A 19 -3.47 6.24 -16.86
C ALA A 19 -4.12 5.85 -18.18
N VAL A 20 -3.66 6.46 -19.26
CA VAL A 20 -4.13 6.10 -20.58
C VAL A 20 -3.73 4.66 -20.88
N LYS A 21 -2.71 4.20 -20.19
CA LYS A 21 -2.17 2.86 -20.38
C LYS A 21 -2.61 1.93 -19.26
N ASP A 22 -3.36 2.50 -18.33
CA ASP A 22 -3.88 1.77 -17.16
C ASP A 22 -2.76 1.07 -16.40
N SER A 23 -1.70 1.80 -16.13
CA SER A 23 -0.57 1.27 -15.41
C SER A 23 -0.25 2.16 -14.23
N TYR A 24 -0.44 1.64 -13.03
CA TYR A 24 -0.28 2.44 -11.82
C TYR A 24 0.65 1.73 -10.85
N GLN A 25 1.87 2.19 -10.73
CA GLN A 25 2.80 1.57 -9.81
C GLN A 25 3.01 2.49 -8.62
N PHE A 26 3.37 1.93 -7.49
CA PHE A 26 3.63 2.74 -6.31
C PHE A 26 4.67 2.10 -5.40
N THR A 27 5.74 2.84 -5.10
CA THR A 27 6.80 2.33 -4.25
C THR A 27 6.51 2.70 -2.82
N VAL A 28 6.78 1.79 -1.91
CA VAL A 28 6.47 2.05 -0.51
C VAL A 28 7.57 1.53 0.43
N THR A 29 7.93 2.34 1.41
CA THR A 29 8.75 1.89 2.51
C THR A 29 7.84 1.54 3.68
N LEU A 30 7.84 0.27 4.07
CA LEU A 30 6.91 -0.21 5.06
C LEU A 30 7.65 -0.64 6.31
N THR A 31 6.88 -0.92 7.32
CA THR A 31 7.38 -1.55 8.51
C THR A 31 6.63 -2.87 8.74
N GLY A 32 7.20 -3.97 8.25
CA GLY A 32 6.54 -5.26 8.35
C GLY A 32 7.36 -6.26 9.12
N ALA A 33 6.71 -6.99 10.01
CA ALA A 33 7.44 -7.73 11.02
C ALA A 33 7.28 -9.25 10.91
N THR A 34 8.21 -9.87 10.21
CA THR A 34 8.36 -11.31 10.27
C THR A 34 9.82 -11.67 10.57
N ALA A 35 10.08 -12.06 11.82
CA ALA A 35 11.42 -12.42 12.28
C ALA A 35 12.14 -13.44 11.40
N SER A 36 13.38 -13.10 11.06
CA SER A 36 14.32 -14.02 10.44
C SER A 36 13.81 -14.59 9.11
N VAL A 37 13.51 -13.73 8.16
CA VAL A 37 13.14 -14.17 6.82
C VAL A 37 13.77 -13.25 5.77
N THR A 38 14.85 -13.72 5.16
CA THR A 38 15.52 -12.96 4.11
C THR A 38 14.67 -12.97 2.85
N GLY A 39 13.76 -12.02 2.77
CA GLY A 39 12.79 -11.98 1.70
C GLY A 39 11.66 -12.96 1.93
N PHE A 40 10.45 -12.46 2.19
CA PHE A 40 9.27 -13.30 2.28
C PHE A 40 9.20 -14.21 1.06
N LEU A 41 9.11 -13.55 -0.08
CA LEU A 41 8.95 -14.16 -1.39
C LEU A 41 9.20 -13.07 -2.41
N LYS A 42 9.11 -13.39 -3.68
CA LYS A 42 9.37 -12.40 -4.72
C LYS A 42 8.09 -11.99 -5.44
N ALA A 43 8.26 -11.25 -6.54
CA ALA A 43 7.17 -10.70 -7.33
C ALA A 43 5.96 -11.63 -7.39
N GLY A 44 4.87 -11.18 -6.81
CA GLY A 44 3.69 -12.00 -6.71
C GLY A 44 3.10 -11.98 -5.31
N ASP A 45 3.88 -11.50 -4.35
CA ASP A 45 3.40 -11.34 -2.98
C ASP A 45 2.29 -10.32 -2.93
N GLN A 46 1.35 -10.52 -2.04
CA GLN A 46 0.18 -9.68 -1.98
C GLN A 46 0.05 -9.03 -0.61
N VAL A 47 -0.92 -8.14 -0.46
CA VAL A 47 -1.07 -7.37 0.77
C VAL A 47 -2.51 -6.97 1.01
N LYS A 48 -2.94 -7.00 2.26
CA LYS A 48 -4.07 -6.20 2.65
C LYS A 48 -3.52 -4.81 2.77
N PHE A 49 -3.70 -4.03 1.74
CA PHE A 49 -3.21 -2.69 1.73
C PHE A 49 -4.17 -1.83 2.55
N THR A 50 -3.94 -1.78 3.84
CA THR A 50 -4.82 -1.02 4.71
C THR A 50 -4.48 0.46 4.60
N ASN A 51 -5.35 1.19 3.94
CA ASN A 51 -5.14 2.62 3.75
C ASN A 51 -6.30 3.43 4.29
N THR A 52 -6.18 3.89 5.50
CA THR A 52 -7.06 4.92 6.02
C THR A 52 -6.76 6.23 5.33
N TYR A 53 -7.48 6.50 4.26
CA TYR A 53 -7.29 7.72 3.50
C TYR A 53 -8.09 8.84 4.15
N TRP A 54 -7.65 10.09 3.89
CA TRP A 54 -8.28 11.29 4.46
C TRP A 54 -7.78 11.55 5.88
N LEU A 55 -6.49 11.33 6.11
CA LEU A 55 -5.92 11.62 7.43
C LEU A 55 -5.72 13.12 7.60
N GLN A 56 -5.70 13.60 8.84
CA GLN A 56 -5.47 15.02 9.10
C GLN A 56 -4.06 15.41 8.68
N GLN A 57 -3.08 15.08 9.52
CA GLN A 57 -1.69 15.31 9.16
C GLN A 57 -0.92 14.00 9.12
N GLN A 58 -0.48 13.54 10.28
CA GLN A 58 0.33 12.33 10.36
C GLN A 58 -0.34 11.22 11.18
N THR A 59 -0.37 11.38 12.50
CA THR A 59 -0.74 10.30 13.40
C THR A 59 -2.15 10.44 13.97
N LYS A 60 -2.70 11.66 13.94
CA LYS A 60 -4.05 11.89 14.46
C LYS A 60 -5.09 11.12 13.66
N GLN A 61 -4.78 10.93 12.37
CA GLN A 61 -5.62 10.24 11.42
C GLN A 61 -6.94 10.96 11.19
N ALA A 62 -7.76 10.97 12.21
CA ALA A 62 -9.13 11.49 12.12
C ALA A 62 -9.81 11.40 13.47
N LEU A 63 -10.27 12.54 13.98
CA LEU A 63 -10.92 12.57 15.28
C LEU A 63 -12.43 12.73 15.12
N TYR A 64 -12.83 13.39 14.05
CA TYR A 64 -14.25 13.63 13.79
C TYR A 64 -14.63 13.09 12.42
N ASN A 65 -13.71 12.40 11.79
CA ASN A 65 -13.92 11.87 10.45
C ASN A 65 -13.57 10.39 10.41
N GLY A 66 -13.93 9.72 9.33
CA GLY A 66 -13.61 8.31 9.19
C GLY A 66 -14.48 7.64 8.16
N ALA A 67 -13.92 7.40 6.99
CA ALA A 67 -14.66 6.78 5.89
C ALA A 67 -13.71 6.08 4.93
N THR A 68 -13.35 4.85 5.27
CA THR A 68 -12.50 4.04 4.41
C THR A 68 -13.05 2.62 4.34
N PRO A 69 -12.99 1.98 3.16
CA PRO A 69 -13.53 0.62 2.94
C PRO A 69 -12.71 -0.48 3.60
N ILE A 70 -12.31 -0.25 4.85
CA ILE A 70 -11.55 -1.22 5.65
C ILE A 70 -10.14 -1.44 5.09
N SER A 71 -10.05 -2.22 4.01
CA SER A 71 -8.78 -2.58 3.43
C SER A 71 -9.00 -3.13 2.02
N PHE A 72 -7.95 -3.10 1.21
CA PHE A 72 -8.02 -3.63 -0.14
C PHE A 72 -6.71 -4.32 -0.49
N THR A 73 -6.79 -5.41 -1.23
CA THR A 73 -5.62 -6.24 -1.47
C THR A 73 -4.80 -5.73 -2.65
N ALA A 74 -3.50 -5.50 -2.43
CA ALA A 74 -2.62 -5.05 -3.49
C ALA A 74 -1.51 -6.08 -3.70
N THR A 75 -0.59 -5.82 -4.63
CA THR A 75 0.42 -6.80 -4.96
C THR A 75 1.81 -6.19 -5.11
N VAL A 76 2.80 -6.89 -4.57
CA VAL A 76 4.19 -6.48 -4.61
C VAL A 76 4.89 -7.11 -5.81
N THR A 77 5.73 -6.35 -6.48
CA THR A 77 6.37 -6.80 -7.70
C THR A 77 7.87 -7.04 -7.49
N ALA A 78 8.27 -7.29 -6.25
CA ALA A 78 9.68 -7.48 -5.92
C ALA A 78 9.88 -8.28 -4.66
N ASP A 79 11.14 -8.56 -4.38
CA ASP A 79 11.57 -9.29 -3.20
C ASP A 79 11.13 -8.53 -1.95
N ALA A 80 10.22 -9.11 -1.21
CA ALA A 80 9.67 -8.44 -0.03
C ALA A 80 10.43 -8.82 1.23
N ASN A 81 11.24 -7.91 1.74
CA ASN A 81 12.07 -8.18 2.91
C ASN A 81 11.23 -8.33 4.18
N SER A 82 11.68 -9.17 5.08
CA SER A 82 11.07 -9.27 6.40
C SER A 82 12.15 -9.49 7.45
N ASP A 83 12.58 -8.43 8.07
CA ASP A 83 13.49 -8.56 9.20
C ASP A 83 12.69 -8.34 10.47
N SER A 84 13.13 -8.96 11.56
CA SER A 84 12.35 -8.97 12.79
C SER A 84 12.29 -7.61 13.46
N GLY A 85 13.13 -6.69 13.00
CA GLY A 85 13.01 -5.31 13.41
C GLY A 85 11.79 -4.69 12.78
N GLY A 86 11.22 -5.41 11.82
CA GLY A 86 9.98 -5.02 11.21
C GLY A 86 10.12 -3.89 10.22
N ASP A 87 11.17 -3.89 9.40
CA ASP A 87 11.35 -2.83 8.42
C ASP A 87 11.51 -3.40 6.99
N VAL A 88 10.51 -3.17 6.14
CA VAL A 88 10.55 -3.64 4.75
C VAL A 88 10.17 -2.55 3.74
N THR A 89 10.88 -2.47 2.62
CA THR A 89 10.53 -1.54 1.56
C THR A 89 10.30 -2.30 0.25
N VAL A 90 9.15 -2.11 -0.40
CA VAL A 90 8.87 -2.77 -1.68
C VAL A 90 8.02 -1.87 -2.56
N THR A 91 7.95 -2.21 -3.83
CA THR A 91 7.14 -1.45 -4.76
C THR A 91 5.99 -2.30 -5.28
N LEU A 92 4.82 -1.69 -5.40
CA LEU A 92 3.63 -2.37 -5.87
C LEU A 92 3.33 -1.93 -7.29
N SER A 93 2.71 -2.81 -8.07
CA SER A 93 2.48 -2.52 -9.47
C SER A 93 1.08 -2.90 -9.91
N GLY A 94 0.40 -1.97 -10.56
CA GLY A 94 -0.82 -2.29 -11.26
C GLY A 94 -2.01 -1.45 -10.83
N VAL A 95 -2.16 -1.23 -9.53
CA VAL A 95 -3.35 -0.58 -9.01
C VAL A 95 -3.06 0.84 -8.52
N PRO A 96 -4.04 1.75 -8.67
CA PRO A 96 -3.88 3.14 -8.27
C PRO A 96 -4.39 3.40 -6.84
N ILE A 97 -3.65 4.23 -6.11
CA ILE A 97 -4.10 4.71 -4.82
C ILE A 97 -4.80 6.05 -5.00
N TYR A 98 -6.03 6.13 -4.53
CA TYR A 98 -6.89 7.25 -4.88
C TYR A 98 -6.63 8.48 -4.01
N ASP A 99 -5.50 9.14 -4.26
CA ASP A 99 -5.22 10.43 -3.64
C ASP A 99 -5.93 11.52 -4.43
N THR A 100 -6.50 11.12 -5.56
CA THR A 100 -7.23 12.02 -6.42
C THR A 100 -8.70 12.11 -6.02
N THR A 101 -8.98 11.82 -4.76
CA THR A 101 -10.34 11.90 -4.25
C THR A 101 -10.63 13.34 -3.83
N ASN A 102 -9.55 14.11 -3.71
CA ASN A 102 -9.63 15.53 -3.42
C ASN A 102 -9.92 16.28 -4.73
N PRO A 103 -10.67 17.41 -4.66
CA PRO A 103 -11.10 18.14 -5.88
C PRO A 103 -9.94 18.85 -6.58
N GLN A 104 -8.85 19.07 -5.85
CA GLN A 104 -7.63 19.71 -6.38
C GLN A 104 -7.83 21.22 -6.56
N TYR A 105 -8.82 21.58 -7.38
CA TYR A 105 -9.13 22.97 -7.72
C TYR A 105 -8.06 23.55 -8.62
N ASN A 106 -6.84 23.63 -8.11
CA ASN A 106 -5.71 24.19 -8.84
C ASN A 106 -4.44 24.05 -8.02
N SER A 107 -4.44 24.65 -6.84
CA SER A 107 -3.28 24.65 -5.98
C SER A 107 -3.39 23.61 -4.86
N VAL A 108 -4.60 23.11 -4.64
CA VAL A 108 -4.82 22.10 -3.60
C VAL A 108 -4.45 20.72 -4.15
N SER A 109 -3.71 19.95 -3.36
CA SER A 109 -3.31 18.61 -3.75
C SER A 109 -3.19 17.71 -2.53
N ARG A 110 -3.54 16.46 -2.70
CA ARG A 110 -3.44 15.50 -1.62
C ARG A 110 -2.21 14.62 -1.81
N GLN A 111 -1.63 14.17 -0.70
CA GLN A 111 -0.53 13.23 -0.77
C GLN A 111 -1.00 11.90 -0.22
N VAL A 112 -0.40 10.82 -0.68
CA VAL A 112 -0.79 9.47 -0.26
C VAL A 112 -0.42 9.27 1.22
N GLU A 113 -1.21 8.43 1.89
CA GLU A 113 -1.16 8.32 3.33
C GLU A 113 0.00 7.46 3.82
N ALA A 114 0.76 7.99 4.76
CA ALA A 114 1.90 7.30 5.33
C ALA A 114 1.57 6.66 6.67
N GLY A 115 1.59 5.32 6.74
CA GLY A 115 1.63 4.68 8.05
C GLY A 115 0.57 3.61 8.29
N ASP A 116 -0.11 3.14 7.26
CA ASP A 116 -1.25 2.26 7.49
C ASP A 116 -1.05 0.78 7.12
N ALA A 117 -0.92 0.45 5.81
CA ALA A 117 -1.22 -0.88 5.21
C ALA A 117 -0.57 -2.11 5.88
N VAL A 118 -0.87 -3.31 5.34
CA VAL A 118 -0.57 -4.59 5.98
C VAL A 118 -0.32 -5.66 4.86
N SER A 119 -0.31 -6.98 5.15
CA SER A 119 0.17 -7.99 4.16
C SER A 119 -0.88 -9.02 3.73
N VAL A 120 -0.73 -9.57 2.50
CA VAL A 120 -1.43 -10.77 2.06
C VAL A 120 -0.38 -11.80 1.58
N VAL A 121 0.55 -12.16 2.44
CA VAL A 121 1.52 -13.19 2.11
C VAL A 121 1.37 -14.32 3.11
N GLY A 122 0.12 -14.69 3.30
CA GLY A 122 -0.25 -15.60 4.37
C GLY A 122 -1.11 -14.89 5.39
N THR A 123 -2.25 -15.51 5.73
CA THR A 123 -3.25 -14.96 6.63
C THR A 123 -3.86 -13.66 6.10
N ALA A 124 -5.15 -13.73 5.87
CA ALA A 124 -5.88 -12.62 5.29
C ALA A 124 -7.17 -12.38 6.05
N GLY A 1 3.55 -19.67 4.74
CA GLY A 1 2.34 -18.96 4.25
C GLY A 1 2.34 -17.50 4.66
N ALA A 2 2.46 -16.62 3.68
CA ALA A 2 2.47 -15.18 3.94
C ALA A 2 1.07 -14.67 4.24
N PHE A 3 0.08 -15.30 3.62
CA PHE A 3 -1.31 -14.94 3.85
C PHE A 3 -1.67 -15.13 5.32
N GLY A 4 -2.37 -14.16 5.88
CA GLY A 4 -2.65 -14.17 7.30
C GLY A 4 -1.61 -13.39 8.05
N GLY A 5 -0.80 -12.67 7.30
CA GLY A 5 0.28 -11.89 7.87
C GLY A 5 -0.16 -10.48 8.22
N THR A 6 0.68 -9.78 8.96
CA THR A 6 0.39 -8.42 9.36
C THR A 6 1.67 -7.60 9.31
N LEU A 7 1.57 -6.40 8.75
CA LEU A 7 2.72 -5.54 8.56
C LEU A 7 2.33 -4.10 8.87
N THR A 8 3.28 -3.19 8.79
CA THR A 8 3.03 -1.80 9.12
C THR A 8 3.41 -0.88 7.94
N VAL A 9 2.79 0.27 7.89
CA VAL A 9 3.03 1.25 6.83
C VAL A 9 4.00 2.32 7.32
N LYS A 10 5.05 2.57 6.56
CA LYS A 10 6.05 3.55 6.96
C LYS A 10 6.02 4.76 6.04
N THR A 11 5.62 4.55 4.79
CA THR A 11 5.60 5.61 3.79
C THR A 11 4.35 5.53 2.93
N GLN A 12 4.31 6.30 1.86
CA GLN A 12 3.12 6.39 1.02
C GLN A 12 3.39 5.78 -0.35
N PRO A 13 2.68 4.70 -0.71
CA PRO A 13 2.89 4.02 -1.99
C PRO A 13 2.34 4.81 -3.16
N THR A 14 3.24 5.43 -3.93
CA THR A 14 2.82 6.21 -5.09
C THR A 14 3.92 6.30 -6.15
N VAL A 15 3.53 6.03 -7.39
CA VAL A 15 4.32 6.27 -8.59
C VAL A 15 3.35 6.41 -9.78
N THR A 16 3.85 6.70 -10.97
CA THR A 16 3.03 6.92 -12.16
C THR A 16 1.80 5.99 -12.22
N TYR A 17 0.62 6.58 -12.07
CA TYR A 17 -0.63 5.87 -12.24
C TYR A 17 -1.16 6.14 -13.64
N ASN A 18 -0.68 5.37 -14.59
CA ASN A 18 -1.03 5.55 -15.99
C ASN A 18 -2.30 4.76 -16.27
N ALA A 19 -3.35 5.43 -16.71
CA ALA A 19 -4.67 4.83 -16.68
C ALA A 19 -5.16 4.40 -18.06
N VAL A 20 -5.20 5.33 -18.99
CA VAL A 20 -5.65 5.02 -20.33
C VAL A 20 -4.67 4.05 -20.99
N LYS A 21 -3.41 4.14 -20.57
CA LYS A 21 -2.36 3.26 -21.07
C LYS A 21 -2.26 2.01 -20.22
N ASP A 22 -2.86 2.10 -19.03
CA ASP A 22 -2.98 0.97 -18.10
C ASP A 22 -1.65 0.54 -17.52
N SER A 23 -1.09 1.37 -16.65
CA SER A 23 0.16 1.05 -15.98
C SER A 23 0.26 1.78 -14.65
N TYR A 24 -0.12 1.09 -13.60
CA TYR A 24 -0.07 1.65 -12.26
C TYR A 24 1.11 1.11 -11.49
N GLN A 25 2.12 1.94 -11.28
CA GLN A 25 3.25 1.56 -10.44
C GLN A 25 3.23 2.40 -9.19
N PHE A 26 3.72 1.87 -8.09
CA PHE A 26 3.80 2.63 -6.84
C PHE A 26 4.79 1.98 -5.89
N THR A 27 5.58 2.81 -5.20
CA THR A 27 6.64 2.30 -4.34
C THR A 27 6.30 2.49 -2.88
N VAL A 28 6.66 1.53 -2.04
CA VAL A 28 6.35 1.62 -0.62
C VAL A 28 7.50 1.14 0.28
N THR A 29 7.83 1.96 1.27
CA THR A 29 8.66 1.51 2.37
C THR A 29 7.76 1.12 3.53
N LEU A 30 7.85 -0.13 3.95
CA LEU A 30 6.98 -0.65 4.99
C LEU A 30 7.80 -1.03 6.20
N THR A 31 7.11 -1.35 7.27
CA THR A 31 7.75 -1.88 8.45
C THR A 31 7.12 -3.24 8.79
N GLY A 32 7.91 -4.15 9.35
CA GLY A 32 7.43 -5.48 9.63
C GLY A 32 8.07 -6.08 10.85
N ALA A 33 8.32 -7.39 10.79
CA ALA A 33 8.86 -8.11 11.93
C ALA A 33 10.34 -8.44 11.76
N THR A 34 10.86 -9.20 12.72
CA THR A 34 12.28 -9.45 12.86
C THR A 34 12.83 -10.39 11.78
N ALA A 35 14.12 -10.70 11.87
CA ALA A 35 14.82 -11.56 10.91
C ALA A 35 14.25 -12.99 10.89
N SER A 36 14.89 -13.85 10.08
CA SER A 36 14.47 -15.25 9.89
C SER A 36 13.30 -15.36 8.91
N VAL A 37 13.06 -14.30 8.14
CA VAL A 37 12.11 -14.34 7.05
C VAL A 37 12.72 -13.66 5.82
N THR A 38 13.31 -14.48 4.96
CA THR A 38 13.98 -13.99 3.77
C THR A 38 12.97 -13.50 2.74
N GLY A 39 12.68 -12.22 2.80
CA GLY A 39 11.70 -11.62 1.91
C GLY A 39 10.27 -11.95 2.31
N PHE A 40 9.66 -11.05 3.10
CA PHE A 40 8.22 -11.11 3.35
C PHE A 40 7.43 -11.39 2.08
N LEU A 41 7.67 -10.59 1.05
CA LEU A 41 6.86 -10.63 -0.16
C LEU A 41 7.73 -10.44 -1.38
N LYS A 42 7.35 -11.08 -2.48
CA LYS A 42 8.04 -10.91 -3.74
C LYS A 42 7.05 -10.84 -4.90
N ALA A 43 7.57 -10.91 -6.12
CA ALA A 43 6.76 -10.85 -7.32
C ALA A 43 5.64 -11.88 -7.29
N GLY A 44 4.42 -11.39 -7.34
CA GLY A 44 3.27 -12.27 -7.40
C GLY A 44 2.50 -12.31 -6.10
N ASP A 45 3.06 -11.68 -5.07
CA ASP A 45 2.41 -11.63 -3.77
C ASP A 45 1.52 -10.41 -3.67
N GLN A 46 0.28 -10.60 -3.25
CA GLN A 46 -0.67 -9.51 -3.15
C GLN A 46 -0.95 -9.15 -1.70
N VAL A 47 -1.08 -7.86 -1.43
CA VAL A 47 -1.31 -7.40 -0.06
C VAL A 47 -2.57 -6.58 0.04
N LYS A 48 -2.94 -6.28 1.27
CA LYS A 48 -4.11 -5.50 1.57
C LYS A 48 -3.73 -4.40 2.56
N PHE A 49 -4.09 -3.15 2.27
CA PHE A 49 -3.81 -2.07 3.20
C PHE A 49 -5.06 -1.72 4.00
N THR A 50 -4.91 -1.70 5.31
CA THR A 50 -5.98 -1.25 6.18
C THR A 50 -5.66 0.17 6.64
N ASN A 51 -6.09 1.14 5.84
CA ASN A 51 -5.63 2.51 5.99
C ASN A 51 -6.52 3.32 6.92
N THR A 52 -5.94 4.36 7.50
CA THR A 52 -6.62 5.25 8.42
C THR A 52 -6.54 6.68 7.91
N TYR A 53 -7.29 7.58 8.51
CA TYR A 53 -7.32 8.96 8.02
C TYR A 53 -6.11 9.75 8.52
N TRP A 54 -5.29 10.15 7.56
CA TRP A 54 -4.07 10.87 7.83
C TRP A 54 -3.91 12.05 6.88
N LEU A 55 -4.60 11.97 5.74
CA LEU A 55 -4.55 13.02 4.70
C LEU A 55 -4.63 14.43 5.28
N GLN A 56 -3.48 15.09 5.41
CA GLN A 56 -3.45 16.48 5.85
C GLN A 56 -3.82 17.40 4.69
N GLN A 57 -3.86 16.81 3.50
CA GLN A 57 -4.22 17.53 2.28
C GLN A 57 -5.67 17.99 2.37
N GLN A 58 -6.46 17.24 3.12
CA GLN A 58 -7.89 17.48 3.26
C GLN A 58 -8.19 18.79 4.00
N THR A 59 -7.17 19.44 4.53
CA THR A 59 -7.36 20.71 5.21
C THR A 59 -7.65 21.81 4.20
N LYS A 60 -7.00 21.73 3.05
CA LYS A 60 -7.17 22.74 2.01
C LYS A 60 -7.90 22.15 0.80
N GLN A 61 -7.29 21.16 0.18
CA GLN A 61 -7.81 20.62 -1.07
C GLN A 61 -8.67 19.41 -0.83
N ALA A 62 -9.77 19.66 -0.15
CA ALA A 62 -10.73 18.62 0.20
C ALA A 62 -11.73 18.43 -0.94
N LEU A 63 -11.49 19.12 -2.04
CA LEU A 63 -12.35 19.04 -3.21
C LEU A 63 -11.93 17.86 -4.07
N TYR A 64 -10.68 17.47 -3.96
CA TYR A 64 -10.12 16.38 -4.74
C TYR A 64 -10.51 15.04 -4.13
N ASN A 65 -10.14 14.87 -2.89
CA ASN A 65 -10.41 13.63 -2.17
C ASN A 65 -11.61 13.82 -1.26
N GLY A 66 -12.51 12.86 -1.28
CA GLY A 66 -13.65 12.89 -0.39
C GLY A 66 -13.25 12.49 1.02
N ALA A 67 -12.47 11.42 1.13
CA ALA A 67 -12.00 10.92 2.40
C ALA A 67 -11.07 9.76 2.14
N THR A 68 -10.23 9.45 3.12
CA THR A 68 -9.34 8.29 3.04
C THR A 68 -10.16 7.03 2.75
N PRO A 69 -9.62 6.10 1.93
CA PRO A 69 -10.32 4.87 1.57
C PRO A 69 -10.52 3.92 2.74
N ILE A 70 -10.95 2.70 2.47
CA ILE A 70 -11.15 1.71 3.53
C ILE A 70 -10.01 0.70 3.54
N SER A 71 -9.92 -0.09 2.48
CA SER A 71 -8.88 -1.10 2.35
C SER A 71 -8.70 -1.49 0.88
N PHE A 72 -7.46 -1.48 0.39
CA PHE A 72 -7.20 -1.78 -1.01
C PHE A 72 -6.02 -2.73 -1.17
N THR A 73 -6.05 -3.52 -2.23
CA THR A 73 -5.08 -4.58 -2.48
C THR A 73 -3.95 -4.12 -3.40
N ALA A 74 -2.70 -4.47 -3.05
CA ALA A 74 -1.56 -4.13 -3.88
C ALA A 74 -0.82 -5.40 -4.30
N THR A 75 0.14 -5.25 -5.21
CA THR A 75 0.88 -6.41 -5.68
C THR A 75 2.38 -6.12 -5.76
N VAL A 76 3.13 -6.94 -5.02
CA VAL A 76 4.58 -6.82 -4.93
C VAL A 76 5.24 -7.42 -6.18
N THR A 77 6.27 -6.75 -6.67
CA THR A 77 6.94 -7.20 -7.88
C THR A 77 8.46 -7.26 -7.72
N ALA A 78 8.94 -7.42 -6.49
CA ALA A 78 10.38 -7.48 -6.24
C ALA A 78 10.71 -8.07 -4.89
N ASP A 79 12.01 -8.16 -4.61
CA ASP A 79 12.51 -8.72 -3.36
C ASP A 79 12.17 -7.82 -2.19
N ALA A 80 12.26 -8.38 -1.02
CA ALA A 80 11.89 -7.69 0.21
C ALA A 80 12.73 -8.17 1.39
N ASN A 81 12.57 -7.51 2.53
CA ASN A 81 13.40 -7.82 3.69
C ASN A 81 12.59 -7.82 4.97
N SER A 82 12.59 -8.92 5.71
CA SER A 82 12.17 -8.89 7.09
C SER A 82 13.41 -9.00 7.96
N ASP A 83 13.96 -7.87 8.37
CA ASP A 83 15.22 -7.88 9.09
C ASP A 83 15.01 -7.68 10.57
N SER A 84 16.07 -7.68 11.35
CA SER A 84 15.98 -7.56 12.79
C SER A 84 15.27 -6.27 13.21
N GLY A 85 15.47 -5.22 12.41
CA GLY A 85 14.86 -3.95 12.71
C GLY A 85 13.41 -3.87 12.26
N GLY A 86 12.91 -4.96 11.68
CA GLY A 86 11.54 -4.99 11.22
C GLY A 86 11.24 -3.97 10.14
N ASP A 87 12.14 -3.83 9.16
CA ASP A 87 11.93 -2.85 8.10
C ASP A 87 11.91 -3.54 6.72
N VAL A 88 10.86 -3.29 5.95
CA VAL A 88 10.70 -3.91 4.63
C VAL A 88 10.22 -2.91 3.57
N THR A 89 10.92 -2.81 2.46
CA THR A 89 10.53 -1.90 1.39
C THR A 89 10.35 -2.64 0.05
N VAL A 90 9.24 -2.39 -0.64
CA VAL A 90 9.00 -2.99 -1.96
C VAL A 90 8.27 -2.01 -2.86
N THR A 91 8.31 -2.27 -4.15
CA THR A 91 7.55 -1.48 -5.09
C THR A 91 6.54 -2.37 -5.80
N LEU A 92 5.38 -1.79 -6.03
CA LEU A 92 4.24 -2.50 -6.55
C LEU A 92 4.02 -2.05 -7.99
N SER A 93 3.82 -3.01 -8.88
CA SER A 93 3.78 -2.69 -10.30
C SER A 93 2.67 -3.41 -11.04
N GLY A 94 2.01 -2.67 -11.93
CA GLY A 94 1.07 -3.24 -12.86
C GLY A 94 -0.13 -3.88 -12.20
N VAL A 95 -0.76 -3.15 -11.30
CA VAL A 95 -1.96 -3.65 -10.64
C VAL A 95 -3.19 -3.41 -11.51
N PRO A 96 -3.94 -4.47 -11.83
CA PRO A 96 -5.15 -4.38 -12.66
C PRO A 96 -6.37 -3.96 -11.85
N ILE A 97 -6.32 -2.75 -11.31
CA ILE A 97 -7.37 -2.26 -10.46
C ILE A 97 -8.39 -1.45 -11.25
N TYR A 98 -9.50 -2.10 -11.56
CA TYR A 98 -10.61 -1.46 -12.25
C TYR A 98 -11.83 -1.41 -11.34
N ASP A 99 -12.34 -2.57 -10.99
CA ASP A 99 -13.53 -2.67 -10.16
C ASP A 99 -13.36 -3.80 -9.15
N THR A 100 -12.12 -3.96 -8.71
CA THR A 100 -11.77 -5.05 -7.81
C THR A 100 -12.66 -5.09 -6.58
N THR A 101 -13.39 -6.18 -6.44
CA THR A 101 -14.28 -6.38 -5.31
C THR A 101 -13.57 -7.19 -4.22
N ASN A 102 -12.36 -7.65 -4.57
CA ASN A 102 -11.48 -8.33 -3.61
C ASN A 102 -11.20 -7.45 -2.39
N PRO A 103 -10.84 -6.16 -2.57
CA PRO A 103 -10.70 -5.22 -1.46
C PRO A 103 -12.03 -4.56 -1.13
N GLN A 104 -11.99 -3.50 -0.34
CA GLN A 104 -13.20 -2.82 0.08
C GLN A 104 -13.60 -1.77 -0.93
N TYR A 105 -13.81 -2.25 -2.13
CA TYR A 105 -14.19 -1.41 -3.28
C TYR A 105 -13.16 -0.33 -3.54
N ASN A 106 -12.27 -0.59 -4.49
CA ASN A 106 -11.22 0.35 -4.82
C ASN A 106 -11.19 0.57 -6.31
N SER A 107 -11.64 1.74 -6.75
CA SER A 107 -11.76 2.00 -8.17
C SER A 107 -10.77 3.09 -8.60
N VAL A 108 -9.48 2.74 -8.57
CA VAL A 108 -8.40 3.61 -9.05
C VAL A 108 -8.09 4.76 -8.08
N SER A 109 -9.14 5.36 -7.53
CA SER A 109 -9.00 6.50 -6.63
C SER A 109 -8.33 6.09 -5.32
N ARG A 110 -7.01 6.02 -5.34
CA ARG A 110 -6.25 5.66 -4.16
C ARG A 110 -5.59 6.89 -3.53
N GLN A 111 -6.03 7.25 -2.33
CA GLN A 111 -5.39 8.32 -1.57
C GLN A 111 -4.29 7.72 -0.73
N VAL A 112 -3.06 8.18 -0.91
CA VAL A 112 -1.93 7.61 -0.21
C VAL A 112 -1.54 8.43 1.00
N GLU A 113 -1.53 7.76 2.16
CA GLU A 113 -1.13 8.37 3.41
C GLU A 113 -0.46 7.31 4.27
N ALA A 114 0.53 7.72 5.06
CA ALA A 114 1.32 6.77 5.83
C ALA A 114 0.85 6.71 7.28
N GLY A 115 0.86 5.52 7.88
CA GLY A 115 0.61 5.42 9.31
C GLY A 115 -0.45 4.39 9.66
N ASP A 116 -0.84 3.57 8.70
CA ASP A 116 -1.87 2.56 8.91
C ASP A 116 -1.25 1.16 9.03
N ALA A 117 -2.01 0.13 8.68
CA ALA A 117 -1.58 -1.25 8.90
C ALA A 117 -1.66 -2.07 7.61
N VAL A 118 -0.64 -2.90 7.40
CA VAL A 118 -0.53 -3.70 6.19
C VAL A 118 -0.93 -5.16 6.47
N SER A 119 -1.54 -5.80 5.49
CA SER A 119 -1.89 -7.21 5.58
C SER A 119 -1.71 -7.86 4.21
N VAL A 120 -1.95 -9.16 4.13
CA VAL A 120 -1.71 -9.92 2.91
C VAL A 120 -3.03 -10.50 2.36
N VAL A 121 -3.17 -10.50 1.04
CA VAL A 121 -4.34 -11.07 0.39
C VAL A 121 -4.05 -12.49 -0.08
N GLY A 122 -2.90 -12.69 -0.70
CA GLY A 122 -2.54 -14.01 -1.18
C GLY A 122 -1.18 -14.02 -1.85
N THR A 123 -0.66 -15.20 -2.09
CA THR A 123 0.63 -15.36 -2.73
C THR A 123 0.52 -16.22 -3.98
N ALA A 124 0.23 -17.49 -3.76
CA ALA A 124 -0.01 -18.42 -4.83
C ALA A 124 -1.45 -18.92 -4.76
N GLY A 1 -4.30 -22.12 4.71
CA GLY A 1 -3.34 -21.21 4.04
C GLY A 1 -2.57 -20.37 5.03
N ALA A 2 -1.51 -19.72 4.55
CA ALA A 2 -0.67 -18.88 5.39
C ALA A 2 -1.33 -17.53 5.65
N PHE A 3 -2.36 -17.56 6.46
CA PHE A 3 -3.07 -16.35 6.84
C PHE A 3 -2.62 -15.88 8.21
N GLY A 4 -2.88 -14.62 8.52
CA GLY A 4 -2.44 -14.05 9.76
C GLY A 4 -1.26 -13.13 9.55
N GLY A 5 -0.95 -12.90 8.28
CA GLY A 5 0.17 -12.04 7.93
C GLY A 5 -0.18 -10.58 8.10
N THR A 6 0.52 -9.91 9.00
CA THR A 6 0.25 -8.51 9.29
C THR A 6 1.53 -7.69 9.17
N LEU A 7 1.40 -6.49 8.64
CA LEU A 7 2.53 -5.61 8.43
C LEU A 7 2.11 -4.17 8.69
N THR A 8 3.07 -3.27 8.62
CA THR A 8 2.83 -1.87 8.92
C THR A 8 3.36 -0.99 7.79
N VAL A 9 2.84 0.21 7.68
CA VAL A 9 3.23 1.13 6.63
C VAL A 9 4.24 2.15 7.13
N LYS A 10 5.25 2.43 6.32
CA LYS A 10 6.29 3.38 6.71
C LYS A 10 6.30 4.59 5.77
N THR A 11 6.00 4.35 4.50
CA THR A 11 5.86 5.41 3.51
C THR A 11 4.63 5.13 2.66
N GLN A 12 4.41 5.91 1.63
CA GLN A 12 3.16 5.89 0.90
C GLN A 12 3.30 5.42 -0.53
N PRO A 13 2.20 4.89 -1.10
CA PRO A 13 2.13 4.50 -2.51
C PRO A 13 2.30 5.71 -3.45
N THR A 14 3.46 5.81 -4.06
CA THR A 14 3.73 6.90 -4.98
C THR A 14 4.68 6.48 -6.10
N VAL A 15 4.08 6.13 -7.24
CA VAL A 15 4.80 5.93 -8.50
C VAL A 15 3.79 6.12 -9.66
N THR A 16 4.28 6.10 -10.89
CA THR A 16 3.50 6.35 -12.11
C THR A 16 2.02 5.95 -11.99
N TYR A 17 1.16 6.96 -11.95
CA TYR A 17 -0.27 6.78 -12.10
C TYR A 17 -0.69 7.32 -13.46
N ASN A 18 -0.60 6.47 -14.46
CA ASN A 18 -0.85 6.85 -15.83
C ASN A 18 -2.11 6.13 -16.31
N ALA A 19 -3.21 6.85 -16.35
CA ALA A 19 -4.52 6.24 -16.47
C ALA A 19 -4.89 5.92 -17.90
N VAL A 20 -4.80 6.93 -18.77
CA VAL A 20 -5.15 6.76 -20.17
C VAL A 20 -4.15 5.81 -20.83
N LYS A 21 -2.97 5.72 -20.24
CA LYS A 21 -1.93 4.84 -20.75
C LYS A 21 -2.05 3.46 -20.10
N ASP A 22 -2.86 3.41 -19.04
CA ASP A 22 -3.10 2.20 -18.27
C ASP A 22 -1.82 1.71 -17.60
N SER A 23 -1.37 2.47 -16.61
CA SER A 23 -0.18 2.12 -15.84
C SER A 23 -0.31 2.65 -14.42
N TYR A 24 -0.54 1.75 -13.48
CA TYR A 24 -0.68 2.15 -12.08
C TYR A 24 0.29 1.36 -11.22
N GLN A 25 1.39 2.00 -10.83
CA GLN A 25 2.35 1.36 -9.96
C GLN A 25 2.65 2.30 -8.80
N PHE A 26 3.18 1.75 -7.71
CA PHE A 26 3.50 2.57 -6.55
C PHE A 26 4.60 1.94 -5.70
N THR A 27 5.61 2.72 -5.33
CA THR A 27 6.70 2.21 -4.52
C THR A 27 6.46 2.55 -3.06
N VAL A 28 6.61 1.56 -2.18
CA VAL A 28 6.32 1.80 -0.77
C VAL A 28 7.38 1.18 0.13
N THR A 29 7.74 1.89 1.18
CA THR A 29 8.53 1.33 2.26
C THR A 29 7.58 0.90 3.38
N LEU A 30 7.63 -0.37 3.72
CA LEU A 30 6.75 -0.92 4.72
C LEU A 30 7.57 -1.27 5.96
N THR A 31 6.90 -1.53 7.05
CA THR A 31 7.56 -1.98 8.25
C THR A 31 6.95 -3.32 8.69
N GLY A 32 7.78 -4.23 9.16
CA GLY A 32 7.30 -5.55 9.46
C GLY A 32 7.95 -6.13 10.70
N ALA A 33 8.19 -7.42 10.69
CA ALA A 33 8.73 -8.10 11.86
C ALA A 33 10.22 -8.39 11.75
N THR A 34 10.73 -9.11 12.74
CA THR A 34 12.16 -9.30 12.93
C THR A 34 12.76 -10.25 11.87
N ALA A 35 14.07 -10.49 12.01
CA ALA A 35 14.84 -11.32 11.09
C ALA A 35 14.35 -12.78 11.03
N SER A 36 15.06 -13.59 10.26
CA SER A 36 14.74 -15.01 10.06
C SER A 36 13.64 -15.18 9.01
N VAL A 37 13.25 -14.07 8.37
CA VAL A 37 12.35 -14.14 7.24
C VAL A 37 13.02 -13.50 6.03
N THR A 38 13.71 -14.33 5.26
CA THR A 38 14.43 -13.87 4.09
C THR A 38 13.47 -13.56 2.95
N GLY A 39 12.99 -12.33 2.93
CA GLY A 39 12.04 -11.91 1.93
C GLY A 39 10.63 -12.29 2.28
N PHE A 40 9.93 -11.38 2.96
CA PHE A 40 8.49 -11.53 3.19
C PHE A 40 7.76 -12.01 1.93
N LEU A 41 7.85 -11.22 0.86
CA LEU A 41 7.07 -11.46 -0.36
C LEU A 41 7.84 -10.97 -1.58
N LYS A 42 7.45 -11.45 -2.76
CA LYS A 42 8.06 -11.00 -4.01
C LYS A 42 7.01 -10.92 -5.12
N ALA A 43 7.48 -10.77 -6.35
CA ALA A 43 6.62 -10.69 -7.52
C ALA A 43 5.60 -11.84 -7.54
N GLY A 44 4.34 -11.46 -7.46
CA GLY A 44 3.27 -12.43 -7.54
C GLY A 44 2.59 -12.63 -6.20
N ASP A 45 3.12 -12.01 -5.18
CA ASP A 45 2.53 -12.09 -3.84
C ASP A 45 1.60 -10.91 -3.62
N GLN A 46 0.51 -11.15 -2.92
CA GLN A 46 -0.48 -10.10 -2.71
C GLN A 46 -0.57 -9.73 -1.24
N VAL A 47 -0.96 -8.49 -1.00
CA VAL A 47 -1.15 -7.97 0.34
C VAL A 47 -2.50 -7.30 0.45
N LYS A 48 -2.92 -7.04 1.66
CA LYS A 48 -4.16 -6.30 1.92
C LYS A 48 -3.85 -5.08 2.76
N PHE A 49 -3.51 -3.98 2.14
CA PHE A 49 -3.12 -2.80 2.89
C PHE A 49 -4.31 -1.91 3.15
N THR A 50 -4.44 -1.50 4.41
CA THR A 50 -5.55 -0.67 4.82
C THR A 50 -5.10 0.78 4.86
N ASN A 51 -5.22 1.45 3.74
CA ASN A 51 -4.76 2.84 3.63
C ASN A 51 -5.96 3.78 3.75
N THR A 52 -6.10 4.36 4.92
CA THR A 52 -7.17 5.30 5.19
C THR A 52 -6.88 6.65 4.56
N TYR A 53 -7.13 6.74 3.26
CA TYR A 53 -6.85 7.95 2.51
C TYR A 53 -8.07 8.87 2.51
N TRP A 54 -7.91 10.01 3.17
CA TRP A 54 -8.94 11.04 3.24
C TRP A 54 -8.34 12.24 3.95
N LEU A 55 -7.21 12.68 3.43
CA LEU A 55 -6.40 13.67 4.10
C LEU A 55 -6.80 15.08 3.65
N GLN A 56 -7.72 15.69 4.38
CA GLN A 56 -8.24 17.01 4.01
C GLN A 56 -7.57 18.11 4.83
N GLN A 57 -7.91 18.20 6.11
CA GLN A 57 -7.35 19.24 6.97
C GLN A 57 -6.50 18.63 8.07
N GLN A 58 -7.15 18.17 9.12
CA GLN A 58 -6.44 17.63 10.27
C GLN A 58 -6.13 16.15 10.08
N THR A 59 -6.90 15.50 9.22
CA THR A 59 -6.71 14.07 8.97
C THR A 59 -5.36 13.81 8.32
N LYS A 60 -4.74 14.86 7.77
CA LYS A 60 -3.41 14.76 7.19
C LYS A 60 -2.39 14.40 8.27
N GLN A 61 -2.67 14.80 9.50
CA GLN A 61 -1.78 14.54 10.62
C GLN A 61 -2.32 13.41 11.48
N ALA A 62 -3.55 13.00 11.22
CA ALA A 62 -4.20 11.95 11.99
C ALA A 62 -4.80 10.89 11.08
N LEU A 63 -4.00 9.90 10.75
CA LEU A 63 -4.42 8.82 9.84
C LEU A 63 -5.38 7.87 10.53
N TYR A 64 -5.62 8.10 11.81
CA TYR A 64 -6.57 7.30 12.57
C TYR A 64 -7.99 7.72 12.23
N ASN A 65 -8.12 8.91 11.66
CA ASN A 65 -9.42 9.45 11.28
C ASN A 65 -9.50 9.64 9.78
N GLY A 66 -10.58 9.17 9.19
CA GLY A 66 -10.78 9.35 7.77
C GLY A 66 -12.23 9.18 7.38
N ALA A 67 -12.47 8.24 6.48
CA ALA A 67 -13.81 7.98 5.96
C ALA A 67 -13.80 6.75 5.07
N THR A 68 -13.04 5.76 5.46
CA THR A 68 -12.89 4.55 4.66
C THR A 68 -12.25 3.42 5.48
N PRO A 69 -13.09 2.62 6.16
CA PRO A 69 -12.64 1.53 7.02
C PRO A 69 -12.49 0.21 6.26
N ILE A 70 -11.88 0.26 5.10
CA ILE A 70 -11.74 -0.91 4.26
C ILE A 70 -10.27 -1.24 4.01
N SER A 71 -10.04 -2.40 3.40
CA SER A 71 -8.69 -2.82 3.04
C SER A 71 -8.71 -3.38 1.62
N PHE A 72 -7.67 -3.11 0.85
CA PHE A 72 -7.64 -3.53 -0.55
C PHE A 72 -6.39 -4.33 -0.84
N THR A 73 -6.54 -5.32 -1.71
CA THR A 73 -5.46 -6.24 -2.03
C THR A 73 -4.51 -5.62 -3.07
N ALA A 74 -3.24 -5.53 -2.72
CA ALA A 74 -2.22 -5.03 -3.63
C ALA A 74 -1.25 -6.15 -3.97
N THR A 75 -0.29 -5.89 -4.86
CA THR A 75 0.63 -6.93 -5.28
C THR A 75 2.07 -6.46 -5.33
N VAL A 76 2.94 -7.24 -4.72
CA VAL A 76 4.36 -6.99 -4.69
C VAL A 76 5.00 -7.46 -5.98
N THR A 77 5.94 -6.68 -6.50
CA THR A 77 6.57 -6.99 -7.77
C THR A 77 8.08 -7.13 -7.62
N ALA A 78 8.59 -6.99 -6.40
CA ALA A 78 10.03 -6.98 -6.19
C ALA A 78 10.44 -7.69 -4.92
N ASP A 79 11.73 -7.65 -4.63
CA ASP A 79 12.29 -8.31 -3.47
C ASP A 79 11.89 -7.59 -2.21
N ALA A 80 12.06 -8.25 -1.10
CA ALA A 80 11.61 -7.73 0.18
C ALA A 80 12.50 -8.21 1.32
N ASN A 81 12.51 -7.45 2.40
CA ASN A 81 13.37 -7.73 3.54
C ASN A 81 12.58 -7.75 4.84
N SER A 82 12.68 -8.82 5.63
CA SER A 82 12.24 -8.76 7.00
C SER A 82 13.46 -8.85 7.91
N ASP A 83 13.97 -7.70 8.35
CA ASP A 83 15.18 -7.67 9.16
C ASP A 83 14.85 -7.46 10.63
N SER A 84 15.85 -7.45 11.48
CA SER A 84 15.63 -7.32 12.91
C SER A 84 14.93 -6.01 13.26
N GLY A 85 15.20 -4.98 12.48
CA GLY A 85 14.59 -3.70 12.73
C GLY A 85 13.13 -3.66 12.35
N GLY A 86 12.68 -4.72 11.69
CA GLY A 86 11.30 -4.77 11.24
C GLY A 86 11.00 -3.82 10.09
N ASP A 87 11.90 -3.72 9.11
CA ASP A 87 11.65 -2.87 7.95
C ASP A 87 11.62 -3.67 6.66
N VAL A 88 10.64 -3.38 5.81
CA VAL A 88 10.44 -4.09 4.54
C VAL A 88 9.98 -3.14 3.42
N THR A 89 10.85 -2.88 2.44
CA THR A 89 10.49 -1.99 1.34
C THR A 89 10.21 -2.79 0.05
N VAL A 90 9.04 -2.54 -0.55
CA VAL A 90 8.69 -3.16 -1.84
C VAL A 90 7.89 -2.21 -2.71
N THR A 91 8.05 -2.32 -4.01
CA THR A 91 7.23 -1.59 -4.94
C THR A 91 6.07 -2.46 -5.41
N LEU A 92 4.94 -1.84 -5.67
CA LEU A 92 3.75 -2.56 -6.07
C LEU A 92 3.33 -2.13 -7.46
N SER A 93 2.95 -3.09 -8.29
CA SER A 93 2.64 -2.81 -9.68
C SER A 93 1.34 -3.48 -10.10
N GLY A 94 0.45 -2.70 -10.71
CA GLY A 94 -0.76 -3.26 -11.27
C GLY A 94 -1.86 -3.44 -10.24
N VAL A 95 -2.67 -2.42 -10.05
CA VAL A 95 -3.80 -2.49 -9.14
C VAL A 95 -5.08 -2.00 -9.82
N PRO A 96 -6.11 -2.84 -9.89
CA PRO A 96 -7.40 -2.48 -10.48
C PRO A 96 -8.33 -1.82 -9.46
N ILE A 97 -7.86 -0.74 -8.84
CA ILE A 97 -8.64 -0.06 -7.82
C ILE A 97 -9.66 0.89 -8.45
N TYR A 98 -10.90 0.42 -8.53
CA TYR A 98 -11.99 1.20 -9.09
C TYR A 98 -13.25 1.03 -8.26
N ASP A 99 -13.29 1.70 -7.12
CA ASP A 99 -14.44 1.64 -6.23
C ASP A 99 -14.41 2.80 -5.25
N THR A 100 -13.28 2.98 -4.58
CA THR A 100 -13.09 4.11 -3.70
C THR A 100 -12.01 5.04 -4.26
N THR A 101 -12.03 5.22 -5.57
CA THR A 101 -11.07 6.07 -6.23
C THR A 101 -11.51 7.54 -6.10
N ASN A 102 -12.62 7.88 -6.76
CA ASN A 102 -13.28 9.19 -6.57
C ASN A 102 -12.36 10.36 -6.97
N PRO A 103 -12.45 10.89 -8.22
CA PRO A 103 -11.68 12.05 -8.61
C PRO A 103 -12.23 13.31 -7.96
N GLN A 104 -11.33 14.16 -7.55
CA GLN A 104 -11.68 15.38 -6.84
C GLN A 104 -12.02 16.49 -7.82
N TYR A 105 -12.33 16.10 -9.04
CA TYR A 105 -12.75 17.00 -10.12
C TYR A 105 -11.60 17.89 -10.59
N ASN A 106 -11.17 18.78 -9.71
CA ASN A 106 -10.12 19.73 -10.03
C ASN A 106 -8.78 19.23 -9.51
N SER A 107 -8.84 18.21 -8.66
CA SER A 107 -7.65 17.67 -7.96
C SER A 107 -7.17 18.68 -6.92
N VAL A 108 -7.47 18.39 -5.66
CA VAL A 108 -7.18 19.32 -4.56
C VAL A 108 -5.77 19.08 -4.02
N SER A 109 -4.94 18.44 -4.84
CA SER A 109 -3.55 18.16 -4.49
C SER A 109 -3.47 17.38 -3.19
N ARG A 110 -4.30 16.35 -3.06
CA ARG A 110 -4.31 15.53 -1.86
C ARG A 110 -3.18 14.50 -1.92
N GLN A 111 -2.20 14.64 -1.05
CA GLN A 111 -1.07 13.71 -1.05
C GLN A 111 -1.27 12.66 0.02
N VAL A 112 -0.65 11.50 -0.19
CA VAL A 112 -0.77 10.39 0.75
C VAL A 112 0.09 10.62 1.98
N GLU A 113 -0.05 9.78 3.00
CA GLU A 113 0.61 9.99 4.28
C GLU A 113 0.70 8.68 5.06
N ALA A 114 1.90 8.37 5.55
CA ALA A 114 2.16 7.12 6.25
C ALA A 114 1.40 7.06 7.57
N GLY A 115 1.19 5.86 8.08
CA GLY A 115 0.50 5.69 9.34
C GLY A 115 -0.63 4.68 9.26
N ASP A 116 -0.83 4.12 8.07
CA ASP A 116 -1.82 3.07 7.87
C ASP A 116 -1.20 1.69 8.12
N ALA A 117 -1.94 0.63 7.79
CA ALA A 117 -1.53 -0.73 8.14
C ALA A 117 -1.56 -1.67 6.94
N VAL A 118 -0.87 -2.81 7.05
CA VAL A 118 -0.74 -3.75 5.95
C VAL A 118 -1.12 -5.18 6.39
N SER A 119 -1.77 -5.94 5.51
CA SER A 119 -1.99 -7.35 5.77
C SER A 119 -1.51 -8.17 4.57
N VAL A 120 -1.36 -9.48 4.75
CA VAL A 120 -0.85 -10.36 3.70
C VAL A 120 -1.88 -11.44 3.36
N VAL A 121 -1.89 -11.88 2.10
CA VAL A 121 -2.79 -12.96 1.69
C VAL A 121 -2.19 -14.33 1.99
N GLY A 122 -0.87 -14.40 1.92
CA GLY A 122 -0.18 -15.65 2.19
C GLY A 122 -0.24 -16.61 1.02
N THR A 123 -0.99 -17.68 1.19
CA THR A 123 -1.13 -18.68 0.14
C THR A 123 -2.61 -18.87 -0.23
N ALA A 124 -3.23 -19.87 0.36
CA ALA A 124 -4.63 -20.18 0.13
C ALA A 124 -5.15 -21.10 1.20
N GLY A 1 -9.19 -13.58 8.46
CA GLY A 1 -8.61 -13.36 7.11
C GLY A 1 -7.12 -13.13 7.18
N ALA A 2 -6.51 -12.97 6.01
CA ALA A 2 -5.07 -12.72 5.88
C ALA A 2 -4.27 -13.97 6.21
N PHE A 3 -3.12 -14.10 5.53
CA PHE A 3 -2.27 -15.27 5.65
C PHE A 3 -1.59 -15.32 7.02
N GLY A 4 -1.51 -14.18 7.67
CA GLY A 4 -0.91 -14.11 8.98
C GLY A 4 0.10 -12.98 9.06
N GLY A 5 0.80 -12.76 7.96
CA GLY A 5 1.78 -11.69 7.90
C GLY A 5 1.14 -10.33 8.01
N THR A 6 1.47 -9.63 9.08
CA THR A 6 0.97 -8.29 9.31
C THR A 6 2.12 -7.29 9.18
N LEU A 7 1.83 -6.16 8.58
CA LEU A 7 2.85 -5.17 8.28
C LEU A 7 2.34 -3.77 8.56
N THR A 8 3.24 -2.81 8.47
CA THR A 8 2.91 -1.43 8.80
C THR A 8 3.33 -0.51 7.64
N VAL A 9 2.64 0.61 7.52
CA VAL A 9 2.94 1.58 6.48
C VAL A 9 3.88 2.64 7.03
N LYS A 10 5.14 2.61 6.58
CA LYS A 10 6.15 3.50 7.13
C LYS A 10 6.30 4.75 6.27
N THR A 11 6.09 4.59 4.98
CA THR A 11 6.16 5.70 4.03
C THR A 11 4.90 5.72 3.18
N GLN A 12 4.91 6.51 2.12
CA GLN A 12 3.70 6.73 1.35
C GLN A 12 3.81 6.11 -0.03
N PRO A 13 2.82 5.30 -0.42
CA PRO A 13 2.79 4.65 -1.73
C PRO A 13 2.35 5.59 -2.85
N THR A 14 3.29 5.98 -3.69
CA THR A 14 2.99 6.84 -4.82
C THR A 14 3.18 6.08 -6.13
N VAL A 15 2.37 6.41 -7.14
CA VAL A 15 2.25 5.59 -8.33
C VAL A 15 2.87 6.24 -9.56
N THR A 16 3.59 5.45 -10.34
CA THR A 16 4.04 5.83 -11.67
C THR A 16 3.14 5.16 -12.71
N TYR A 17 2.41 5.95 -13.49
CA TYR A 17 1.48 5.40 -14.47
C TYR A 17 2.03 5.47 -15.89
N ASN A 18 1.95 4.36 -16.60
CA ASN A 18 2.29 4.29 -18.00
C ASN A 18 1.30 3.35 -18.68
N ALA A 19 0.19 3.91 -19.12
CA ALA A 19 -1.00 3.12 -19.45
C ALA A 19 -0.99 2.64 -20.89
N VAL A 20 -0.58 3.53 -21.80
CA VAL A 20 -0.44 3.14 -23.20
C VAL A 20 0.64 2.08 -23.32
N LYS A 21 1.52 2.06 -22.35
CA LYS A 21 2.63 1.11 -22.32
C LYS A 21 2.27 -0.12 -21.50
N ASP A 22 1.16 0.00 -20.77
CA ASP A 22 0.63 -1.05 -19.91
C ASP A 22 1.64 -1.41 -18.83
N SER A 23 2.02 -0.43 -18.04
CA SER A 23 2.96 -0.62 -16.96
C SER A 23 2.61 0.30 -15.80
N TYR A 24 2.24 -0.27 -14.67
CA TYR A 24 1.92 0.50 -13.50
C TYR A 24 2.88 0.07 -12.41
N GLN A 25 3.47 1.02 -11.71
CA GLN A 25 4.35 0.70 -10.60
C GLN A 25 4.19 1.71 -9.47
N PHE A 26 3.94 1.24 -8.26
CA PHE A 26 3.90 2.15 -7.13
C PHE A 26 4.76 1.64 -5.98
N THR A 27 5.58 2.53 -5.41
CA THR A 27 6.63 2.12 -4.49
C THR A 27 6.26 2.42 -3.05
N VAL A 28 6.63 1.53 -2.15
CA VAL A 28 6.32 1.73 -0.74
C VAL A 28 7.41 1.18 0.18
N THR A 29 7.80 2.00 1.15
CA THR A 29 8.64 1.52 2.24
C THR A 29 7.75 1.19 3.43
N LEU A 30 7.75 -0.06 3.83
CA LEU A 30 6.87 -0.51 4.89
C LEU A 30 7.69 -0.94 6.09
N THR A 31 7.01 -1.19 7.17
CA THR A 31 7.61 -1.77 8.33
C THR A 31 7.02 -3.16 8.58
N GLY A 32 7.80 -4.05 9.15
CA GLY A 32 7.35 -5.40 9.40
C GLY A 32 7.98 -5.99 10.64
N ALA A 33 8.26 -7.28 10.60
CA ALA A 33 8.78 -7.97 11.77
C ALA A 33 10.26 -8.29 11.66
N THR A 34 10.76 -8.99 12.68
CA THR A 34 12.19 -9.24 12.84
C THR A 34 12.75 -10.19 11.76
N ALA A 35 14.05 -10.44 11.85
CA ALA A 35 14.76 -11.33 10.94
C ALA A 35 14.24 -12.77 11.00
N SER A 36 14.91 -13.66 10.24
CA SER A 36 14.53 -15.07 10.13
C SER A 36 13.39 -15.25 9.13
N VAL A 37 13.02 -14.18 8.44
CA VAL A 37 12.07 -14.26 7.35
C VAL A 37 12.69 -13.63 6.10
N THR A 38 13.36 -14.46 5.33
CA THR A 38 14.04 -14.01 4.13
C THR A 38 13.02 -13.62 3.06
N GLY A 39 12.76 -12.33 2.98
CA GLY A 39 11.77 -11.82 2.06
C GLY A 39 10.36 -12.24 2.44
N PHE A 40 9.63 -11.33 3.08
CA PHE A 40 8.19 -11.54 3.31
C PHE A 40 7.49 -12.08 2.06
N LEU A 41 7.73 -11.44 0.93
CA LEU A 41 7.06 -11.79 -0.32
C LEU A 41 7.76 -11.14 -1.52
N LYS A 42 7.44 -11.61 -2.72
CA LYS A 42 8.07 -11.10 -3.94
C LYS A 42 7.06 -10.97 -5.08
N ALA A 43 7.57 -10.80 -6.29
CA ALA A 43 6.75 -10.65 -7.48
C ALA A 43 5.73 -11.77 -7.60
N GLY A 44 4.48 -11.39 -7.59
CA GLY A 44 3.40 -12.35 -7.73
C GLY A 44 2.67 -12.59 -6.43
N ASP A 45 3.24 -12.09 -5.34
CA ASP A 45 2.63 -12.24 -4.03
C ASP A 45 1.77 -11.03 -3.72
N GLN A 46 0.59 -11.28 -3.17
CA GLN A 46 -0.39 -10.22 -2.97
C GLN A 46 -0.54 -9.83 -1.51
N VAL A 47 -0.91 -8.58 -1.29
CA VAL A 47 -1.13 -8.04 0.04
C VAL A 47 -2.52 -7.43 0.12
N LYS A 48 -2.99 -7.20 1.34
CA LYS A 48 -4.20 -6.41 1.54
C LYS A 48 -3.95 -5.43 2.67
N PHE A 49 -4.19 -4.15 2.44
CA PHE A 49 -3.85 -3.14 3.43
C PHE A 49 -4.89 -2.03 3.43
N THR A 50 -4.88 -1.24 4.49
CA THR A 50 -5.80 -0.12 4.61
C THR A 50 -5.01 1.18 4.78
N ASN A 51 -4.92 1.92 3.69
CA ASN A 51 -4.18 3.18 3.66
C ASN A 51 -5.18 4.34 3.68
N THR A 52 -4.83 5.41 4.36
CA THR A 52 -5.71 6.55 4.51
C THR A 52 -5.81 7.38 3.24
N TYR A 53 -6.64 6.93 2.31
CA TYR A 53 -6.96 7.73 1.15
C TYR A 53 -8.10 8.67 1.48
N TRP A 54 -8.24 9.74 0.69
CA TRP A 54 -9.21 10.82 0.93
C TRP A 54 -8.78 11.68 2.12
N LEU A 55 -8.49 11.02 3.24
CA LEU A 55 -7.97 11.65 4.45
C LEU A 55 -8.99 12.55 5.15
N GLN A 56 -9.34 13.65 4.51
CA GLN A 56 -10.10 14.71 5.16
C GLN A 56 -11.60 14.41 5.24
N GLN A 57 -12.19 14.03 4.12
CA GLN A 57 -13.64 13.86 4.06
C GLN A 57 -14.05 12.40 4.10
N GLN A 58 -13.95 11.77 2.94
CA GLN A 58 -14.48 10.43 2.70
C GLN A 58 -13.78 9.31 3.48
N THR A 59 -13.00 9.64 4.49
CA THR A 59 -12.44 8.61 5.36
C THR A 59 -13.53 8.05 6.26
N LYS A 60 -14.26 8.95 6.92
CA LYS A 60 -15.39 8.57 7.73
C LYS A 60 -16.69 9.01 7.05
N GLN A 61 -16.89 10.33 7.00
CA GLN A 61 -18.09 10.87 6.40
C GLN A 61 -17.75 12.05 5.49
N ALA A 62 -17.56 13.21 6.09
CA ALA A 62 -17.15 14.40 5.34
C ALA A 62 -16.41 15.37 6.24
N LEU A 63 -17.03 15.73 7.36
CA LEU A 63 -16.42 16.66 8.31
C LEU A 63 -15.71 15.89 9.42
N TYR A 64 -15.53 14.61 9.20
CA TYR A 64 -14.88 13.75 10.17
C TYR A 64 -13.78 12.94 9.52
N ASN A 65 -12.55 13.33 9.81
CA ASN A 65 -11.39 12.66 9.23
C ASN A 65 -10.88 11.59 10.20
N GLY A 66 -9.93 10.79 9.72
CA GLY A 66 -9.33 9.78 10.55
C GLY A 66 -8.75 8.67 9.72
N ALA A 67 -9.46 7.57 9.64
CA ALA A 67 -9.03 6.41 8.87
C ALA A 67 -10.24 5.66 8.33
N THR A 68 -10.11 5.19 7.11
CA THR A 68 -11.18 4.43 6.48
C THR A 68 -10.96 2.93 6.71
N PRO A 69 -12.04 2.20 7.03
CA PRO A 69 -11.96 0.75 7.28
C PRO A 69 -11.82 -0.04 5.98
N ILE A 70 -11.78 0.67 4.86
CA ILE A 70 -11.62 0.04 3.56
C ILE A 70 -10.20 -0.47 3.39
N SER A 71 -10.07 -1.75 3.10
CA SER A 71 -8.77 -2.34 2.82
C SER A 71 -8.76 -2.84 1.38
N PHE A 72 -7.62 -2.72 0.72
CA PHE A 72 -7.52 -3.08 -0.69
C PHE A 72 -6.36 -4.03 -0.92
N THR A 73 -6.54 -4.94 -1.86
CA THR A 73 -5.53 -5.92 -2.20
C THR A 73 -4.61 -5.40 -3.30
N ALA A 74 -3.30 -5.52 -3.08
CA ALA A 74 -2.33 -5.13 -4.10
C ALA A 74 -1.32 -6.25 -4.32
N THR A 75 -0.34 -6.04 -5.19
CA THR A 75 0.62 -7.09 -5.48
C THR A 75 2.03 -6.55 -5.67
N VAL A 76 2.98 -7.22 -5.03
CA VAL A 76 4.37 -6.84 -5.06
C VAL A 76 5.08 -7.42 -6.28
N THR A 77 6.03 -6.68 -6.81
CA THR A 77 6.71 -7.08 -8.04
C THR A 77 8.23 -7.12 -7.85
N ALA A 78 8.69 -7.15 -6.60
CA ALA A 78 10.13 -7.14 -6.31
C ALA A 78 10.46 -7.79 -4.97
N ASP A 79 11.75 -7.77 -4.62
CA ASP A 79 12.23 -8.38 -3.40
C ASP A 79 11.77 -7.59 -2.19
N ALA A 80 11.86 -8.25 -1.06
CA ALA A 80 11.44 -7.68 0.20
C ALA A 80 12.32 -8.19 1.33
N ASN A 81 12.21 -7.57 2.50
CA ASN A 81 13.10 -7.91 3.61
C ASN A 81 12.36 -7.87 4.94
N SER A 82 12.46 -8.92 5.74
CA SER A 82 12.09 -8.82 7.14
C SER A 82 13.36 -8.89 7.98
N ASP A 83 13.91 -7.75 8.35
CA ASP A 83 15.17 -7.72 9.07
C ASP A 83 14.94 -7.48 10.56
N SER A 84 16.01 -7.38 11.32
CA SER A 84 15.91 -7.24 12.78
C SER A 84 15.13 -5.99 13.17
N GLY A 85 15.27 -4.94 12.37
CA GLY A 85 14.58 -3.70 12.66
C GLY A 85 13.15 -3.72 12.17
N GLY A 86 12.78 -4.82 11.53
CA GLY A 86 11.45 -4.94 11.00
C GLY A 86 11.13 -3.91 9.92
N ASP A 87 12.05 -3.69 8.98
CA ASP A 87 11.79 -2.75 7.90
C ASP A 87 11.74 -3.47 6.56
N VAL A 88 10.66 -3.26 5.81
CA VAL A 88 10.46 -3.91 4.51
C VAL A 88 9.97 -2.94 3.45
N THR A 89 10.73 -2.75 2.38
CA THR A 89 10.34 -1.87 1.29
C THR A 89 10.08 -2.68 0.02
N VAL A 90 8.98 -2.39 -0.68
CA VAL A 90 8.68 -3.05 -1.95
C VAL A 90 7.98 -2.10 -2.90
N THR A 91 7.95 -2.47 -4.16
CA THR A 91 7.19 -1.74 -5.13
C THR A 91 6.13 -2.65 -5.75
N LEU A 92 4.95 -2.10 -5.94
CA LEU A 92 3.80 -2.84 -6.42
C LEU A 92 3.48 -2.40 -7.84
N SER A 93 2.58 -3.12 -8.51
CA SER A 93 2.34 -2.85 -9.93
C SER A 93 1.27 -1.76 -10.14
N GLY A 94 1.62 -0.56 -9.70
CA GLY A 94 0.86 0.69 -9.89
C GLY A 94 -0.65 0.58 -10.03
N VAL A 95 -1.29 -0.37 -9.39
CA VAL A 95 -2.72 -0.53 -9.57
C VAL A 95 -3.49 0.40 -8.63
N PRO A 96 -4.47 1.14 -9.18
CA PRO A 96 -5.30 2.05 -8.37
C PRO A 96 -6.19 1.28 -7.41
N ILE A 97 -6.25 1.72 -6.18
CA ILE A 97 -7.01 1.05 -5.16
C ILE A 97 -8.03 2.00 -4.52
N TYR A 98 -9.26 1.94 -5.02
CA TYR A 98 -10.34 2.83 -4.58
C TYR A 98 -9.98 4.29 -4.83
N ASP A 99 -9.18 4.50 -5.87
CA ASP A 99 -8.73 5.83 -6.24
C ASP A 99 -9.59 6.39 -7.35
N THR A 100 -10.89 6.13 -7.28
CA THR A 100 -11.86 6.54 -8.30
C THR A 100 -11.41 6.07 -9.68
N THR A 101 -11.94 6.70 -10.73
CA THR A 101 -11.60 6.33 -12.07
C THR A 101 -11.94 7.49 -12.99
N ASN A 102 -11.78 7.28 -14.29
CA ASN A 102 -12.04 8.32 -15.28
C ASN A 102 -11.18 9.57 -15.03
N PRO A 103 -9.84 9.42 -14.99
CA PRO A 103 -8.92 10.52 -14.64
C PRO A 103 -8.89 11.63 -15.69
N GLN A 104 -9.69 11.50 -16.73
CA GLN A 104 -9.77 12.51 -17.78
C GLN A 104 -10.43 13.76 -17.22
N TYR A 105 -11.62 13.60 -16.68
CA TYR A 105 -12.34 14.72 -16.07
C TYR A 105 -12.24 14.64 -14.55
N ASN A 106 -11.84 13.48 -14.06
CA ASN A 106 -11.63 13.27 -12.64
C ASN A 106 -10.14 13.07 -12.40
N SER A 107 -9.39 14.14 -12.63
CA SER A 107 -7.94 14.08 -12.57
C SER A 107 -7.45 14.26 -11.14
N VAL A 108 -7.69 13.25 -10.31
CA VAL A 108 -7.30 13.30 -8.92
C VAL A 108 -5.82 13.00 -8.75
N SER A 109 -5.13 13.90 -8.07
CA SER A 109 -3.74 13.69 -7.72
C SER A 109 -3.68 13.13 -6.31
N ARG A 110 -3.27 11.88 -6.20
CA ARG A 110 -3.33 11.17 -4.92
C ARG A 110 -2.32 11.75 -3.92
N GLN A 111 -2.81 12.17 -2.76
CA GLN A 111 -1.93 12.58 -1.67
C GLN A 111 -2.00 11.51 -0.58
N VAL A 112 -0.94 10.74 -0.46
CA VAL A 112 -0.94 9.61 0.45
C VAL A 112 -0.43 9.98 1.83
N GLU A 113 -0.58 9.05 2.76
CA GLU A 113 -0.18 9.26 4.15
C GLU A 113 0.35 7.96 4.72
N ALA A 114 1.31 8.05 5.63
CA ALA A 114 1.90 6.88 6.25
C ALA A 114 1.28 6.62 7.62
N GLY A 115 1.63 5.49 8.23
CA GLY A 115 1.14 5.19 9.57
C GLY A 115 -0.04 4.23 9.57
N ASP A 116 -0.36 3.69 8.40
CA ASP A 116 -1.51 2.80 8.27
C ASP A 116 -1.11 1.34 8.44
N ALA A 117 -2.06 0.44 8.19
CA ALA A 117 -1.88 -0.98 8.47
C ALA A 117 -1.81 -1.81 7.20
N VAL A 118 -0.94 -2.83 7.20
CA VAL A 118 -0.73 -3.69 6.05
C VAL A 118 -0.89 -5.16 6.46
N SER A 119 -1.35 -5.99 5.52
CA SER A 119 -1.43 -7.42 5.76
C SER A 119 -1.20 -8.19 4.45
N VAL A 120 -0.83 -9.44 4.58
CA VAL A 120 -0.53 -10.27 3.42
C VAL A 120 -1.69 -11.22 3.13
N VAL A 121 -2.03 -11.35 1.84
CA VAL A 121 -3.05 -12.28 1.40
C VAL A 121 -2.55 -13.71 1.51
N GLY A 122 -1.30 -13.91 1.12
CA GLY A 122 -0.71 -15.23 1.19
C GLY A 122 0.32 -15.42 0.10
N THR A 123 -0.16 -15.70 -1.10
CA THR A 123 0.71 -15.84 -2.25
C THR A 123 0.02 -15.28 -3.49
N ALA A 124 -0.74 -16.11 -4.15
CA ALA A 124 -1.46 -15.71 -5.34
C ALA A 124 -2.84 -16.35 -5.35
N GLY A 1 4.73 -20.98 10.52
CA GLY A 1 4.64 -20.60 9.10
C GLY A 1 3.21 -20.33 8.67
N ALA A 2 2.72 -19.12 8.97
CA ALA A 2 1.37 -18.73 8.59
C ALA A 2 1.32 -17.25 8.23
N PHE A 3 1.33 -16.96 6.94
CA PHE A 3 1.24 -15.60 6.44
C PHE A 3 -0.18 -15.07 6.55
N GLY A 4 -0.34 -13.75 6.49
CA GLY A 4 -1.64 -13.15 6.64
C GLY A 4 -1.69 -12.20 7.82
N GLY A 5 -0.57 -12.09 8.52
CA GLY A 5 -0.50 -11.22 9.68
C GLY A 5 -0.44 -9.75 9.33
N THR A 6 -0.12 -8.95 10.32
CA THR A 6 -0.10 -7.50 10.18
C THR A 6 1.26 -7.00 9.75
N LEU A 7 1.26 -5.91 8.99
CA LEU A 7 2.46 -5.17 8.70
C LEU A 7 2.12 -3.68 8.77
N THR A 8 3.12 -2.83 8.61
CA THR A 8 2.94 -1.41 8.86
C THR A 8 3.60 -0.58 7.75
N VAL A 9 3.21 0.67 7.64
CA VAL A 9 3.81 1.60 6.67
C VAL A 9 4.47 2.75 7.42
N LYS A 10 5.75 3.00 7.13
CA LYS A 10 6.49 4.05 7.81
C LYS A 10 6.77 5.23 6.88
N THR A 11 6.51 5.03 5.60
CA THR A 11 6.74 6.07 4.60
C THR A 11 5.46 6.34 3.82
N GLN A 12 5.59 7.07 2.71
CA GLN A 12 4.45 7.56 1.99
C GLN A 12 4.22 6.70 0.76
N PRO A 13 3.12 5.94 0.70
CA PRO A 13 2.80 5.16 -0.49
C PRO A 13 2.49 6.07 -1.66
N THR A 14 3.44 6.18 -2.57
CA THR A 14 3.30 7.06 -3.71
C THR A 14 2.96 6.27 -4.97
N VAL A 15 1.80 6.60 -5.54
CA VAL A 15 1.28 5.88 -6.68
C VAL A 15 2.00 6.30 -7.97
N THR A 16 2.58 5.32 -8.64
CA THR A 16 3.28 5.57 -9.88
C THR A 16 2.36 5.28 -11.07
N TYR A 17 1.89 6.34 -11.70
CA TYR A 17 1.00 6.21 -12.85
C TYR A 17 1.80 6.14 -14.14
N ASN A 18 1.70 5.01 -14.81
CA ASN A 18 2.35 4.82 -16.09
C ASN A 18 1.24 4.45 -17.08
N ALA A 19 0.49 5.46 -17.49
CA ALA A 19 -0.82 5.27 -18.09
C ALA A 19 -0.74 4.99 -19.58
N VAL A 20 0.26 5.56 -20.23
CA VAL A 20 0.52 5.26 -21.63
C VAL A 20 0.94 3.79 -21.74
N LYS A 21 1.43 3.28 -20.60
CA LYS A 21 1.86 1.90 -20.51
C LYS A 21 0.81 1.06 -19.81
N ASP A 22 -0.28 1.74 -19.46
CA ASP A 22 -1.42 1.14 -18.75
C ASP A 22 -0.98 0.38 -17.51
N SER A 23 0.01 0.91 -16.82
CA SER A 23 0.50 0.29 -15.60
C SER A 23 0.33 1.24 -14.42
N TYR A 24 -0.31 0.75 -13.37
CA TYR A 24 -0.56 1.57 -12.18
C TYR A 24 0.00 0.86 -10.96
N GLN A 25 1.03 1.45 -10.38
CA GLN A 25 1.74 0.84 -9.27
C GLN A 25 1.90 1.86 -8.15
N PHE A 26 2.55 1.48 -7.05
CA PHE A 26 2.90 2.44 -6.02
C PHE A 26 4.07 1.95 -5.18
N THR A 27 5.01 2.85 -4.88
CA THR A 27 6.23 2.50 -4.19
C THR A 27 6.16 2.90 -2.73
N VAL A 28 6.58 2.01 -1.84
CA VAL A 28 6.53 2.33 -0.42
C VAL A 28 7.68 1.67 0.35
N THR A 29 8.12 2.32 1.40
CA THR A 29 8.95 1.69 2.41
C THR A 29 8.07 1.28 3.59
N LEU A 30 7.91 -0.02 3.78
CA LEU A 30 6.98 -0.52 4.77
C LEU A 30 7.77 -1.02 5.97
N THR A 31 7.08 -1.28 7.06
CA THR A 31 7.71 -1.81 8.24
C THR A 31 7.10 -3.17 8.62
N GLY A 32 7.95 -4.17 8.85
CA GLY A 32 7.48 -5.52 9.03
C GLY A 32 7.92 -6.13 10.35
N ALA A 33 8.22 -7.42 10.32
CA ALA A 33 8.53 -8.16 11.53
C ALA A 33 9.98 -8.62 11.57
N THR A 34 10.28 -9.46 12.56
CA THR A 34 11.63 -9.92 12.88
C THR A 34 12.40 -10.48 11.67
N ALA A 35 13.71 -10.66 11.86
CA ALA A 35 14.62 -11.18 10.85
C ALA A 35 14.38 -12.66 10.56
N SER A 36 15.25 -13.22 9.71
CA SER A 36 15.23 -14.65 9.35
C SER A 36 14.17 -14.95 8.30
N VAL A 37 13.58 -13.91 7.73
CA VAL A 37 12.70 -14.06 6.59
C VAL A 37 13.27 -13.27 5.41
N THR A 38 14.04 -13.95 4.58
CA THR A 38 14.68 -13.33 3.43
C THR A 38 13.67 -13.06 2.34
N GLY A 39 13.06 -11.88 2.40
CA GLY A 39 12.01 -11.53 1.47
C GLY A 39 10.68 -12.13 1.88
N PHE A 40 9.81 -11.31 2.47
CA PHE A 40 8.44 -11.74 2.80
C PHE A 40 7.80 -12.41 1.60
N LEU A 41 7.72 -11.65 0.52
CA LEU A 41 7.07 -12.07 -0.70
C LEU A 41 7.87 -11.57 -1.89
N LYS A 42 7.55 -12.07 -3.08
CA LYS A 42 8.25 -11.67 -4.28
C LYS A 42 7.27 -11.30 -5.39
N ALA A 43 7.80 -11.12 -6.60
CA ALA A 43 6.99 -10.78 -7.75
C ALA A 43 5.87 -11.78 -7.99
N GLY A 44 4.64 -11.33 -7.84
CA GLY A 44 3.49 -12.17 -8.08
C GLY A 44 2.71 -12.48 -6.82
N ASP A 45 3.25 -12.06 -5.69
CA ASP A 45 2.60 -12.31 -4.40
C ASP A 45 1.77 -11.09 -4.00
N GLN A 46 0.58 -11.32 -3.47
CA GLN A 46 -0.31 -10.21 -3.18
C GLN A 46 -0.46 -9.97 -1.69
N VAL A 47 -0.90 -8.78 -1.34
CA VAL A 47 -1.09 -8.38 0.03
C VAL A 47 -2.43 -7.73 0.23
N LYS A 48 -2.65 -7.26 1.43
CA LYS A 48 -3.84 -6.50 1.75
C LYS A 48 -3.44 -5.12 2.24
N PHE A 49 -3.60 -4.12 1.40
CA PHE A 49 -3.16 -2.78 1.74
C PHE A 49 -4.30 -1.98 2.32
N THR A 50 -4.11 -1.51 3.54
CA THR A 50 -5.11 -0.70 4.21
C THR A 50 -4.61 0.74 4.34
N ASN A 51 -4.89 1.54 3.33
CA ASN A 51 -4.47 2.94 3.33
C ASN A 51 -5.37 3.73 4.27
N THR A 52 -4.77 4.68 4.96
CA THR A 52 -5.47 5.41 6.00
C THR A 52 -5.65 6.87 5.61
N TYR A 53 -6.89 7.32 5.57
CA TYR A 53 -7.18 8.72 5.36
C TYR A 53 -7.42 9.41 6.69
N TRP A 54 -6.52 10.30 7.02
CA TRP A 54 -6.59 11.09 8.25
C TRP A 54 -5.92 12.44 7.99
N LEU A 55 -6.05 12.91 6.75
CA LEU A 55 -5.38 14.12 6.32
C LEU A 55 -6.14 15.35 6.75
N GLN A 56 -5.62 16.53 6.40
CA GLN A 56 -6.28 17.79 6.74
C GLN A 56 -7.57 17.96 5.92
N GLN A 57 -7.81 17.01 5.01
CA GLN A 57 -9.04 16.98 4.23
C GLN A 57 -10.22 16.74 5.14
N GLN A 58 -9.92 16.32 6.36
CA GLN A 58 -10.93 16.18 7.41
C GLN A 58 -11.67 17.50 7.66
N THR A 59 -11.13 18.60 7.15
CA THR A 59 -11.82 19.88 7.22
C THR A 59 -13.07 19.86 6.35
N LYS A 60 -12.99 19.13 5.25
CA LYS A 60 -14.11 18.98 4.33
C LYS A 60 -14.93 17.76 4.72
N GLN A 61 -14.25 16.78 5.31
CA GLN A 61 -14.88 15.56 5.77
C GLN A 61 -14.98 15.60 7.28
N ALA A 62 -15.48 16.72 7.76
CA ALA A 62 -15.60 16.98 9.19
C ALA A 62 -16.64 16.09 9.84
N LEU A 63 -16.22 14.90 10.23
CA LEU A 63 -17.11 13.93 10.84
C LEU A 63 -16.69 13.67 12.29
N TYR A 64 -16.17 14.70 12.94
CA TYR A 64 -15.72 14.61 14.34
C TYR A 64 -14.65 13.54 14.50
N ASN A 65 -13.86 13.36 13.45
CA ASN A 65 -12.82 12.33 13.41
C ASN A 65 -13.45 10.94 13.41
N GLY A 66 -13.81 10.47 12.22
CA GLY A 66 -14.45 9.18 12.11
C GLY A 66 -13.47 8.04 12.08
N ALA A 67 -13.17 7.53 10.90
CA ALA A 67 -12.26 6.42 10.73
C ALA A 67 -11.87 6.28 9.27
N THR A 68 -11.04 5.31 8.99
CA THR A 68 -10.60 5.03 7.65
C THR A 68 -10.72 3.52 7.36
N PRO A 69 -11.96 2.98 7.41
CA PRO A 69 -12.21 1.54 7.30
C PRO A 69 -12.24 1.07 5.85
N ILE A 70 -11.10 1.16 5.20
CA ILE A 70 -10.96 0.74 3.81
C ILE A 70 -9.78 -0.21 3.67
N SER A 71 -9.82 -1.08 2.66
CA SER A 71 -8.75 -2.02 2.40
C SER A 71 -8.84 -2.56 0.98
N PHE A 72 -7.71 -2.73 0.32
CA PHE A 72 -7.68 -3.32 -1.03
C PHE A 72 -6.46 -4.20 -1.19
N THR A 73 -6.60 -5.24 -1.99
CA THR A 73 -5.49 -6.16 -2.21
C THR A 73 -4.45 -5.54 -3.13
N ALA A 74 -3.24 -5.33 -2.60
CA ALA A 74 -2.14 -4.80 -3.39
C ALA A 74 -1.20 -5.94 -3.75
N THR A 75 -0.12 -5.67 -4.47
CA THR A 75 0.75 -6.74 -4.92
C THR A 75 2.23 -6.39 -4.83
N VAL A 76 2.98 -7.34 -4.29
CA VAL A 76 4.42 -7.21 -4.11
C VAL A 76 5.13 -7.47 -5.45
N THR A 77 6.09 -6.63 -5.77
CA THR A 77 6.74 -6.70 -7.07
C THR A 77 8.16 -7.25 -7.00
N ALA A 78 8.72 -7.32 -5.79
CA ALA A 78 10.10 -7.74 -5.62
C ALA A 78 10.31 -8.34 -4.24
N ASP A 79 11.55 -8.73 -3.96
CA ASP A 79 11.91 -9.28 -2.65
C ASP A 79 11.69 -8.24 -1.56
N ALA A 80 10.63 -8.45 -0.80
CA ALA A 80 10.27 -7.49 0.26
C ALA A 80 10.83 -7.95 1.60
N ASN A 81 11.95 -7.35 2.00
CA ASN A 81 12.74 -7.83 3.13
C ASN A 81 11.98 -7.84 4.46
N SER A 82 12.33 -8.78 5.34
CA SER A 82 11.91 -8.73 6.73
C SER A 82 13.14 -8.90 7.62
N ASP A 83 13.70 -7.79 8.07
CA ASP A 83 14.89 -7.83 8.91
C ASP A 83 14.53 -7.54 10.37
N SER A 84 15.48 -7.70 11.27
CA SER A 84 15.23 -7.57 12.70
C SER A 84 14.66 -6.20 13.05
N GLY A 85 15.08 -5.18 12.28
CA GLY A 85 14.64 -3.83 12.55
C GLY A 85 13.20 -3.60 12.14
N GLY A 86 12.55 -4.67 11.68
CA GLY A 86 11.15 -4.56 11.31
C GLY A 86 10.94 -3.67 10.10
N ASP A 87 11.80 -3.80 9.11
CA ASP A 87 11.71 -2.97 7.91
C ASP A 87 11.44 -3.83 6.67
N VAL A 88 10.56 -3.35 5.80
CA VAL A 88 10.21 -4.06 4.56
C VAL A 88 9.88 -3.07 3.44
N THR A 89 10.87 -2.75 2.61
CA THR A 89 10.64 -1.83 1.51
C THR A 89 10.35 -2.59 0.22
N VAL A 90 9.27 -2.21 -0.47
CA VAL A 90 8.95 -2.80 -1.78
C VAL A 90 7.90 -1.95 -2.49
N THR A 91 7.95 -1.96 -3.81
CA THR A 91 6.96 -1.29 -4.62
C THR A 91 5.86 -2.27 -5.00
N LEU A 92 4.64 -1.77 -5.08
CA LEU A 92 3.50 -2.61 -5.34
C LEU A 92 2.92 -2.34 -6.72
N SER A 93 2.51 -3.40 -7.38
CA SER A 93 2.02 -3.30 -8.75
C SER A 93 0.57 -3.78 -8.84
N GLY A 94 -0.24 -3.06 -9.59
CA GLY A 94 -1.61 -3.48 -9.83
C GLY A 94 -2.58 -2.89 -8.84
N VAL A 95 -3.07 -1.69 -9.14
CA VAL A 95 -4.06 -1.03 -8.31
C VAL A 95 -5.26 -0.58 -9.14
N PRO A 96 -6.44 -1.18 -8.90
CA PRO A 96 -7.66 -0.87 -9.65
C PRO A 96 -8.30 0.45 -9.20
N ILE A 97 -7.52 1.52 -9.23
CA ILE A 97 -8.02 2.83 -8.84
C ILE A 97 -8.19 3.72 -10.07
N TYR A 98 -9.44 4.02 -10.40
CA TYR A 98 -9.74 4.79 -11.61
C TYR A 98 -10.48 6.08 -11.28
N ASP A 99 -9.74 7.03 -10.74
CA ASP A 99 -10.26 8.39 -10.57
C ASP A 99 -9.88 9.23 -11.78
N THR A 100 -8.84 8.76 -12.49
CA THR A 100 -8.32 9.39 -13.71
C THR A 100 -7.96 10.86 -13.53
N THR A 101 -7.80 11.28 -12.28
CA THR A 101 -7.43 12.65 -11.98
C THR A 101 -6.43 12.67 -10.83
N ASN A 102 -6.86 12.20 -9.67
CA ASN A 102 -6.00 12.08 -8.48
C ASN A 102 -5.31 13.41 -8.15
N PRO A 103 -6.07 14.48 -7.85
CA PRO A 103 -5.51 15.77 -7.51
C PRO A 103 -5.04 15.82 -6.06
N GLN A 104 -6.01 15.94 -5.14
CA GLN A 104 -5.76 15.93 -3.71
C GLN A 104 -4.98 17.16 -3.27
N TYR A 105 -3.70 17.21 -3.62
CA TYR A 105 -2.83 18.31 -3.23
C TYR A 105 -2.52 19.18 -4.45
N ASN A 106 -3.49 20.03 -4.78
CA ASN A 106 -3.38 20.99 -5.87
C ASN A 106 -3.82 20.31 -7.16
N SER A 107 -3.00 19.39 -7.64
CA SER A 107 -3.37 18.61 -8.79
C SER A 107 -2.42 17.43 -9.01
N VAL A 108 -1.25 17.73 -9.55
CA VAL A 108 -0.28 16.69 -9.88
C VAL A 108 0.63 16.40 -8.68
N SER A 109 0.74 17.36 -7.79
CA SER A 109 1.59 17.22 -6.61
C SER A 109 0.82 16.52 -5.48
N ARG A 110 0.14 15.44 -5.81
CA ARG A 110 -0.61 14.66 -4.81
C ARG A 110 0.35 14.06 -3.78
N GLN A 111 -0.04 14.11 -2.51
CA GLN A 111 0.81 13.58 -1.43
C GLN A 111 -0.03 12.76 -0.46
N VAL A 112 0.59 11.73 0.12
CA VAL A 112 -0.08 10.90 1.12
C VAL A 112 0.65 11.03 2.45
N GLU A 113 0.09 10.43 3.49
CA GLU A 113 0.69 10.50 4.83
C GLU A 113 0.85 9.10 5.41
N ALA A 114 2.02 8.84 5.98
CA ALA A 114 2.37 7.54 6.50
C ALA A 114 1.51 7.17 7.71
N GLY A 115 1.40 5.88 7.98
CA GLY A 115 0.64 5.42 9.12
C GLY A 115 -0.38 4.36 8.75
N ASP A 116 -0.38 3.97 7.48
CA ASP A 116 -1.30 2.96 6.97
C ASP A 116 -1.01 1.59 7.59
N ALA A 117 -1.94 0.67 7.40
CA ALA A 117 -1.81 -0.68 7.95
C ALA A 117 -1.75 -1.69 6.81
N VAL A 118 -1.02 -2.78 7.04
CA VAL A 118 -0.74 -3.74 5.99
C VAL A 118 -1.05 -5.17 6.45
N SER A 119 -1.43 -6.03 5.52
CA SER A 119 -1.61 -7.44 5.78
C SER A 119 -1.31 -8.24 4.51
N VAL A 120 -1.39 -9.56 4.59
CA VAL A 120 -1.09 -10.43 3.45
C VAL A 120 -2.37 -11.15 3.01
N VAL A 121 -2.52 -11.32 1.69
CA VAL A 121 -3.75 -11.90 1.13
C VAL A 121 -3.86 -13.39 1.48
N GLY A 122 -2.72 -14.00 1.73
CA GLY A 122 -2.71 -15.38 2.18
C GLY A 122 -1.96 -16.29 1.24
N THR A 123 -0.64 -16.23 1.29
CA THR A 123 0.20 -17.04 0.42
C THR A 123 0.48 -18.40 1.03
N ALA A 124 1.03 -18.39 2.23
CA ALA A 124 1.33 -19.60 2.96
C ALA A 124 0.90 -19.47 4.41
N GLY A 1 3.78 -10.02 9.75
CA GLY A 1 4.68 -10.72 8.80
C GLY A 1 3.94 -11.30 7.62
N ALA A 2 4.52 -12.30 6.96
CA ALA A 2 3.94 -12.87 5.75
C ALA A 2 2.99 -14.01 6.08
N PHE A 3 2.96 -14.42 7.35
CA PHE A 3 2.08 -15.49 7.81
C PHE A 3 0.62 -15.07 7.65
N GLY A 4 0.38 -13.78 7.49
CA GLY A 4 -0.98 -13.28 7.31
C GLY A 4 -1.37 -12.29 8.38
N GLY A 5 -0.42 -11.92 9.23
CA GLY A 5 -0.68 -10.96 10.28
C GLY A 5 -0.59 -9.53 9.81
N THR A 6 -0.09 -8.67 10.68
CA THR A 6 -0.04 -7.24 10.43
C THR A 6 1.38 -6.79 10.12
N LEU A 7 1.48 -5.79 9.27
CA LEU A 7 2.72 -5.06 9.08
C LEU A 7 2.41 -3.57 9.13
N THR A 8 3.40 -2.73 8.96
CA THR A 8 3.22 -1.30 9.12
C THR A 8 3.71 -0.53 7.89
N VAL A 9 3.18 0.66 7.69
CA VAL A 9 3.59 1.52 6.58
C VAL A 9 4.35 2.75 7.08
N LYS A 10 5.43 3.10 6.41
CA LYS A 10 6.17 4.31 6.72
C LYS A 10 5.99 5.36 5.61
N THR A 11 5.72 4.89 4.41
CA THR A 11 5.54 5.78 3.26
C THR A 11 4.37 5.31 2.44
N GLN A 12 4.08 6.01 1.36
CA GLN A 12 2.83 5.84 0.67
C GLN A 12 2.98 5.31 -0.74
N PRO A 13 1.92 4.69 -1.26
CA PRO A 13 1.90 4.15 -2.62
C PRO A 13 1.81 5.23 -3.69
N THR A 14 2.92 5.51 -4.36
CA THR A 14 2.90 6.38 -5.53
C THR A 14 4.12 6.12 -6.45
N VAL A 15 3.86 5.53 -7.64
CA VAL A 15 4.84 5.49 -8.74
C VAL A 15 4.10 5.36 -10.08
N THR A 16 3.59 6.48 -10.57
CA THR A 16 2.96 6.56 -11.89
C THR A 16 1.53 6.06 -11.83
N TYR A 17 0.61 7.00 -11.61
CA TYR A 17 -0.81 6.69 -11.57
C TYR A 17 -1.49 7.20 -12.82
N ASN A 18 -1.83 6.29 -13.72
CA ASN A 18 -2.50 6.66 -14.95
C ASN A 18 -3.73 5.78 -15.13
N ALA A 19 -4.85 6.42 -15.34
CA ALA A 19 -6.14 5.74 -15.32
C ALA A 19 -6.67 5.51 -16.73
N VAL A 20 -6.55 6.53 -17.57
CA VAL A 20 -6.98 6.42 -18.97
C VAL A 20 -6.18 5.33 -19.67
N LYS A 21 -4.98 5.09 -19.18
CA LYS A 21 -4.08 4.09 -19.75
C LYS A 21 -4.15 2.79 -18.95
N ASP A 22 -4.90 2.86 -17.85
CA ASP A 22 -5.05 1.74 -16.91
C ASP A 22 -3.68 1.24 -16.45
N SER A 23 -2.91 2.13 -15.87
CA SER A 23 -1.56 1.80 -15.43
C SER A 23 -1.27 2.41 -14.07
N TYR A 24 -1.15 1.58 -13.05
CA TYR A 24 -0.92 2.05 -11.70
C TYR A 24 0.27 1.33 -11.09
N GLN A 25 1.29 2.08 -10.70
CA GLN A 25 2.42 1.51 -9.98
C GLN A 25 2.66 2.33 -8.73
N PHE A 26 3.40 1.79 -7.78
CA PHE A 26 3.78 2.56 -6.62
C PHE A 26 4.85 1.89 -5.78
N THR A 27 5.65 2.70 -5.09
CA THR A 27 6.71 2.18 -4.24
C THR A 27 6.40 2.50 -2.80
N VAL A 28 6.65 1.55 -1.90
CA VAL A 28 6.35 1.78 -0.49
C VAL A 28 7.45 1.25 0.41
N THR A 29 7.78 2.01 1.45
CA THR A 29 8.70 1.57 2.47
C THR A 29 7.89 1.14 3.70
N LEU A 30 7.92 -0.13 4.02
CA LEU A 30 7.06 -0.67 5.06
C LEU A 30 7.88 -1.07 6.28
N THR A 31 7.20 -1.40 7.36
CA THR A 31 7.86 -1.86 8.57
C THR A 31 7.26 -3.21 9.02
N GLY A 32 8.07 -4.25 9.12
CA GLY A 32 7.59 -5.53 9.59
C GLY A 32 8.70 -6.37 10.15
N ALA A 33 8.47 -6.99 11.30
CA ALA A 33 9.53 -7.71 11.99
C ALA A 33 9.28 -9.21 12.01
N THR A 34 9.85 -9.90 11.04
CA THR A 34 9.89 -11.35 11.06
C THR A 34 11.32 -11.83 10.89
N ALA A 35 11.93 -12.24 11.99
CA ALA A 35 13.34 -12.64 12.02
C ALA A 35 13.65 -13.76 11.03
N SER A 36 14.76 -13.58 10.32
CA SER A 36 15.31 -14.60 9.42
C SER A 36 14.36 -14.93 8.28
N VAL A 37 13.93 -13.91 7.55
CA VAL A 37 13.09 -14.12 6.37
C VAL A 37 13.62 -13.31 5.20
N THR A 38 14.41 -13.97 4.35
CA THR A 38 14.95 -13.33 3.16
C THR A 38 13.86 -13.22 2.10
N GLY A 39 13.10 -12.15 2.18
CA GLY A 39 12.00 -11.94 1.27
C GLY A 39 10.69 -12.41 1.86
N PHE A 40 9.97 -11.50 2.52
CA PHE A 40 8.59 -11.73 2.93
C PHE A 40 7.80 -12.37 1.80
N LEU A 41 7.77 -11.65 0.69
CA LEU A 41 7.00 -12.02 -0.48
C LEU A 41 7.81 -11.66 -1.71
N LYS A 42 7.38 -12.11 -2.87
CA LYS A 42 8.11 -11.82 -4.10
C LYS A 42 7.15 -11.46 -5.23
N ALA A 43 7.68 -11.35 -6.44
CA ALA A 43 6.90 -10.99 -7.60
C ALA A 43 5.69 -11.90 -7.77
N GLY A 44 4.51 -11.33 -7.61
CA GLY A 44 3.28 -12.08 -7.80
C GLY A 44 2.51 -12.26 -6.51
N ASP A 45 3.09 -11.86 -5.40
CA ASP A 45 2.41 -11.97 -4.10
C ASP A 45 1.62 -10.70 -3.81
N GLN A 46 0.40 -10.87 -3.33
CA GLN A 46 -0.49 -9.73 -3.12
C GLN A 46 -0.65 -9.39 -1.64
N VAL A 47 -0.71 -8.10 -1.36
CA VAL A 47 -0.90 -7.60 0.00
C VAL A 47 -2.08 -6.66 0.04
N LYS A 48 -2.59 -6.36 1.21
CA LYS A 48 -3.65 -5.37 1.33
C LYS A 48 -3.38 -4.42 2.49
N PHE A 49 -3.81 -3.18 2.33
CA PHE A 49 -3.54 -2.13 3.30
C PHE A 49 -4.83 -1.75 4.00
N THR A 50 -4.78 -1.72 5.32
CA THR A 50 -5.94 -1.32 6.09
C THR A 50 -5.73 0.10 6.61
N ASN A 51 -6.68 0.95 6.34
CA ASN A 51 -6.47 2.39 6.46
C ASN A 51 -7.17 3.00 7.66
N THR A 52 -6.53 4.02 8.20
CA THR A 52 -7.19 4.97 9.07
C THR A 52 -7.51 6.21 8.25
N TYR A 53 -8.73 6.29 7.74
CA TYR A 53 -9.04 7.26 6.69
C TYR A 53 -9.30 8.63 7.29
N TRP A 54 -8.57 9.62 6.76
CA TRP A 54 -8.63 10.96 7.30
C TRP A 54 -8.01 11.97 6.33
N LEU A 55 -6.73 11.74 5.98
CA LEU A 55 -6.00 12.64 5.09
C LEU A 55 -5.87 14.05 5.68
N GLN A 56 -4.78 14.30 6.40
CA GLN A 56 -4.60 15.59 7.07
C GLN A 56 -4.35 16.71 6.06
N GLN A 57 -3.95 16.31 4.86
CA GLN A 57 -3.70 17.26 3.78
C GLN A 57 -5.00 17.91 3.34
N GLN A 58 -6.06 17.10 3.32
CA GLN A 58 -7.37 17.58 2.88
C GLN A 58 -8.09 18.31 4.01
N THR A 59 -7.93 17.79 5.22
CA THR A 59 -8.64 18.34 6.37
C THR A 59 -7.99 19.61 6.89
N LYS A 60 -6.71 19.54 7.22
CA LYS A 60 -6.02 20.68 7.82
C LYS A 60 -5.04 21.32 6.85
N GLN A 61 -3.87 20.70 6.69
CA GLN A 61 -2.81 21.24 5.85
C GLN A 61 -2.08 20.11 5.14
N ALA A 62 -1.32 19.35 5.92
CA ALA A 62 -0.52 18.23 5.44
C ALA A 62 0.09 17.52 6.63
N LEU A 63 0.90 18.25 7.39
CA LEU A 63 1.49 17.73 8.63
C LEU A 63 2.31 16.47 8.38
N TYR A 64 2.96 16.40 7.21
CA TYR A 64 3.85 15.30 6.84
C TYR A 64 3.09 13.99 6.64
N ASN A 65 2.60 13.43 7.74
CA ASN A 65 1.88 12.17 7.73
C ASN A 65 1.17 11.99 9.07
N GLY A 66 0.32 10.98 9.18
CA GLY A 66 -0.35 10.73 10.45
C GLY A 66 -1.58 9.85 10.32
N ALA A 67 -2.18 9.84 9.16
CA ALA A 67 -3.41 9.07 8.95
C ALA A 67 -3.28 8.16 7.73
N THR A 68 -4.36 8.02 6.96
CA THR A 68 -4.34 7.20 5.75
C THR A 68 -5.44 7.65 4.78
N PRO A 69 -5.26 7.46 3.45
CA PRO A 69 -6.32 7.72 2.47
C PRO A 69 -7.37 6.61 2.39
N ILE A 70 -7.04 5.51 1.72
CA ILE A 70 -8.05 4.51 1.35
C ILE A 70 -7.55 3.08 1.54
N SER A 71 -8.48 2.13 1.64
CA SER A 71 -8.17 0.71 1.75
C SER A 71 -7.99 0.11 0.35
N PHE A 72 -6.95 -0.70 0.14
CA PHE A 72 -6.68 -1.24 -1.20
C PHE A 72 -5.77 -2.46 -1.12
N THR A 73 -5.51 -3.06 -2.28
CA THR A 73 -4.69 -4.24 -2.38
C THR A 73 -3.52 -4.02 -3.36
N ALA A 74 -2.31 -4.38 -2.95
CA ALA A 74 -1.14 -4.19 -3.79
C ALA A 74 -0.54 -5.51 -4.21
N THR A 75 0.54 -5.45 -4.98
CA THR A 75 1.23 -6.66 -5.41
C THR A 75 2.73 -6.46 -5.47
N VAL A 76 3.41 -7.30 -4.70
CA VAL A 76 4.87 -7.26 -4.56
C VAL A 76 5.54 -7.66 -5.87
N THR A 77 6.61 -6.96 -6.23
CA THR A 77 7.24 -7.23 -7.52
C THR A 77 8.71 -7.63 -7.37
N ALA A 78 9.16 -7.82 -6.12
CA ALA A 78 10.53 -8.21 -5.87
C ALA A 78 10.67 -8.76 -4.45
N ASP A 79 11.90 -8.90 -3.98
CA ASP A 79 12.13 -9.40 -2.64
C ASP A 79 11.76 -8.33 -1.62
N ALA A 80 10.74 -8.61 -0.85
CA ALA A 80 10.30 -7.70 0.21
C ALA A 80 10.99 -8.05 1.52
N ASN A 81 12.02 -7.29 1.84
CA ASN A 81 12.94 -7.62 2.94
C ASN A 81 12.22 -7.79 4.27
N SER A 82 12.56 -8.85 5.01
CA SER A 82 12.05 -9.04 6.35
C SER A 82 13.19 -9.30 7.33
N ASP A 83 13.41 -8.35 8.22
CA ASP A 83 14.36 -8.56 9.31
C ASP A 83 13.66 -8.20 10.61
N SER A 84 14.16 -8.74 11.71
CA SER A 84 13.50 -8.63 13.00
C SER A 84 13.57 -7.22 13.57
N GLY A 85 14.38 -6.37 12.95
CA GLY A 85 14.40 -4.97 13.32
C GLY A 85 13.11 -4.30 12.92
N GLY A 86 12.37 -4.99 12.06
CA GLY A 86 11.05 -4.52 11.68
C GLY A 86 11.04 -3.60 10.46
N ASP A 87 11.83 -3.92 9.45
CA ASP A 87 11.84 -3.09 8.23
C ASP A 87 11.59 -3.94 6.98
N VAL A 88 10.66 -3.48 6.14
CA VAL A 88 10.37 -4.14 4.86
C VAL A 88 10.09 -3.12 3.76
N THR A 89 10.96 -3.01 2.78
CA THR A 89 10.71 -2.10 1.68
C THR A 89 10.42 -2.87 0.39
N VAL A 90 9.32 -2.53 -0.29
CA VAL A 90 8.98 -3.18 -1.55
C VAL A 90 8.18 -2.25 -2.45
N THR A 91 8.41 -2.35 -3.75
CA THR A 91 7.66 -1.60 -4.73
C THR A 91 6.59 -2.49 -5.35
N LEU A 92 5.46 -1.88 -5.65
CA LEU A 92 4.29 -2.59 -6.09
C LEU A 92 3.89 -2.08 -7.47
N SER A 93 3.66 -2.99 -8.40
CA SER A 93 3.37 -2.57 -9.76
C SER A 93 2.37 -3.49 -10.43
N GLY A 94 1.62 -2.92 -11.37
CA GLY A 94 0.68 -3.72 -12.15
C GLY A 94 -0.54 -4.09 -11.35
N VAL A 95 -1.12 -3.11 -10.68
CA VAL A 95 -2.28 -3.36 -9.84
C VAL A 95 -3.48 -2.55 -10.31
N PRO A 96 -4.50 -3.23 -10.84
CA PRO A 96 -5.77 -2.61 -11.23
C PRO A 96 -6.57 -2.20 -10.00
N ILE A 97 -6.19 -1.08 -9.39
CA ILE A 97 -6.85 -0.61 -8.17
C ILE A 97 -8.13 0.15 -8.50
N TYR A 98 -9.26 -0.53 -8.39
CA TYR A 98 -10.55 0.07 -8.67
C TYR A 98 -11.56 -0.31 -7.59
N ASP A 99 -11.61 0.49 -6.54
CA ASP A 99 -12.59 0.28 -5.49
C ASP A 99 -13.97 0.77 -5.94
N THR A 100 -14.08 2.09 -6.15
CA THR A 100 -15.33 2.74 -6.59
C THR A 100 -16.58 2.15 -5.95
N THR A 101 -16.49 1.82 -4.66
CA THR A 101 -17.63 1.26 -3.95
C THR A 101 -17.74 1.88 -2.55
N ASN A 102 -16.64 1.84 -1.81
CA ASN A 102 -16.63 2.34 -0.44
C ASN A 102 -16.70 3.87 -0.35
N PRO A 103 -15.93 4.63 -1.16
CA PRO A 103 -15.96 6.09 -1.13
C PRO A 103 -17.26 6.66 -1.68
N GLN A 104 -17.97 5.82 -2.45
CA GLN A 104 -19.27 6.18 -3.04
C GLN A 104 -19.13 7.22 -4.14
N TYR A 105 -18.60 8.39 -3.79
CA TYR A 105 -18.46 9.49 -4.72
C TYR A 105 -17.31 9.24 -5.68
N ASN A 106 -16.14 8.89 -5.12
CA ASN A 106 -14.93 8.65 -5.90
C ASN A 106 -14.44 9.99 -6.43
N SER A 107 -13.75 10.73 -5.57
CA SER A 107 -13.39 12.10 -5.86
C SER A 107 -12.32 12.19 -6.95
N VAL A 108 -11.66 11.06 -7.22
CA VAL A 108 -10.63 10.95 -8.25
C VAL A 108 -9.32 11.60 -7.80
N SER A 109 -8.20 10.99 -8.19
CA SER A 109 -6.85 11.49 -7.89
C SER A 109 -6.67 11.76 -6.40
N ARG A 110 -6.80 10.71 -5.60
CA ARG A 110 -6.64 10.83 -4.15
C ARG A 110 -5.18 11.05 -3.77
N GLN A 111 -4.95 11.84 -2.73
CA GLN A 111 -3.61 12.06 -2.22
C GLN A 111 -3.31 10.98 -1.18
N VAL A 112 -2.05 10.62 -1.06
CA VAL A 112 -1.66 9.58 -0.12
C VAL A 112 -1.31 10.14 1.25
N GLU A 113 -1.31 9.27 2.27
CA GLU A 113 -1.13 9.66 3.66
C GLU A 113 -0.60 8.46 4.47
N ALA A 114 0.65 8.57 4.92
CA ALA A 114 1.35 7.43 5.54
C ALA A 114 0.84 7.14 6.95
N GLY A 115 0.77 5.86 7.32
CA GLY A 115 0.39 5.48 8.67
C GLY A 115 -0.68 4.39 8.74
N ASP A 116 -0.97 3.74 7.61
CA ASP A 116 -1.91 2.63 7.59
C ASP A 116 -1.28 1.34 8.14
N ALA A 117 -2.11 0.31 8.26
CA ALA A 117 -1.68 -0.99 8.75
C ALA A 117 -1.73 -2.01 7.63
N VAL A 118 -0.66 -2.76 7.49
CA VAL A 118 -0.47 -3.62 6.33
C VAL A 118 -0.77 -5.09 6.65
N SER A 119 -1.17 -5.85 5.64
CA SER A 119 -1.39 -7.28 5.78
C SER A 119 -1.29 -7.95 4.41
N VAL A 120 -1.41 -9.27 4.38
CA VAL A 120 -1.21 -10.04 3.15
C VAL A 120 -2.52 -10.67 2.70
N VAL A 121 -2.76 -10.63 1.39
CA VAL A 121 -3.98 -11.20 0.81
C VAL A 121 -3.83 -12.70 0.61
N GLY A 122 -2.62 -13.13 0.22
CA GLY A 122 -2.35 -14.54 -0.01
C GLY A 122 -2.65 -15.40 1.20
N THR A 123 -1.95 -15.13 2.30
CA THR A 123 -2.14 -15.89 3.52
C THR A 123 -3.39 -15.43 4.26
N ALA A 124 -3.29 -14.24 4.85
CA ALA A 124 -4.39 -13.64 5.60
C ALA A 124 -4.86 -14.54 6.74
N GLY A 1 4.13 -16.26 8.17
CA GLY A 1 3.72 -15.35 7.08
C GLY A 1 2.70 -15.99 6.15
N ALA A 2 2.95 -15.90 4.84
CA ALA A 2 2.09 -16.49 3.81
C ALA A 2 0.73 -15.77 3.73
N PHE A 3 -0.13 -16.02 4.71
CA PHE A 3 -1.45 -15.45 4.73
C PHE A 3 -1.75 -14.87 6.10
N GLY A 4 -2.65 -13.89 6.16
CA GLY A 4 -3.09 -13.33 7.43
C GLY A 4 -2.02 -12.49 8.12
N GLY A 5 -0.77 -12.68 7.74
CA GLY A 5 0.34 -11.93 8.31
C GLY A 5 0.13 -10.43 8.29
N THR A 6 0.49 -9.78 9.39
CA THR A 6 0.33 -8.35 9.54
C THR A 6 1.66 -7.63 9.35
N LEU A 7 1.60 -6.47 8.71
CA LEU A 7 2.77 -5.64 8.49
C LEU A 7 2.35 -4.18 8.59
N THR A 8 3.30 -3.26 8.48
CA THR A 8 3.02 -1.86 8.69
C THR A 8 3.71 -1.01 7.61
N VAL A 9 3.24 0.22 7.41
CA VAL A 9 3.85 1.11 6.45
C VAL A 9 4.37 2.36 7.16
N LYS A 10 5.40 2.98 6.60
CA LYS A 10 5.97 4.19 7.20
C LYS A 10 6.12 5.30 6.16
N THR A 11 5.45 5.12 5.02
CA THR A 11 5.58 6.04 3.89
C THR A 11 4.29 6.00 3.10
N GLN A 12 4.22 6.76 2.02
CA GLN A 12 3.00 6.89 1.27
C GLN A 12 3.18 6.32 -0.13
N PRO A 13 2.27 5.43 -0.55
CA PRO A 13 2.34 4.80 -1.87
C PRO A 13 2.10 5.79 -3.00
N THR A 14 3.17 6.15 -3.68
CA THR A 14 3.09 7.08 -4.82
C THR A 14 3.27 6.33 -6.12
N VAL A 15 2.36 6.55 -7.05
CA VAL A 15 2.33 5.79 -8.29
C VAL A 15 3.25 6.41 -9.34
N THR A 16 4.16 5.61 -9.84
CA THR A 16 5.02 6.01 -10.94
C THR A 16 4.27 5.80 -12.24
N TYR A 17 3.67 6.86 -12.75
CA TYR A 17 2.90 6.78 -13.97
C TYR A 17 3.82 6.81 -15.18
N ASN A 18 3.92 5.67 -15.84
CA ASN A 18 4.74 5.54 -17.02
C ASN A 18 3.85 5.11 -18.17
N ALA A 19 3.17 6.08 -18.74
CA ALA A 19 2.04 5.81 -19.64
C ALA A 19 2.51 5.56 -21.04
N VAL A 20 3.55 6.27 -21.45
CA VAL A 20 4.18 6.05 -22.75
C VAL A 20 4.79 4.65 -22.76
N LYS A 21 5.07 4.14 -21.57
CA LYS A 21 5.73 2.86 -21.41
C LYS A 21 4.73 1.78 -20.99
N ASP A 22 3.51 2.22 -20.73
CA ASP A 22 2.43 1.36 -20.27
C ASP A 22 2.78 0.64 -18.99
N SER A 23 3.08 1.41 -17.96
CA SER A 23 3.37 0.86 -16.64
C SER A 23 2.86 1.79 -15.56
N TYR A 24 2.10 1.23 -14.63
CA TYR A 24 1.59 1.98 -13.49
C TYR A 24 1.91 1.21 -12.22
N GLN A 25 2.97 1.64 -11.54
CA GLN A 25 3.42 0.94 -10.35
C GLN A 25 3.70 1.95 -9.24
N PHE A 26 3.42 1.59 -8.01
CA PHE A 26 3.62 2.52 -6.91
C PHE A 26 4.62 1.99 -5.88
N THR A 27 5.51 2.84 -5.43
CA THR A 27 6.59 2.42 -4.56
C THR A 27 6.27 2.78 -3.12
N VAL A 28 6.62 1.89 -2.20
CA VAL A 28 6.30 2.13 -0.80
C VAL A 28 7.41 1.60 0.13
N THR A 29 7.64 2.28 1.23
CA THR A 29 8.58 1.84 2.24
C THR A 29 7.80 1.35 3.47
N LEU A 30 8.05 0.13 3.89
CA LEU A 30 7.21 -0.54 4.86
C LEU A 30 7.98 -0.80 6.16
N THR A 31 7.25 -1.24 7.15
CA THR A 31 7.85 -1.75 8.36
C THR A 31 7.24 -3.12 8.68
N GLY A 32 8.05 -4.04 9.18
CA GLY A 32 7.57 -5.39 9.38
C GLY A 32 8.10 -6.02 10.65
N ALA A 33 8.35 -7.31 10.60
CA ALA A 33 8.80 -8.04 11.77
C ALA A 33 10.30 -8.30 11.77
N THR A 34 10.73 -9.07 12.75
CA THR A 34 12.15 -9.29 13.01
C THR A 34 12.82 -10.15 11.92
N ALA A 35 14.11 -10.43 12.13
CA ALA A 35 14.91 -11.20 11.19
C ALA A 35 14.47 -12.66 11.13
N SER A 36 15.24 -13.45 10.36
CA SER A 36 14.99 -14.88 10.16
C SER A 36 13.91 -15.12 9.12
N VAL A 37 13.46 -14.05 8.48
CA VAL A 37 12.57 -14.16 7.34
C VAL A 37 13.07 -13.29 6.21
N THR A 38 13.93 -13.87 5.38
CA THR A 38 14.49 -13.15 4.25
C THR A 38 13.59 -13.31 3.03
N GLY A 39 12.85 -12.27 2.73
CA GLY A 39 11.90 -12.33 1.64
C GLY A 39 10.60 -12.97 2.05
N PHE A 40 9.75 -12.17 2.71
CA PHE A 40 8.38 -12.56 3.01
C PHE A 40 7.74 -13.18 1.77
N LEU A 41 7.79 -12.40 0.70
CA LEU A 41 7.14 -12.74 -0.55
C LEU A 41 7.83 -11.97 -1.67
N LYS A 42 7.45 -12.24 -2.92
CA LYS A 42 8.13 -11.65 -4.06
C LYS A 42 7.12 -11.18 -5.11
N ALA A 43 7.63 -10.85 -6.30
CA ALA A 43 6.82 -10.39 -7.40
C ALA A 43 5.71 -11.38 -7.73
N GLY A 44 4.50 -10.94 -7.55
CA GLY A 44 3.35 -11.76 -7.87
C GLY A 44 2.54 -12.12 -6.65
N ASP A 45 3.12 -11.91 -5.48
CA ASP A 45 2.42 -12.20 -4.23
C ASP A 45 1.57 -11.00 -3.83
N GLN A 46 0.39 -11.26 -3.28
CA GLN A 46 -0.56 -10.20 -3.01
C GLN A 46 -0.65 -9.85 -1.53
N VAL A 47 -0.95 -8.59 -1.27
CA VAL A 47 -1.16 -8.07 0.06
C VAL A 47 -2.47 -7.30 0.08
N LYS A 48 -2.90 -6.87 1.24
CA LYS A 48 -3.98 -5.89 1.32
C LYS A 48 -3.61 -4.80 2.31
N PHE A 49 -4.11 -3.61 2.08
CA PHE A 49 -3.77 -2.46 2.89
C PHE A 49 -4.91 -2.06 3.80
N THR A 50 -4.60 -1.89 5.07
CA THR A 50 -5.53 -1.33 6.03
C THR A 50 -5.08 0.09 6.35
N ASN A 51 -5.55 1.04 5.57
CA ASN A 51 -5.05 2.41 5.68
C ASN A 51 -6.18 3.40 5.95
N THR A 52 -5.86 4.40 6.74
CA THR A 52 -6.77 5.49 6.99
C THR A 52 -6.41 6.66 6.08
N TYR A 53 -7.26 6.94 5.12
CA TYR A 53 -7.05 8.04 4.20
C TYR A 53 -7.56 9.32 4.86
N TRP A 54 -6.65 10.22 5.17
CA TRP A 54 -6.99 11.40 5.93
C TRP A 54 -6.24 12.62 5.41
N LEU A 55 -6.87 13.34 4.50
CA LEU A 55 -6.31 14.57 3.97
C LEU A 55 -7.22 15.73 4.37
N GLN A 56 -6.63 16.79 4.93
CA GLN A 56 -7.39 17.85 5.61
C GLN A 56 -8.43 18.51 4.70
N GLN A 57 -8.20 18.48 3.40
CA GLN A 57 -9.15 19.06 2.46
C GLN A 57 -10.30 18.09 2.22
N GLN A 58 -9.94 16.83 2.03
CA GLN A 58 -10.91 15.80 1.67
C GLN A 58 -11.76 15.39 2.87
N THR A 59 -11.23 15.57 4.06
CA THR A 59 -11.96 15.22 5.29
C THR A 59 -13.13 16.16 5.52
N LYS A 60 -13.13 17.29 4.82
CA LYS A 60 -14.20 18.27 4.92
C LYS A 60 -15.43 17.78 4.15
N GLN A 61 -15.26 16.68 3.42
CA GLN A 61 -16.36 16.05 2.72
C GLN A 61 -17.11 15.16 3.68
N ALA A 62 -17.73 15.83 4.63
CA ALA A 62 -18.44 15.19 5.73
C ALA A 62 -19.77 14.63 5.27
N LEU A 63 -19.71 13.63 4.42
CA LEU A 63 -20.90 12.96 3.92
C LEU A 63 -21.20 11.74 4.77
N TYR A 64 -20.41 11.57 5.83
CA TYR A 64 -20.53 10.46 6.78
C TYR A 64 -20.02 9.16 6.19
N ASN A 65 -20.35 8.92 4.93
CA ASN A 65 -19.81 7.78 4.20
C ASN A 65 -18.47 8.16 3.61
N GLY A 66 -17.50 8.41 4.48
CA GLY A 66 -16.19 8.84 4.05
C GLY A 66 -15.21 8.89 5.20
N ALA A 67 -15.32 7.95 6.12
CA ALA A 67 -14.44 7.89 7.27
C ALA A 67 -13.35 6.85 7.07
N THR A 68 -12.94 6.71 5.80
CA THR A 68 -11.90 5.78 5.35
C THR A 68 -12.01 4.37 5.97
N PRO A 69 -13.12 3.66 5.71
CA PRO A 69 -13.28 2.27 6.11
C PRO A 69 -12.91 1.33 4.97
N ILE A 70 -11.67 1.44 4.49
CA ILE A 70 -11.25 0.75 3.28
C ILE A 70 -10.20 -0.31 3.56
N SER A 71 -10.03 -1.21 2.59
CA SER A 71 -9.03 -2.26 2.65
C SER A 71 -8.89 -2.91 1.28
N PHE A 72 -7.87 -2.53 0.52
CA PHE A 72 -7.73 -3.00 -0.85
C PHE A 72 -6.54 -3.94 -1.00
N THR A 73 -6.67 -4.90 -1.89
CA THR A 73 -5.63 -5.88 -2.14
C THR A 73 -4.64 -5.37 -3.19
N ALA A 74 -3.35 -5.40 -2.85
CA ALA A 74 -2.33 -4.93 -3.77
C ALA A 74 -1.34 -6.05 -4.07
N THR A 75 -0.35 -5.79 -4.92
CA THR A 75 0.59 -6.83 -5.29
C THR A 75 2.04 -6.34 -5.30
N VAL A 76 2.88 -7.11 -4.65
CA VAL A 76 4.30 -6.79 -4.51
C VAL A 76 5.07 -7.29 -5.72
N THR A 77 6.08 -6.52 -6.14
CA THR A 77 6.83 -6.83 -7.34
C THR A 77 8.32 -7.07 -7.05
N ALA A 78 8.63 -7.47 -5.82
CA ALA A 78 10.03 -7.68 -5.42
C ALA A 78 10.12 -8.43 -4.10
N ASP A 79 11.36 -8.78 -3.74
CA ASP A 79 11.64 -9.44 -2.47
C ASP A 79 11.32 -8.53 -1.32
N ALA A 80 10.35 -8.94 -0.51
CA ALA A 80 9.98 -8.14 0.66
C ALA A 80 10.74 -8.58 1.90
N ASN A 81 11.62 -7.73 2.39
CA ASN A 81 12.54 -8.12 3.46
C ASN A 81 11.91 -7.96 4.85
N SER A 82 12.08 -8.95 5.70
CA SER A 82 11.84 -8.77 7.12
C SER A 82 13.17 -8.91 7.87
N ASP A 83 13.83 -7.79 8.15
CA ASP A 83 15.12 -7.83 8.83
C ASP A 83 14.96 -7.57 10.32
N SER A 84 16.06 -7.59 11.06
CA SER A 84 16.02 -7.49 12.51
C SER A 84 15.31 -6.22 12.99
N GLY A 85 15.44 -5.15 12.22
CA GLY A 85 14.90 -3.88 12.64
C GLY A 85 13.43 -3.75 12.29
N GLY A 86 12.85 -4.83 11.77
CA GLY A 86 11.46 -4.79 11.38
C GLY A 86 11.20 -3.83 10.24
N ASP A 87 12.07 -3.83 9.23
CA ASP A 87 11.91 -2.93 8.09
C ASP A 87 11.77 -3.70 6.78
N VAL A 88 10.92 -3.18 5.90
CA VAL A 88 10.71 -3.74 4.56
C VAL A 88 10.46 -2.61 3.55
N THR A 89 10.79 -2.82 2.28
CA THR A 89 10.56 -1.79 1.25
C THR A 89 10.29 -2.44 -0.10
N VAL A 90 9.12 -2.18 -0.70
CA VAL A 90 8.77 -2.81 -1.97
C VAL A 90 7.94 -1.88 -2.85
N THR A 91 7.91 -2.18 -4.13
CA THR A 91 7.10 -1.42 -5.06
C THR A 91 6.00 -2.32 -5.63
N LEU A 92 4.83 -1.73 -5.80
CA LEU A 92 3.64 -2.49 -6.15
C LEU A 92 3.19 -2.18 -7.56
N SER A 93 3.02 -3.22 -8.36
CA SER A 93 2.68 -3.07 -9.76
C SER A 93 1.18 -3.20 -9.98
N GLY A 94 0.63 -2.32 -10.81
CA GLY A 94 -0.79 -2.31 -11.05
C GLY A 94 -1.48 -1.34 -10.10
N VAL A 95 -2.62 -0.82 -10.52
CA VAL A 95 -3.35 0.15 -9.72
C VAL A 95 -4.69 -0.39 -9.23
N PRO A 96 -4.69 -1.11 -8.09
CA PRO A 96 -5.91 -1.60 -7.47
C PRO A 96 -6.56 -0.52 -6.62
N ILE A 97 -6.68 0.66 -7.21
CA ILE A 97 -7.17 1.82 -6.52
C ILE A 97 -7.94 2.71 -7.48
N TYR A 98 -9.16 3.08 -7.12
CA TYR A 98 -10.02 3.81 -8.03
C TYR A 98 -10.28 5.23 -7.52
N ASP A 99 -10.95 5.35 -6.37
CA ASP A 99 -11.36 6.66 -5.88
C ASP A 99 -10.78 6.96 -4.50
N THR A 100 -10.36 5.90 -3.79
CA THR A 100 -9.83 6.07 -2.44
C THR A 100 -8.65 7.04 -2.42
N THR A 101 -7.95 7.13 -3.53
CA THR A 101 -6.97 8.18 -3.75
C THR A 101 -6.85 8.42 -5.25
N ASN A 102 -6.97 9.66 -5.62
CA ASN A 102 -6.92 10.07 -7.00
C ASN A 102 -6.50 11.54 -7.07
N PRO A 103 -5.61 11.93 -8.02
CA PRO A 103 -5.14 13.32 -8.09
C PRO A 103 -6.21 14.28 -8.63
N GLN A 104 -7.24 13.72 -9.26
CA GLN A 104 -8.26 14.54 -9.89
C GLN A 104 -9.29 15.05 -8.90
N TYR A 105 -8.84 15.95 -8.07
CA TYR A 105 -9.72 16.76 -7.25
C TYR A 105 -9.83 18.12 -7.91
N ASN A 106 -8.72 18.54 -8.50
CA ASN A 106 -8.67 19.71 -9.37
C ASN A 106 -7.77 19.39 -10.54
N SER A 107 -6.56 18.94 -10.23
CA SER A 107 -5.66 18.43 -11.26
C SER A 107 -4.67 17.43 -10.63
N VAL A 108 -3.79 17.93 -9.77
CA VAL A 108 -2.85 17.07 -9.03
C VAL A 108 -2.67 17.66 -7.64
N SER A 109 -3.77 18.10 -7.09
CA SER A 109 -3.78 18.84 -5.84
C SER A 109 -3.37 17.99 -4.63
N ARG A 110 -4.19 17.02 -4.27
CA ARG A 110 -3.93 16.21 -3.09
C ARG A 110 -3.33 14.87 -3.45
N GLN A 111 -2.51 14.33 -2.56
CA GLN A 111 -1.87 13.04 -2.75
C GLN A 111 -2.12 12.14 -1.55
N VAL A 112 -1.41 11.03 -1.48
CA VAL A 112 -1.57 10.08 -0.38
C VAL A 112 -1.06 10.64 0.95
N GLU A 113 -1.38 9.94 2.03
CA GLU A 113 -1.01 10.36 3.37
C GLU A 113 -0.74 9.13 4.25
N ALA A 114 -0.04 9.35 5.36
CA ALA A 114 0.26 8.28 6.32
C ALA A 114 -1.01 7.73 6.98
N GLY A 115 -0.85 6.67 7.75
CA GLY A 115 -2.00 6.02 8.35
C GLY A 115 -2.23 4.64 7.76
N ASP A 116 -1.22 4.17 7.06
CA ASP A 116 -1.29 2.93 6.30
C ASP A 116 -0.72 1.74 7.08
N ALA A 117 -1.30 0.58 6.85
CA ALA A 117 -0.88 -0.66 7.47
C ALA A 117 -1.05 -1.79 6.47
N VAL A 118 -0.41 -2.92 6.73
CA VAL A 118 -0.33 -3.98 5.74
C VAL A 118 -0.85 -5.30 6.31
N SER A 119 -1.51 -6.07 5.47
CA SER A 119 -1.93 -7.40 5.81
C SER A 119 -1.92 -8.28 4.57
N VAL A 120 -1.23 -9.41 4.63
CA VAL A 120 -1.04 -10.25 3.46
C VAL A 120 -2.30 -11.03 3.10
N VAL A 121 -2.55 -11.19 1.81
CA VAL A 121 -3.68 -11.95 1.32
C VAL A 121 -3.30 -13.43 1.18
N GLY A 122 -2.12 -13.68 0.66
CA GLY A 122 -1.65 -15.04 0.50
C GLY A 122 -0.60 -15.15 -0.57
N THR A 123 0.37 -16.01 -0.35
CA THR A 123 1.46 -16.18 -1.29
C THR A 123 1.14 -17.28 -2.30
N ALA A 124 1.33 -18.51 -1.90
CA ALA A 124 1.08 -19.66 -2.75
C ALA A 124 0.64 -20.85 -1.93
N GLY A 1 7.82 -20.54 7.54
CA GLY A 1 8.03 -19.77 8.79
C GLY A 1 7.03 -18.65 8.95
N ALA A 2 7.20 -17.61 8.16
CA ALA A 2 6.27 -16.48 8.15
C ALA A 2 5.01 -16.88 7.39
N PHE A 3 3.86 -16.53 7.94
CA PHE A 3 2.59 -16.90 7.32
C PHE A 3 2.08 -15.79 6.43
N GLY A 4 2.56 -14.58 6.67
CA GLY A 4 2.04 -13.43 5.99
C GLY A 4 1.17 -12.60 6.91
N GLY A 5 1.58 -12.56 8.17
CA GLY A 5 0.88 -11.77 9.17
C GLY A 5 0.90 -10.27 8.89
N THR A 6 0.46 -9.51 9.88
CA THR A 6 0.26 -8.07 9.76
C THR A 6 1.57 -7.31 9.58
N LEU A 7 1.50 -6.25 8.79
CA LEU A 7 2.63 -5.38 8.53
C LEU A 7 2.18 -3.93 8.67
N THR A 8 3.09 -2.99 8.48
CA THR A 8 2.77 -1.57 8.69
C THR A 8 3.42 -0.72 7.58
N VAL A 9 2.90 0.48 7.36
CA VAL A 9 3.43 1.39 6.36
C VAL A 9 4.21 2.52 7.02
N LYS A 10 5.40 2.82 6.51
CA LYS A 10 6.21 3.92 7.06
C LYS A 10 6.19 5.15 6.15
N THR A 11 6.23 4.93 4.86
CA THR A 11 6.28 6.04 3.91
C THR A 11 5.05 6.02 3.00
N GLN A 12 5.08 6.83 1.96
CA GLN A 12 3.90 7.07 1.16
C GLN A 12 4.01 6.35 -0.18
N PRO A 13 3.00 5.52 -0.51
CA PRO A 13 2.95 4.81 -1.79
C PRO A 13 2.87 5.78 -2.97
N THR A 14 3.97 5.95 -3.68
CA THR A 14 4.00 6.89 -4.79
C THR A 14 4.83 6.36 -5.96
N VAL A 15 4.13 5.93 -7.00
CA VAL A 15 4.73 5.56 -8.28
C VAL A 15 3.66 5.68 -9.38
N THR A 16 4.05 5.47 -10.63
CA THR A 16 3.23 5.76 -11.82
C THR A 16 1.73 5.53 -11.61
N TYR A 17 0.98 6.62 -11.67
CA TYR A 17 -0.47 6.56 -11.64
C TYR A 17 -1.04 7.07 -12.95
N ASN A 18 -1.17 6.17 -13.91
CA ASN A 18 -1.68 6.54 -15.22
C ASN A 18 -3.03 5.87 -15.44
N ALA A 19 -3.97 6.65 -15.91
CA ALA A 19 -5.35 6.21 -16.02
C ALA A 19 -5.72 5.88 -17.46
N VAL A 20 -5.26 6.71 -18.39
CA VAL A 20 -5.49 6.47 -19.81
C VAL A 20 -4.85 5.15 -20.22
N LYS A 21 -3.77 4.80 -19.53
CA LYS A 21 -3.03 3.58 -19.80
C LYS A 21 -3.39 2.48 -18.82
N ASP A 22 -4.24 2.86 -17.88
CA ASP A 22 -4.72 1.97 -16.81
C ASP A 22 -3.56 1.33 -16.07
N SER A 23 -2.64 2.17 -15.63
CA SER A 23 -1.41 1.70 -14.99
C SER A 23 -1.25 2.38 -13.63
N TYR A 24 -1.61 1.66 -12.57
CA TYR A 24 -1.54 2.22 -11.23
C TYR A 24 -0.55 1.43 -10.39
N GLN A 25 0.58 2.05 -10.10
CA GLN A 25 1.62 1.41 -9.32
C GLN A 25 2.05 2.33 -8.19
N PHE A 26 2.75 1.81 -7.20
CA PHE A 26 3.25 2.66 -6.13
C PHE A 26 4.41 1.99 -5.37
N THR A 27 5.47 2.76 -5.09
CA THR A 27 6.60 2.26 -4.32
C THR A 27 6.45 2.70 -2.88
N VAL A 28 6.75 1.81 -1.94
CA VAL A 28 6.62 2.17 -0.53
C VAL A 28 7.75 1.57 0.32
N THR A 29 8.07 2.25 1.40
CA THR A 29 8.92 1.71 2.44
C THR A 29 8.03 1.35 3.63
N LEU A 30 7.99 0.08 3.99
CA LEU A 30 7.02 -0.39 4.97
C LEU A 30 7.75 -0.96 6.18
N THR A 31 7.02 -1.22 7.25
CA THR A 31 7.55 -1.85 8.44
C THR A 31 7.00 -3.27 8.59
N GLY A 32 7.84 -4.19 9.03
CA GLY A 32 7.42 -5.57 9.17
C GLY A 32 7.94 -6.18 10.45
N ALA A 33 8.29 -7.46 10.39
CA ALA A 33 8.74 -8.16 11.57
C ALA A 33 10.22 -8.49 11.50
N THR A 34 10.68 -9.25 12.48
CA THR A 34 12.10 -9.50 12.70
C THR A 34 12.76 -10.32 11.56
N ALA A 35 14.07 -10.47 11.65
CA ALA A 35 14.88 -11.19 10.66
C ALA A 35 14.52 -12.68 10.59
N SER A 36 15.29 -13.41 9.77
CA SER A 36 15.09 -14.84 9.53
C SER A 36 14.00 -15.08 8.49
N VAL A 37 13.51 -14.01 7.89
CA VAL A 37 12.59 -14.12 6.77
C VAL A 37 13.14 -13.32 5.58
N THR A 38 13.92 -14.00 4.75
CA THR A 38 14.49 -13.38 3.57
C THR A 38 13.43 -13.26 2.50
N GLY A 39 12.84 -12.08 2.40
CA GLY A 39 11.78 -11.84 1.46
C GLY A 39 10.43 -12.34 1.96
N PHE A 40 9.73 -11.49 2.69
CA PHE A 40 8.34 -11.75 3.08
C PHE A 40 7.56 -12.28 1.89
N LEU A 41 7.49 -11.44 0.87
CA LEU A 41 6.79 -11.76 -0.37
C LEU A 41 7.66 -11.34 -1.54
N LYS A 42 7.33 -11.81 -2.73
CA LYS A 42 8.07 -11.44 -3.92
C LYS A 42 7.11 -11.08 -5.05
N ALA A 43 7.67 -10.91 -6.26
CA ALA A 43 6.87 -10.58 -7.42
C ALA A 43 5.83 -11.65 -7.68
N GLY A 44 4.58 -11.25 -7.59
CA GLY A 44 3.50 -12.17 -7.88
C GLY A 44 2.64 -12.44 -6.66
N ASP A 45 3.15 -12.08 -5.48
CA ASP A 45 2.41 -12.28 -4.24
C ASP A 45 1.51 -11.08 -3.99
N GLN A 46 0.28 -11.33 -3.54
CA GLN A 46 -0.67 -10.25 -3.29
C GLN A 46 -0.73 -9.94 -1.80
N VAL A 47 -1.10 -8.71 -1.49
CA VAL A 47 -1.20 -8.25 -0.11
C VAL A 47 -2.48 -7.48 0.09
N LYS A 48 -2.73 -7.07 1.32
CA LYS A 48 -3.84 -6.17 1.62
C LYS A 48 -3.28 -4.94 2.31
N PHE A 49 -3.77 -3.76 2.00
CA PHE A 49 -3.33 -2.58 2.72
C PHE A 49 -4.50 -1.67 3.04
N THR A 50 -4.49 -1.18 4.26
CA THR A 50 -5.58 -0.37 4.76
C THR A 50 -5.14 1.09 4.92
N ASN A 51 -5.28 1.86 3.85
CA ASN A 51 -4.96 3.29 3.87
C ASN A 51 -6.17 4.06 4.38
N THR A 52 -6.05 4.58 5.58
CA THR A 52 -7.15 5.27 6.21
C THR A 52 -6.78 6.70 6.61
N TYR A 53 -6.81 7.60 5.64
CA TYR A 53 -6.52 8.99 5.91
C TYR A 53 -7.39 9.89 5.05
N TRP A 54 -8.18 10.71 5.74
CA TRP A 54 -9.08 11.65 5.07
C TRP A 54 -8.38 12.98 4.86
N LEU A 55 -7.61 13.08 3.79
CA LEU A 55 -6.86 14.28 3.48
C LEU A 55 -7.76 15.31 2.80
N GLN A 56 -7.25 16.52 2.60
CA GLN A 56 -8.06 17.59 2.03
C GLN A 56 -8.46 17.30 0.59
N GLN A 57 -7.51 16.93 -0.24
CA GLN A 57 -7.82 16.60 -1.63
C GLN A 57 -8.61 15.31 -1.69
N GLN A 58 -8.38 14.48 -0.69
CA GLN A 58 -9.02 13.16 -0.60
C GLN A 58 -10.45 13.27 -0.06
N THR A 59 -10.91 14.48 0.23
CA THR A 59 -12.27 14.67 0.74
C THR A 59 -13.31 14.25 -0.31
N LYS A 60 -12.98 14.46 -1.57
CA LYS A 60 -13.88 14.14 -2.67
C LYS A 60 -13.96 12.64 -2.89
N GLN A 61 -13.05 11.91 -2.26
CA GLN A 61 -12.99 10.47 -2.41
C GLN A 61 -13.44 9.76 -1.14
N ALA A 62 -13.88 10.56 -0.17
CA ALA A 62 -14.38 10.04 1.10
C ALA A 62 -15.64 9.21 0.86
N LEU A 63 -15.55 7.92 1.13
CA LEU A 63 -16.61 6.98 0.81
C LEU A 63 -17.81 7.14 1.72
N TYR A 64 -17.55 7.26 3.01
CA TYR A 64 -18.62 7.28 4.00
C TYR A 64 -18.28 8.22 5.15
N ASN A 65 -19.19 9.16 5.37
CA ASN A 65 -19.14 10.06 6.52
C ASN A 65 -17.91 10.96 6.53
N GLY A 66 -17.35 11.19 5.36
CA GLY A 66 -16.15 11.99 5.26
C GLY A 66 -14.96 11.30 5.90
N ALA A 67 -14.67 10.10 5.44
CA ALA A 67 -13.56 9.33 5.96
C ALA A 67 -13.07 8.38 4.88
N THR A 68 -11.92 7.78 5.11
CA THR A 68 -11.33 6.86 4.16
C THR A 68 -11.10 5.49 4.82
N PRO A 69 -12.18 4.77 5.18
CA PRO A 69 -12.10 3.50 5.88
C PRO A 69 -12.27 2.30 4.94
N ILE A 70 -11.25 2.02 4.13
CA ILE A 70 -11.33 0.91 3.20
C ILE A 70 -10.14 -0.03 3.35
N SER A 71 -10.19 -1.15 2.64
CA SER A 71 -9.11 -2.11 2.63
C SER A 71 -9.19 -2.94 1.35
N PHE A 72 -8.07 -3.13 0.65
CA PHE A 72 -8.08 -3.91 -0.57
C PHE A 72 -6.74 -4.55 -0.85
N THR A 73 -6.73 -5.45 -1.81
CA THR A 73 -5.57 -6.27 -2.12
C THR A 73 -4.65 -5.60 -3.14
N ALA A 74 -3.35 -5.61 -2.85
CA ALA A 74 -2.35 -5.09 -3.77
C ALA A 74 -1.38 -6.20 -4.16
N THR A 75 -0.29 -5.86 -4.84
CA THR A 75 0.65 -6.86 -5.28
C THR A 75 2.10 -6.45 -5.11
N VAL A 76 2.87 -7.36 -4.53
CA VAL A 76 4.29 -7.17 -4.29
C VAL A 76 5.08 -7.50 -5.55
N THR A 77 6.14 -6.74 -5.84
CA THR A 77 6.84 -6.91 -7.11
C THR A 77 8.35 -7.08 -6.93
N ALA A 78 8.78 -7.42 -5.72
CA ALA A 78 10.20 -7.62 -5.46
C ALA A 78 10.39 -8.29 -4.11
N ASP A 79 11.65 -8.57 -3.78
CA ASP A 79 12.01 -9.18 -2.51
C ASP A 79 11.67 -8.22 -1.38
N ALA A 80 10.65 -8.54 -0.62
CA ALA A 80 10.20 -7.67 0.46
C ALA A 80 10.87 -8.06 1.77
N ASN A 81 11.90 -7.31 2.14
CA ASN A 81 12.81 -7.67 3.24
C ASN A 81 12.11 -7.73 4.60
N SER A 82 12.39 -8.78 5.38
CA SER A 82 12.02 -8.80 6.79
C SER A 82 13.28 -8.83 7.65
N ASP A 83 13.73 -7.68 8.13
CA ASP A 83 14.97 -7.62 8.91
C ASP A 83 14.69 -7.41 10.38
N SER A 84 15.73 -7.44 11.20
CA SER A 84 15.57 -7.32 12.65
C SER A 84 14.94 -5.98 13.04
N GLY A 85 15.23 -4.95 12.25
CA GLY A 85 14.68 -3.63 12.52
C GLY A 85 13.22 -3.54 12.17
N GLY A 86 12.65 -4.65 11.69
CA GLY A 86 11.26 -4.67 11.32
C GLY A 86 10.97 -3.75 10.16
N ASP A 87 11.85 -3.72 9.18
CA ASP A 87 11.67 -2.86 8.02
C ASP A 87 11.47 -3.70 6.76
N VAL A 88 10.41 -3.41 6.03
CA VAL A 88 10.10 -4.14 4.79
C VAL A 88 9.78 -3.16 3.66
N THR A 89 10.73 -2.94 2.78
CA THR A 89 10.55 -2.03 1.67
C THR A 89 10.32 -2.79 0.37
N VAL A 90 9.24 -2.47 -0.33
CA VAL A 90 8.96 -3.06 -1.64
C VAL A 90 7.97 -2.20 -2.41
N THR A 91 8.07 -2.24 -3.72
CA THR A 91 7.17 -1.50 -4.58
C THR A 91 5.98 -2.38 -4.97
N LEU A 92 4.84 -1.75 -5.18
CA LEU A 92 3.63 -2.45 -5.53
C LEU A 92 3.14 -2.02 -6.90
N SER A 93 2.50 -2.92 -7.60
CA SER A 93 2.01 -2.64 -8.95
C SER A 93 0.67 -3.32 -9.19
N GLY A 94 -0.35 -2.51 -9.46
CA GLY A 94 -1.67 -3.05 -9.73
C GLY A 94 -2.57 -3.02 -8.51
N VAL A 95 -3.61 -2.22 -8.57
CA VAL A 95 -4.60 -2.12 -7.48
C VAL A 95 -5.99 -1.89 -8.04
N PRO A 96 -6.99 -2.57 -7.48
CA PRO A 96 -8.38 -2.48 -7.94
C PRO A 96 -9.12 -1.23 -7.43
N ILE A 97 -8.67 -0.06 -7.87
CA ILE A 97 -9.37 1.18 -7.57
C ILE A 97 -10.01 1.73 -8.83
N TYR A 98 -11.19 2.32 -8.70
CA TYR A 98 -11.89 2.85 -9.84
C TYR A 98 -11.84 4.37 -9.85
N ASP A 99 -12.13 4.95 -8.69
CA ASP A 99 -11.96 6.37 -8.44
C ASP A 99 -12.83 7.23 -9.35
N THR A 100 -13.82 6.58 -9.98
CA THR A 100 -14.68 7.20 -10.99
C THR A 100 -13.87 7.97 -12.05
N THR A 101 -13.61 7.31 -13.16
CA THR A 101 -12.74 7.87 -14.19
C THR A 101 -13.55 8.78 -15.13
N ASN A 102 -14.86 8.78 -14.95
CA ASN A 102 -15.75 9.59 -15.76
C ASN A 102 -15.59 11.09 -15.42
N PRO A 103 -15.71 11.49 -14.13
CA PRO A 103 -15.52 12.87 -13.73
C PRO A 103 -14.10 13.11 -13.27
N GLN A 104 -13.33 13.75 -14.12
CA GLN A 104 -11.92 13.98 -13.86
C GLN A 104 -11.61 15.47 -13.73
N TYR A 105 -11.80 16.19 -14.83
CA TYR A 105 -11.62 17.64 -14.89
C TYR A 105 -10.15 18.02 -14.87
N ASN A 106 -9.49 17.74 -13.76
CA ASN A 106 -8.08 18.05 -13.61
C ASN A 106 -7.32 16.83 -13.13
N SER A 107 -8.05 15.85 -12.59
CA SER A 107 -7.48 14.60 -12.09
C SER A 107 -6.71 14.83 -10.78
N VAL A 108 -5.67 15.67 -10.84
CA VAL A 108 -4.85 16.00 -9.68
C VAL A 108 -4.00 14.81 -9.24
N SER A 109 -2.74 15.07 -8.95
CA SER A 109 -1.83 14.06 -8.45
C SER A 109 -2.38 13.49 -7.15
N ARG A 110 -2.49 12.18 -7.08
CA ARG A 110 -3.11 11.53 -5.93
C ARG A 110 -2.16 11.58 -4.73
N GLN A 111 -2.55 12.27 -3.66
CA GLN A 111 -1.72 12.34 -2.47
C GLN A 111 -2.17 11.30 -1.44
N VAL A 112 -1.27 10.37 -1.16
CA VAL A 112 -1.51 9.32 -0.19
C VAL A 112 -0.81 9.66 1.12
N GLU A 113 -1.07 8.89 2.16
CA GLU A 113 -0.48 9.14 3.45
C GLU A 113 0.13 7.87 4.03
N ALA A 114 1.12 8.05 4.88
CA ALA A 114 1.82 6.94 5.52
C ALA A 114 1.27 6.67 6.91
N GLY A 115 1.61 5.52 7.47
CA GLY A 115 1.20 5.22 8.83
C GLY A 115 0.04 4.26 8.92
N ASP A 116 -0.30 3.64 7.81
CA ASP A 116 -1.44 2.72 7.78
C ASP A 116 -1.00 1.27 7.98
N ALA A 117 -1.97 0.35 7.93
CA ALA A 117 -1.73 -1.05 8.24
C ALA A 117 -1.69 -1.91 6.98
N VAL A 118 -0.98 -3.03 7.07
CA VAL A 118 -0.78 -3.92 5.93
C VAL A 118 -1.04 -5.37 6.33
N SER A 119 -1.49 -6.18 5.37
CA SER A 119 -1.67 -7.59 5.58
C SER A 119 -1.34 -8.35 4.29
N VAL A 120 -1.29 -9.67 4.38
CA VAL A 120 -0.99 -10.51 3.22
C VAL A 120 -2.18 -11.42 2.93
N VAL A 121 -2.29 -11.96 1.72
CA VAL A 121 -3.41 -12.82 1.38
C VAL A 121 -3.33 -14.13 2.17
N GLY A 122 -2.25 -14.88 1.97
CA GLY A 122 -2.09 -16.13 2.69
C GLY A 122 -0.90 -16.91 2.21
N THR A 123 -1.15 -18.09 1.65
CA THR A 123 -0.09 -18.96 1.18
C THR A 123 0.31 -18.61 -0.25
N ALA A 124 -0.65 -18.66 -1.15
CA ALA A 124 -0.41 -18.36 -2.55
C ALA A 124 -0.95 -17.00 -2.92
N GLY A 1 -6.48 -6.54 12.74
CA GLY A 1 -5.09 -6.57 13.22
C GLY A 1 -4.37 -7.84 12.81
N ALA A 2 -4.22 -8.76 13.76
CA ALA A 2 -3.51 -10.01 13.53
C ALA A 2 -4.29 -10.91 12.57
N PHE A 3 -3.88 -10.89 11.31
CA PHE A 3 -4.50 -11.70 10.27
C PHE A 3 -3.67 -12.95 10.00
N GLY A 4 -2.45 -12.93 10.50
CA GLY A 4 -1.50 -14.00 10.26
C GLY A 4 -0.25 -13.43 9.64
N GLY A 5 -0.45 -12.60 8.63
CA GLY A 5 0.60 -11.77 8.11
C GLY A 5 0.22 -10.32 8.24
N THR A 6 0.96 -9.60 9.08
CA THR A 6 0.61 -8.23 9.40
C THR A 6 1.83 -7.33 9.22
N LEU A 7 1.63 -6.22 8.53
CA LEU A 7 2.70 -5.27 8.28
C LEU A 7 2.20 -3.85 8.45
N THR A 8 3.06 -2.89 8.19
CA THR A 8 2.74 -1.48 8.37
C THR A 8 3.41 -0.65 7.28
N VAL A 9 2.86 0.52 6.99
CA VAL A 9 3.45 1.42 6.02
C VAL A 9 4.06 2.62 6.73
N LYS A 10 5.35 2.86 6.52
CA LYS A 10 6.05 3.92 7.23
C LYS A 10 6.32 5.11 6.30
N THR A 11 6.02 4.92 5.03
CA THR A 11 6.23 5.94 4.02
C THR A 11 4.96 6.14 3.20
N GLN A 12 5.06 6.86 2.10
CA GLN A 12 3.89 7.17 1.30
C GLN A 12 3.97 6.49 -0.05
N PRO A 13 3.07 5.54 -0.31
CA PRO A 13 3.03 4.78 -1.56
C PRO A 13 2.78 5.68 -2.77
N THR A 14 3.80 5.91 -3.57
CA THR A 14 3.66 6.75 -4.75
C THR A 14 4.61 6.33 -5.87
N VAL A 15 4.01 5.93 -6.99
CA VAL A 15 4.71 5.66 -8.24
C VAL A 15 3.71 5.83 -9.39
N THR A 16 4.17 5.73 -10.64
CA THR A 16 3.37 5.93 -11.85
C THR A 16 1.87 5.71 -11.63
N TYR A 17 1.14 6.81 -11.48
CA TYR A 17 -0.30 6.76 -11.39
C TYR A 17 -0.90 7.41 -12.62
N ASN A 18 -1.00 6.64 -13.68
CA ASN A 18 -1.53 7.14 -14.93
C ASN A 18 -2.90 6.53 -15.17
N ALA A 19 -3.86 7.37 -15.47
CA ALA A 19 -5.24 6.96 -15.52
C ALA A 19 -5.72 6.77 -16.96
N VAL A 20 -5.32 7.67 -17.84
CA VAL A 20 -5.68 7.56 -19.25
C VAL A 20 -5.02 6.33 -19.86
N LYS A 21 -3.83 6.02 -19.38
CA LYS A 21 -3.09 4.85 -19.84
C LYS A 21 -3.46 3.62 -19.02
N ASP A 22 -4.16 3.89 -17.94
CA ASP A 22 -4.61 2.87 -16.98
C ASP A 22 -3.42 2.11 -16.43
N SER A 23 -2.63 2.81 -15.63
CA SER A 23 -1.42 2.23 -15.07
C SER A 23 -1.16 2.79 -13.68
N TYR A 24 -1.43 1.98 -12.66
CA TYR A 24 -1.29 2.44 -11.28
C TYR A 24 -0.34 1.53 -10.51
N GLN A 25 0.86 2.02 -10.24
CA GLN A 25 1.78 1.33 -9.36
C GLN A 25 2.17 2.27 -8.24
N PHE A 26 2.70 1.75 -7.14
CA PHE A 26 3.19 2.60 -6.08
C PHE A 26 4.36 1.95 -5.34
N THR A 27 5.41 2.72 -5.10
CA THR A 27 6.56 2.23 -4.37
C THR A 27 6.47 2.67 -2.93
N VAL A 28 6.80 1.76 -2.01
CA VAL A 28 6.71 2.10 -0.60
C VAL A 28 7.84 1.47 0.20
N THR A 29 8.24 2.16 1.26
CA THR A 29 9.10 1.61 2.28
C THR A 29 8.22 1.19 3.46
N LEU A 30 8.04 -0.10 3.66
CA LEU A 30 7.06 -0.58 4.62
C LEU A 30 7.78 -1.03 5.88
N THR A 31 7.03 -1.25 6.93
CA THR A 31 7.56 -1.78 8.16
C THR A 31 7.00 -3.18 8.42
N GLY A 32 7.82 -4.06 8.99
CA GLY A 32 7.44 -5.44 9.15
C GLY A 32 7.93 -6.03 10.44
N ALA A 33 8.34 -7.29 10.39
CA ALA A 33 8.76 -8.00 11.59
C ALA A 33 10.25 -8.33 11.54
N THR A 34 10.70 -9.09 12.53
CA THR A 34 12.11 -9.36 12.75
C THR A 34 12.70 -10.28 11.66
N ALA A 35 14.01 -10.47 11.72
CA ALA A 35 14.76 -11.26 10.74
C ALA A 35 14.33 -12.75 10.71
N SER A 36 15.01 -13.53 9.87
CA SER A 36 14.71 -14.95 9.65
C SER A 36 13.55 -15.12 8.67
N VAL A 37 13.15 -14.03 8.03
CA VAL A 37 12.22 -14.11 6.92
C VAL A 37 12.83 -13.45 5.70
N THR A 38 13.47 -14.27 4.86
CA THR A 38 14.16 -13.78 3.67
C THR A 38 13.16 -13.24 2.66
N GLY A 39 12.85 -11.96 2.80
CA GLY A 39 11.83 -11.34 1.99
C GLY A 39 10.45 -11.82 2.34
N PHE A 40 9.65 -10.98 3.00
CA PHE A 40 8.26 -11.31 3.28
C PHE A 40 7.58 -11.92 2.05
N LEU A 41 7.59 -11.19 0.95
CA LEU A 41 6.96 -11.62 -0.28
C LEU A 41 7.73 -11.08 -1.47
N LYS A 42 7.76 -11.84 -2.55
CA LYS A 42 8.40 -11.39 -3.77
C LYS A 42 7.39 -11.16 -4.89
N ALA A 43 7.92 -11.03 -6.09
CA ALA A 43 7.12 -10.70 -7.28
C ALA A 43 5.94 -11.65 -7.47
N GLY A 44 4.74 -11.10 -7.35
CA GLY A 44 3.56 -11.85 -7.69
C GLY A 44 2.67 -12.13 -6.49
N ASP A 45 3.20 -11.98 -5.30
CA ASP A 45 2.43 -12.30 -4.09
C ASP A 45 1.53 -11.13 -3.71
N GLN A 46 0.28 -11.45 -3.39
CA GLN A 46 -0.72 -10.44 -3.14
C GLN A 46 -0.81 -10.11 -1.65
N VAL A 47 -1.10 -8.87 -1.36
CA VAL A 47 -1.23 -8.39 0.01
C VAL A 47 -2.57 -7.71 0.22
N LYS A 48 -2.90 -7.53 1.48
CA LYS A 48 -4.05 -6.76 1.87
C LYS A 48 -3.56 -5.35 2.22
N PHE A 49 -4.05 -4.34 1.52
CA PHE A 49 -3.55 -2.99 1.72
C PHE A 49 -4.69 -2.06 2.12
N THR A 50 -4.57 -1.45 3.28
CA THR A 50 -5.58 -0.53 3.77
C THR A 50 -4.96 0.81 4.12
N ASN A 51 -5.32 1.83 3.35
CA ASN A 51 -4.76 3.17 3.55
C ASN A 51 -5.50 3.92 4.64
N THR A 52 -4.80 4.84 5.27
CA THR A 52 -5.38 5.72 6.27
C THR A 52 -5.87 7.00 5.60
N TYR A 53 -6.72 7.75 6.29
CA TYR A 53 -7.29 8.95 5.70
C TYR A 53 -6.38 10.16 5.84
N TRP A 54 -6.35 10.98 4.81
CA TRP A 54 -5.58 12.22 4.82
C TRP A 54 -6.19 13.22 3.84
N LEU A 55 -6.69 12.72 2.72
CA LEU A 55 -7.38 13.54 1.74
C LEU A 55 -8.74 13.96 2.26
N GLN A 56 -8.75 14.93 3.17
CA GLN A 56 -9.94 15.37 3.88
C GLN A 56 -10.98 15.95 2.92
N GLN A 57 -10.53 16.42 1.76
CA GLN A 57 -11.43 16.93 0.74
C GLN A 57 -12.40 15.84 0.32
N GLN A 58 -11.86 14.64 0.23
CA GLN A 58 -12.62 13.49 -0.25
C GLN A 58 -13.34 12.78 0.89
N THR A 59 -12.67 12.63 2.02
CA THR A 59 -13.26 11.92 3.15
C THR A 59 -14.43 12.70 3.75
N LYS A 60 -14.42 14.01 3.57
CA LYS A 60 -15.52 14.84 4.02
C LYS A 60 -16.55 15.00 2.92
N GLN A 61 -16.13 15.54 1.78
CA GLN A 61 -17.05 15.86 0.72
C GLN A 61 -17.10 14.78 -0.36
N ALA A 62 -16.06 14.74 -1.19
CA ALA A 62 -16.03 13.87 -2.37
C ALA A 62 -17.29 14.05 -3.22
N LEU A 63 -17.30 15.12 -4.00
CA LEU A 63 -18.44 15.44 -4.84
C LEU A 63 -18.51 14.52 -6.05
N TYR A 64 -17.36 14.02 -6.47
CA TYR A 64 -17.28 13.13 -7.60
C TYR A 64 -16.93 11.73 -7.13
N ASN A 65 -15.69 11.58 -6.68
CA ASN A 65 -15.20 10.33 -6.16
C ASN A 65 -13.84 10.53 -5.50
N GLY A 66 -13.61 9.83 -4.41
CA GLY A 66 -12.38 9.99 -3.67
C GLY A 66 -12.44 9.29 -2.34
N ALA A 67 -11.83 8.13 -2.25
CA ALA A 67 -11.79 7.38 -1.00
C ALA A 67 -10.35 7.03 -0.65
N THR A 68 -9.86 7.60 0.43
CA THR A 68 -8.48 7.37 0.86
C THR A 68 -8.37 6.14 1.76
N PRO A 69 -9.16 6.03 2.84
CA PRO A 69 -9.11 4.85 3.73
C PRO A 69 -9.81 3.64 3.11
N ILE A 70 -9.25 3.13 2.04
CA ILE A 70 -9.84 2.01 1.32
C ILE A 70 -9.16 0.70 1.68
N SER A 71 -9.92 -0.38 1.60
CA SER A 71 -9.43 -1.70 1.91
C SER A 71 -9.35 -2.56 0.63
N PHE A 72 -8.22 -2.52 -0.04
CA PHE A 72 -8.05 -3.26 -1.28
C PHE A 72 -6.93 -4.29 -1.15
N THR A 73 -6.76 -5.10 -2.18
CA THR A 73 -5.73 -6.11 -2.20
C THR A 73 -4.65 -5.71 -3.20
N ALA A 74 -3.43 -5.51 -2.72
CA ALA A 74 -2.34 -5.05 -3.55
C ALA A 74 -1.40 -6.21 -3.86
N THR A 75 -0.29 -5.93 -4.55
CA THR A 75 0.61 -6.99 -4.95
C THR A 75 2.08 -6.56 -4.84
N VAL A 76 2.86 -7.41 -4.20
CA VAL A 76 4.30 -7.22 -4.07
C VAL A 76 4.97 -7.54 -5.40
N THR A 77 5.91 -6.71 -5.83
CA THR A 77 6.40 -6.81 -7.20
C THR A 77 7.84 -7.31 -7.29
N ALA A 78 8.53 -7.42 -6.16
CA ALA A 78 9.92 -7.86 -6.18
C ALA A 78 10.40 -8.28 -4.81
N ASP A 79 11.71 -8.46 -4.69
CA ASP A 79 12.31 -8.85 -3.43
C ASP A 79 12.08 -7.79 -2.38
N ALA A 80 12.06 -8.26 -1.15
CA ALA A 80 11.82 -7.40 0.00
C ALA A 80 12.57 -7.94 1.20
N ASN A 81 12.44 -7.31 2.35
CA ASN A 81 13.24 -7.68 3.51
C ASN A 81 12.42 -7.73 4.79
N SER A 82 12.61 -8.75 5.60
CA SER A 82 12.19 -8.71 6.99
C SER A 82 13.44 -8.73 7.86
N ASP A 83 13.91 -7.56 8.28
CA ASP A 83 15.13 -7.49 9.06
C ASP A 83 14.83 -7.34 10.53
N SER A 84 15.85 -7.36 11.38
CA SER A 84 15.65 -7.28 12.81
C SER A 84 14.96 -5.98 13.23
N GLY A 85 15.20 -4.92 12.48
CA GLY A 85 14.60 -3.63 12.80
C GLY A 85 13.15 -3.55 12.34
N GLY A 86 12.68 -4.61 11.70
CA GLY A 86 11.31 -4.66 11.25
C GLY A 86 11.02 -3.70 10.10
N ASP A 87 11.92 -3.61 9.13
CA ASP A 87 11.66 -2.78 7.95
C ASP A 87 11.56 -3.65 6.70
N VAL A 88 10.56 -3.37 5.86
CA VAL A 88 10.34 -4.12 4.63
C VAL A 88 10.01 -3.19 3.45
N THR A 89 10.95 -2.99 2.56
CA THR A 89 10.72 -2.08 1.44
C THR A 89 10.44 -2.86 0.15
N VAL A 90 9.37 -2.49 -0.55
CA VAL A 90 9.07 -3.07 -1.85
C VAL A 90 8.00 -2.24 -2.57
N THR A 91 7.98 -2.32 -3.89
CA THR A 91 7.05 -1.58 -4.70
C THR A 91 5.85 -2.45 -5.06
N LEU A 92 4.70 -1.83 -5.22
CA LEU A 92 3.47 -2.54 -5.52
C LEU A 92 2.93 -2.11 -6.88
N SER A 93 2.49 -3.07 -7.68
CA SER A 93 2.08 -2.79 -9.03
C SER A 93 0.75 -3.45 -9.36
N GLY A 94 -0.17 -2.69 -9.95
CA GLY A 94 -1.42 -3.25 -10.40
C GLY A 94 -2.53 -3.08 -9.38
N VAL A 95 -3.13 -1.90 -9.33
CA VAL A 95 -4.24 -1.65 -8.43
C VAL A 95 -5.36 -0.89 -9.16
N PRO A 96 -6.61 -1.32 -8.97
CA PRO A 96 -7.77 -0.72 -9.63
C PRO A 96 -8.37 0.46 -8.84
N ILE A 97 -7.65 1.56 -8.77
CA ILE A 97 -8.15 2.75 -8.12
C ILE A 97 -8.62 3.75 -9.18
N TYR A 98 -9.92 4.01 -9.20
CA TYR A 98 -10.49 4.92 -10.18
C TYR A 98 -10.96 6.19 -9.51
N ASP A 99 -10.44 6.42 -8.31
CA ASP A 99 -10.73 7.63 -7.55
C ASP A 99 -9.74 8.74 -7.91
N THR A 100 -9.31 8.72 -9.17
CA THR A 100 -8.29 9.63 -9.66
C THR A 100 -8.87 11.00 -10.01
N THR A 101 -9.89 11.43 -9.28
CA THR A 101 -10.49 12.73 -9.53
C THR A 101 -9.89 13.78 -8.59
N ASN A 102 -9.33 13.31 -7.49
CA ASN A 102 -8.65 14.19 -6.54
C ASN A 102 -7.28 14.66 -7.08
N PRO A 103 -6.43 13.76 -7.60
CA PRO A 103 -5.09 14.12 -8.09
C PRO A 103 -5.10 14.71 -9.50
N GLN A 104 -6.28 15.09 -9.96
CA GLN A 104 -6.46 15.65 -11.30
C GLN A 104 -5.64 16.91 -11.50
N TYR A 105 -5.92 17.93 -10.70
CA TYR A 105 -5.22 19.21 -10.85
C TYR A 105 -3.94 19.25 -10.03
N ASN A 106 -3.76 18.25 -9.17
CA ASN A 106 -2.58 18.17 -8.33
C ASN A 106 -2.37 16.75 -7.84
N SER A 107 -1.39 16.05 -8.40
CA SER A 107 -1.10 14.69 -7.96
C SER A 107 0.28 14.58 -7.31
N VAL A 108 1.00 15.70 -7.23
CA VAL A 108 2.37 15.68 -6.72
C VAL A 108 2.44 16.26 -5.31
N SER A 109 1.62 17.24 -5.02
CA SER A 109 1.60 17.86 -3.70
C SER A 109 0.69 17.06 -2.77
N ARG A 110 -0.58 16.99 -3.14
CA ARG A 110 -1.57 16.30 -2.34
C ARG A 110 -1.53 14.80 -2.64
N GLN A 111 -1.11 14.00 -1.66
CA GLN A 111 -1.00 12.56 -1.87
C GLN A 111 -1.46 11.79 -0.64
N VAL A 112 -1.18 10.50 -0.64
CA VAL A 112 -1.43 9.63 0.50
C VAL A 112 -0.53 10.01 1.68
N GLU A 113 -0.78 9.38 2.82
CA GLU A 113 -0.01 9.65 4.02
C GLU A 113 0.43 8.34 4.68
N ALA A 114 1.63 8.36 5.27
CA ALA A 114 2.20 7.17 5.91
C ALA A 114 1.41 6.77 7.15
N GLY A 115 1.47 5.50 7.51
CA GLY A 115 0.73 5.01 8.65
C GLY A 115 -0.31 3.97 8.27
N ASP A 116 -0.31 3.59 7.00
CA ASP A 116 -1.29 2.66 6.47
C ASP A 116 -1.06 1.24 7.03
N ALA A 117 -2.10 0.42 6.97
CA ALA A 117 -2.05 -0.93 7.53
C ALA A 117 -1.93 -1.98 6.43
N VAL A 118 -1.09 -2.97 6.66
CA VAL A 118 -0.82 -3.98 5.66
C VAL A 118 -1.01 -5.39 6.22
N SER A 119 -1.49 -6.30 5.37
CA SER A 119 -1.57 -7.70 5.70
C SER A 119 -1.31 -8.52 4.45
N VAL A 120 -1.25 -9.84 4.57
CA VAL A 120 -0.88 -10.68 3.44
C VAL A 120 -2.02 -11.59 3.01
N VAL A 121 -2.42 -11.48 1.75
CA VAL A 121 -3.40 -12.38 1.17
C VAL A 121 -2.70 -13.63 0.68
N GLY A 122 -1.55 -13.44 0.06
CA GLY A 122 -0.75 -14.55 -0.41
C GLY A 122 -1.00 -14.85 -1.87
N THR A 123 -0.81 -16.10 -2.24
CA THR A 123 -1.05 -16.55 -3.61
C THR A 123 -1.64 -17.95 -3.60
N ALA A 124 -0.87 -18.88 -3.05
CA ALA A 124 -1.26 -20.28 -2.93
C ALA A 124 -1.64 -20.87 -4.29
#